data_7ZWH
#
_entry.id   7ZWH
#
_cell.length_a   1.00
_cell.length_b   1.00
_cell.length_c   1.00
_cell.angle_alpha   90.00
_cell.angle_beta   90.00
_cell.angle_gamma   90.00
#
_symmetry.space_group_name_H-M   'P 1'
#
loop_
_entity.id
_entity.type
_entity.pdbx_description
1 polymer 'von Willebrand factor'
2 polymer 'von Willebrand factor'
3 branched beta-D-mannopyranose-(1-4)-2-acetamido-2-deoxy-beta-D-glucopyranose-(1-4)-2-acetamido-2-deoxy-beta-D-glucopyranose
4 non-polymer 2-acetamido-2-deoxy-beta-D-glucopyranose
5 non-polymer 'CALCIUM ION'
#
loop_
_entity_poly.entity_id
_entity_poly.type
_entity_poly.pdbx_seq_one_letter_code
_entity_poly.pdbx_strand_id
1 'polypeptide(L)'
;MIPARFAGVLLALALILPGTLCAEGTRGRSSTARCSLFGSDFVNTFDGSMYSFAGYCSYLLAGGCQKRSFSIIGDFQNGK
RVSLSVYLGEFFDIHLFVNGTVTQGDQRVSMPYASKGLYLETEAGYYKLSGEAYGFVARIDGSGNFQVLLSDRYFNKTCG
LCGNFNIFAEDDFMTQEGTLTSDPYDFANSWALSSGEQWCERASPPSSSCNISSGEMQKGLWEQCQLLKSTSVFARCHPL
VDPEPFVALCEKTLCECAGGLECACPALLEYARTCAQEGMVLYGWTDHSACSPVCPAGMEYRQCVSPCARTCQSLHINEM
CQERCVDGCSCPEGQLLDEGLCVESTECPCVHSGKRYPPGTSLSRDCNTCICRNSQWICSNEECPGECLVTGQSHFKSFD
NRYFTFSGICQYLLARDCQDHSFSIVIETVQCADDRDAVCTRSVTVRLPGLHNSLVKLKHGAGVAMDGQDVQLPLLKGDL
RIQHTVTASVRLSYGEDLQMDWDGRGRLLVKLSPVYAGKTCGLCGNYNGNQGDDFLTPSGLAEPRVEDFGNAWKLHGDCQ
DLQKQHSDPCALNPRMTRFSEEACAVLTSPTFEACHRAVSPLPYLRNCRYDVCSCSDGRECLCGALASYAAACAGRGVRV
AWREPGRCELNCPKGQVYLQCGTPCNLTCRSLSYPDEECNEACLEGCFCPPGLYMDERGDCVPKAQCPCYYDGEIFQPED
IFSDHHTMCYCEDGFMHCTMSGVPGSLLPDAVLSSPLSHRSKRSLSCRPPMVKLVCPADNLRAEGLECTKTCQNYDLECM
SMGCVSGCLCPPGMVRHENRCVALERCPCFHQGKEYAPGETVKIGCNTCVCRDRKWNCTDHVCDATCSTIGMAHYLTFDG
LKYLFPGECQYVLVQDYCGSNPGTFRILVGNKGCSHPSVKCKKRVTILVEGGEIELFDGEVNVKRPMKDETHFEVVESGR
YIILLLGKALSVVWDRHLSISVVLKQTYQEKVCGLCGNFDGIQNNDLTSSNLQVEEDPVDFGNSWKVSSQCADTRKVPLD
SSPATCHNNIMKQTMVDSSCRILTSDVFQDCNKLVDPEPYLDVCIYDTCSCESIGDCACFCDTIAAYAHVCAQHGKVVTW
RTATLCPQSCEERNLRENGYECEWRYNSCAPACQVTCQHPEPLACPVQCVEGCHAHCPPGKILDELLQTCVDPEDCP
;
D,E
2 'polypeptide(L)'
;PPLHDFYCSRLLDLVFLLDGSSRLSEAEFEVLKAFVVDMMERLRISQKWVRVAVVEYHDGSHAYIGLKDRKRPSELRRIA
SQVKYAGSQVASTSEVLKYTLFQIFSKIDRPEASRITLLLMASQEPQRMSRNFVRYVQGLKKKKVIVIPVGIGPHANLKQ
IRLIEKQAPENKAFVLSSVDELEQQRDEIVSYLCDLAPE
;
G,H
#
# COMPACT_ATOMS: atom_id res chain seq x y z
N SER A 31 44.36 10.76 10.14
CA SER A 31 44.42 12.20 10.50
C SER A 31 43.01 12.78 10.59
N THR A 32 42.91 14.03 11.06
CA THR A 32 41.62 14.69 11.18
C THR A 32 41.86 16.14 11.55
N ALA A 33 41.04 17.04 11.00
CA ALA A 33 41.15 18.46 11.29
C ALA A 33 40.42 18.77 12.60
N ARG A 34 40.50 20.02 13.03
CA ARG A 34 39.86 20.44 14.26
C ARG A 34 39.49 21.91 14.18
N CYS A 35 38.24 22.22 14.47
CA CYS A 35 37.76 23.59 14.56
C CYS A 35 36.94 23.72 15.83
N SER A 36 37.17 24.78 16.60
CA SER A 36 36.52 24.97 17.88
C SER A 36 36.02 26.40 17.99
N LEU A 37 34.80 26.55 18.51
CA LEU A 37 34.20 27.85 18.76
C LEU A 37 34.47 28.19 20.23
N PHE A 38 35.75 28.40 20.53
CA PHE A 38 36.24 28.55 21.89
C PHE A 38 35.98 29.97 22.38
N GLY A 39 36.58 30.31 23.51
CA GLY A 39 36.54 31.65 24.06
C GLY A 39 35.12 32.12 24.25
N SER A 40 34.92 33.42 24.10
CA SER A 40 33.60 34.05 24.13
C SER A 40 33.39 34.69 22.76
N ASP A 41 32.67 33.98 21.89
CA ASP A 41 32.35 34.44 20.55
C ASP A 41 33.56 34.39 19.63
N PHE A 42 34.47 33.46 19.86
CA PHE A 42 35.64 33.28 19.03
C PHE A 42 35.49 32.03 18.16
N VAL A 43 36.35 31.92 17.16
CA VAL A 43 36.29 30.84 16.20
C VAL A 43 37.72 30.47 15.78
N ASN A 44 37.89 29.22 15.40
CA ASN A 44 39.17 28.74 14.86
C ASN A 44 38.85 27.78 13.73
N THR A 45 39.08 28.20 12.50
CA THR A 45 38.75 27.37 11.35
C THR A 45 39.59 26.09 11.36
N PHE A 46 39.29 25.21 10.42
CA PHE A 46 40.00 23.94 10.34
C PHE A 46 41.47 24.11 9.98
N ASP A 47 41.85 25.28 9.46
CA ASP A 47 43.20 25.50 8.98
C ASP A 47 44.00 26.48 9.82
N GLY A 48 43.42 26.99 10.92
CA GLY A 48 44.13 27.86 11.84
C GLY A 48 43.57 29.26 11.90
N SER A 49 43.00 29.75 10.81
CA SER A 49 42.43 31.09 10.80
C SER A 49 41.40 31.21 11.91
N MET A 50 41.48 32.30 12.66
CA MET A 50 40.59 32.55 13.78
C MET A 50 40.10 33.99 13.74
N TYR A 51 38.98 34.22 14.40
CA TYR A 51 38.33 35.52 14.43
C TYR A 51 37.28 35.50 15.52
N SER A 52 36.54 36.60 15.64
CA SER A 52 35.47 36.72 16.61
C SER A 52 34.17 36.99 15.89
N PHE A 53 33.10 36.35 16.36
CA PHE A 53 31.79 36.51 15.74
C PHE A 53 30.73 36.11 16.76
N ALA A 54 29.86 37.04 17.12
CA ALA A 54 28.77 36.80 18.07
C ALA A 54 27.46 36.96 17.31
N GLY A 55 27.03 35.89 16.66
CA GLY A 55 25.81 35.91 15.88
C GLY A 55 24.60 35.46 16.68
N TYR A 56 23.49 35.28 15.96
CA TYR A 56 22.24 34.87 16.61
C TYR A 56 21.42 33.89 15.80
N CYS A 57 21.95 33.33 14.71
CA CYS A 57 21.14 32.59 13.76
C CYS A 57 21.65 31.18 13.51
N SER A 58 22.31 30.57 14.49
CA SER A 58 22.63 29.15 14.44
C SER A 58 23.32 28.78 13.13
N TYR A 59 24.54 29.31 12.99
CA TYR A 59 25.26 29.26 11.73
C TYR A 59 25.83 27.86 11.48
N LEU A 60 26.10 27.58 10.21
CA LEU A 60 26.57 26.26 9.79
C LEU A 60 28.06 26.15 10.07
N LEU A 61 28.42 25.32 11.04
CA LEU A 61 29.82 25.16 11.39
C LEU A 61 30.58 24.35 10.33
N ALA A 62 30.00 23.24 9.87
CA ALA A 62 30.69 22.38 8.93
C ALA A 62 29.67 21.59 8.11
N GLY A 63 30.13 21.05 7.00
CA GLY A 63 29.29 20.30 6.09
C GLY A 63 29.60 20.60 4.64
N GLY A 64 29.71 19.56 3.82
CA GLY A 64 30.02 19.78 2.41
C GLY A 64 28.92 20.58 1.74
N CYS A 65 29.32 21.43 0.79
CA CYS A 65 28.37 22.28 0.09
C CYS A 65 27.82 21.65 -1.18
N GLN A 66 28.33 20.48 -1.59
CA GLN A 66 27.83 19.81 -2.78
C GLN A 66 26.86 18.70 -2.42
N LYS A 67 27.31 17.73 -1.62
CA LYS A 67 26.47 16.65 -1.12
C LYS A 67 26.49 16.77 0.40
N ARG A 68 25.58 17.58 0.94
CA ARG A 68 25.63 17.92 2.35
C ARG A 68 25.55 16.68 3.22
N SER A 69 24.38 16.03 3.23
CA SER A 69 24.21 14.75 3.90
C SER A 69 24.25 14.85 5.42
N PHE A 70 24.67 16.00 5.94
CA PHE A 70 24.68 16.28 7.37
C PHE A 70 25.24 17.68 7.55
N SER A 71 24.98 18.27 8.71
CA SER A 71 25.38 19.66 8.95
C SER A 71 25.45 19.91 10.45
N ILE A 72 26.64 20.27 10.93
CA ILE A 72 26.78 20.74 12.31
C ILE A 72 26.41 22.22 12.35
N ILE A 73 25.50 22.56 13.24
CA ILE A 73 25.00 23.93 13.37
C ILE A 73 25.31 24.40 14.78
N GLY A 74 26.02 25.53 14.89
CA GLY A 74 26.30 26.11 16.18
C GLY A 74 25.26 27.14 16.55
N ASP A 75 24.29 26.75 17.38
CA ASP A 75 23.24 27.66 17.77
C ASP A 75 23.82 28.81 18.59
N PHE A 76 23.24 29.99 18.42
CA PHE A 76 23.70 31.19 19.10
C PHE A 76 22.52 31.91 19.74
N GLN A 77 22.75 32.47 20.92
CA GLN A 77 21.75 33.26 21.62
C GLN A 77 22.37 34.58 22.03
N ASN A 78 21.70 35.68 21.65
CA ASN A 78 22.09 37.04 22.03
C ASN A 78 23.61 37.21 22.04
N GLY A 79 24.28 36.62 21.06
CA GLY A 79 25.72 36.71 20.94
C GLY A 79 26.49 35.62 21.65
N LYS A 80 25.86 34.89 22.57
CA LYS A 80 26.53 33.83 23.31
C LYS A 80 26.33 32.49 22.62
N ARG A 81 27.33 31.63 22.76
CA ARG A 81 27.28 30.31 22.15
C ARG A 81 26.38 29.41 22.97
N VAL A 82 25.17 29.16 22.47
CA VAL A 82 24.19 28.33 23.14
C VAL A 82 23.85 27.18 22.21
N SER A 83 24.12 25.96 22.66
CA SER A 83 23.74 24.75 21.95
C SER A 83 24.55 24.52 20.67
N LEU A 84 24.81 23.26 20.37
CA LEU A 84 25.44 22.83 19.13
C LEU A 84 24.53 21.77 18.52
N SER A 85 23.92 22.09 17.39
CA SER A 85 22.97 21.22 16.74
C SER A 85 23.63 20.46 15.59
N VAL A 86 23.12 19.25 15.33
CA VAL A 86 23.55 18.45 14.19
C VAL A 86 22.30 17.96 13.48
N TYR A 87 22.28 18.14 12.16
CA TYR A 87 21.18 17.68 11.32
C TYR A 87 21.73 16.67 10.32
N LEU A 88 21.10 15.51 10.25
CA LEU A 88 21.44 14.49 9.27
C LEU A 88 20.47 14.61 8.10
N GLY A 89 21.02 14.82 6.90
CA GLY A 89 20.19 15.03 5.74
C GLY A 89 19.12 16.07 6.01
N GLU A 90 17.86 15.64 6.04
CA GLU A 90 16.76 16.55 6.35
C GLU A 90 15.78 15.95 7.35
N PHE A 91 16.15 14.87 8.03
CA PHE A 91 15.20 14.13 8.86
C PHE A 91 15.58 14.12 10.32
N PHE A 92 16.83 13.81 10.66
CA PHE A 92 17.22 13.67 12.06
C PHE A 92 17.76 14.99 12.59
N ASP A 93 17.17 15.46 13.68
CA ASP A 93 17.60 16.68 14.36
C ASP A 93 18.01 16.32 15.78
N ILE A 94 19.17 16.83 16.20
CA ILE A 94 19.66 16.63 17.56
C ILE A 94 20.23 17.95 18.05
N HIS A 95 19.85 18.33 19.27
CA HIS A 95 20.32 19.56 19.90
C HIS A 95 21.02 19.21 21.20
N LEU A 96 22.20 19.78 21.42
CA LEU A 96 23.05 19.38 22.53
C LEU A 96 23.05 20.38 23.69
N PHE A 97 22.91 21.68 23.41
CA PHE A 97 22.86 22.68 24.46
C PHE A 97 24.16 22.67 25.28
N VAL A 98 24.42 23.75 26.01
CA VAL A 98 25.66 23.87 26.77
C VAL A 98 25.48 23.49 28.23
N ASN A 99 24.25 23.50 28.75
CA ASN A 99 23.99 23.12 30.12
C ASN A 99 23.68 21.64 30.27
N GLY A 100 23.93 20.84 29.24
CA GLY A 100 23.79 19.40 29.31
C GLY A 100 22.48 18.86 28.81
N THR A 101 21.44 19.68 28.73
CA THR A 101 20.16 19.20 28.23
C THR A 101 20.26 18.84 26.75
N VAL A 102 19.37 17.96 26.32
CA VAL A 102 19.37 17.48 24.94
C VAL A 102 17.93 17.44 24.44
N THR A 103 17.77 17.60 23.14
CA THR A 103 16.46 17.48 22.52
C THR A 103 16.59 16.85 21.14
N GLN A 104 15.49 16.26 20.69
CA GLN A 104 15.37 15.71 19.34
C GLN A 104 14.86 16.74 18.35
N GLY A 105 14.67 17.98 18.77
CA GLY A 105 14.07 19.00 17.93
C GLY A 105 12.77 19.48 18.53
N ASP A 106 12.03 18.56 19.14
CA ASP A 106 10.77 18.91 19.80
C ASP A 106 10.58 18.20 21.13
N GLN A 107 11.49 17.33 21.55
CA GLN A 107 11.32 16.60 22.79
C GLN A 107 12.69 16.39 23.43
N ARG A 108 12.69 16.31 24.76
CA ARG A 108 13.91 16.09 25.53
C ARG A 108 14.27 14.61 25.53
N VAL A 109 15.55 14.34 25.79
CA VAL A 109 16.05 12.97 25.86
C VAL A 109 17.11 12.88 26.95
N SER A 110 17.36 11.65 27.39
CA SER A 110 18.38 11.40 28.39
C SER A 110 19.78 11.51 27.76
N MET A 111 20.80 11.43 28.60
CA MET A 111 22.17 11.66 28.15
C MET A 111 22.82 10.64 27.22
N PRO A 112 23.11 9.39 27.64
CA PRO A 112 23.82 8.48 26.72
C PRO A 112 23.21 8.42 25.33
N TYR A 113 21.90 8.24 25.23
CA TYR A 113 21.14 8.44 23.99
C TYR A 113 21.91 8.00 22.75
N ALA A 114 22.21 6.71 22.70
CA ALA A 114 22.65 6.14 21.44
C ALA A 114 21.48 6.12 20.46
N SER A 115 21.76 6.47 19.21
CA SER A 115 20.73 6.51 18.17
C SER A 115 21.37 6.17 16.84
N LYS A 116 20.68 6.48 15.75
CA LYS A 116 21.23 6.20 14.42
C LYS A 116 22.49 7.03 14.25
N GLY A 117 23.65 6.37 14.35
CA GLY A 117 24.88 7.10 14.54
C GLY A 117 24.73 8.06 15.71
N LEU A 118 25.60 9.04 15.82
CA LEU A 118 25.44 10.13 16.78
C LEU A 118 25.29 9.59 18.20
N TYR A 119 26.35 8.95 18.68
CA TYR A 119 26.38 8.49 20.07
C TYR A 119 26.70 9.68 20.95
N LEU A 120 25.66 10.22 21.59
CA LEU A 120 25.80 11.42 22.43
C LEU A 120 26.08 10.98 23.86
N GLU A 121 27.32 11.18 24.31
CA GLU A 121 27.74 10.66 25.60
C GLU A 121 28.46 11.72 26.42
N THR A 122 29.06 11.31 27.54
CA THR A 122 29.94 12.15 28.34
C THR A 122 31.31 11.50 28.36
N GLU A 123 32.26 12.11 27.66
CA GLU A 123 33.57 11.48 27.43
C GLU A 123 34.48 11.62 28.65
N ALA A 124 34.82 12.85 29.00
CA ALA A 124 35.64 13.12 30.18
C ALA A 124 35.09 14.30 30.96
N GLY A 125 33.78 14.33 31.17
CA GLY A 125 33.10 15.48 31.74
C GLY A 125 32.55 16.43 30.71
N TYR A 126 32.90 16.26 29.44
CA TYR A 126 32.38 17.06 28.35
C TYR A 126 31.37 16.26 27.56
N TYR A 127 30.26 16.91 27.21
CA TYR A 127 29.23 16.25 26.42
C TYR A 127 29.75 16.00 25.02
N LYS A 128 30.08 14.75 24.72
CA LYS A 128 30.61 14.37 23.42
C LYS A 128 29.49 13.86 22.53
N LEU A 129 29.43 14.36 21.30
CA LEU A 129 28.50 13.89 20.28
C LEU A 129 29.35 13.35 19.13
N SER A 130 29.32 12.03 18.95
CA SER A 130 30.21 11.35 18.01
C SER A 130 29.41 10.75 16.88
N GLY A 131 29.75 11.13 15.66
CA GLY A 131 29.23 10.47 14.47
C GLY A 131 30.37 9.93 13.65
N GLU A 132 30.48 8.61 13.58
CA GLU A 132 31.61 7.96 12.91
C GLU A 132 31.29 7.55 11.48
N ALA A 133 30.06 7.09 11.23
CA ALA A 133 29.69 6.75 9.85
C ALA A 133 29.96 7.92 8.92
N TYR A 134 29.64 9.14 9.36
CA TYR A 134 29.93 10.34 8.59
C TYR A 134 31.31 10.87 8.92
N GLY A 135 31.69 10.84 10.19
CA GLY A 135 33.01 11.20 10.63
C GLY A 135 33.06 12.60 11.21
N PHE A 136 32.94 12.69 12.53
CA PHE A 136 33.13 13.92 13.26
C PHE A 136 32.91 13.62 14.73
N VAL A 137 33.35 14.56 15.58
CA VAL A 137 33.16 14.43 17.02
C VAL A 137 32.97 15.82 17.59
N ALA A 138 31.80 16.08 18.17
CA ALA A 138 31.48 17.38 18.73
C ALA A 138 31.50 17.29 20.25
N ARG A 139 32.25 18.19 20.87
CA ARG A 139 32.35 18.26 22.32
C ARG A 139 31.91 19.62 22.82
N ILE A 140 31.38 19.66 24.03
CA ILE A 140 31.04 20.91 24.69
C ILE A 140 31.50 20.83 26.14
N ASP A 141 32.67 21.39 26.43
CA ASP A 141 33.20 21.32 27.78
C ASP A 141 32.41 22.24 28.70
N GLY A 142 32.79 22.26 29.98
CA GLY A 142 32.06 23.05 30.94
C GLY A 142 32.02 24.53 30.56
N SER A 143 33.15 25.05 30.06
CA SER A 143 33.18 26.45 29.64
C SER A 143 32.26 26.71 28.46
N GLY A 144 31.86 25.69 27.73
CA GLY A 144 31.01 25.86 26.57
C GLY A 144 31.75 25.94 25.26
N ASN A 145 33.04 25.65 25.24
CA ASN A 145 33.82 25.70 24.01
C ASN A 145 33.48 24.52 23.13
N PHE A 146 32.82 24.78 22.00
CA PHE A 146 32.49 23.70 21.08
C PHE A 146 33.77 23.10 20.50
N GLN A 147 33.60 22.05 19.71
CA GLN A 147 34.73 21.44 19.02
C GLN A 147 34.17 20.52 17.95
N VAL A 148 35.02 20.24 16.96
CA VAL A 148 34.65 19.37 15.85
C VAL A 148 35.92 18.73 15.32
N LEU A 149 35.85 17.45 14.96
CA LEU A 149 36.98 16.72 14.40
C LEU A 149 36.54 16.04 13.12
N LEU A 150 36.57 16.78 12.02
CA LEU A 150 36.14 16.24 10.74
C LEU A 150 37.20 15.30 10.19
N SER A 151 36.76 14.31 9.43
CA SER A 151 37.66 13.31 8.87
C SER A 151 38.31 13.83 7.60
N ASP A 152 39.42 13.18 7.23
CA ASP A 152 40.17 13.60 6.05
C ASP A 152 39.30 13.54 4.80
N ARG A 153 38.35 12.62 4.74
CA ARG A 153 37.55 12.46 3.53
C ARG A 153 36.77 13.72 3.17
N TYR A 154 36.76 14.72 4.03
CA TYR A 154 36.19 16.03 3.72
C TYR A 154 37.24 17.05 3.33
N PHE A 155 38.48 16.62 3.13
CA PHE A 155 39.54 17.49 2.63
C PHE A 155 39.02 18.32 1.47
N ASN A 156 39.08 19.64 1.61
CA ASN A 156 38.69 20.58 0.56
C ASN A 156 37.21 20.48 0.23
N LYS A 157 36.43 19.80 1.06
CA LYS A 157 35.03 19.53 0.77
C LYS A 157 34.07 20.22 1.74
N THR A 158 34.44 20.33 3.01
CA THR A 158 33.58 21.03 3.96
C THR A 158 33.45 22.50 3.57
N CYS A 159 32.26 23.06 3.81
CA CYS A 159 31.96 24.42 3.39
C CYS A 159 31.18 25.17 4.45
N GLY A 160 31.44 24.91 5.72
CA GLY A 160 30.73 25.54 6.81
C GLY A 160 31.39 26.81 7.28
N LEU A 161 30.96 27.25 8.47
CA LEU A 161 31.54 28.44 9.08
C LEU A 161 32.95 28.19 9.59
N CYS A 162 33.35 26.94 9.77
CA CYS A 162 34.70 26.59 10.19
C CYS A 162 35.69 26.59 9.04
N GLY A 163 35.32 27.14 7.89
CA GLY A 163 36.23 27.27 6.77
C GLY A 163 36.48 25.96 6.06
N ASN A 164 36.71 26.03 4.75
CA ASN A 164 36.98 24.82 3.99
C ASN A 164 38.25 24.14 4.48
N PHE A 165 38.23 22.82 4.48
CA PHE A 165 39.34 22.02 5.02
C PHE A 165 40.40 21.82 3.94
N ASN A 166 41.10 22.91 3.65
CA ASN A 166 42.27 22.89 2.79
C ASN A 166 43.47 23.42 3.57
N ILE A 167 44.64 22.86 3.29
CA ILE A 167 45.83 23.24 4.05
C ILE A 167 46.02 24.75 4.04
N PHE A 168 45.52 25.43 3.00
CA PHE A 168 45.65 26.87 2.90
C PHE A 168 44.71 27.54 3.89
N ALA A 169 45.28 28.25 4.86
CA ALA A 169 44.50 28.86 5.93
C ALA A 169 44.06 30.28 5.62
N GLU A 170 44.56 30.89 4.55
CA GLU A 170 44.21 32.26 4.21
C GLU A 170 42.95 32.38 3.37
N ASP A 171 42.40 31.26 2.89
CA ASP A 171 41.21 31.26 2.04
C ASP A 171 40.01 30.66 2.75
N ASP A 172 39.93 30.82 4.07
CA ASP A 172 38.89 30.20 4.88
C ASP A 172 37.75 31.16 5.20
N PHE A 173 37.42 32.07 4.28
CA PHE A 173 36.28 32.95 4.42
C PHE A 173 35.34 32.81 3.23
N MET A 174 35.27 31.60 2.67
CA MET A 174 34.44 31.33 1.51
C MET A 174 32.97 31.48 1.88
N THR A 175 32.33 32.56 1.42
CA THR A 175 30.93 32.76 1.73
C THR A 175 30.06 31.77 0.97
N GLN A 176 28.85 31.55 1.49
CA GLN A 176 27.93 30.64 0.82
C GLN A 176 27.68 31.06 -0.62
N GLU A 177 27.78 32.36 -0.91
CA GLU A 177 27.61 32.84 -2.28
C GLU A 177 28.76 32.44 -3.17
N GLY A 178 29.84 31.89 -2.63
CA GLY A 178 30.98 31.51 -3.42
C GLY A 178 31.99 32.61 -3.67
N THR A 179 31.86 33.74 -2.98
CA THR A 179 32.82 34.83 -3.09
C THR A 179 33.70 34.87 -1.84
N LEU A 180 35.02 34.85 -2.06
CA LEU A 180 35.97 34.89 -0.96
C LEU A 180 36.06 36.31 -0.43
N THR A 181 35.62 36.52 0.80
CA THR A 181 35.64 37.84 1.42
C THR A 181 36.79 37.91 2.42
N SER A 182 36.98 39.12 2.97
CA SER A 182 37.97 39.37 3.99
C SER A 182 37.38 39.79 5.32
N ASP A 183 36.21 40.41 5.32
CA ASP A 183 35.55 40.74 6.57
C ASP A 183 35.00 39.48 7.20
N PRO A 184 35.43 39.09 8.40
CA PRO A 184 34.90 37.86 9.00
C PRO A 184 33.40 37.88 9.19
N TYR A 185 32.82 39.05 9.47
CA TYR A 185 31.39 39.08 9.78
C TYR A 185 30.55 38.84 8.54
N ASP A 186 30.98 39.37 7.37
CA ASP A 186 30.26 39.07 6.14
C ASP A 186 30.23 37.57 5.88
N PHE A 187 31.40 36.93 5.95
CA PHE A 187 31.48 35.50 5.69
C PHE A 187 30.66 34.72 6.71
N ALA A 188 30.73 35.11 7.98
CA ALA A 188 29.96 34.41 9.00
C ALA A 188 28.47 34.54 8.77
N ASN A 189 28.00 35.75 8.45
CA ASN A 189 26.57 35.96 8.23
C ASN A 189 26.10 35.32 6.94
N SER A 190 26.99 35.05 6.00
CA SER A 190 26.59 34.35 4.79
C SER A 190 26.17 32.91 5.07
N TRP A 191 26.43 32.39 6.26
CA TRP A 191 26.10 31.02 6.62
C TRP A 191 25.00 30.94 7.68
N ALA A 192 24.22 32.00 7.85
CA ALA A 192 23.10 31.95 8.77
C ALA A 192 22.02 31.02 8.22
N LEU A 193 21.37 30.27 9.12
CA LEU A 193 20.34 29.30 8.75
C LEU A 193 19.10 29.56 9.59
N SER A 194 18.20 30.40 9.06
CA SER A 194 16.95 30.65 9.74
C SER A 194 16.07 29.41 9.71
N SER A 195 15.13 29.34 10.65
CA SER A 195 14.26 28.18 10.78
C SER A 195 12.93 28.63 11.35
N GLY A 196 11.88 28.60 10.53
CA GLY A 196 10.55 28.94 10.99
C GLY A 196 10.52 30.21 11.82
N GLU A 197 10.16 30.06 13.09
CA GLU A 197 10.10 31.23 13.97
C GLU A 197 11.47 31.90 14.14
N GLN A 198 12.55 31.13 14.01
CA GLN A 198 13.89 31.64 14.30
C GLN A 198 14.42 32.39 13.07
N TRP A 199 13.86 33.57 12.85
CA TRP A 199 14.40 34.49 11.86
C TRP A 199 15.72 35.06 12.38
N CYS A 200 16.33 35.92 11.59
CA CYS A 200 17.58 36.54 12.01
C CYS A 200 17.94 37.67 11.05
N GLU A 201 18.98 38.41 11.40
CA GLU A 201 19.45 39.53 10.61
C GLU A 201 20.97 39.48 10.57
N ARG A 202 21.55 40.37 9.78
CA ARG A 202 23.00 40.46 9.68
C ARG A 202 23.60 40.76 11.05
N ALA A 203 24.31 39.79 11.61
CA ALA A 203 25.05 40.04 12.84
C ALA A 203 26.22 40.96 12.55
N SER A 204 26.39 41.99 13.38
CA SER A 204 27.42 42.98 13.17
C SER A 204 28.29 43.09 14.42
N PRO A 205 29.57 43.41 14.25
CA PRO A 205 30.48 43.45 15.41
C PRO A 205 30.02 44.48 16.42
N PRO A 206 30.13 44.18 17.71
CA PRO A 206 29.79 45.19 18.72
C PRO A 206 30.68 46.41 18.59
N SER A 207 30.08 47.58 18.77
CA SER A 207 30.81 48.85 18.67
C SER A 207 31.25 49.31 20.05
N SER A 208 32.11 48.50 20.67
CA SER A 208 32.63 48.79 22.00
C SER A 208 34.15 48.73 21.96
N SER A 209 34.80 49.75 22.50
CA SER A 209 36.25 49.81 22.58
C SER A 209 36.69 49.50 24.01
N CYS A 210 37.98 49.63 24.27
CA CYS A 210 38.54 49.36 25.59
C CYS A 210 38.11 50.45 26.58
N LEU A 221 46.60 46.44 33.90
CA LEU A 221 46.95 45.75 32.66
C LEU A 221 47.30 44.29 32.96
N TRP A 222 46.41 43.38 32.58
CA TRP A 222 46.61 41.96 32.80
C TRP A 222 47.36 41.38 31.61
N GLU A 223 48.69 41.43 31.68
CA GLU A 223 49.56 40.89 30.63
C GLU A 223 50.01 39.47 30.93
N GLN A 224 49.17 38.68 31.60
CA GLN A 224 49.58 37.35 32.03
C GLN A 224 49.87 36.44 30.85
N CYS A 225 49.03 36.48 29.81
CA CYS A 225 49.17 35.51 28.73
C CYS A 225 50.41 35.73 27.89
N GLN A 226 51.14 36.84 28.10
CA GLN A 226 52.42 37.01 27.44
C GLN A 226 53.30 35.78 27.59
N LEU A 227 53.05 34.96 28.61
CA LEU A 227 53.79 33.72 28.79
C LEU A 227 53.57 32.74 27.66
N LEU A 228 52.56 32.96 26.82
CA LEU A 228 52.36 32.08 25.67
C LEU A 228 53.60 31.98 24.81
N LYS A 229 54.42 33.03 24.80
CA LYS A 229 55.67 33.05 24.05
C LYS A 229 56.90 33.04 24.95
N SER A 230 56.72 32.92 26.27
CA SER A 230 57.82 32.96 27.22
C SER A 230 58.04 31.65 27.95
N THR A 231 56.99 31.12 28.59
CA THR A 231 57.15 29.92 29.42
C THR A 231 57.60 28.73 28.58
N SER A 232 58.45 27.88 29.18
CA SER A 232 58.98 26.74 28.46
C SER A 232 57.87 25.78 28.04
N VAL A 233 56.89 25.56 28.92
CA VAL A 233 55.82 24.61 28.62
C VAL A 233 55.14 24.99 27.32
N PHE A 234 54.80 26.28 27.16
CA PHE A 234 54.25 26.73 25.89
C PHE A 234 55.32 26.84 24.82
N ALA A 235 56.54 27.20 25.22
CA ALA A 235 57.61 27.38 24.24
C ALA A 235 57.82 26.11 23.42
N ARG A 236 57.62 24.94 24.03
CA ARG A 236 57.81 23.70 23.29
C ARG A 236 56.96 23.67 22.03
N CYS A 237 55.82 24.36 22.05
CA CYS A 237 54.88 24.34 20.92
C CYS A 237 55.25 25.31 19.81
N HIS A 238 56.19 26.23 20.05
CA HIS A 238 56.51 27.24 19.06
C HIS A 238 56.86 26.65 17.69
N PRO A 239 57.62 25.57 17.58
CA PRO A 239 57.80 24.94 16.26
C PRO A 239 56.48 24.60 15.61
N LEU A 240 55.49 24.19 16.39
CA LEU A 240 54.13 24.01 15.91
C LEU A 240 53.45 25.37 15.81
N VAL A 241 52.12 25.38 15.83
CA VAL A 241 51.34 26.59 15.59
C VAL A 241 51.92 27.76 16.38
N ASP A 242 52.04 28.91 15.71
CA ASP A 242 52.65 30.07 16.34
C ASP A 242 51.73 30.68 17.38
N PRO A 243 52.27 31.33 18.42
CA PRO A 243 51.41 31.98 19.41
C PRO A 243 50.90 33.35 18.98
N GLU A 244 51.53 33.97 17.99
CA GLU A 244 51.19 35.36 17.64
C GLU A 244 49.71 35.57 17.41
N PRO A 245 49.00 34.73 16.63
CA PRO A 245 47.54 34.90 16.55
C PRO A 245 46.89 34.82 17.91
N PHE A 246 47.37 33.94 18.79
CA PHE A 246 46.79 33.83 20.11
C PHE A 246 47.15 35.02 20.98
N VAL A 247 48.32 35.63 20.77
CA VAL A 247 48.63 36.86 21.49
C VAL A 247 47.73 38.00 21.03
N ALA A 248 47.45 38.06 19.73
CA ALA A 248 46.48 39.04 19.23
C ALA A 248 45.10 38.80 19.83
N LEU A 249 44.72 37.53 19.94
CA LEU A 249 43.44 37.20 20.57
C LEU A 249 43.44 37.63 22.04
N CYS A 250 44.54 37.41 22.74
CA CYS A 250 44.72 38.01 24.06
C CYS A 250 44.36 39.49 23.97
N GLU A 251 45.13 40.25 23.21
CA GLU A 251 44.95 41.70 23.22
C GLU A 251 43.49 42.07 23.00
N LYS A 252 42.83 41.37 22.05
CA LYS A 252 41.42 41.65 21.79
C LYS A 252 40.59 41.41 23.04
N THR A 253 40.83 40.29 23.73
CA THR A 253 40.08 40.02 24.96
C THR A 253 40.43 41.02 26.05
N LEU A 254 41.70 41.07 26.43
CA LEU A 254 42.23 41.99 27.43
C LEU A 254 41.65 43.38 27.27
N CYS A 255 41.39 43.79 26.03
CA CYS A 255 40.83 45.13 25.81
C CYS A 255 39.62 45.36 26.70
N GLU A 256 38.67 44.42 26.68
CA GLU A 256 37.59 44.40 27.67
C GLU A 256 37.81 43.32 28.72
N CYS A 257 37.82 42.05 28.29
CA CYS A 257 37.96 40.90 29.17
C CYS A 257 37.26 41.14 30.51
N ALA A 258 35.96 41.43 30.47
CA ALA A 258 35.23 41.76 31.69
C ALA A 258 35.44 40.68 32.74
N GLY A 259 36.09 41.03 33.84
CA GLY A 259 36.40 40.10 34.90
C GLY A 259 37.77 40.38 35.47
N GLY A 260 38.33 39.38 36.15
CA GLY A 260 39.63 39.52 36.77
C GLY A 260 40.70 38.68 36.11
N LEU A 261 41.06 37.56 36.75
CA LEU A 261 42.11 36.68 36.23
C LEU A 261 41.50 35.60 35.33
N GLU A 262 40.79 36.07 34.29
CA GLU A 262 40.22 35.20 33.29
C GLU A 262 40.48 35.67 31.87
N CYS A 263 41.06 36.85 31.67
CA CYS A 263 41.26 37.38 30.34
C CYS A 263 42.14 36.47 29.49
N ALA A 264 42.94 35.61 30.12
CA ALA A 264 43.93 34.81 29.41
C ALA A 264 43.57 33.34 29.32
N CYS A 265 42.85 32.80 30.29
CA CYS A 265 42.63 31.36 30.34
C CYS A 265 42.02 30.80 29.07
N PRO A 266 40.99 31.42 28.47
CA PRO A 266 40.44 30.84 27.23
C PRO A 266 41.48 30.70 26.13
N ALA A 267 42.27 31.74 25.89
CA ALA A 267 43.27 31.67 24.83
C ALA A 267 44.34 30.63 25.15
N LEU A 268 44.78 30.56 26.39
CA LEU A 268 45.78 29.57 26.77
C LEU A 268 45.26 28.15 26.54
N LEU A 269 44.03 27.90 27.00
CA LEU A 269 43.45 26.57 26.82
C LEU A 269 43.29 26.23 25.34
N GLU A 270 42.85 27.21 24.55
CA GLU A 270 42.69 26.97 23.12
C GLU A 270 44.03 26.66 22.47
N TYR A 271 45.07 27.39 22.83
CA TYR A 271 46.40 27.11 22.28
C TYR A 271 46.87 25.73 22.67
N ALA A 272 46.66 25.35 23.92
CA ALA A 272 47.07 24.02 24.37
C ALA A 272 46.34 22.94 23.60
N ARG A 273 45.03 23.10 23.43
CA ARG A 273 44.25 22.11 22.69
C ARG A 273 44.69 22.04 21.24
N THR A 274 44.94 23.20 20.62
CA THR A 274 45.37 23.21 19.22
C THR A 274 46.71 22.51 19.08
N CYS A 275 47.64 22.76 19.99
CA CYS A 275 48.93 22.09 19.92
C CYS A 275 48.77 20.59 20.12
N ALA A 276 47.93 20.18 21.08
CA ALA A 276 47.72 18.76 21.31
C ALA A 276 47.16 18.09 20.07
N GLN A 277 46.18 18.72 19.44
CA GLN A 277 45.63 18.16 18.20
C GLN A 277 46.68 18.10 17.11
N GLU A 278 47.49 19.15 16.98
CA GLU A 278 48.54 19.17 15.98
C GLU A 278 49.64 18.17 16.25
N GLY A 279 49.71 17.62 17.46
CA GLY A 279 50.79 16.71 17.81
C GLY A 279 51.02 16.64 19.30
N MET A 280 52.27 16.84 19.71
CA MET A 280 52.62 16.80 21.12
C MET A 280 51.64 17.63 21.94
N VAL A 281 51.37 17.16 23.16
CA VAL A 281 50.41 17.78 24.06
C VAL A 281 51.17 18.44 25.20
N LEU A 282 50.81 19.68 25.52
CA LEU A 282 51.52 20.46 26.52
C LEU A 282 51.26 19.83 27.89
N TYR A 283 52.27 19.13 28.40
CA TYR A 283 52.19 18.56 29.74
C TYR A 283 52.59 19.60 30.78
N GLY A 284 51.87 19.62 31.89
CA GLY A 284 52.24 20.44 33.03
C GLY A 284 51.68 21.84 33.01
N TRP A 285 51.22 22.34 31.87
CA TRP A 285 50.56 23.62 31.87
C TRP A 285 49.29 23.54 32.72
N THR A 286 48.69 24.70 32.96
CA THR A 286 47.57 24.90 33.87
C THR A 286 48.05 24.94 35.33
N ASP A 287 49.33 24.70 35.59
CA ASP A 287 49.87 24.76 36.94
C ASP A 287 50.44 26.13 37.27
N HIS A 288 50.37 27.10 36.37
CA HIS A 288 50.96 28.41 36.58
C HIS A 288 49.90 29.48 36.76
N SER A 289 48.99 29.64 35.79
CA SER A 289 48.03 30.73 35.85
C SER A 289 46.69 30.43 35.22
N ALA A 290 46.46 29.23 34.69
CA ALA A 290 45.22 28.96 34.00
C ALA A 290 44.04 28.97 34.95
N CYS A 291 42.84 29.09 34.39
CA CYS A 291 41.62 29.17 35.17
C CYS A 291 41.13 27.80 35.64
N SER A 292 41.97 26.76 35.57
CA SER A 292 41.54 25.44 36.01
C SER A 292 40.25 25.06 35.30
N PRO A 293 40.32 24.69 34.01
CA PRO A 293 39.10 24.42 33.23
C PRO A 293 38.01 23.72 34.04
N VAL A 294 36.80 24.27 33.99
CA VAL A 294 35.74 23.81 34.85
C VAL A 294 35.45 22.33 34.61
N CYS A 295 35.10 21.63 35.67
CA CYS A 295 34.65 20.24 35.62
C CYS A 295 33.44 20.09 36.54
N PRO A 296 32.56 19.13 36.25
CA PRO A 296 31.34 19.02 37.07
C PRO A 296 31.63 18.79 38.54
N ALA A 297 32.64 17.98 38.86
CA ALA A 297 33.02 17.69 40.23
C ALA A 297 34.27 16.84 40.20
N GLY A 298 34.83 16.52 41.37
CA GLY A 298 36.09 15.82 41.40
C GLY A 298 37.09 16.50 40.49
N MET A 299 37.48 17.72 40.86
CA MET A 299 38.29 18.57 40.00
C MET A 299 39.56 17.83 39.62
N GLU A 300 39.66 17.39 38.36
CA GLU A 300 40.82 16.63 37.92
C GLU A 300 41.21 16.94 36.49
N TYR A 301 41.00 18.18 36.03
CA TYR A 301 41.31 18.48 34.64
C TYR A 301 42.73 18.04 34.35
N ARG A 302 42.89 17.07 33.46
CA ARG A 302 44.18 16.44 33.22
C ARG A 302 44.37 16.26 31.73
N GLN A 303 45.51 16.75 31.23
CA GLN A 303 45.84 16.54 29.83
C GLN A 303 46.06 15.05 29.58
N CYS A 304 45.56 14.58 28.44
CA CYS A 304 45.75 13.19 28.02
C CYS A 304 45.20 12.23 29.08
N VAL A 305 43.89 12.31 29.28
CA VAL A 305 43.14 11.31 30.04
C VAL A 305 42.51 10.36 29.04
N SER A 306 42.80 9.08 29.16
CA SER A 306 42.34 8.12 28.19
C SER A 306 40.81 8.11 28.16
N PRO A 307 40.18 8.19 26.98
CA PRO A 307 38.73 8.09 26.92
C PRO A 307 38.21 6.75 27.41
N CYS A 308 39.06 5.72 27.43
CA CYS A 308 38.66 4.41 27.89
C CYS A 308 38.11 4.50 29.31
N ALA A 309 38.80 5.22 30.19
CA ALA A 309 38.25 5.69 31.46
C ALA A 309 37.54 4.56 32.23
N ARG A 310 38.35 3.60 32.66
CA ARG A 310 37.83 2.49 33.45
C ARG A 310 36.94 3.02 34.57
N THR A 311 35.67 2.67 34.51
CA THR A 311 34.64 3.21 35.39
C THR A 311 34.21 2.18 36.41
N CYS A 312 33.19 2.53 37.19
CA CYS A 312 32.77 1.69 38.32
C CYS A 312 32.26 0.34 37.83
N GLN A 313 31.32 0.34 36.89
CA GLN A 313 30.72 -0.90 36.37
C GLN A 313 31.21 -1.08 34.94
N SER A 314 32.35 -1.75 34.81
CA SER A 314 32.92 -2.04 33.51
C SER A 314 33.48 -3.46 33.53
N LEU A 315 33.56 -4.06 32.35
CA LEU A 315 34.02 -5.44 32.23
C LEU A 315 35.54 -5.56 32.22
N HIS A 316 36.26 -4.45 32.43
CA HIS A 316 37.72 -4.47 32.46
C HIS A 316 38.29 -4.99 31.14
N ILE A 317 37.63 -4.62 30.03
CA ILE A 317 38.14 -5.01 28.72
C ILE A 317 39.36 -4.16 28.41
N ASN A 318 40.54 -4.74 28.55
CA ASN A 318 41.74 -4.05 28.14
C ASN A 318 41.97 -4.24 26.65
N GLU A 319 42.91 -3.47 26.11
CA GLU A 319 43.33 -3.54 24.72
C GLU A 319 42.34 -2.85 23.79
N MET A 320 41.21 -2.34 24.29
CA MET A 320 40.27 -1.57 23.49
C MET A 320 40.36 -0.08 23.79
N CYS A 321 41.33 0.33 24.62
CA CYS A 321 41.52 1.72 24.99
C CYS A 321 42.42 2.46 24.01
N GLN A 322 42.49 2.00 22.76
CA GLN A 322 43.43 2.54 21.78
C GLN A 322 43.12 3.98 21.37
N GLU A 323 41.96 4.51 21.73
CA GLU A 323 41.62 5.86 21.34
C GLU A 323 42.63 6.86 21.89
N ARG A 324 42.92 7.89 21.11
CA ARG A 324 43.97 8.84 21.47
C ARG A 324 43.60 9.61 22.73
N CYS A 325 44.64 10.05 23.44
CA CYS A 325 44.44 10.89 24.61
C CYS A 325 43.68 12.17 24.23
N VAL A 326 42.77 12.56 25.12
CA VAL A 326 42.01 13.80 24.95
C VAL A 326 42.00 14.54 26.28
N ASP A 327 42.32 15.83 26.25
CA ASP A 327 42.25 16.63 27.46
C ASP A 327 40.83 16.62 28.00
N GLY A 328 40.70 16.39 29.30
CA GLY A 328 39.39 16.36 29.92
C GLY A 328 39.49 16.06 31.39
N CYS A 329 38.35 16.11 32.05
CA CYS A 329 38.29 15.82 33.47
C CYS A 329 38.47 14.33 33.72
N SER A 330 38.43 13.94 34.99
CA SER A 330 38.57 12.55 35.40
C SER A 330 38.30 12.49 36.90
N CYS A 331 38.32 11.28 37.43
CA CYS A 331 38.22 11.12 38.87
C CYS A 331 39.58 11.37 39.51
N PRO A 332 39.60 11.78 40.78
CA PRO A 332 40.88 12.10 41.43
C PRO A 332 41.95 11.06 41.17
N GLU A 333 41.69 9.81 41.54
CA GLU A 333 42.62 8.72 41.29
C GLU A 333 42.06 7.42 41.86
N GLY A 334 42.14 7.26 43.19
CA GLY A 334 41.58 6.07 43.81
C GLY A 334 40.10 5.93 43.55
N GLN A 335 39.40 7.05 43.38
CA GLN A 335 37.99 7.00 43.07
C GLN A 335 37.75 6.41 41.68
N LEU A 336 36.59 5.81 41.51
CA LEU A 336 36.16 5.25 40.23
C LEU A 336 34.88 5.94 39.80
N LEU A 337 34.77 6.22 38.50
CA LEU A 337 33.63 6.95 37.99
C LEU A 337 32.38 6.09 38.08
N ASP A 338 31.43 6.52 38.90
CA ASP A 338 30.15 5.83 39.02
C ASP A 338 29.20 6.37 37.95
N GLU A 339 27.91 6.03 38.07
CA GLU A 339 26.92 6.53 37.14
C GLU A 339 26.97 8.05 37.05
N GLY A 340 27.13 8.71 38.20
CA GLY A 340 27.23 10.16 38.24
C GLY A 340 28.60 10.63 38.64
N LEU A 341 28.75 11.02 39.91
CA LEU A 341 30.01 11.54 40.41
C LEU A 341 31.00 10.40 40.63
N CYS A 342 32.18 10.76 41.15
CA CYS A 342 33.22 9.78 41.43
C CYS A 342 33.05 9.21 42.84
N VAL A 343 33.30 7.91 42.96
CA VAL A 343 33.18 7.21 44.23
C VAL A 343 34.39 6.31 44.41
N GLU A 344 34.60 5.88 45.66
CA GLU A 344 35.76 5.07 45.99
C GLU A 344 35.67 3.71 45.30
N SER A 345 36.84 3.13 45.02
CA SER A 345 36.89 1.84 44.34
C SER A 345 36.18 0.76 45.15
N THR A 346 36.29 0.83 46.48
CA THR A 346 35.66 -0.14 47.36
C THR A 346 34.21 0.23 47.69
N GLU A 347 33.59 1.10 46.90
CA GLU A 347 32.21 1.50 47.12
C GLU A 347 31.32 1.23 45.91
N CYS A 348 31.86 0.65 44.84
CA CYS A 348 31.07 0.36 43.65
C CYS A 348 29.80 -0.42 44.00
N PRO A 349 28.63 0.18 43.88
CA PRO A 349 27.40 -0.57 44.13
C PRO A 349 27.16 -1.62 43.05
N CYS A 350 26.54 -2.72 43.48
CA CYS A 350 26.12 -3.73 42.52
C CYS A 350 24.88 -3.24 41.77
N VAL A 351 24.69 -3.77 40.57
CA VAL A 351 23.57 -3.41 39.72
C VAL A 351 22.81 -4.68 39.35
N HIS A 352 21.49 -4.64 39.50
CA HIS A 352 20.64 -5.76 39.13
C HIS A 352 19.26 -5.21 38.80
N SER A 353 18.62 -5.81 37.80
CA SER A 353 17.29 -5.38 37.38
C SER A 353 17.28 -3.89 37.04
N GLY A 354 18.39 -3.40 36.48
CA GLY A 354 18.45 -2.01 36.07
C GLY A 354 18.31 -1.03 37.21
N LYS A 355 18.90 -1.33 38.36
CA LYS A 355 18.91 -0.39 39.47
C LYS A 355 20.14 -0.66 40.33
N ARG A 356 20.55 0.36 41.08
CA ARG A 356 21.78 0.29 41.85
C ARG A 356 21.54 -0.40 43.18
N TYR A 357 22.64 -0.81 43.81
CA TYR A 357 22.55 -1.53 45.06
C TYR A 357 23.83 -1.35 45.88
N PRO A 358 23.76 -0.75 47.07
CA PRO A 358 24.96 -0.57 47.86
C PRO A 358 25.57 -1.92 48.22
N PRO A 359 26.89 -1.99 48.39
CA PRO A 359 27.51 -3.27 48.70
C PRO A 359 26.92 -3.89 49.96
N GLY A 360 26.71 -5.21 49.90
CA GLY A 360 26.18 -5.94 51.03
C GLY A 360 24.68 -5.86 51.20
N THR A 361 23.95 -5.24 50.27
CA THR A 361 22.50 -5.14 50.43
C THR A 361 21.86 -6.52 50.45
N SER A 362 22.31 -7.41 49.57
CA SER A 362 21.98 -8.84 49.63
C SER A 362 20.47 -9.07 49.58
N LEU A 363 19.89 -8.71 48.43
CA LEU A 363 18.50 -9.09 48.22
C LEU A 363 18.43 -10.58 47.85
N SER A 364 17.23 -11.15 47.98
CA SER A 364 17.04 -12.58 47.85
C SER A 364 16.21 -12.90 46.61
N ARG A 365 16.64 -13.94 45.89
CA ARG A 365 15.88 -14.48 44.77
C ARG A 365 14.78 -15.39 45.34
N ASP A 366 14.16 -16.18 44.47
CA ASP A 366 13.06 -17.05 44.88
C ASP A 366 13.36 -17.76 46.20
N CYS A 367 14.40 -18.59 46.22
CA CYS A 367 14.84 -19.26 47.44
C CYS A 367 16.32 -19.07 47.74
N ASN A 368 17.14 -18.81 46.73
CA ASN A 368 18.54 -18.45 46.95
C ASN A 368 18.65 -16.97 47.26
N THR A 369 19.84 -16.55 47.68
CA THR A 369 20.08 -15.16 48.01
C THR A 369 21.48 -14.76 47.56
N CYS A 370 21.62 -13.48 47.23
CA CYS A 370 22.89 -12.90 46.81
C CYS A 370 23.36 -11.91 47.86
N ILE A 371 24.62 -11.48 47.73
CA ILE A 371 25.27 -10.72 48.78
C ILE A 371 25.67 -9.31 48.35
N CYS A 372 25.76 -9.02 47.05
CA CYS A 372 26.20 -7.72 46.57
C CYS A 372 27.62 -7.41 47.05
N ARG A 373 28.57 -8.21 46.58
CA ARG A 373 29.98 -7.94 46.82
C ARG A 373 30.40 -6.82 45.88
N ASN A 374 31.70 -6.63 45.68
CA ASN A 374 32.18 -5.47 44.92
C ASN A 374 31.75 -5.65 43.47
N SER A 375 30.46 -5.41 43.24
CA SER A 375 29.86 -5.52 41.91
C SER A 375 30.03 -6.92 41.33
N GLN A 376 29.64 -7.93 42.12
CA GLN A 376 29.74 -9.31 41.68
C GLN A 376 28.53 -10.17 41.99
N TRP A 377 27.57 -9.69 42.77
CA TRP A 377 26.34 -10.42 43.07
C TRP A 377 26.60 -11.90 43.29
N ILE A 378 27.46 -12.18 44.27
CA ILE A 378 27.69 -13.57 44.66
C ILE A 378 26.39 -14.12 45.23
N CYS A 379 25.92 -15.23 44.67
CA CYS A 379 24.60 -15.75 44.96
C CYS A 379 24.68 -17.20 45.45
N SER A 380 23.68 -17.60 46.21
CA SER A 380 23.59 -18.96 46.69
C SER A 380 23.33 -19.92 45.54
N ASN A 381 23.38 -21.21 45.82
CA ASN A 381 23.26 -22.23 44.79
C ASN A 381 22.37 -23.38 45.26
N GLU A 382 21.34 -23.06 46.05
CA GLU A 382 20.40 -24.06 46.48
C GLU A 382 19.45 -24.43 45.35
N GLU A 383 18.55 -25.36 45.62
CA GLU A 383 17.51 -25.77 44.68
C GLU A 383 16.16 -25.37 45.26
N CYS A 384 15.40 -24.61 44.51
CA CYS A 384 14.10 -24.15 44.98
C CYS A 384 13.02 -25.17 44.66
N PRO A 385 11.91 -25.15 45.37
CA PRO A 385 10.79 -26.05 45.04
C PRO A 385 10.29 -25.80 43.62
N GLY A 386 9.90 -26.87 42.94
CA GLY A 386 9.38 -26.77 41.60
C GLY A 386 7.88 -26.55 41.57
N GLU A 387 7.37 -26.33 40.36
CA GLU A 387 5.94 -26.13 40.14
C GLU A 387 5.60 -26.52 38.72
N CYS A 388 4.38 -27.05 38.54
CA CYS A 388 3.92 -27.53 37.24
C CYS A 388 2.55 -26.95 36.93
N LEU A 389 2.40 -25.64 37.06
CA LEU A 389 1.15 -24.97 36.72
C LEU A 389 0.55 -25.54 35.44
N VAL A 390 -0.76 -25.77 35.47
CA VAL A 390 -1.47 -26.33 34.33
C VAL A 390 -2.69 -25.46 34.01
N THR A 391 -2.59 -24.18 34.31
CA THR A 391 -3.72 -23.27 34.18
C THR A 391 -4.17 -23.10 32.74
N GLY A 392 -5.22 -22.33 32.54
CA GLY A 392 -5.63 -21.93 31.20
C GLY A 392 -6.24 -23.07 30.42
N GLN A 393 -6.53 -22.78 29.15
CA GLN A 393 -7.12 -23.77 28.25
C GLN A 393 -6.22 -24.98 28.19
N SER A 394 -5.02 -24.82 27.63
CA SER A 394 -4.01 -25.88 27.64
C SER A 394 -2.66 -25.19 27.71
N HIS A 395 -2.17 -25.02 28.93
CA HIS A 395 -0.94 -24.28 29.16
C HIS A 395 -0.20 -24.92 30.32
N PHE A 396 1.07 -25.20 30.12
CA PHE A 396 1.87 -25.93 31.08
C PHE A 396 3.14 -25.15 31.36
N LYS A 397 3.60 -25.23 32.61
CA LYS A 397 4.84 -24.60 33.05
C LYS A 397 5.62 -25.68 33.79
N SER A 398 6.42 -26.45 33.04
CA SER A 398 7.15 -27.57 33.64
C SER A 398 7.97 -27.11 34.83
N PHE A 399 8.38 -28.05 35.67
CA PHE A 399 9.14 -27.70 36.86
C PHE A 399 10.32 -26.81 36.52
N ASP A 400 11.09 -27.19 35.51
CA ASP A 400 12.04 -26.29 34.88
C ASP A 400 11.25 -25.46 33.87
N ASN A 401 11.07 -24.18 34.15
CA ASN A 401 10.08 -23.38 33.43
C ASN A 401 10.21 -23.59 31.92
N ARG A 402 9.21 -24.23 31.33
CA ARG A 402 9.21 -24.55 29.90
C ARG A 402 7.84 -24.24 29.31
N TYR A 403 7.33 -23.04 29.58
CA TYR A 403 6.00 -22.64 29.14
C TYR A 403 5.69 -23.21 27.76
N PHE A 404 4.62 -23.99 27.68
CA PHE A 404 4.23 -24.59 26.41
C PHE A 404 2.74 -24.91 26.46
N THR A 405 2.16 -25.12 25.28
CA THR A 405 0.76 -25.46 25.14
C THR A 405 0.66 -26.75 24.33
N PHE A 406 -0.04 -27.74 24.86
CA PHE A 406 -0.19 -29.04 24.20
C PHE A 406 -1.58 -29.22 23.61
N SER A 407 -2.63 -29.11 24.42
CA SER A 407 -4.00 -29.23 23.94
C SER A 407 -4.25 -30.57 23.27
N GLY A 408 -4.12 -31.63 24.06
CA GLY A 408 -4.46 -32.98 23.64
C GLY A 408 -5.60 -33.50 24.48
N ILE A 409 -6.51 -34.23 23.85
CA ILE A 409 -7.74 -34.69 24.49
C ILE A 409 -7.53 -36.15 24.87
N CYS A 410 -7.01 -36.38 26.06
CA CYS A 410 -6.87 -37.72 26.61
C CYS A 410 -6.42 -37.60 28.06
N GLN A 411 -6.14 -38.74 28.68
CA GLN A 411 -5.58 -38.77 30.03
C GLN A 411 -4.06 -38.83 29.92
N TYR A 412 -3.38 -37.84 30.47
CA TYR A 412 -1.94 -37.72 30.35
C TYR A 412 -1.29 -37.72 31.73
N LEU A 413 -0.11 -38.32 31.81
CA LEU A 413 0.64 -38.38 33.05
C LEU A 413 1.34 -37.05 33.27
N LEU A 414 0.84 -36.28 34.25
CA LEU A 414 1.42 -34.97 34.52
C LEU A 414 2.78 -35.10 35.19
N ALA A 415 2.82 -35.72 36.36
CA ALA A 415 4.06 -35.91 37.08
C ALA A 415 4.04 -37.27 37.76
N ARG A 416 5.22 -37.87 37.87
CA ARG A 416 5.36 -39.15 38.54
C ARG A 416 6.80 -39.28 39.02
N ASP A 417 7.00 -40.07 40.07
CA ASP A 417 8.32 -40.18 40.67
C ASP A 417 9.27 -40.97 39.77
N CYS A 418 8.79 -42.05 39.17
CA CYS A 418 9.64 -42.95 38.38
C CYS A 418 10.74 -43.60 39.22
N GLN A 419 11.66 -42.80 39.77
CA GLN A 419 12.75 -43.40 40.53
C GLN A 419 12.22 -44.25 41.66
N ASP A 420 11.35 -43.68 42.49
CA ASP A 420 10.70 -44.41 43.59
C ASP A 420 9.23 -44.00 43.57
N HIS A 421 8.41 -44.82 42.92
CA HIS A 421 7.01 -44.46 42.70
C HIS A 421 6.35 -44.07 44.02
N SER A 422 5.97 -42.80 44.14
CA SER A 422 5.29 -42.32 45.33
C SER A 422 4.13 -41.39 45.02
N PHE A 423 3.89 -41.06 43.76
CA PHE A 423 2.71 -40.29 43.36
C PHE A 423 2.65 -40.27 41.84
N SER A 424 1.45 -40.32 41.29
CA SER A 424 1.25 -40.48 39.85
C SER A 424 0.18 -39.52 39.35
N ILE A 425 0.30 -38.24 39.69
CA ILE A 425 -0.67 -37.25 39.25
C ILE A 425 -0.97 -37.45 37.78
N VAL A 426 -2.26 -37.53 37.45
CA VAL A 426 -2.72 -37.73 36.08
C VAL A 426 -3.90 -36.80 35.84
N ILE A 427 -3.91 -36.17 34.66
CA ILE A 427 -4.96 -35.23 34.30
C ILE A 427 -5.78 -35.82 33.17
N GLU A 428 -7.05 -35.44 33.11
CA GLU A 428 -7.97 -35.87 32.07
C GLU A 428 -8.47 -34.63 31.35
N THR A 429 -8.01 -34.41 30.12
CA THR A 429 -8.33 -33.22 29.36
C THR A 429 -9.48 -33.50 28.40
N VAL A 430 -10.41 -32.55 28.34
CA VAL A 430 -11.58 -32.66 27.49
C VAL A 430 -11.83 -31.31 26.83
N GLN A 431 -12.19 -31.34 25.55
CA GLN A 431 -12.39 -30.10 24.82
C GLN A 431 -13.54 -29.30 25.42
N CYS A 432 -13.39 -27.98 25.41
CA CYS A 432 -14.42 -27.06 25.85
C CYS A 432 -14.70 -26.05 24.73
N ALA A 433 -15.75 -25.25 24.93
CA ALA A 433 -16.05 -24.13 24.06
C ALA A 433 -16.26 -24.52 22.61
N ASP A 434 -16.65 -25.78 22.36
CA ASP A 434 -17.01 -26.24 21.01
C ASP A 434 -16.04 -25.71 19.96
N ASP A 435 -14.77 -25.60 20.31
CA ASP A 435 -13.74 -25.13 19.39
C ASP A 435 -12.54 -26.04 19.51
N ARG A 436 -11.88 -26.28 18.38
CA ARG A 436 -10.78 -27.25 18.37
C ARG A 436 -9.66 -26.82 19.30
N ASP A 437 -9.30 -25.54 19.29
CA ASP A 437 -8.19 -25.05 20.10
C ASP A 437 -8.65 -24.66 21.50
N ALA A 438 -9.38 -25.57 22.16
CA ALA A 438 -9.85 -25.33 23.53
C ALA A 438 -9.95 -26.69 24.21
N VAL A 439 -8.91 -27.05 24.96
CA VAL A 439 -8.82 -28.34 25.62
C VAL A 439 -8.50 -28.08 27.08
N CYS A 440 -9.53 -27.93 27.91
CA CYS A 440 -9.33 -27.71 29.33
C CYS A 440 -8.79 -28.98 29.97
N THR A 441 -8.60 -28.92 31.28
CA THR A 441 -8.36 -30.10 32.10
C THR A 441 -9.57 -30.29 33.00
N ARG A 442 -10.16 -31.48 32.96
CA ARG A 442 -11.43 -31.71 33.65
C ARG A 442 -11.26 -32.24 35.06
N SER A 443 -10.23 -33.04 35.32
CA SER A 443 -10.09 -33.68 36.62
C SER A 443 -8.65 -34.12 36.80
N VAL A 444 -8.33 -34.50 38.04
CA VAL A 444 -7.02 -35.04 38.40
C VAL A 444 -7.24 -36.30 39.22
N THR A 445 -6.29 -37.22 39.11
CA THR A 445 -6.44 -38.56 39.67
C THR A 445 -5.16 -38.98 40.40
N VAL A 446 -4.72 -38.15 41.35
CA VAL A 446 -3.53 -38.44 42.14
C VAL A 446 -3.60 -39.88 42.66
N ARG A 447 -2.47 -40.56 42.73
CA ARG A 447 -2.41 -41.99 43.03
C ARG A 447 -1.35 -42.28 44.07
N LEU A 448 -1.39 -41.55 45.17
CA LEU A 448 -0.47 -41.77 46.28
C LEU A 448 -0.41 -43.25 46.64
N PRO A 449 0.69 -43.96 46.36
CA PRO A 449 0.77 -45.37 46.73
C PRO A 449 1.17 -45.60 48.18
N GLY A 450 1.64 -44.57 48.90
CA GLY A 450 2.01 -44.77 50.29
C GLY A 450 0.82 -45.19 51.13
N LEU A 451 -0.30 -44.50 50.96
CA LEU A 451 -1.54 -44.83 51.68
C LEU A 451 -2.19 -46.01 50.97
N HIS A 452 -1.84 -47.21 51.40
CA HIS A 452 -2.24 -48.44 50.72
C HIS A 452 -2.18 -48.22 49.22
N ASN A 453 -3.34 -48.11 48.56
CA ASN A 453 -3.39 -47.65 47.17
C ASN A 453 -4.61 -46.73 47.07
N SER A 454 -4.38 -45.45 47.32
CA SER A 454 -5.43 -44.46 47.24
C SER A 454 -5.51 -43.90 45.83
N LEU A 455 -6.70 -43.43 45.47
CA LEU A 455 -6.98 -42.90 44.13
C LEU A 455 -7.71 -41.59 44.23
N VAL A 456 -7.19 -40.68 45.07
CA VAL A 456 -7.77 -39.36 45.23
C VAL A 456 -8.04 -38.77 43.84
N LYS A 457 -9.28 -38.38 43.59
CA LYS A 457 -9.69 -37.88 42.28
C LYS A 457 -10.28 -36.49 42.48
N LEU A 458 -9.47 -35.46 42.26
CA LEU A 458 -9.92 -34.08 42.36
C LEU A 458 -10.84 -33.78 41.19
N LYS A 459 -12.15 -33.84 41.44
CA LYS A 459 -13.13 -33.75 40.39
C LYS A 459 -13.35 -32.31 39.96
N HIS A 460 -13.98 -32.17 38.80
CA HIS A 460 -14.44 -30.86 38.36
C HIS A 460 -15.38 -30.28 39.40
N GLY A 461 -15.20 -29.00 39.70
CA GLY A 461 -16.00 -28.35 40.71
C GLY A 461 -15.44 -28.43 42.12
N ALA A 462 -14.21 -28.89 42.28
CA ALA A 462 -13.49 -28.91 43.55
C ALA A 462 -13.94 -30.03 44.48
N GLY A 463 -14.60 -31.06 43.97
CA GLY A 463 -14.93 -32.22 44.78
C GLY A 463 -13.77 -33.19 44.84
N VAL A 464 -13.74 -33.99 45.91
CA VAL A 464 -12.72 -35.01 46.10
C VAL A 464 -13.40 -36.36 46.29
N ALA A 465 -12.80 -37.40 45.73
CA ALA A 465 -13.41 -38.71 45.63
C ALA A 465 -12.44 -39.81 46.05
N MET A 466 -11.81 -39.65 47.20
CA MET A 466 -10.87 -40.64 47.70
C MET A 466 -11.43 -42.04 47.54
N ASP A 467 -10.79 -42.83 46.69
CA ASP A 467 -11.15 -44.22 46.44
C ASP A 467 -12.67 -44.37 46.25
N GLY A 468 -13.17 -43.72 45.21
CA GLY A 468 -14.58 -43.83 44.90
C GLY A 468 -15.43 -42.78 45.57
N GLN A 469 -16.01 -43.15 46.72
CA GLN A 469 -16.96 -42.27 47.39
C GLN A 469 -16.35 -40.90 47.67
N ASP A 470 -17.18 -39.86 47.53
CA ASP A 470 -16.74 -38.53 47.89
C ASP A 470 -16.40 -38.47 49.37
N VAL A 471 -15.62 -37.45 49.74
CA VAL A 471 -15.17 -37.28 51.11
C VAL A 471 -15.42 -35.83 51.52
N GLN A 472 -15.89 -35.67 52.75
CA GLN A 472 -16.21 -34.34 53.28
C GLN A 472 -14.94 -33.66 53.75
N LEU A 473 -14.59 -32.55 53.11
CA LEU A 473 -13.39 -31.83 53.49
C LEU A 473 -13.63 -31.04 54.78
N PRO A 474 -12.59 -30.83 55.58
CA PRO A 474 -11.20 -31.26 55.41
C PRO A 474 -11.02 -32.73 55.69
N LEU A 475 -9.94 -33.33 55.20
CA LEU A 475 -9.66 -34.74 55.40
C LEU A 475 -8.25 -34.88 55.95
N LEU A 476 -8.07 -35.85 56.84
CA LEU A 476 -6.78 -36.15 57.45
C LEU A 476 -6.50 -37.63 57.35
N LYS A 477 -5.22 -37.96 57.23
CA LYS A 477 -4.77 -39.35 57.17
C LYS A 477 -3.31 -39.37 57.57
N GLY A 478 -2.62 -40.48 57.29
CA GLY A 478 -1.22 -40.61 57.63
C GLY A 478 -0.45 -39.33 57.38
N ASP A 479 -0.43 -38.89 56.12
CA ASP A 479 0.13 -37.59 55.77
C ASP A 479 -0.75 -36.78 54.82
N LEU A 480 -1.67 -37.42 54.11
CA LEU A 480 -2.59 -36.69 53.25
C LEU A 480 -3.40 -35.70 54.08
N ARG A 481 -3.51 -34.47 53.58
CA ARG A 481 -4.23 -33.41 54.28
C ARG A 481 -5.04 -32.57 53.31
N ILE A 482 -5.75 -33.21 52.38
CA ILE A 482 -6.56 -32.45 51.44
C ILE A 482 -7.55 -31.60 52.21
N GLN A 483 -7.67 -30.33 51.82
CA GLN A 483 -8.58 -29.43 52.51
C GLN A 483 -8.86 -28.24 51.62
N HIS A 484 -9.93 -27.52 51.94
CA HIS A 484 -10.26 -26.31 51.21
C HIS A 484 -9.25 -25.22 51.49
N THR A 485 -9.28 -24.18 50.66
CA THR A 485 -8.46 -22.99 50.82
C THR A 485 -9.37 -21.79 50.97
N VAL A 486 -8.77 -20.62 51.18
CA VAL A 486 -9.56 -19.40 51.35
C VAL A 486 -10.47 -19.21 50.16
N THR A 487 -9.91 -19.32 48.96
CA THR A 487 -10.72 -19.45 47.76
C THR A 487 -11.23 -20.88 47.65
N ALA A 488 -12.27 -21.06 46.83
CA ALA A 488 -12.86 -22.38 46.65
C ALA A 488 -11.90 -23.20 45.79
N SER A 489 -10.87 -23.75 46.43
CA SER A 489 -9.83 -24.46 45.72
C SER A 489 -9.24 -25.50 46.66
N VAL A 490 -9.51 -26.78 46.38
CA VAL A 490 -8.92 -27.88 47.15
C VAL A 490 -7.41 -27.74 47.14
N ARG A 491 -6.77 -28.15 48.22
CA ARG A 491 -5.30 -28.11 48.32
C ARG A 491 -4.83 -29.44 48.91
N LEU A 492 -4.57 -30.41 48.04
CA LEU A 492 -3.99 -31.66 48.48
C LEU A 492 -2.57 -31.42 49.00
N SER A 493 -2.18 -32.20 50.00
CA SER A 493 -0.88 -31.99 50.63
C SER A 493 -0.42 -33.33 51.22
N TYR A 494 0.54 -33.96 50.56
CA TYR A 494 1.18 -35.15 51.10
C TYR A 494 2.24 -34.74 52.12
N GLY A 495 3.16 -35.62 52.44
CA GLY A 495 4.08 -35.38 53.53
C GLY A 495 5.07 -34.27 53.25
N GLU A 496 4.56 -33.05 53.21
CA GLU A 496 5.36 -31.82 53.06
C GLU A 496 6.25 -31.84 51.83
N ASP A 497 5.92 -32.67 50.84
CA ASP A 497 6.60 -32.65 49.55
C ASP A 497 5.64 -32.35 48.40
N LEU A 498 4.51 -33.05 48.34
CA LEU A 498 3.48 -32.71 47.37
C LEU A 498 2.59 -31.60 47.91
N GLN A 499 2.15 -30.73 47.00
CA GLN A 499 1.19 -29.70 47.38
C GLN A 499 0.47 -29.26 46.10
N MET A 500 -0.75 -29.75 45.91
CA MET A 500 -1.56 -29.40 44.75
C MET A 500 -2.58 -28.34 45.13
N ASP A 501 -3.10 -27.65 44.11
CA ASP A 501 -4.03 -26.55 44.31
C ASP A 501 -5.16 -26.62 43.28
N TRP A 502 -5.74 -27.79 43.11
CA TRP A 502 -6.90 -27.92 42.23
C TRP A 502 -7.93 -26.86 42.55
N ASP A 503 -8.65 -26.39 41.51
CA ASP A 503 -9.64 -25.35 41.71
C ASP A 503 -10.92 -25.54 40.90
N GLY A 504 -11.15 -26.73 40.34
CA GLY A 504 -12.38 -26.94 39.58
C GLY A 504 -12.20 -26.72 38.10
N ARG A 505 -12.50 -25.52 37.63
CA ARG A 505 -12.38 -25.18 36.20
C ARG A 505 -11.09 -25.75 35.63
N GLY A 506 -10.03 -25.67 36.41
CA GLY A 506 -8.78 -26.34 36.13
C GLY A 506 -7.61 -25.39 36.34
N ARG A 507 -6.80 -25.70 37.34
CA ARG A 507 -5.70 -24.82 37.70
C ARG A 507 -4.51 -25.58 38.28
N LEU A 508 -4.45 -26.90 38.15
CA LEU A 508 -3.53 -27.71 38.93
C LEU A 508 -2.17 -27.06 39.05
N LEU A 509 -1.61 -27.08 40.26
CA LEU A 509 -0.40 -26.36 40.59
C LEU A 509 0.54 -27.27 41.38
N VAL A 510 0.79 -28.47 40.87
CA VAL A 510 1.66 -29.44 41.54
C VAL A 510 2.93 -28.73 41.99
N LYS A 511 3.23 -28.82 43.28
CA LYS A 511 4.40 -28.17 43.87
C LYS A 511 5.20 -29.23 44.61
N LEU A 512 6.48 -29.35 44.27
CA LEU A 512 7.35 -30.37 44.85
C LEU A 512 8.53 -29.71 45.54
N SER A 513 9.02 -30.36 46.58
CA SER A 513 10.19 -29.90 47.29
C SER A 513 11.46 -30.39 46.58
N PRO A 514 12.61 -29.79 46.88
CA PRO A 514 13.86 -30.22 46.22
C PRO A 514 14.17 -31.70 46.41
N VAL A 515 13.47 -32.39 47.30
CA VAL A 515 13.76 -33.81 47.53
C VAL A 515 13.63 -34.59 46.24
N TYR A 516 12.61 -34.28 45.45
CA TYR A 516 12.40 -35.01 44.19
C TYR A 516 13.37 -34.62 43.11
N ALA A 517 14.11 -33.51 43.30
CA ALA A 517 15.23 -33.15 42.44
C ALA A 517 15.02 -33.57 41.00
N GLY A 518 15.95 -34.34 40.43
CA GLY A 518 15.87 -34.70 39.03
C GLY A 518 15.30 -36.07 38.79
N LYS A 519 14.28 -36.45 39.57
CA LYS A 519 13.58 -37.73 39.38
C LYS A 519 12.09 -37.41 39.33
N THR A 520 11.60 -37.07 38.14
CA THR A 520 10.18 -36.79 37.96
C THR A 520 9.85 -36.85 36.47
N CYS A 521 9.22 -37.94 36.07
CA CYS A 521 8.72 -38.08 34.71
C CYS A 521 7.39 -37.34 34.56
N GLY A 522 6.89 -37.32 33.33
CA GLY A 522 5.58 -36.77 33.05
C GLY A 522 5.67 -35.48 32.24
N LEU A 523 4.49 -34.92 32.00
CA LEU A 523 4.40 -33.71 31.19
C LEU A 523 5.19 -32.56 31.78
N CYS A 524 5.47 -32.60 33.07
CA CYS A 524 6.29 -31.57 33.71
C CYS A 524 7.78 -31.82 33.57
N GLY A 525 8.17 -32.95 32.99
CA GLY A 525 9.57 -33.22 32.72
C GLY A 525 10.40 -33.38 33.97
N ASN A 526 11.63 -33.88 33.81
CA ASN A 526 12.51 -34.06 34.95
C ASN A 526 12.72 -32.72 35.65
N TYR A 527 12.59 -32.74 36.97
CA TYR A 527 12.69 -31.53 37.79
C TYR A 527 14.16 -31.24 38.14
N ASN A 528 15.00 -31.20 37.11
CA ASN A 528 16.44 -31.09 37.27
C ASN A 528 16.96 -29.67 37.06
N GLY A 529 16.07 -28.68 36.98
CA GLY A 529 16.49 -27.30 36.87
C GLY A 529 16.91 -26.87 35.49
N ASN A 530 17.01 -27.78 34.53
CA ASN A 530 17.33 -27.44 33.15
C ASN A 530 16.05 -27.51 32.33
N GLN A 531 15.72 -26.41 31.65
CA GLN A 531 14.52 -26.35 30.85
C GLN A 531 14.69 -26.96 29.47
N GLY A 532 15.93 -27.21 29.03
CA GLY A 532 16.13 -27.73 27.70
C GLY A 532 15.59 -29.14 27.52
N ASP A 533 15.84 -30.01 28.48
CA ASP A 533 15.48 -31.41 28.37
C ASP A 533 14.05 -31.71 28.80
N ASP A 534 13.29 -30.69 29.22
CA ASP A 534 11.96 -30.92 29.74
C ASP A 534 10.96 -31.40 28.70
N PHE A 535 11.39 -31.64 27.47
CA PHE A 535 10.55 -32.26 26.45
C PHE A 535 10.84 -33.75 26.29
N LEU A 536 11.49 -34.36 27.27
CA LEU A 536 11.80 -35.78 27.20
C LEU A 536 10.54 -36.60 27.09
N THR A 537 10.70 -37.84 26.64
CA THR A 537 9.63 -38.80 26.46
C THR A 537 10.04 -40.12 27.10
N PRO A 538 9.09 -41.03 27.31
CA PRO A 538 9.45 -42.30 27.94
C PRO A 538 10.55 -43.03 27.19
N SER A 539 10.61 -42.90 25.87
CA SER A 539 11.64 -43.58 25.10
C SER A 539 13.04 -43.07 25.44
N GLY A 540 13.14 -41.93 26.11
CA GLY A 540 14.43 -41.41 26.50
C GLY A 540 15.03 -40.39 25.54
N LEU A 541 14.26 -39.89 24.59
CA LEU A 541 14.74 -38.89 23.65
C LEU A 541 13.82 -37.67 23.69
N ALA A 542 14.42 -36.49 23.67
CA ALA A 542 13.65 -35.27 23.64
C ALA A 542 13.02 -35.08 22.26
N GLU A 543 11.73 -34.77 22.25
CA GLU A 543 11.02 -34.55 21.00
C GLU A 543 11.10 -33.09 20.60
N PRO A 544 11.62 -32.75 19.41
CA PRO A 544 11.68 -31.33 19.04
C PRO A 544 10.32 -30.67 18.97
N ARG A 545 9.27 -31.43 18.63
CA ARG A 545 7.92 -30.89 18.52
C ARG A 545 7.16 -31.11 19.81
N VAL A 546 6.34 -30.12 20.17
CA VAL A 546 5.51 -30.25 21.37
C VAL A 546 4.51 -31.39 21.19
N GLU A 547 3.99 -31.56 19.98
CA GLU A 547 2.94 -32.55 19.75
C GLU A 547 3.44 -33.95 20.07
N ASP A 548 4.62 -34.31 19.57
CA ASP A 548 5.15 -35.64 19.82
C ASP A 548 5.40 -35.86 21.31
N PHE A 549 5.99 -34.87 21.97
CA PHE A 549 6.25 -35.00 23.40
C PHE A 549 4.96 -35.23 24.17
N GLY A 550 3.94 -34.45 23.87
CA GLY A 550 2.67 -34.61 24.56
C GLY A 550 2.04 -35.95 24.29
N ASN A 551 1.99 -36.36 23.02
CA ASN A 551 1.39 -37.64 22.67
C ASN A 551 2.13 -38.79 23.33
N ALA A 552 3.43 -38.63 23.60
CA ALA A 552 4.19 -39.71 24.21
C ALA A 552 3.63 -40.07 25.58
N TRP A 553 2.99 -39.12 26.26
CA TRP A 553 2.50 -39.31 27.62
C TRP A 553 1.02 -39.62 27.68
N LYS A 554 0.49 -40.28 26.65
CA LYS A 554 -0.88 -40.75 26.68
C LYS A 554 -1.01 -41.95 27.64
N LEU A 555 -2.24 -42.19 28.08
CA LEU A 555 -2.55 -43.39 28.84
C LEU A 555 -3.50 -44.30 28.07
N HIS A 556 -4.67 -43.79 27.67
CA HIS A 556 -5.53 -44.54 26.79
C HIS A 556 -4.86 -44.70 25.43
N GLY A 557 -4.84 -45.94 24.92
CA GLY A 557 -4.25 -46.18 23.62
C GLY A 557 -5.13 -45.77 22.46
N ASP A 558 -6.43 -45.60 22.69
CA ASP A 558 -7.37 -45.27 21.64
C ASP A 558 -7.45 -43.77 21.34
N CYS A 559 -6.90 -42.93 22.21
CA CYS A 559 -7.00 -41.50 22.00
C CYS A 559 -6.26 -41.08 20.74
N GLN A 560 -6.77 -40.05 20.08
CA GLN A 560 -6.15 -39.57 18.85
C GLN A 560 -4.88 -38.79 19.18
N ASP A 561 -3.78 -39.15 18.53
CA ASP A 561 -2.55 -38.39 18.68
C ASP A 561 -2.72 -37.00 18.07
N LEU A 562 -2.24 -35.99 18.80
CA LEU A 562 -2.43 -34.62 18.36
C LEU A 562 -1.57 -34.32 17.13
N GLN A 563 -2.19 -33.66 16.16
CA GLN A 563 -1.49 -33.15 14.99
C GLN A 563 -1.03 -31.72 15.28
N LYS A 564 -0.61 -30.99 14.26
CA LYS A 564 -0.11 -29.63 14.44
C LYS A 564 -0.89 -28.88 15.50
N GLN A 565 -0.16 -28.34 16.47
CA GLN A 565 -0.75 -27.61 17.59
C GLN A 565 -0.92 -26.15 17.17
N HIS A 566 -2.14 -25.78 16.81
CA HIS A 566 -2.39 -24.44 16.31
C HIS A 566 -2.02 -23.40 17.36
N SER A 567 -1.34 -22.35 16.92
CA SER A 567 -0.88 -21.30 17.82
C SER A 567 -1.82 -20.11 17.86
N ASP A 568 -2.75 -19.99 16.93
CA ASP A 568 -3.63 -18.84 16.82
C ASP A 568 -5.08 -19.29 16.71
N PRO A 569 -5.77 -19.47 17.83
CA PRO A 569 -7.21 -19.72 17.77
C PRO A 569 -7.99 -18.57 17.19
N CYS A 570 -7.45 -17.34 17.22
CA CYS A 570 -8.19 -16.20 16.70
C CYS A 570 -8.55 -16.37 15.23
N ALA A 571 -7.67 -17.00 14.45
CA ALA A 571 -7.95 -17.17 13.03
C ALA A 571 -9.29 -17.83 12.82
N LEU A 572 -9.66 -18.77 13.68
CA LEU A 572 -10.96 -19.42 13.55
C LEU A 572 -12.11 -18.52 13.98
N ASN A 573 -11.83 -17.56 14.87
CA ASN A 573 -12.84 -16.62 15.37
C ASN A 573 -12.32 -15.21 15.21
N PRO A 574 -12.32 -14.67 14.00
CA PRO A 574 -11.76 -13.34 13.79
C PRO A 574 -12.43 -12.26 14.63
N ARG A 575 -13.71 -12.43 14.97
CA ARG A 575 -14.42 -11.39 15.71
C ARG A 575 -13.79 -11.13 17.07
N MET A 576 -13.00 -12.07 17.58
CA MET A 576 -12.43 -11.96 18.93
C MET A 576 -11.03 -11.36 18.95
N THR A 577 -10.42 -11.13 17.78
CA THR A 577 -9.02 -10.70 17.76
C THR A 577 -8.86 -9.35 18.45
N ARG A 578 -9.72 -8.39 18.10
CA ARG A 578 -9.59 -7.05 18.67
C ARG A 578 -9.66 -7.09 20.19
N PHE A 579 -10.70 -7.72 20.72
CA PHE A 579 -10.87 -7.77 22.17
C PHE A 579 -9.74 -8.55 22.82
N SER A 580 -9.34 -9.67 22.23
CA SER A 580 -8.27 -10.47 22.80
C SER A 580 -7.01 -9.63 22.97
N GLU A 581 -6.57 -8.97 21.90
CA GLU A 581 -5.37 -8.17 21.97
C GLU A 581 -5.53 -7.03 22.98
N GLU A 582 -6.60 -6.24 22.84
CA GLU A 582 -6.74 -5.05 23.67
C GLU A 582 -6.97 -5.39 25.14
N ALA A 583 -7.41 -6.60 25.46
CA ALA A 583 -7.63 -6.97 26.84
C ALA A 583 -6.40 -7.62 27.45
N CYS A 584 -5.78 -8.57 26.74
CA CYS A 584 -4.56 -9.17 27.26
C CYS A 584 -3.38 -8.23 27.23
N ALA A 585 -3.49 -7.07 26.57
CA ALA A 585 -2.40 -6.11 26.61
C ALA A 585 -2.11 -5.61 28.01
N VAL A 586 -3.09 -5.72 28.93
CA VAL A 586 -2.88 -5.18 30.27
C VAL A 586 -1.71 -5.85 30.96
N LEU A 587 -1.40 -7.10 30.58
CA LEU A 587 -0.27 -7.80 31.18
C LEU A 587 1.05 -7.08 30.91
N THR A 588 1.10 -6.22 29.91
CA THR A 588 2.29 -5.45 29.55
C THR A 588 2.05 -3.97 29.77
N SER A 589 1.42 -3.62 30.89
CA SER A 589 1.07 -2.23 31.18
C SER A 589 1.65 -1.84 32.53
N PRO A 590 1.59 -0.56 32.90
CA PRO A 590 2.17 -0.15 34.19
C PRO A 590 1.59 -0.89 35.37
N THR A 591 0.33 -1.33 35.29
CA THR A 591 -0.27 -2.05 36.41
C THR A 591 0.54 -3.28 36.77
N PHE A 592 1.17 -3.92 35.79
CA PHE A 592 2.02 -5.08 36.02
C PHE A 592 3.50 -4.76 35.86
N GLU A 593 3.85 -3.48 35.78
CA GLU A 593 5.26 -3.13 35.60
C GLU A 593 6.11 -3.58 36.77
N ALA A 594 5.54 -3.55 37.99
CA ALA A 594 6.29 -4.01 39.14
C ALA A 594 6.72 -5.46 38.99
N CYS A 595 5.81 -6.31 38.52
CA CYS A 595 6.12 -7.72 38.33
C CYS A 595 6.91 -7.98 37.06
N HIS A 596 6.88 -7.06 36.09
CA HIS A 596 7.54 -7.31 34.82
C HIS A 596 8.98 -7.75 35.02
N ARG A 597 9.68 -7.16 35.98
CA ARG A 597 11.07 -7.49 36.22
C ARG A 597 11.24 -8.85 36.91
N ALA A 598 10.23 -9.29 37.65
CA ALA A 598 10.34 -10.54 38.41
C ALA A 598 9.98 -11.76 37.57
N VAL A 599 8.92 -11.66 36.76
CA VAL A 599 8.48 -12.75 35.90
C VAL A 599 8.16 -12.16 34.53
N SER A 600 8.82 -12.67 33.49
CA SER A 600 8.59 -12.15 32.15
C SER A 600 7.14 -12.41 31.76
N PRO A 601 6.39 -11.39 31.32
CA PRO A 601 4.98 -11.59 31.00
C PRO A 601 4.72 -12.18 29.63
N LEU A 602 5.76 -12.40 28.83
CA LEU A 602 5.54 -12.84 27.45
C LEU A 602 4.79 -14.16 27.39
N PRO A 603 5.22 -15.22 28.07
CA PRO A 603 4.42 -16.47 28.02
C PRO A 603 3.01 -16.28 28.53
N TYR A 604 2.84 -15.49 29.59
CA TYR A 604 1.51 -15.26 30.11
C TYR A 604 0.68 -14.42 29.17
N LEU A 605 1.30 -13.47 28.47
CA LEU A 605 0.58 -12.72 27.44
C LEU A 605 0.09 -13.64 26.33
N ARG A 606 0.97 -14.53 25.87
CA ARG A 606 0.57 -15.47 24.82
C ARG A 606 -0.56 -16.37 25.30
N ASN A 607 -0.46 -16.86 26.54
CA ASN A 607 -1.51 -17.72 27.08
C ASN A 607 -2.83 -16.97 27.19
N CYS A 608 -2.78 -15.71 27.63
CA CYS A 608 -4.01 -14.92 27.72
C CYS A 608 -4.63 -14.75 26.35
N ARG A 609 -3.82 -14.43 25.34
CA ARG A 609 -4.36 -14.28 24.00
C ARG A 609 -5.02 -15.57 23.54
N TYR A 610 -4.33 -16.69 23.71
CA TYR A 610 -4.85 -17.98 23.27
C TYR A 610 -6.17 -18.29 23.97
N ASP A 611 -6.22 -18.08 25.29
CA ASP A 611 -7.43 -18.40 26.04
C ASP A 611 -8.58 -17.51 25.60
N VAL A 612 -8.35 -16.20 25.52
CA VAL A 612 -9.44 -15.30 25.16
C VAL A 612 -9.97 -15.62 23.77
N CYS A 613 -9.07 -15.94 22.84
CA CYS A 613 -9.53 -16.27 21.49
C CYS A 613 -10.15 -17.65 21.42
N SER A 614 -9.90 -18.52 22.41
CA SER A 614 -10.35 -19.90 22.36
C SER A 614 -11.42 -20.25 23.37
N CYS A 615 -11.41 -19.61 24.54
CA CYS A 615 -12.34 -19.97 25.60
C CYS A 615 -13.78 -19.77 25.16
N SER A 616 -14.69 -20.44 25.86
CA SER A 616 -16.11 -20.29 25.57
C SER A 616 -16.60 -18.90 25.94
N ASP A 617 -16.23 -18.43 27.12
CA ASP A 617 -16.64 -17.11 27.62
C ASP A 617 -15.39 -16.25 27.81
N GLY A 618 -15.30 -15.16 27.06
CA GLY A 618 -14.11 -14.34 27.10
C GLY A 618 -13.83 -13.77 28.48
N ARG A 619 -14.87 -13.32 29.17
CA ARG A 619 -14.67 -12.64 30.45
C ARG A 619 -13.95 -13.54 31.44
N GLU A 620 -14.50 -14.74 31.67
CA GLU A 620 -13.96 -15.60 32.72
C GLU A 620 -12.56 -16.08 32.37
N CYS A 621 -12.33 -16.45 31.11
CA CYS A 621 -11.00 -16.94 30.73
C CYS A 621 -9.97 -15.82 30.77
N LEU A 622 -10.37 -14.60 30.39
CA LEU A 622 -9.46 -13.46 30.51
C LEU A 622 -9.10 -13.23 31.96
N CYS A 623 -10.09 -13.24 32.85
CA CYS A 623 -9.81 -13.06 34.27
C CYS A 623 -8.92 -14.17 34.77
N GLY A 624 -9.12 -15.40 34.28
CA GLY A 624 -8.27 -16.50 34.69
C GLY A 624 -6.82 -16.30 34.27
N ALA A 625 -6.61 -15.83 33.04
CA ALA A 625 -5.24 -15.60 32.57
C ALA A 625 -4.57 -14.50 33.37
N LEU A 626 -5.28 -13.39 33.59
CA LEU A 626 -4.71 -12.31 34.38
C LEU A 626 -4.40 -12.77 35.79
N ALA A 627 -5.31 -13.54 36.39
CA ALA A 627 -5.07 -14.05 37.73
C ALA A 627 -3.90 -15.02 37.74
N SER A 628 -3.71 -15.78 36.66
CA SER A 628 -2.56 -16.68 36.60
C SER A 628 -1.26 -15.89 36.63
N TYR A 629 -1.17 -14.84 35.82
CA TYR A 629 0.04 -14.02 35.86
C TYR A 629 0.21 -13.37 37.22
N ALA A 630 -0.87 -12.87 37.80
CA ALA A 630 -0.77 -12.22 39.11
C ALA A 630 -0.31 -13.20 40.17
N ALA A 631 -0.81 -14.44 40.12
CA ALA A 631 -0.40 -15.45 41.08
C ALA A 631 1.07 -15.80 40.90
N ALA A 632 1.54 -15.90 39.66
CA ALA A 632 2.96 -16.12 39.44
C ALA A 632 3.78 -15.00 40.05
N CYS A 633 3.36 -13.75 39.82
CA CYS A 633 4.06 -12.61 40.39
C CYS A 633 4.09 -12.71 41.91
N ALA A 634 2.93 -12.93 42.53
CA ALA A 634 2.84 -12.97 43.98
C ALA A 634 3.72 -14.07 44.55
N GLY A 635 3.66 -15.25 43.95
CA GLY A 635 4.54 -16.33 44.38
C GLY A 635 6.00 -15.97 44.25
N ARG A 636 6.33 -15.16 43.24
CA ARG A 636 7.71 -14.71 43.11
C ARG A 636 8.08 -13.72 44.21
N GLY A 637 7.12 -12.92 44.68
CA GLY A 637 7.37 -12.04 45.79
C GLY A 637 6.84 -10.63 45.62
N VAL A 638 6.14 -10.35 44.53
CA VAL A 638 5.63 -9.03 44.22
C VAL A 638 4.11 -9.11 44.09
N ARG A 639 3.41 -8.20 44.76
CA ARG A 639 1.96 -8.18 44.78
C ARG A 639 1.45 -7.00 43.96
N VAL A 640 0.53 -7.27 43.04
CA VAL A 640 -0.04 -6.27 42.16
C VAL A 640 -1.55 -6.34 42.28
N ALA A 641 -2.19 -5.18 42.39
CA ALA A 641 -3.64 -5.14 42.55
C ALA A 641 -4.34 -5.72 41.34
N TRP A 642 -4.25 -5.04 40.20
CA TRP A 642 -4.72 -5.53 38.91
C TRP A 642 -6.21 -5.84 38.90
N ARG A 643 -6.89 -5.65 40.02
CA ARG A 643 -8.30 -6.02 40.15
C ARG A 643 -9.08 -4.73 40.37
N GLU A 644 -9.88 -4.36 39.38
CA GLU A 644 -10.57 -3.08 39.35
C GLU A 644 -12.05 -3.32 39.08
N PRO A 645 -12.90 -2.34 39.39
CA PRO A 645 -14.32 -2.51 39.12
C PRO A 645 -14.55 -2.85 37.65
N GLY A 646 -15.50 -3.75 37.42
CA GLY A 646 -15.70 -4.30 36.09
C GLY A 646 -14.74 -5.39 35.68
N ARG A 647 -13.43 -5.17 35.87
CA ARG A 647 -12.43 -6.06 35.29
C ARG A 647 -12.51 -7.48 35.83
N CYS A 648 -12.11 -7.70 37.08
CA CYS A 648 -12.08 -9.05 37.64
C CYS A 648 -12.44 -9.03 39.13
N GLU A 649 -13.47 -8.28 39.50
CA GLU A 649 -13.83 -8.18 40.91
C GLU A 649 -14.10 -9.56 41.48
N LEU A 650 -13.55 -9.82 42.67
CA LEU A 650 -13.69 -11.14 43.27
C LEU A 650 -15.09 -11.36 43.84
N ASN A 651 -15.85 -10.30 44.10
CA ASN A 651 -17.24 -10.38 44.54
C ASN A 651 -17.42 -11.43 45.64
N CYS A 652 -16.79 -11.13 46.77
CA CYS A 652 -16.82 -12.06 47.89
C CYS A 652 -18.25 -12.24 48.39
N PRO A 653 -18.59 -13.42 48.94
CA PRO A 653 -19.93 -13.62 49.47
C PRO A 653 -20.25 -12.64 50.60
N LYS A 654 -21.53 -12.27 50.69
CA LYS A 654 -21.96 -11.37 51.75
C LYS A 654 -21.60 -11.97 53.11
N GLY A 655 -20.96 -11.15 53.95
CA GLY A 655 -20.37 -11.61 55.19
C GLY A 655 -18.87 -11.79 55.10
N GLN A 656 -18.34 -11.90 53.89
CA GLN A 656 -16.92 -11.96 53.63
C GLN A 656 -16.48 -10.64 53.01
N VAL A 657 -15.17 -10.39 53.08
CA VAL A 657 -14.57 -9.22 52.45
C VAL A 657 -13.33 -9.68 51.69
N TYR A 658 -12.90 -8.82 50.76
CA TYR A 658 -11.82 -9.21 49.86
C TYR A 658 -10.47 -9.12 50.56
N LEU A 659 -10.08 -7.91 50.98
CA LEU A 659 -8.84 -7.70 51.71
C LEU A 659 -7.68 -8.46 51.11
N GLN A 660 -7.29 -8.12 49.88
CA GLN A 660 -6.10 -8.68 49.27
C GLN A 660 -4.99 -8.78 50.31
N CYS A 661 -4.29 -9.91 50.31
CA CYS A 661 -3.20 -10.16 51.25
C CYS A 661 -3.71 -10.45 52.66
N GLY A 662 -4.81 -11.20 52.75
CA GLY A 662 -5.30 -11.63 54.04
C GLY A 662 -4.56 -12.85 54.56
N THR A 663 -4.88 -13.23 55.80
CA THR A 663 -4.20 -14.33 56.48
C THR A 663 -5.13 -15.53 56.60
N PRO A 664 -4.67 -16.76 56.29
CA PRO A 664 -5.58 -17.91 56.31
C PRO A 664 -5.53 -18.73 57.59
N CYS A 665 -4.55 -18.46 58.47
CA CYS A 665 -4.37 -19.32 59.64
C CYS A 665 -5.64 -19.35 60.48
N ASN A 666 -6.15 -18.18 60.85
CA ASN A 666 -7.45 -18.07 61.49
C ASN A 666 -8.55 -18.11 60.43
N LEU A 667 -9.75 -17.66 60.79
CA LEU A 667 -10.88 -17.65 59.85
C LEU A 667 -11.46 -19.06 59.66
N THR A 668 -11.59 -19.79 60.76
CA THR A 668 -12.30 -21.06 60.75
C THR A 668 -12.59 -21.48 62.18
N CYS A 669 -13.86 -21.68 62.53
CA CYS A 669 -14.19 -22.15 63.87
C CYS A 669 -13.39 -23.41 64.20
N ARG A 670 -13.18 -24.25 63.19
CA ARG A 670 -12.29 -25.39 63.37
C ARG A 670 -10.93 -24.96 63.88
N SER A 671 -10.46 -23.81 63.42
CA SER A 671 -9.17 -23.31 63.89
C SER A 671 -9.18 -23.10 65.40
N LEU A 672 -10.26 -22.50 65.92
CA LEU A 672 -10.38 -22.36 67.36
C LEU A 672 -10.46 -23.72 68.04
N SER A 673 -11.22 -24.64 67.46
CA SER A 673 -11.34 -25.96 68.06
C SER A 673 -10.00 -26.69 68.10
N TYR A 674 -9.08 -26.33 67.21
CA TYR A 674 -7.74 -26.92 67.18
C TYR A 674 -6.73 -25.78 67.14
N PRO A 675 -6.48 -25.13 68.29
CA PRO A 675 -5.67 -23.92 68.29
C PRO A 675 -4.18 -24.16 68.34
N ASP A 676 -3.73 -25.41 68.33
CA ASP A 676 -2.31 -25.74 68.44
C ASP A 676 -1.91 -26.72 67.34
N GLU A 677 -2.44 -26.54 66.14
CA GLU A 677 -2.14 -27.44 65.03
C GLU A 677 -0.94 -26.93 64.23
N GLU A 678 -1.07 -25.74 63.65
CA GLU A 678 0.00 -25.17 62.84
C GLU A 678 -0.38 -23.78 62.35
N CYS A 679 0.61 -22.92 62.14
CA CYS A 679 0.38 -21.65 61.44
C CYS A 679 1.69 -21.29 60.73
N ASN A 680 1.77 -21.62 59.45
CA ASN A 680 2.93 -21.28 58.62
C ASN A 680 2.48 -20.89 57.22
N GLU A 681 1.44 -20.06 57.14
CA GLU A 681 0.90 -19.61 55.87
C GLU A 681 1.21 -18.13 55.68
N ALA A 682 0.96 -17.66 54.45
CA ALA A 682 1.23 -16.28 54.07
C ALA A 682 -0.01 -15.63 53.48
N CYS A 683 0.16 -14.45 52.88
CA CYS A 683 -0.97 -13.79 52.23
C CYS A 683 -1.55 -14.67 51.14
N LEU A 684 -2.88 -14.67 51.02
CA LEU A 684 -3.57 -15.48 50.03
C LEU A 684 -4.47 -14.70 49.08
N GLU A 685 -4.87 -13.48 49.43
CA GLU A 685 -5.71 -12.66 48.58
C GLU A 685 -7.11 -13.24 48.38
N GLY A 686 -7.54 -14.14 49.27
CA GLY A 686 -8.86 -14.73 49.18
C GLY A 686 -9.92 -13.85 49.81
N CYS A 687 -11.09 -14.45 50.01
CA CYS A 687 -12.24 -13.77 50.61
C CYS A 687 -12.31 -14.16 52.08
N PHE A 688 -11.76 -13.31 52.93
CA PHE A 688 -11.76 -13.54 54.38
C PHE A 688 -12.96 -12.83 54.99
N CYS A 689 -12.97 -12.72 56.32
CA CYS A 689 -14.07 -12.13 57.06
C CYS A 689 -13.58 -11.00 57.94
N PRO A 690 -14.47 -10.10 58.36
CA PRO A 690 -14.03 -8.94 59.13
C PRO A 690 -13.34 -9.38 60.41
N PRO A 691 -12.43 -8.56 60.92
CA PRO A 691 -11.68 -8.96 62.12
C PRO A 691 -12.61 -9.28 63.28
N GLY A 692 -12.23 -10.27 64.08
CA GLY A 692 -13.02 -10.72 65.20
C GLY A 692 -14.04 -11.79 64.86
N LEU A 693 -14.33 -12.00 63.57
CA LEU A 693 -15.30 -13.00 63.15
C LEU A 693 -14.58 -14.30 62.84
N TYR A 694 -15.35 -15.29 62.38
CA TYR A 694 -14.79 -16.62 62.13
C TYR A 694 -15.67 -17.37 61.15
N MET A 695 -15.06 -17.99 60.15
CA MET A 695 -15.80 -18.90 59.28
C MET A 695 -16.45 -19.99 60.10
N ASP A 696 -17.72 -20.26 59.82
CA ASP A 696 -18.47 -21.33 60.48
C ASP A 696 -18.65 -22.49 59.52
N GLU A 697 -19.27 -23.56 60.02
CA GLU A 697 -19.52 -24.72 59.19
C GLU A 697 -20.42 -24.36 58.01
N ARG A 698 -21.47 -23.57 58.27
CA ARG A 698 -22.37 -23.18 57.19
C ARG A 698 -21.64 -22.33 56.15
N GLY A 699 -20.79 -21.42 56.60
CA GLY A 699 -20.07 -20.55 55.69
C GLY A 699 -20.07 -19.10 56.14
N ASP A 700 -21.06 -18.73 56.95
CA ASP A 700 -21.15 -17.36 57.43
C ASP A 700 -20.04 -17.09 58.45
N CYS A 701 -19.87 -15.81 58.79
CA CYS A 701 -18.84 -15.40 59.72
C CYS A 701 -19.34 -14.57 60.89
N VAL A 702 -20.63 -14.25 60.95
CA VAL A 702 -21.16 -13.53 62.09
C VAL A 702 -20.75 -14.20 63.40
N PRO A 703 -20.57 -15.53 63.45
CA PRO A 703 -20.01 -16.12 64.68
C PRO A 703 -18.70 -15.47 65.07
N LYS A 704 -18.61 -15.09 66.34
CA LYS A 704 -17.36 -14.59 66.92
C LYS A 704 -16.92 -15.46 68.09
N ALA A 705 -17.78 -15.64 69.09
CA ALA A 705 -17.56 -16.60 70.16
C ALA A 705 -18.66 -17.66 70.19
N GLN A 706 -19.51 -17.69 69.17
CA GLN A 706 -20.53 -18.72 69.00
C GLN A 706 -20.10 -19.57 67.81
N CYS A 707 -19.21 -20.51 68.06
CA CYS A 707 -18.67 -21.36 67.02
C CYS A 707 -18.90 -22.82 67.40
N PRO A 708 -19.07 -23.69 66.42
CA PRO A 708 -19.07 -25.12 66.73
C PRO A 708 -17.80 -25.50 67.47
N CYS A 709 -17.76 -26.72 68.01
CA CYS A 709 -16.66 -27.16 68.86
C CYS A 709 -16.13 -28.50 68.37
N TYR A 710 -15.78 -28.54 67.10
CA TYR A 710 -15.32 -29.77 66.46
C TYR A 710 -14.48 -30.58 67.43
N TYR A 711 -14.91 -31.81 67.68
CA TYR A 711 -14.27 -32.63 68.72
C TYR A 711 -14.54 -34.09 68.39
N ASP A 712 -13.48 -34.88 68.30
CA ASP A 712 -13.61 -36.31 67.99
C ASP A 712 -14.40 -36.52 66.71
N GLY A 713 -14.16 -35.67 65.73
CA GLY A 713 -14.89 -35.77 64.47
C GLY A 713 -16.38 -35.57 64.63
N GLU A 714 -16.78 -34.62 65.46
CA GLU A 714 -18.19 -34.34 65.69
C GLU A 714 -18.36 -32.85 65.93
N ILE A 715 -19.56 -32.35 65.66
CA ILE A 715 -19.88 -30.93 65.77
C ILE A 715 -20.76 -30.73 67.00
N PHE A 716 -20.37 -29.79 67.86
CA PHE A 716 -21.13 -29.47 69.05
C PHE A 716 -21.46 -27.98 69.04
N GLN A 717 -22.72 -27.66 69.27
CA GLN A 717 -23.14 -26.28 69.32
C GLN A 717 -22.59 -25.62 70.57
N PRO A 718 -22.60 -24.28 70.62
CA PRO A 718 -22.04 -23.60 71.78
C PRO A 718 -22.71 -24.04 73.07
N GLU A 719 -21.93 -24.06 74.14
CA GLU A 719 -22.35 -24.48 75.47
C GLU A 719 -23.21 -25.74 75.40
N ASP A 720 -22.61 -26.80 74.89
CA ASP A 720 -23.22 -28.12 74.84
C ASP A 720 -22.44 -29.03 75.77
N ILE A 721 -22.85 -29.06 77.05
CA ILE A 721 -22.18 -29.94 77.98
C ILE A 721 -22.35 -31.39 77.52
N PHE A 722 -21.43 -32.23 77.95
CA PHE A 722 -21.42 -33.63 77.54
C PHE A 722 -20.46 -34.42 78.42
N SER A 723 -20.93 -35.53 78.97
CA SER A 723 -20.15 -36.29 79.95
C SER A 723 -20.31 -37.78 79.68
N ASP A 724 -19.25 -38.41 79.20
CA ASP A 724 -19.24 -39.85 78.98
C ASP A 724 -18.73 -40.55 80.24
N HIS A 725 -18.41 -41.83 80.12
CA HIS A 725 -17.98 -42.61 81.28
C HIS A 725 -16.57 -42.25 81.75
N HIS A 726 -15.79 -41.53 80.95
CA HIS A 726 -14.42 -41.21 81.36
C HIS A 726 -14.01 -39.78 81.00
N THR A 727 -14.95 -38.86 80.93
CA THR A 727 -14.61 -37.45 80.74
C THR A 727 -15.90 -36.63 80.75
N MET A 728 -15.73 -35.32 80.72
CA MET A 728 -16.86 -34.40 80.59
C MET A 728 -16.35 -33.10 79.99
N CYS A 729 -16.96 -32.69 78.88
CA CYS A 729 -16.51 -31.54 78.13
C CYS A 729 -17.67 -30.56 77.99
N TYR A 730 -17.34 -29.27 77.90
CA TYR A 730 -18.33 -28.25 77.62
C TYR A 730 -17.79 -27.34 76.52
N CYS A 731 -18.62 -27.08 75.51
CA CYS A 731 -18.22 -26.30 74.34
C CYS A 731 -18.38 -24.82 74.66
N GLU A 732 -17.26 -24.15 74.92
CA GLU A 732 -17.25 -22.72 75.14
C GLU A 732 -16.46 -22.04 74.03
N ASP A 733 -16.95 -20.90 73.57
CA ASP A 733 -16.31 -20.17 72.48
C ASP A 733 -16.23 -21.07 71.25
N GLY A 734 -15.07 -21.68 71.02
CA GLY A 734 -14.92 -22.64 69.95
C GLY A 734 -14.19 -23.89 70.38
N PHE A 735 -13.61 -23.87 71.57
CA PHE A 735 -12.76 -24.94 72.05
C PHE A 735 -13.56 -25.84 72.99
N MET A 736 -13.42 -27.15 72.81
CA MET A 736 -14.16 -28.13 73.59
C MET A 736 -13.37 -28.44 74.85
N HIS A 737 -13.47 -27.54 75.82
CA HIS A 737 -12.79 -27.76 77.10
C HIS A 737 -13.25 -29.07 77.70
N CYS A 738 -12.30 -29.88 78.15
CA CYS A 738 -12.63 -31.18 78.71
C CYS A 738 -11.63 -31.57 79.77
N THR A 739 -12.04 -32.49 80.64
CA THR A 739 -11.24 -32.95 81.76
C THR A 739 -11.34 -34.46 81.87
N MET A 740 -10.56 -35.04 82.77
CA MET A 740 -10.57 -36.47 83.00
C MET A 740 -10.38 -37.24 81.70
N CYS A 767 -12.54 -66.52 23.62
CA CYS A 767 -13.34 -66.10 22.49
C CYS A 767 -12.49 -65.92 21.24
N ARG A 768 -11.28 -65.37 21.43
CA ARG A 768 -10.34 -65.13 20.34
C ARG A 768 -9.04 -65.87 20.64
N PRO A 769 -8.85 -67.08 20.11
CA PRO A 769 -7.59 -67.79 20.31
C PRO A 769 -6.49 -67.19 19.45
N PRO A 770 -5.23 -67.59 19.67
CA PRO A 770 -4.74 -68.55 20.66
C PRO A 770 -4.40 -67.90 21.99
N MET A 771 -4.60 -66.58 22.10
CA MET A 771 -4.29 -65.86 23.32
C MET A 771 -5.42 -66.01 24.32
N VAL A 772 -5.07 -66.27 25.58
CA VAL A 772 -6.10 -66.53 26.58
C VAL A 772 -6.95 -65.28 26.81
N LYS A 773 -8.17 -65.50 27.27
CA LYS A 773 -9.12 -64.43 27.55
C LYS A 773 -9.42 -64.40 29.04
N LEU A 774 -9.37 -63.20 29.62
CA LEU A 774 -9.73 -63.00 31.02
C LEU A 774 -10.41 -61.64 31.14
N VAL A 775 -11.39 -61.57 32.04
CA VAL A 775 -12.16 -60.33 32.19
C VAL A 775 -11.77 -59.65 33.49
N CYS A 776 -12.03 -60.29 34.63
CA CYS A 776 -11.63 -59.79 35.93
C CYS A 776 -12.10 -60.76 37.02
N PRO A 777 -11.51 -60.70 38.22
CA PRO A 777 -12.08 -61.47 39.33
C PRO A 777 -13.34 -60.85 39.91
N ALA A 778 -13.61 -59.58 39.61
CA ALA A 778 -14.82 -58.89 40.08
C ALA A 778 -14.90 -58.88 41.61
N ASP A 779 -13.74 -58.91 42.27
CA ASP A 779 -13.73 -58.86 43.74
C ASP A 779 -14.09 -57.47 44.24
N ASN A 780 -13.28 -56.46 43.89
CA ASN A 780 -13.57 -55.08 44.23
C ASN A 780 -13.20 -54.14 43.08
N LEU A 781 -13.26 -54.63 41.85
CA LEU A 781 -12.97 -53.83 40.66
C LEU A 781 -11.55 -53.26 40.73
N ARG A 782 -10.58 -54.17 40.73
CA ARG A 782 -9.16 -53.82 40.76
C ARG A 782 -8.41 -54.29 39.53
N ALA A 783 -8.74 -55.46 39.00
CA ALA A 783 -7.99 -56.01 37.87
C ALA A 783 -8.10 -55.11 36.66
N GLU A 784 -7.06 -55.14 35.83
CA GLU A 784 -7.00 -54.29 34.64
C GLU A 784 -7.79 -54.94 33.52
N GLY A 785 -8.96 -54.38 33.21
CA GLY A 785 -9.75 -54.81 32.08
C GLY A 785 -9.31 -54.11 30.81
N LEU A 786 -10.24 -53.98 29.86
CA LEU A 786 -9.92 -53.32 28.61
C LEU A 786 -9.76 -51.81 28.77
N GLU A 787 -10.09 -51.26 29.93
CA GLU A 787 -9.91 -49.82 30.14
C GLU A 787 -8.47 -49.41 29.87
N CYS A 788 -7.50 -50.29 30.16
CA CYS A 788 -6.11 -50.05 29.82
C CYS A 788 -5.47 -51.38 29.43
N THR A 789 -5.06 -51.48 28.18
CA THR A 789 -4.28 -52.61 27.68
C THR A 789 -2.85 -52.13 27.47
N LYS A 790 -1.91 -52.75 28.16
CA LYS A 790 -0.53 -52.27 28.15
C LYS A 790 0.08 -52.35 26.76
N THR A 791 0.24 -51.19 26.12
CA THR A 791 0.94 -51.09 24.85
C THR A 791 2.36 -50.60 25.10
N CYS A 792 3.29 -51.06 24.26
CA CYS A 792 4.69 -50.69 24.47
C CYS A 792 4.87 -49.17 24.47
N GLN A 793 4.02 -48.45 23.74
CA GLN A 793 4.05 -47.00 23.79
C GLN A 793 3.65 -46.46 25.16
N ASN A 794 2.92 -47.25 25.96
CA ASN A 794 2.47 -46.79 27.27
C ASN A 794 2.64 -47.87 28.34
N TYR A 795 3.44 -48.91 28.08
CA TYR A 795 3.60 -49.96 29.07
C TYR A 795 4.20 -49.41 30.36
N ASP A 796 5.23 -48.57 30.25
CA ASP A 796 5.86 -48.03 31.45
C ASP A 796 4.93 -47.11 32.22
N LEU A 797 4.01 -46.43 31.54
CA LEU A 797 3.14 -45.48 32.19
C LEU A 797 2.15 -46.21 33.11
N GLU A 798 1.69 -45.49 34.13
CA GLU A 798 0.70 -46.01 35.07
C GLU A 798 -0.69 -45.81 34.49
N CYS A 799 -1.32 -46.89 34.04
CA CYS A 799 -2.62 -46.77 33.41
C CYS A 799 -3.68 -46.44 34.45
N MET A 800 -4.71 -45.73 34.01
CA MET A 800 -5.82 -45.38 34.88
C MET A 800 -6.60 -46.63 35.27
N SER A 801 -7.26 -46.56 36.42
CA SER A 801 -8.05 -47.66 36.96
C SER A 801 -9.49 -47.18 37.13
N MET A 802 -10.34 -47.48 36.15
CA MET A 802 -11.75 -47.14 36.18
C MET A 802 -12.63 -48.34 36.50
N GLY A 803 -12.06 -49.38 37.12
CA GLY A 803 -12.78 -50.59 37.40
C GLY A 803 -12.78 -51.55 36.22
N CYS A 804 -13.03 -52.82 36.51
CA CYS A 804 -13.04 -53.83 35.48
C CYS A 804 -14.07 -53.49 34.41
N VAL A 805 -13.66 -53.58 33.15
CA VAL A 805 -14.59 -53.50 32.03
C VAL A 805 -14.91 -54.88 31.47
N SER A 806 -14.19 -55.91 31.90
CA SER A 806 -14.44 -57.29 31.47
C SER A 806 -14.31 -57.43 29.95
N GLY A 807 -13.09 -57.19 29.47
CA GLY A 807 -12.79 -57.33 28.06
C GLY A 807 -11.57 -58.20 27.81
N CYS A 808 -11.06 -58.16 26.58
CA CYS A 808 -9.90 -58.94 26.21
C CYS A 808 -8.63 -58.35 26.79
N LEU A 809 -7.62 -59.20 26.93
CA LEU A 809 -6.30 -58.75 27.39
C LEU A 809 -5.25 -59.70 26.84
N CYS A 810 -4.09 -59.14 26.49
CA CYS A 810 -3.00 -59.96 26.01
C CYS A 810 -2.39 -60.76 27.15
N PRO A 811 -1.69 -61.85 26.83
CA PRO A 811 -1.02 -62.64 27.86
C PRO A 811 -0.23 -61.73 28.80
N PRO A 812 -0.12 -62.09 30.08
CA PRO A 812 0.51 -61.18 31.04
C PRO A 812 1.94 -60.81 30.67
N GLY A 813 2.71 -61.73 30.12
CA GLY A 813 4.12 -61.50 29.87
C GLY A 813 4.45 -60.92 28.52
N MET A 814 3.55 -60.09 27.98
CA MET A 814 3.80 -59.49 26.68
C MET A 814 2.76 -58.41 26.43
N VAL A 815 3.20 -57.31 25.83
CA VAL A 815 2.37 -56.12 25.65
C VAL A 815 1.56 -56.21 24.36
N ARG A 816 0.57 -55.34 24.24
CA ARG A 816 -0.24 -55.23 23.03
C ARG A 816 0.43 -54.27 22.04
N HIS A 817 0.06 -54.42 20.77
CA HIS A 817 0.57 -53.53 19.73
C HIS A 817 -0.39 -53.56 18.55
N GLU A 818 -0.84 -52.38 18.13
CA GLU A 818 -1.82 -52.27 17.06
C GLU A 818 -3.02 -53.15 17.39
N ASN A 819 -3.05 -54.36 16.84
CA ASN A 819 -4.08 -55.35 17.18
C ASN A 819 -3.52 -56.70 17.56
N ARG A 820 -2.27 -57.01 17.21
CA ARG A 820 -1.64 -58.27 17.57
C ARG A 820 -0.78 -58.06 18.81
N CYS A 821 -0.95 -58.94 19.80
CA CYS A 821 -0.15 -58.88 21.01
C CYS A 821 1.25 -59.42 20.74
N VAL A 822 2.26 -58.67 21.16
CA VAL A 822 3.65 -59.01 20.88
C VAL A 822 4.45 -58.94 22.17
N ALA A 823 5.61 -59.60 22.15
CA ALA A 823 6.46 -59.64 23.33
C ALA A 823 7.01 -58.24 23.63
N LEU A 824 7.16 -57.95 24.93
CA LEU A 824 7.54 -56.60 25.34
C LEU A 824 8.91 -56.21 24.81
N GLU A 825 9.87 -57.12 24.87
CA GLU A 825 11.21 -56.80 24.40
C GLU A 825 11.26 -56.55 22.89
N ARG A 826 10.20 -56.90 22.17
CA ARG A 826 10.11 -56.67 20.73
C ARG A 826 8.95 -55.71 20.49
N CYS A 827 9.23 -54.41 20.58
CA CYS A 827 8.27 -53.38 20.23
C CYS A 827 9.03 -52.10 19.92
N PRO A 828 8.71 -51.41 18.83
CA PRO A 828 9.57 -50.30 18.39
C PRO A 828 9.55 -49.14 19.36
N CYS A 829 10.65 -48.39 19.38
CA CYS A 829 10.71 -47.10 20.05
C CYS A 829 10.02 -46.07 19.16
N PHE A 830 10.12 -44.79 19.51
CA PHE A 830 9.50 -43.75 18.72
C PHE A 830 10.36 -42.50 18.75
N HIS A 831 10.40 -41.80 17.63
CA HIS A 831 11.07 -40.50 17.54
C HIS A 831 10.36 -39.69 16.46
N GLN A 832 9.90 -38.50 16.83
CA GLN A 832 9.12 -37.67 15.92
C GLN A 832 7.91 -38.42 15.39
N GLY A 833 7.32 -39.26 16.24
CA GLY A 833 6.14 -40.02 15.84
C GLY A 833 6.48 -41.30 15.13
N LYS A 834 7.50 -41.26 14.27
CA LYS A 834 7.90 -42.46 13.55
C LYS A 834 8.36 -43.54 14.52
N GLU A 835 8.07 -44.79 14.18
CA GLU A 835 8.43 -45.93 15.01
C GLU A 835 9.67 -46.60 14.44
N TYR A 836 10.56 -47.05 15.33
CA TYR A 836 11.80 -47.71 14.96
C TYR A 836 11.85 -49.07 15.66
N ALA A 837 12.02 -50.13 14.87
CA ALA A 837 12.02 -51.46 15.43
C ALA A 837 13.25 -51.68 16.30
N PRO A 838 13.20 -52.65 17.22
CA PRO A 838 14.35 -52.88 18.10
C PRO A 838 15.61 -53.15 17.30
N GLY A 839 16.73 -52.63 17.79
CA GLY A 839 18.00 -52.77 17.12
C GLY A 839 18.31 -51.70 16.11
N GLU A 840 17.31 -50.95 15.66
CA GLU A 840 17.55 -49.86 14.74
C GLU A 840 18.32 -48.75 15.45
N THR A 841 18.67 -47.70 14.70
CA THR A 841 19.42 -46.60 15.26
C THR A 841 19.03 -45.31 14.57
N VAL A 842 19.30 -44.19 15.24
CA VAL A 842 19.05 -42.86 14.71
C VAL A 842 20.18 -41.94 15.16
N LYS A 843 20.47 -40.95 14.34
CA LYS A 843 21.56 -40.01 14.60
C LYS A 843 20.97 -38.68 15.06
N ILE A 844 21.39 -38.21 16.22
CA ILE A 844 21.01 -36.92 16.75
C ILE A 844 22.29 -36.10 16.88
N GLY A 845 22.40 -35.05 16.09
CA GLY A 845 23.62 -34.24 16.12
C GLY A 845 24.83 -35.11 15.88
N CYS A 846 25.83 -34.97 16.74
CA CYS A 846 27.03 -35.79 16.69
C CYS A 846 26.92 -37.04 17.55
N ASN A 847 25.70 -37.47 17.87
CA ASN A 847 25.46 -38.64 18.69
C ASN A 847 24.49 -39.57 17.98
N THR A 848 24.63 -40.85 18.25
CA THR A 848 23.79 -41.88 17.65
C THR A 848 23.12 -42.69 18.76
N CYS A 849 21.86 -43.04 18.55
CA CYS A 849 21.07 -43.79 19.51
C CYS A 849 20.52 -45.05 18.88
N VAL A 850 20.37 -46.08 19.69
CA VAL A 850 19.89 -47.39 19.25
C VAL A 850 18.66 -47.75 20.06
N CYS A 851 17.62 -48.24 19.39
CA CYS A 851 16.36 -48.56 20.05
C CYS A 851 16.46 -49.95 20.68
N ARG A 852 16.45 -50.01 22.00
CA ARG A 852 16.51 -51.26 22.73
C ARG A 852 15.47 -51.25 23.83
N ASP A 853 14.71 -52.35 23.95
CA ASP A 853 13.69 -52.49 24.98
C ASP A 853 12.73 -51.31 24.98
N ARG A 854 12.36 -50.87 23.78
CA ARG A 854 11.49 -49.71 23.61
C ARG A 854 12.09 -48.46 24.25
N LYS A 855 13.42 -48.42 24.35
CA LYS A 855 14.11 -47.30 24.97
C LYS A 855 15.36 -46.99 24.17
N TRP A 856 15.63 -45.70 23.99
CA TRP A 856 16.77 -45.27 23.20
C TRP A 856 18.03 -45.26 24.06
N ASN A 857 19.08 -45.90 23.55
CA ASN A 857 20.39 -45.90 24.18
C ASN A 857 21.29 -45.02 23.33
N CYS A 858 21.62 -43.84 23.84
CA CYS A 858 22.34 -42.82 23.07
C CYS A 858 23.81 -42.78 23.47
N THR A 859 24.64 -42.37 22.51
CA THR A 859 26.06 -42.19 22.75
C THR A 859 26.30 -40.76 23.21
N ASP A 860 26.97 -40.60 24.35
CA ASP A 860 27.14 -39.30 24.97
C ASP A 860 28.44 -38.67 24.47
N HIS A 861 28.32 -37.75 23.51
CA HIS A 861 29.43 -36.93 23.05
C HIS A 861 28.90 -35.51 22.93
N VAL A 862 29.20 -34.66 23.91
CA VAL A 862 28.70 -33.29 23.88
C VAL A 862 29.17 -32.64 22.59
N CYS A 863 28.23 -32.27 21.74
CA CYS A 863 28.55 -31.75 20.42
C CYS A 863 28.88 -30.27 20.49
N ASP A 864 29.38 -29.73 19.38
CA ASP A 864 29.72 -28.33 19.32
C ASP A 864 28.46 -27.47 19.46
N ALA A 865 28.56 -26.42 20.26
CA ALA A 865 27.48 -25.47 20.44
C ALA A 865 27.71 -24.27 19.53
N THR A 866 26.63 -23.71 19.02
CA THR A 866 26.69 -22.67 17.98
C THR A 866 25.95 -21.43 18.48
N CYS A 867 26.69 -20.49 19.07
CA CYS A 867 26.14 -19.18 19.35
C CYS A 867 25.84 -18.46 18.04
N SER A 868 24.69 -17.79 17.98
CA SER A 868 24.26 -17.10 16.78
C SER A 868 23.59 -15.79 17.16
N THR A 869 23.39 -14.94 16.16
CA THR A 869 22.80 -13.62 16.34
C THR A 869 21.73 -13.39 15.26
N ILE A 870 20.84 -14.39 15.12
CA ILE A 870 19.82 -14.34 14.07
C ILE A 870 19.24 -12.93 13.98
N GLY A 871 19.04 -12.47 12.76
CA GLY A 871 18.55 -11.12 12.58
C GLY A 871 19.56 -10.12 13.08
N MET A 872 19.09 -9.11 13.81
CA MET A 872 19.98 -8.10 14.37
C MET A 872 19.70 -7.85 15.85
N ALA A 873 18.48 -8.13 16.29
CA ALA A 873 18.10 -7.93 17.69
C ALA A 873 17.91 -9.24 18.43
N HIS A 874 18.03 -10.38 17.76
CA HIS A 874 17.82 -11.69 18.38
C HIS A 874 19.12 -12.46 18.43
N TYR A 875 19.30 -13.23 19.50
CA TYR A 875 20.48 -14.06 19.68
C TYR A 875 20.05 -15.48 20.03
N LEU A 876 20.94 -16.42 19.76
CA LEU A 876 20.75 -17.82 20.13
C LEU A 876 21.95 -18.26 20.95
N THR A 877 21.73 -18.55 22.22
CA THR A 877 22.84 -18.91 23.10
C THR A 877 23.35 -20.30 22.77
N PHE A 878 24.49 -20.64 23.38
CA PHE A 878 25.06 -21.96 23.16
C PHE A 878 24.12 -23.06 23.64
N ASP A 879 23.54 -22.88 24.83
CA ASP A 879 22.66 -23.88 25.39
C ASP A 879 21.31 -23.95 24.67
N GLY A 880 21.02 -22.99 23.80
CA GLY A 880 19.81 -23.02 22.99
C GLY A 880 18.83 -21.92 23.28
N LEU A 881 19.04 -21.10 24.31
CA LEU A 881 18.12 -20.02 24.61
C LEU A 881 18.13 -19.00 23.48
N LYS A 882 16.95 -18.48 23.16
CA LYS A 882 16.79 -17.41 22.20
C LYS A 882 16.11 -16.23 22.89
N TYR A 883 16.60 -15.03 22.62
CA TYR A 883 16.04 -13.84 23.25
C TYR A 883 16.23 -12.65 22.32
N LEU A 884 15.63 -11.53 22.71
CA LEU A 884 15.68 -10.30 21.95
C LEU A 884 16.51 -9.27 22.71
N PHE A 885 17.39 -8.59 21.99
CA PHE A 885 18.25 -7.57 22.58
C PHE A 885 18.62 -6.55 21.52
N PRO A 886 17.80 -5.51 21.33
CA PRO A 886 18.14 -4.47 20.34
C PRO A 886 19.22 -3.52 20.83
N GLY A 887 20.48 -3.95 20.67
CA GLY A 887 21.60 -3.19 21.16
C GLY A 887 22.18 -2.24 20.13
N GLU A 888 22.87 -1.22 20.64
CA GLU A 888 23.56 -0.23 19.83
C GLU A 888 25.05 -0.19 20.08
N CYS A 889 25.48 -0.38 21.32
CA CYS A 889 26.89 -0.28 21.69
C CYS A 889 27.61 -1.56 21.30
N GLN A 890 28.84 -1.71 21.78
CA GLN A 890 29.64 -2.90 21.52
C GLN A 890 29.50 -3.85 22.71
N TYR A 891 29.02 -5.05 22.45
CA TYR A 891 28.77 -6.04 23.48
C TYR A 891 29.70 -7.22 23.33
N VAL A 892 29.78 -8.03 24.39
CA VAL A 892 30.67 -9.18 24.43
C VAL A 892 29.84 -10.39 23.99
N LEU A 893 29.92 -10.69 22.70
CA LEU A 893 29.16 -11.83 22.17
C LEU A 893 29.61 -13.12 22.83
N VAL A 894 30.92 -13.39 22.84
CA VAL A 894 31.49 -14.55 23.50
C VAL A 894 32.79 -14.13 24.15
N GLN A 895 33.17 -14.86 25.19
CA GLN A 895 34.38 -14.55 25.93
C GLN A 895 34.64 -15.64 26.95
N ASP A 896 35.92 -15.91 27.24
CA ASP A 896 36.28 -16.89 28.26
C ASP A 896 37.02 -16.25 29.43
N TYR A 897 37.08 -14.92 29.49
CA TYR A 897 37.61 -14.22 30.65
C TYR A 897 36.55 -14.12 31.72
N CYS A 898 35.97 -15.26 32.11
CA CYS A 898 34.85 -15.25 33.04
C CYS A 898 35.32 -15.03 34.47
N GLY A 899 36.14 -15.95 34.98
CA GLY A 899 36.60 -15.86 36.36
C GLY A 899 38.05 -16.25 36.53
N SER A 900 38.32 -17.15 37.46
CA SER A 900 39.70 -17.56 37.72
C SER A 900 40.37 -18.10 36.47
N ASN A 901 39.60 -18.71 35.58
CA ASN A 901 40.18 -19.28 34.36
C ASN A 901 40.89 -18.19 33.57
N PRO A 902 42.13 -18.41 33.14
CA PRO A 902 42.82 -17.39 32.33
C PRO A 902 42.21 -17.31 30.94
N GLY A 903 41.79 -16.11 30.55
CA GLY A 903 41.08 -15.94 29.30
C GLY A 903 41.99 -16.08 28.10
N THR A 904 41.36 -16.30 26.95
CA THR A 904 42.09 -16.51 25.69
C THR A 904 41.50 -15.78 24.51
N PHE A 905 40.27 -15.27 24.57
CA PHE A 905 39.66 -14.64 23.41
C PHE A 905 38.45 -13.85 23.85
N ARG A 906 38.08 -12.86 23.04
CA ARG A 906 36.87 -12.08 23.25
C ARG A 906 36.33 -11.69 21.88
N ILE A 907 35.10 -12.10 21.60
CA ILE A 907 34.44 -11.77 20.34
C ILE A 907 33.38 -10.72 20.64
N LEU A 908 33.56 -9.53 20.09
CA LEU A 908 32.66 -8.40 20.33
C LEU A 908 31.85 -8.16 19.06
N VAL A 909 30.57 -7.87 19.25
CA VAL A 909 29.62 -7.83 18.14
C VAL A 909 29.01 -6.45 18.03
N GLY A 910 29.78 -5.42 18.34
CA GLY A 910 29.29 -4.07 18.25
C GLY A 910 28.69 -3.73 16.90
N ASN A 911 27.61 -2.95 16.92
CA ASN A 911 26.88 -2.61 15.71
C ASN A 911 26.62 -1.10 15.67
N LYS A 912 25.96 -0.64 14.62
CA LYS A 912 25.65 0.78 14.47
C LYS A 912 24.28 0.92 13.82
N GLY A 913 23.44 1.76 14.43
CA GLY A 913 22.11 1.99 13.90
C GLY A 913 21.28 0.72 13.85
N CYS A 914 21.30 -0.05 14.94
CA CYS A 914 20.59 -1.33 14.98
C CYS A 914 19.69 -1.45 16.20
N SER A 915 19.25 -0.33 16.79
CA SER A 915 18.20 -0.39 17.80
C SER A 915 16.97 -1.09 17.23
N HIS A 916 16.37 -0.48 16.23
CA HIS A 916 15.34 -1.13 15.43
C HIS A 916 15.99 -1.75 14.21
N PRO A 917 15.89 -3.06 13.99
CA PRO A 917 16.55 -3.66 12.82
C PRO A 917 16.24 -2.90 11.54
N SER A 918 17.27 -2.29 10.96
CA SER A 918 17.12 -1.41 9.82
C SER A 918 17.92 -1.93 8.64
N VAL A 919 17.62 -1.37 7.46
CA VAL A 919 18.32 -1.79 6.25
C VAL A 919 19.78 -1.40 6.32
N LYS A 920 20.08 -0.21 6.85
CA LYS A 920 21.46 0.27 6.93
C LYS A 920 22.19 -0.29 8.14
N CYS A 921 21.52 -1.06 9.00
CA CYS A 921 22.20 -1.66 10.14
C CYS A 921 23.33 -2.56 9.66
N LYS A 922 24.47 -2.50 10.36
CA LYS A 922 25.63 -3.29 10.00
C LYS A 922 26.34 -3.72 11.27
N LYS A 923 26.76 -4.98 11.30
CA LYS A 923 27.44 -5.54 12.47
C LYS A 923 28.94 -5.50 12.27
N ARG A 924 29.65 -4.94 13.25
CA ARG A 924 31.11 -4.90 13.25
C ARG A 924 31.59 -5.87 14.33
N VAL A 925 32.19 -6.98 13.90
CA VAL A 925 32.64 -8.02 14.81
C VAL A 925 34.15 -7.90 14.96
N THR A 926 34.61 -7.74 16.19
CA THR A 926 36.03 -7.70 16.51
C THR A 926 36.38 -8.96 17.29
N ILE A 927 37.33 -9.73 16.76
CA ILE A 927 37.68 -11.02 17.33
C ILE A 927 39.06 -10.91 17.98
N LEU A 928 39.08 -10.63 19.29
CA LEU A 928 40.32 -10.42 20.01
C LEU A 928 40.90 -11.76 20.46
N VAL A 929 41.40 -12.51 19.49
CA VAL A 929 42.06 -13.78 19.76
C VAL A 929 43.37 -13.46 20.48
N GLU A 930 44.02 -14.50 21.01
CA GLU A 930 45.25 -14.35 21.77
C GLU A 930 46.17 -13.31 21.17
N GLY A 931 46.28 -13.28 19.85
CA GLY A 931 47.19 -12.36 19.19
C GLY A 931 46.69 -10.94 19.09
N GLY A 932 45.60 -10.72 18.36
CA GLY A 932 45.13 -9.37 18.14
C GLY A 932 43.85 -9.35 17.34
N GLU A 933 43.38 -8.14 17.07
CA GLU A 933 42.08 -7.94 16.45
C GLU A 933 42.02 -8.56 15.06
N ILE A 934 40.88 -9.19 14.75
CA ILE A 934 40.62 -9.77 13.44
C ILE A 934 39.35 -9.15 12.89
N GLU A 935 39.11 -7.88 13.21
CA GLU A 935 37.82 -7.24 13.00
C GLU A 935 37.20 -7.62 11.67
N LEU A 936 35.90 -7.94 11.70
CA LEU A 936 35.08 -8.12 10.51
C LEU A 936 34.15 -6.93 10.38
N PHE A 937 34.10 -6.35 9.19
CA PHE A 937 33.24 -5.20 8.96
C PHE A 937 32.85 -5.15 7.49
N ASP A 938 31.74 -4.46 7.23
CA ASP A 938 31.25 -4.30 5.87
C ASP A 938 30.95 -5.65 5.25
N GLY A 939 31.86 -6.17 4.43
CA GLY A 939 31.65 -7.46 3.79
C GLY A 939 32.92 -8.27 3.65
N GLU A 940 33.96 -7.90 4.39
CA GLU A 940 35.25 -8.56 4.25
C GLU A 940 35.96 -8.54 5.60
N VAL A 941 36.94 -9.42 5.73
CA VAL A 941 37.70 -9.57 6.95
C VAL A 941 38.89 -8.62 6.93
N ASN A 942 39.10 -7.92 8.04
CA ASN A 942 40.28 -7.09 8.22
C ASN A 942 41.03 -7.61 9.45
N VAL A 943 42.35 -7.70 9.32
CA VAL A 943 43.21 -8.18 10.40
C VAL A 943 44.15 -7.04 10.76
N LYS A 944 43.72 -6.19 11.70
CA LYS A 944 44.56 -5.08 12.12
C LYS A 944 45.41 -5.46 13.32
N ARG A 945 46.02 -6.65 13.26
CA ARG A 945 47.09 -7.05 14.14
C ARG A 945 47.65 -8.38 13.67
N PRO A 946 48.96 -8.53 13.57
CA PRO A 946 49.52 -9.87 13.33
C PRO A 946 49.41 -10.73 14.58
N MET A 947 48.55 -11.74 14.58
CA MET A 947 48.37 -12.55 15.76
C MET A 947 49.65 -13.32 16.06
N LYS A 948 49.86 -13.63 17.35
CA LYS A 948 51.12 -14.24 17.76
C LYS A 948 51.36 -15.56 17.03
N ASP A 949 50.32 -16.38 16.91
CA ASP A 949 50.42 -17.68 16.25
C ASP A 949 49.47 -17.66 15.05
N GLU A 950 49.97 -17.22 13.90
CA GLU A 950 49.19 -17.18 12.68
C GLU A 950 49.00 -18.56 12.06
N THR A 951 49.58 -19.60 12.66
CA THR A 951 49.47 -20.94 12.08
C THR A 951 48.02 -21.40 12.01
N HIS A 952 47.29 -21.30 13.13
CA HIS A 952 45.89 -21.71 13.19
C HIS A 952 45.03 -20.52 12.81
N PHE A 953 44.92 -20.28 11.51
CA PHE A 953 44.15 -19.15 11.01
C PHE A 953 43.81 -19.37 9.55
N GLU A 954 42.52 -19.50 9.25
CA GLU A 954 42.03 -19.64 7.89
C GLU A 954 40.91 -18.65 7.65
N VAL A 955 40.71 -18.29 6.39
CA VAL A 955 39.72 -17.30 6.00
C VAL A 955 38.82 -17.89 4.92
N VAL A 956 38.60 -19.20 4.97
CA VAL A 956 37.78 -19.86 3.97
C VAL A 956 36.49 -19.07 3.79
N GLU A 957 36.15 -18.76 2.54
CA GLU A 957 34.97 -17.97 2.24
C GLU A 957 34.04 -18.72 1.30
N SER A 958 33.81 -20.01 1.58
CA SER A 958 32.92 -20.81 0.75
C SER A 958 31.52 -20.20 0.72
N GLY A 959 30.90 -20.24 -0.45
CA GLY A 959 29.55 -19.71 -0.58
C GLY A 959 29.51 -18.23 -0.24
N ARG A 960 28.50 -17.84 0.54
CA ARG A 960 28.31 -16.46 0.95
C ARG A 960 28.96 -16.15 2.29
N TYR A 961 29.69 -17.09 2.87
CA TYR A 961 30.17 -16.98 4.25
C TYR A 961 31.67 -16.76 4.27
N ILE A 962 32.16 -16.40 5.46
CA ILE A 962 33.56 -16.03 5.68
C ILE A 962 34.14 -16.94 6.75
N ILE A 963 33.76 -18.22 6.72
CA ILE A 963 34.11 -19.18 7.77
C ILE A 963 35.54 -18.95 8.24
N LEU A 964 35.72 -18.81 9.55
CA LEU A 964 37.02 -18.61 10.16
C LEU A 964 37.31 -19.76 11.11
N LEU A 965 38.59 -20.02 11.34
CA LEU A 965 39.05 -21.15 12.13
C LEU A 965 40.04 -20.68 13.19
N LEU A 966 39.67 -19.63 13.92
CA LEU A 966 40.59 -18.94 14.82
C LEU A 966 40.90 -19.82 16.02
N GLY A 967 41.67 -20.87 15.77
CA GLY A 967 42.11 -21.79 16.80
C GLY A 967 41.65 -23.20 16.51
N LYS A 968 41.84 -24.06 17.51
CA LYS A 968 41.47 -25.46 17.37
C LYS A 968 39.95 -25.63 17.44
N ALA A 969 39.30 -24.89 18.33
CA ALA A 969 37.85 -24.97 18.52
C ALA A 969 37.12 -23.77 17.93
N LEU A 970 37.52 -22.56 18.29
CA LEU A 970 36.88 -21.36 17.79
C LEU A 970 36.78 -21.40 16.27
N SER A 971 35.56 -21.40 15.75
CA SER A 971 35.31 -21.55 14.32
C SER A 971 34.25 -20.56 13.86
N VAL A 972 34.42 -19.29 14.24
CA VAL A 972 33.43 -18.27 13.89
C VAL A 972 33.05 -18.41 12.42
N VAL A 973 31.75 -18.42 12.16
CA VAL A 973 31.19 -18.43 10.82
C VAL A 973 30.41 -17.16 10.62
N TRP A 974 30.73 -16.44 9.55
CA TRP A 974 30.14 -15.14 9.27
C TRP A 974 29.38 -15.18 7.96
N ASP A 975 28.25 -14.48 7.91
CA ASP A 975 27.39 -14.43 6.75
C ASP A 975 27.81 -13.34 5.76
N ARG A 976 28.92 -12.65 6.02
CA ARG A 976 29.26 -11.43 5.29
C ARG A 976 28.22 -10.34 5.52
N HIS A 977 27.40 -10.51 6.55
CA HIS A 977 26.28 -9.63 6.82
C HIS A 977 25.93 -9.77 8.30
N LEU A 978 24.74 -9.36 8.67
CA LEU A 978 24.32 -9.28 10.07
C LEU A 978 24.16 -10.65 10.73
N SER A 979 24.51 -11.78 10.13
CA SER A 979 24.43 -13.08 10.78
C SER A 979 25.84 -13.55 11.12
N ILE A 980 26.05 -13.85 12.40
CA ILE A 980 27.35 -14.26 12.92
C ILE A 980 27.14 -15.48 13.79
N SER A 981 27.92 -16.53 13.56
CA SER A 981 27.82 -17.77 14.31
C SER A 981 29.18 -18.11 14.90
N VAL A 982 29.19 -18.43 16.19
CA VAL A 982 30.40 -18.83 16.90
C VAL A 982 30.22 -20.29 17.30
N VAL A 983 31.16 -21.13 16.87
CA VAL A 983 31.10 -22.57 17.10
C VAL A 983 32.24 -22.95 18.04
N LEU A 984 31.90 -23.60 19.14
CA LEU A 984 32.87 -24.02 20.14
C LEU A 984 32.80 -25.53 20.32
N LYS A 985 33.88 -26.11 20.82
CA LYS A 985 33.98 -27.53 21.05
C LYS A 985 33.85 -27.83 22.55
N GLN A 986 33.99 -29.11 22.90
CA GLN A 986 33.84 -29.52 24.29
C GLN A 986 34.81 -28.77 25.19
N THR A 987 35.95 -28.32 24.65
CA THR A 987 36.95 -27.68 25.48
C THR A 987 36.40 -26.46 26.18
N TYR A 988 35.70 -25.60 25.43
CA TYR A 988 35.14 -24.36 25.99
C TYR A 988 33.79 -24.61 26.62
N GLN A 989 33.70 -25.59 27.51
CA GLN A 989 32.46 -25.95 28.18
C GLN A 989 32.44 -25.32 29.56
N GLU A 990 31.40 -24.55 29.84
CA GLU A 990 31.23 -23.84 31.11
C GLU A 990 32.32 -22.83 31.36
N LYS A 991 33.20 -22.58 30.39
CA LYS A 991 34.31 -21.66 30.54
C LYS A 991 34.11 -20.35 29.81
N VAL A 992 33.02 -20.22 29.05
CA VAL A 992 32.78 -19.03 28.26
C VAL A 992 31.69 -18.20 28.93
N CYS A 993 31.56 -16.95 28.51
CA CYS A 993 30.55 -16.05 29.05
C CYS A 993 30.31 -14.95 28.04
N GLY A 994 29.20 -14.26 28.20
CA GLY A 994 28.85 -13.16 27.33
C GLY A 994 27.40 -13.22 26.95
N LEU A 995 27.07 -12.58 25.82
CA LEU A 995 25.70 -12.56 25.35
C LEU A 995 25.19 -13.94 24.95
N CYS A 996 26.06 -14.92 24.80
CA CYS A 996 25.68 -16.27 24.37
C CYS A 996 25.91 -17.28 25.48
N GLY A 997 25.54 -16.92 26.70
CA GLY A 997 25.53 -17.90 27.77
C GLY A 997 26.93 -18.39 28.10
N ASN A 998 26.97 -19.59 28.69
CA ASN A 998 28.21 -20.18 29.17
C ASN A 998 28.42 -21.60 28.69
N PHE A 999 27.57 -22.11 27.79
CA PHE A 999 27.80 -23.40 27.15
C PHE A 999 27.95 -24.51 28.21
N ASP A 1000 27.02 -24.53 29.16
CA ASP A 1000 27.01 -25.52 30.22
C ASP A 1000 25.95 -26.60 30.02
N GLY A 1001 25.12 -26.48 29.00
CA GLY A 1001 24.03 -27.41 28.78
C GLY A 1001 22.75 -27.06 29.51
N ILE A 1002 22.76 -26.03 30.34
CA ILE A 1002 21.58 -25.60 31.09
C ILE A 1002 21.11 -24.27 30.49
N GLN A 1003 19.89 -24.26 29.97
CA GLN A 1003 19.36 -23.06 29.35
C GLN A 1003 18.94 -22.01 30.37
N ASN A 1004 18.53 -22.43 31.56
CA ASN A 1004 18.00 -21.47 32.52
C ASN A 1004 19.07 -20.47 32.94
N ASN A 1005 20.28 -20.94 33.18
CA ASN A 1005 21.37 -20.07 33.62
C ASN A 1005 22.16 -19.53 32.43
N ASP A 1006 21.45 -18.97 31.45
CA ASP A 1006 22.09 -18.38 30.29
C ASP A 1006 21.83 -16.89 30.18
N LEU A 1007 21.10 -16.30 31.12
CA LEU A 1007 20.96 -14.86 31.22
C LEU A 1007 21.80 -14.28 32.35
N THR A 1008 22.79 -15.04 32.83
CA THR A 1008 23.65 -14.56 33.90
C THR A 1008 24.34 -13.28 33.46
N SER A 1009 24.02 -12.17 34.13
CA SER A 1009 24.57 -10.88 33.76
C SER A 1009 26.08 -10.87 33.98
N SER A 1010 26.73 -9.76 33.61
CA SER A 1010 28.18 -9.67 33.79
C SER A 1010 28.55 -9.81 35.26
N ASN A 1011 27.68 -9.38 36.17
CA ASN A 1011 27.95 -9.46 37.60
C ASN A 1011 27.50 -10.78 38.21
N LEU A 1012 27.39 -11.83 37.41
CA LEU A 1012 27.15 -13.18 37.92
C LEU A 1012 25.79 -13.30 38.61
N GLN A 1013 24.76 -12.70 38.03
CA GLN A 1013 23.40 -12.85 38.50
C GLN A 1013 22.48 -13.11 37.33
N VAL A 1014 21.46 -13.94 37.55
CA VAL A 1014 20.50 -14.24 36.50
C VAL A 1014 19.49 -13.11 36.42
N GLU A 1015 19.20 -12.65 35.21
CA GLU A 1015 18.27 -11.56 34.97
C GLU A 1015 17.04 -12.10 34.25
N GLU A 1016 15.86 -11.69 34.73
CA GLU A 1016 14.63 -12.12 34.07
C GLU A 1016 14.47 -11.44 32.72
N ASP A 1017 14.68 -10.14 32.66
CA ASP A 1017 14.54 -9.40 31.41
C ASP A 1017 15.82 -9.49 30.62
N PRO A 1018 15.79 -9.96 29.37
CA PRO A 1018 17.04 -10.03 28.60
C PRO A 1018 17.67 -8.66 28.37
N VAL A 1019 16.89 -7.59 28.44
CA VAL A 1019 17.44 -6.26 28.18
C VAL A 1019 18.51 -5.93 29.21
N ASP A 1020 18.22 -6.17 30.49
CA ASP A 1020 19.20 -5.89 31.53
C ASP A 1020 20.43 -6.76 31.37
N PHE A 1021 20.23 -8.04 31.08
CA PHE A 1021 21.36 -8.95 30.90
C PHE A 1021 22.26 -8.48 29.77
N GLY A 1022 21.67 -8.06 28.65
CA GLY A 1022 22.46 -7.54 27.56
C GLY A 1022 23.19 -6.26 27.94
N ASN A 1023 22.47 -5.33 28.58
CA ASN A 1023 23.10 -4.08 29.01
C ASN A 1023 24.28 -4.36 29.92
N SER A 1024 24.24 -5.46 30.66
CA SER A 1024 25.35 -5.80 31.55
C SER A 1024 26.60 -6.22 30.79
N TRP A 1025 26.50 -6.51 29.50
CA TRP A 1025 27.63 -7.02 28.73
C TRP A 1025 28.21 -6.02 27.75
N LYS A 1026 27.77 -4.76 27.80
CA LYS A 1026 28.33 -3.76 26.91
C LYS A 1026 29.82 -3.60 27.17
N VAL A 1027 30.61 -3.61 26.10
CA VAL A 1027 32.06 -3.50 26.25
C VAL A 1027 32.41 -2.17 26.88
N SER A 1028 31.84 -1.09 26.36
CA SER A 1028 32.00 0.21 26.99
C SER A 1028 31.13 0.28 28.24
N SER A 1029 31.13 1.45 28.87
CA SER A 1029 30.29 1.67 30.03
C SER A 1029 29.61 3.04 30.03
N GLN A 1030 29.75 3.81 28.95
CA GLN A 1030 29.14 5.12 28.86
C GLN A 1030 28.28 5.27 27.61
N CYS A 1031 28.31 4.30 26.69
CA CYS A 1031 27.67 4.48 25.40
C CYS A 1031 26.18 4.70 25.54
N ALA A 1032 25.45 3.69 25.99
CA ALA A 1032 24.00 3.81 26.17
C ALA A 1032 23.48 2.46 26.64
N ASP A 1033 22.30 2.48 27.25
CA ASP A 1033 21.61 1.28 27.69
C ASP A 1033 20.28 1.18 26.97
N THR A 1034 20.02 0.04 26.34
CA THR A 1034 18.77 -0.16 25.63
C THR A 1034 17.61 -0.04 26.60
N ARG A 1035 16.72 0.91 26.35
CA ARG A 1035 15.57 1.08 27.22
C ARG A 1035 14.69 -0.16 27.17
N LYS A 1036 14.16 -0.54 28.34
CA LYS A 1036 13.30 -1.71 28.42
C LYS A 1036 11.96 -1.39 27.79
N VAL A 1037 11.81 -1.70 26.50
CA VAL A 1037 10.59 -1.41 25.77
C VAL A 1037 9.48 -2.35 26.25
N PRO A 1038 8.34 -1.85 26.71
CA PRO A 1038 7.28 -2.75 27.17
C PRO A 1038 6.41 -3.29 26.06
N LEU A 1039 6.69 -2.94 24.80
CA LEU A 1039 5.87 -3.37 23.69
C LEU A 1039 5.81 -4.90 23.62
N ASP A 1040 4.89 -5.38 22.78
CA ASP A 1040 4.69 -6.81 22.56
C ASP A 1040 4.80 -7.09 21.07
N SER A 1041 4.36 -8.27 20.64
CA SER A 1041 4.43 -8.64 19.23
C SER A 1041 3.81 -7.53 18.38
N SER A 1042 4.08 -7.53 17.08
CA SER A 1042 3.74 -6.40 16.24
C SER A 1042 4.51 -5.17 16.69
N PRO A 1043 5.83 -5.13 16.45
CA PRO A 1043 6.64 -3.99 16.89
C PRO A 1043 6.13 -2.64 16.36
N ALA A 1044 6.76 -1.56 16.81
CA ALA A 1044 6.28 -0.21 16.54
C ALA A 1044 5.81 -0.02 15.10
N THR A 1045 6.73 -0.20 14.15
CA THR A 1045 6.33 -0.07 12.74
C THR A 1045 5.41 -1.19 12.30
N CYS A 1046 5.26 -2.24 13.11
CA CYS A 1046 4.35 -3.33 12.82
C CYS A 1046 3.00 -3.17 13.51
N HIS A 1047 3.00 -2.53 14.68
CA HIS A 1047 1.80 -2.50 15.51
C HIS A 1047 0.65 -1.79 14.80
N ASN A 1048 0.79 -0.49 14.54
CA ASN A 1048 -0.28 0.32 13.97
C ASN A 1048 -0.18 0.37 12.45
N ASN A 1049 -0.13 -0.79 11.80
CA ASN A 1049 -0.14 -0.83 10.35
C ASN A 1049 -1.15 -1.82 9.80
N ILE A 1050 -1.33 -2.97 10.45
CA ILE A 1050 -2.28 -3.97 9.99
C ILE A 1050 -1.90 -4.44 8.59
N MET A 1051 -1.96 -3.53 7.62
CA MET A 1051 -1.56 -3.86 6.26
C MET A 1051 -0.16 -4.44 6.23
N LYS A 1052 0.81 -3.75 6.84
CA LYS A 1052 2.17 -4.29 6.89
C LYS A 1052 2.24 -5.50 7.81
N GLN A 1053 1.49 -5.48 8.91
CA GLN A 1053 1.51 -6.62 9.82
C GLN A 1053 1.11 -7.90 9.10
N THR A 1054 0.02 -7.86 8.35
CA THR A 1054 -0.50 -9.06 7.72
C THR A 1054 0.44 -9.56 6.63
N MET A 1055 0.91 -8.66 5.76
CA MET A 1055 1.82 -9.08 4.71
C MET A 1055 3.11 -9.62 5.29
N VAL A 1056 3.62 -9.00 6.37
CA VAL A 1056 4.83 -9.51 7.00
C VAL A 1056 4.58 -10.90 7.56
N ASP A 1057 3.44 -11.09 8.23
CA ASP A 1057 3.14 -12.40 8.79
C ASP A 1057 3.04 -13.46 7.70
N SER A 1058 2.40 -13.12 6.59
CA SER A 1058 2.25 -14.10 5.50
C SER A 1058 3.58 -14.40 4.84
N SER A 1059 4.35 -13.35 4.52
CA SER A 1059 5.63 -13.56 3.86
C SER A 1059 6.59 -14.34 4.75
N CYS A 1060 6.62 -14.03 6.03
CA CYS A 1060 7.43 -14.79 6.98
C CYS A 1060 6.68 -16.04 7.38
N ARG A 1061 6.17 -16.76 6.39
CA ARG A 1061 5.54 -18.06 6.60
C ARG A 1061 6.13 -19.13 5.70
N ILE A 1062 7.01 -18.76 4.77
CA ILE A 1062 7.73 -19.74 3.99
C ILE A 1062 8.42 -20.73 4.91
N LEU A 1063 8.78 -20.30 6.12
CA LEU A 1063 9.42 -21.20 7.07
C LEU A 1063 8.56 -22.43 7.33
N THR A 1064 7.24 -22.30 7.22
CA THR A 1064 6.32 -23.41 7.40
C THR A 1064 5.80 -23.95 6.07
N SER A 1065 6.34 -23.48 4.95
CA SER A 1065 5.87 -23.94 3.65
C SER A 1065 6.28 -25.40 3.43
N ASP A 1066 5.90 -25.93 2.26
CA ASP A 1066 6.19 -27.32 1.96
C ASP A 1066 7.69 -27.58 1.91
N VAL A 1067 8.46 -26.67 1.33
CA VAL A 1067 9.90 -26.88 1.20
C VAL A 1067 10.53 -27.06 2.58
N PHE A 1068 10.16 -26.20 3.53
CA PHE A 1068 10.66 -26.30 4.89
C PHE A 1068 9.89 -27.33 5.72
N GLN A 1069 8.82 -27.90 5.18
CA GLN A 1069 7.99 -28.81 5.95
C GLN A 1069 8.81 -29.98 6.46
N ASP A 1070 9.67 -30.55 5.63
CA ASP A 1070 10.48 -31.68 6.05
C ASP A 1070 11.39 -31.32 7.21
N CYS A 1071 11.86 -30.08 7.25
CA CYS A 1071 12.78 -29.67 8.31
C CYS A 1071 12.07 -29.14 9.54
N ASN A 1072 10.89 -28.54 9.39
CA ASN A 1072 10.17 -28.01 10.55
C ASN A 1072 10.01 -29.07 11.62
N LYS A 1073 9.72 -30.31 11.22
CA LYS A 1073 9.56 -31.39 12.18
C LYS A 1073 10.86 -31.76 12.87
N LEU A 1074 12.00 -31.27 12.38
CA LEU A 1074 13.29 -31.55 12.99
C LEU A 1074 13.82 -30.40 13.82
N VAL A 1075 13.45 -29.17 13.50
CA VAL A 1075 13.80 -27.99 14.30
C VAL A 1075 12.66 -26.99 14.20
N ASP A 1076 12.03 -26.69 15.32
CA ASP A 1076 10.84 -25.86 15.29
C ASP A 1076 11.17 -24.48 14.74
N PRO A 1077 10.30 -23.89 13.92
CA PRO A 1077 10.59 -22.58 13.34
C PRO A 1077 10.09 -21.39 14.14
N GLU A 1078 9.37 -21.62 15.24
CA GLU A 1078 8.79 -20.52 16.00
C GLU A 1078 9.81 -19.45 16.38
N PRO A 1079 11.00 -19.79 16.87
CA PRO A 1079 12.00 -18.73 17.10
C PRO A 1079 12.28 -17.94 15.85
N TYR A 1080 12.42 -18.62 14.72
CA TYR A 1080 12.70 -17.93 13.46
C TYR A 1080 11.47 -17.24 12.91
N LEU A 1081 10.28 -17.78 13.18
CA LEU A 1081 9.06 -17.06 12.83
C LEU A 1081 9.00 -15.72 13.55
N ASP A 1082 9.33 -15.71 14.84
CA ASP A 1082 9.37 -14.45 15.58
C ASP A 1082 10.46 -13.55 15.05
N VAL A 1083 11.64 -14.11 14.78
CA VAL A 1083 12.75 -13.29 14.29
C VAL A 1083 12.42 -12.69 12.94
N CYS A 1084 11.53 -13.33 12.18
CA CYS A 1084 11.17 -12.81 10.87
C CYS A 1084 10.04 -11.79 10.96
N ILE A 1085 9.03 -12.07 11.78
CA ILE A 1085 7.97 -11.08 12.01
C ILE A 1085 8.57 -9.82 12.61
N TYR A 1086 9.35 -9.97 13.67
CA TYR A 1086 10.27 -8.93 14.07
C TYR A 1086 11.37 -8.84 13.02
N ASP A 1087 12.09 -7.72 13.01
CA ASP A 1087 13.23 -7.51 12.13
C ASP A 1087 12.81 -7.36 10.67
N THR A 1088 11.54 -7.60 10.34
CA THR A 1088 11.00 -7.33 9.02
C THR A 1088 10.03 -6.18 9.02
N CYS A 1089 9.14 -6.12 10.01
CA CYS A 1089 8.36 -4.90 10.22
C CYS A 1089 9.27 -3.75 10.62
N SER A 1090 10.26 -4.02 11.47
CA SER A 1090 11.20 -2.97 11.85
C SER A 1090 11.99 -2.48 10.64
N CYS A 1091 12.45 -3.39 9.81
CA CYS A 1091 13.17 -3.00 8.60
C CYS A 1091 12.21 -2.40 7.59
N GLU A 1092 12.57 -1.24 7.05
CA GLU A 1092 11.87 -0.67 5.90
C GLU A 1092 12.62 -1.05 4.64
N SER A 1093 12.55 -2.33 4.30
CA SER A 1093 13.29 -2.88 3.17
C SER A 1093 12.85 -2.22 1.87
N ILE A 1094 13.72 -1.40 1.29
CA ILE A 1094 13.45 -0.72 0.04
C ILE A 1094 14.56 -1.11 -0.93
N GLY A 1095 14.22 -1.85 -1.97
CA GLY A 1095 15.20 -2.29 -2.94
C GLY A 1095 16.07 -3.40 -2.39
N ASP A 1096 16.92 -3.07 -1.43
CA ASP A 1096 17.68 -4.08 -0.71
C ASP A 1096 16.72 -4.85 0.19
N CYS A 1097 16.51 -6.12 -0.13
CA CYS A 1097 15.49 -6.92 0.52
C CYS A 1097 16.10 -7.93 1.49
N ALA A 1098 17.28 -7.63 2.03
CA ALA A 1098 18.02 -8.61 2.81
C ALA A 1098 17.43 -8.82 4.19
N CYS A 1099 16.79 -7.80 4.76
CA CYS A 1099 16.25 -7.94 6.12
C CYS A 1099 15.35 -9.16 6.22
N PHE A 1100 14.42 -9.31 5.28
CA PHE A 1100 13.56 -10.49 5.28
C PHE A 1100 14.30 -11.73 4.81
N CYS A 1101 15.09 -11.60 3.75
CA CYS A 1101 15.75 -12.76 3.16
C CYS A 1101 16.76 -13.38 4.11
N ASP A 1102 17.44 -12.55 4.90
CA ASP A 1102 18.50 -13.07 5.76
C ASP A 1102 17.95 -14.01 6.82
N THR A 1103 16.78 -13.71 7.38
CA THR A 1103 16.20 -14.60 8.38
C THR A 1103 15.87 -15.97 7.78
N ILE A 1104 15.26 -15.98 6.59
CA ILE A 1104 14.95 -17.23 5.94
C ILE A 1104 16.22 -18.00 5.62
N ALA A 1105 17.24 -17.29 5.16
CA ALA A 1105 18.51 -17.95 4.86
C ALA A 1105 19.12 -18.55 6.12
N ALA A 1106 19.01 -17.84 7.24
CA ALA A 1106 19.54 -18.37 8.50
C ALA A 1106 18.81 -19.64 8.90
N TYR A 1107 17.48 -19.64 8.77
CA TYR A 1107 16.74 -20.86 9.10
C TYR A 1107 17.13 -22.00 8.16
N ALA A 1108 17.33 -21.69 6.88
CA ALA A 1108 17.76 -22.72 5.94
C ALA A 1108 19.13 -23.25 6.30
N HIS A 1109 20.03 -22.38 6.74
CA HIS A 1109 21.35 -22.81 7.17
C HIS A 1109 21.26 -23.75 8.36
N VAL A 1110 20.42 -23.39 9.34
CA VAL A 1110 20.23 -24.26 10.51
C VAL A 1110 19.67 -25.61 10.06
N CYS A 1111 18.71 -25.59 9.14
CA CYS A 1111 18.17 -26.83 8.62
C CYS A 1111 19.27 -27.67 7.97
N ALA A 1112 20.13 -27.03 7.17
CA ALA A 1112 21.18 -27.75 6.48
C ALA A 1112 22.15 -28.38 7.48
N GLN A 1113 22.42 -27.69 8.60
CA GLN A 1113 23.28 -28.28 9.61
C GLN A 1113 22.75 -29.64 10.06
N HIS A 1114 21.43 -29.84 10.01
CA HIS A 1114 20.82 -31.11 10.36
C HIS A 1114 20.59 -32.00 9.15
N GLY A 1115 21.33 -31.79 8.07
CA GLY A 1115 21.22 -32.64 6.90
C GLY A 1115 19.84 -32.62 6.27
N LYS A 1116 19.20 -31.46 6.23
CA LYS A 1116 17.87 -31.29 5.63
C LYS A 1116 17.90 -30.16 4.62
N VAL A 1117 18.86 -30.22 3.70
CA VAL A 1117 19.05 -29.18 2.69
C VAL A 1117 17.71 -28.82 2.05
N VAL A 1118 17.46 -27.52 1.90
CA VAL A 1118 16.24 -27.01 1.30
C VAL A 1118 16.61 -26.01 0.22
N THR A 1119 16.03 -26.16 -0.96
CA THR A 1119 16.21 -25.22 -2.06
C THR A 1119 14.96 -24.34 -2.09
N TRP A 1120 15.03 -23.22 -1.36
CA TRP A 1120 13.88 -22.34 -1.19
C TRP A 1120 13.93 -21.10 -2.08
N ARG A 1121 15.12 -20.67 -2.49
CA ARG A 1121 15.22 -19.48 -3.32
C ARG A 1121 14.56 -19.72 -4.67
N THR A 1122 14.01 -18.66 -5.24
CA THR A 1122 13.35 -18.71 -6.54
C THR A 1122 13.77 -17.48 -7.33
N ALA A 1123 13.11 -17.27 -8.47
CA ALA A 1123 13.35 -16.08 -9.27
C ALA A 1123 12.57 -14.87 -8.78
N THR A 1124 11.57 -15.08 -7.91
CA THR A 1124 10.78 -13.99 -7.37
C THR A 1124 10.78 -13.93 -5.84
N LEU A 1125 11.39 -14.90 -5.17
CA LEU A 1125 11.50 -14.91 -3.71
C LEU A 1125 12.98 -14.87 -3.36
N CYS A 1126 13.47 -13.70 -2.96
CA CYS A 1126 14.86 -13.50 -2.59
C CYS A 1126 15.79 -14.11 -3.65
N PRO A 1127 15.74 -13.62 -4.89
CA PRO A 1127 16.61 -14.18 -5.93
C PRO A 1127 18.07 -13.97 -5.59
N GLN A 1128 18.89 -14.94 -5.99
CA GLN A 1128 20.33 -14.87 -5.81
C GLN A 1128 20.99 -15.27 -7.12
N SER A 1129 21.75 -14.36 -7.71
CA SER A 1129 22.36 -14.56 -9.01
C SER A 1129 23.86 -14.81 -8.87
N CYS A 1130 24.43 -15.44 -9.90
CA CYS A 1130 25.85 -15.73 -9.93
C CYS A 1130 26.47 -15.39 -11.28
N GLU A 1131 25.77 -14.62 -12.11
CA GLU A 1131 26.25 -14.37 -13.48
C GLU A 1131 27.57 -13.64 -13.48
N GLU A 1132 27.72 -12.64 -12.62
CA GLU A 1132 28.91 -11.77 -12.70
C GLU A 1132 30.20 -12.56 -12.58
N ARG A 1133 30.20 -13.66 -11.82
CA ARG A 1133 31.41 -14.46 -11.70
C ARG A 1133 31.83 -15.04 -13.05
N ASN A 1134 30.89 -15.71 -13.73
CA ASN A 1134 31.20 -16.30 -15.03
C ASN A 1134 31.53 -15.25 -16.08
N LEU A 1135 31.07 -14.02 -15.90
CA LEU A 1135 31.40 -12.95 -16.82
C LEU A 1135 32.91 -12.78 -16.87
N ARG A 1136 33.51 -13.07 -18.02
CA ARG A 1136 34.96 -13.03 -18.16
C ARG A 1136 35.32 -12.56 -19.56
N GLU A 1137 36.56 -12.08 -19.70
CA GLU A 1137 37.03 -11.57 -20.98
C GLU A 1137 36.93 -12.64 -22.07
N ASN A 1138 37.03 -13.91 -21.70
CA ASN A 1138 36.94 -15.01 -22.64
C ASN A 1138 35.51 -15.35 -23.04
N GLY A 1139 34.57 -14.46 -22.77
CA GLY A 1139 33.17 -14.72 -23.06
C GLY A 1139 32.40 -15.09 -21.81
N TYR A 1140 32.03 -16.35 -21.68
CA TYR A 1140 31.32 -16.84 -20.51
C TYR A 1140 31.93 -18.16 -20.06
N GLU A 1141 32.10 -18.32 -18.76
CA GLU A 1141 32.73 -19.52 -18.20
C GLU A 1141 31.71 -20.59 -17.86
N CYS A 1142 30.52 -20.20 -17.40
CA CYS A 1142 29.43 -21.13 -17.09
C CYS A 1142 29.77 -22.03 -15.91
N GLU A 1143 30.78 -21.66 -15.10
CA GLU A 1143 31.22 -22.50 -14.01
C GLU A 1143 30.66 -22.07 -12.65
N TRP A 1144 30.52 -20.78 -12.41
CA TRP A 1144 30.03 -20.27 -11.14
C TRP A 1144 28.51 -20.33 -11.11
N ARG A 1145 27.96 -21.19 -10.26
CA ARG A 1145 26.52 -21.34 -10.14
C ARG A 1145 26.15 -21.40 -8.67
N TYR A 1146 24.90 -21.02 -8.38
CA TYR A 1146 24.39 -21.01 -7.03
C TYR A 1146 23.92 -22.41 -6.66
N ASN A 1147 24.48 -22.96 -5.58
CA ASN A 1147 24.10 -24.26 -5.06
C ASN A 1147 23.44 -24.05 -3.70
N SER A 1148 22.21 -24.54 -3.55
CA SER A 1148 21.45 -24.28 -2.34
C SER A 1148 22.19 -24.75 -1.10
N CYS A 1149 22.98 -25.81 -1.21
CA CYS A 1149 23.76 -26.32 -0.08
C CYS A 1149 25.25 -26.20 -0.32
N ALA A 1150 25.77 -26.75 -1.42
CA ALA A 1150 27.21 -26.71 -1.70
C ALA A 1150 27.98 -27.42 -0.60
N PRO A 1151 29.25 -27.74 -0.82
CA PRO A 1151 30.04 -28.42 0.22
C PRO A 1151 30.66 -27.41 1.18
N ALA A 1152 31.46 -27.94 2.10
CA ALA A 1152 32.21 -27.12 3.03
C ALA A 1152 33.47 -26.60 2.34
N CYS A 1153 34.40 -26.06 3.11
CA CYS A 1153 35.67 -25.59 2.56
C CYS A 1153 36.20 -26.57 1.53
N GLN A 1154 36.34 -26.09 0.29
CA GLN A 1154 36.81 -26.91 -0.81
C GLN A 1154 38.30 -26.66 -1.02
N VAL A 1155 39.05 -27.74 -1.20
CA VAL A 1155 40.49 -27.60 -1.46
C VAL A 1155 40.67 -26.74 -2.70
N THR A 1156 41.42 -25.65 -2.56
CA THR A 1156 41.69 -24.74 -3.66
C THR A 1156 43.20 -24.51 -3.74
N CYS A 1157 43.61 -23.73 -4.74
CA CYS A 1157 45.04 -23.50 -4.94
C CYS A 1157 45.67 -22.86 -3.72
N GLN A 1158 45.01 -21.86 -3.12
CA GLN A 1158 45.54 -21.22 -1.93
C GLN A 1158 45.33 -22.07 -0.68
N HIS A 1159 44.41 -23.03 -0.71
CA HIS A 1159 44.14 -23.91 0.42
C HIS A 1159 44.13 -25.35 -0.10
N PRO A 1160 45.28 -25.88 -0.49
CA PRO A 1160 45.32 -27.24 -1.02
C PRO A 1160 44.96 -28.28 0.03
N GLU A 1161 45.58 -28.18 1.20
CA GLU A 1161 45.29 -29.12 2.27
C GLU A 1161 43.84 -28.94 2.73
N PRO A 1162 43.20 -30.01 3.20
CA PRO A 1162 41.85 -29.88 3.72
C PRO A 1162 41.83 -29.32 5.14
N LEU A 1163 40.66 -28.80 5.52
CA LEU A 1163 40.48 -28.19 6.82
C LEU A 1163 39.20 -28.73 7.46
N ALA A 1164 39.18 -28.70 8.80
CA ALA A 1164 38.02 -29.15 9.56
C ALA A 1164 37.09 -27.96 9.75
N CYS A 1165 36.14 -27.80 8.83
CA CYS A 1165 35.24 -26.65 8.91
C CYS A 1165 34.15 -26.91 9.95
N PRO A 1166 33.72 -25.88 10.68
CA PRO A 1166 32.62 -26.09 11.64
C PRO A 1166 31.33 -26.54 10.98
N VAL A 1167 31.05 -26.07 9.77
CA VAL A 1167 29.80 -26.35 9.07
C VAL A 1167 30.10 -27.20 7.86
N GLN A 1168 29.38 -28.31 7.72
CA GLN A 1168 29.62 -29.23 6.61
C GLN A 1168 29.08 -28.70 5.29
N CYS A 1169 28.05 -27.87 5.33
CA CYS A 1169 27.41 -27.37 4.12
C CYS A 1169 27.08 -25.90 4.29
N VAL A 1170 27.25 -25.12 3.22
CA VAL A 1170 27.04 -23.69 3.24
C VAL A 1170 26.55 -23.24 1.87
N GLU A 1171 25.37 -22.62 1.83
CA GLU A 1171 24.82 -22.18 0.56
C GLU A 1171 25.64 -21.04 -0.02
N GLY A 1172 25.35 -20.71 -1.27
CA GLY A 1172 25.94 -19.58 -1.95
C GLY A 1172 26.56 -19.99 -3.26
N CYS A 1173 27.25 -19.04 -3.89
CA CYS A 1173 27.89 -19.28 -5.16
C CYS A 1173 29.12 -20.18 -4.99
N HIS A 1174 29.35 -21.03 -5.97
CA HIS A 1174 30.56 -21.85 -6.01
C HIS A 1174 30.78 -22.34 -7.43
N ALA A 1175 32.04 -22.55 -7.77
CA ALA A 1175 32.41 -23.01 -9.10
C ALA A 1175 32.47 -24.54 -9.11
N HIS A 1176 31.61 -25.15 -9.91
CA HIS A 1176 31.59 -26.61 -10.05
C HIS A 1176 32.61 -27.02 -11.11
N CYS A 1177 33.88 -26.84 -10.75
CA CYS A 1177 34.97 -27.09 -11.69
C CYS A 1177 35.07 -28.58 -12.00
N PRO A 1178 35.53 -28.94 -13.20
CA PRO A 1178 35.74 -30.36 -13.52
C PRO A 1178 36.73 -31.00 -12.57
N PRO A 1179 36.96 -32.31 -12.69
CA PRO A 1179 37.79 -33.01 -11.70
C PRO A 1179 39.16 -32.39 -11.50
N GLY A 1180 39.80 -31.92 -12.56
CA GLY A 1180 41.09 -31.28 -12.47
C GLY A 1180 40.96 -29.77 -12.28
N LYS A 1181 42.10 -29.10 -12.42
CA LYS A 1181 42.19 -27.64 -12.44
C LYS A 1181 41.35 -27.02 -11.32
N ILE A 1182 41.78 -27.30 -10.09
CA ILE A 1182 41.05 -26.86 -8.90
C ILE A 1182 40.98 -25.34 -8.85
N LEU A 1183 40.08 -24.81 -8.03
CA LEU A 1183 39.81 -23.38 -8.00
C LEU A 1183 40.99 -22.58 -7.46
N ASP A 1184 41.14 -21.37 -7.98
CA ASP A 1184 42.05 -20.38 -7.44
C ASP A 1184 41.26 -19.42 -6.56
N GLU A 1185 41.91 -18.33 -6.13
CA GLU A 1185 41.27 -17.33 -5.30
C GLU A 1185 41.20 -15.96 -5.95
N LEU A 1186 42.32 -15.44 -6.44
CA LEU A 1186 42.36 -14.05 -6.88
C LEU A 1186 41.47 -13.82 -8.09
N LEU A 1187 41.55 -14.71 -9.09
CA LEU A 1187 40.80 -14.54 -10.32
C LEU A 1187 39.45 -15.27 -10.29
N GLN A 1188 39.14 -15.96 -9.20
CA GLN A 1188 37.85 -16.63 -9.04
C GLN A 1188 37.53 -17.50 -10.25
N THR A 1189 38.53 -18.24 -10.71
CA THR A 1189 38.37 -19.17 -11.82
C THR A 1189 39.26 -20.37 -11.56
N CYS A 1190 38.79 -21.54 -11.94
CA CYS A 1190 39.52 -22.78 -11.67
C CYS A 1190 40.45 -23.10 -12.82
N VAL A 1191 41.72 -23.33 -12.50
CA VAL A 1191 42.78 -23.54 -13.48
C VAL A 1191 43.67 -24.67 -12.98
N ASP A 1192 44.58 -25.11 -13.84
CA ASP A 1192 45.43 -26.24 -13.52
C ASP A 1192 46.20 -25.99 -12.23
N PRO A 1193 46.47 -27.04 -11.45
CA PRO A 1193 47.23 -26.83 -10.20
C PRO A 1193 48.59 -26.20 -10.42
N GLU A 1194 49.16 -26.33 -11.63
CA GLU A 1194 50.47 -25.76 -11.88
C GLU A 1194 50.46 -24.25 -11.77
N ASP A 1195 49.41 -23.61 -12.26
CA ASP A 1195 49.34 -22.15 -12.31
C ASP A 1195 48.92 -21.57 -10.96
N CYS A 1196 49.61 -21.95 -9.89
CA CYS A 1196 49.37 -21.42 -8.56
C CYS A 1196 50.40 -21.98 -7.59
N PRO A 1197 50.61 -21.35 -6.42
CA PRO A 1197 51.60 -21.86 -5.47
C PRO A 1197 51.06 -23.03 -4.65
N SER B 31 -20.92 -25.11 -11.06
CA SER B 31 -19.57 -24.50 -11.01
C SER B 31 -19.38 -23.71 -9.72
N THR B 32 -20.48 -23.29 -9.11
CA THR B 32 -20.46 -22.57 -7.85
C THR B 32 -21.61 -23.07 -6.99
N ALA B 33 -21.74 -22.50 -5.81
CA ALA B 33 -22.79 -22.87 -4.85
C ALA B 33 -23.67 -21.66 -4.58
N ARG B 34 -24.69 -21.88 -3.78
CA ARG B 34 -25.61 -20.80 -3.39
C ARG B 34 -26.32 -21.23 -2.12
N CYS B 35 -25.99 -20.59 -1.01
CA CYS B 35 -26.67 -20.82 0.26
C CYS B 35 -27.21 -19.49 0.74
N SER B 36 -28.47 -19.49 1.17
CA SER B 36 -29.14 -18.26 1.56
C SER B 36 -29.82 -18.43 2.90
N LEU B 37 -29.86 -17.34 3.66
CA LEU B 37 -30.59 -17.27 4.91
C LEU B 37 -31.82 -16.41 4.64
N PHE B 38 -32.87 -17.04 4.14
CA PHE B 38 -34.01 -16.36 3.56
C PHE B 38 -35.16 -16.29 4.55
N GLY B 39 -36.29 -15.78 4.08
CA GLY B 39 -37.49 -15.74 4.90
C GLY B 39 -37.22 -15.07 6.23
N SER B 40 -37.72 -15.70 7.29
CA SER B 40 -37.43 -15.26 8.66
C SER B 40 -36.98 -16.49 9.44
N ASP B 41 -35.69 -16.51 9.81
CA ASP B 41 -35.13 -17.63 10.57
C ASP B 41 -35.10 -18.90 9.72
N PHE B 42 -34.63 -18.77 8.48
CA PHE B 42 -34.55 -19.89 7.57
C PHE B 42 -33.19 -19.91 6.90
N VAL B 43 -32.74 -21.11 6.56
CA VAL B 43 -31.42 -21.31 5.95
C VAL B 43 -31.57 -22.31 4.81
N ASN B 44 -30.61 -22.27 3.89
CA ASN B 44 -30.57 -23.21 2.77
C ASN B 44 -29.10 -23.48 2.47
N THR B 45 -28.57 -24.58 3.01
CA THR B 45 -27.17 -24.87 2.88
C THR B 45 -26.79 -25.05 1.41
N PHE B 46 -25.48 -25.11 1.17
CA PHE B 46 -24.99 -25.27 -0.20
C PHE B 46 -25.50 -26.55 -0.83
N ASP B 47 -25.44 -27.66 -0.09
CA ASP B 47 -25.84 -28.93 -0.67
C ASP B 47 -27.35 -29.02 -0.85
N GLY B 48 -28.12 -28.35 -0.01
CA GLY B 48 -29.56 -28.31 -0.19
C GLY B 48 -30.34 -28.36 1.10
N SER B 49 -29.73 -28.82 2.18
CA SER B 49 -30.42 -28.92 3.45
C SER B 49 -30.95 -27.57 3.87
N MET B 50 -32.19 -27.56 4.38
CA MET B 50 -32.82 -26.35 4.87
C MET B 50 -33.31 -26.58 6.29
N TYR B 51 -33.39 -25.51 7.05
CA TYR B 51 -33.82 -25.59 8.45
C TYR B 51 -34.18 -24.18 8.90
N SER B 52 -34.52 -24.06 10.18
CA SER B 52 -34.83 -22.78 10.78
C SER B 52 -33.99 -22.60 12.03
N PHE B 53 -33.47 -21.38 12.20
CA PHE B 53 -32.61 -21.09 13.34
C PHE B 53 -32.62 -19.59 13.58
N ALA B 54 -33.05 -19.18 14.77
CA ALA B 54 -33.12 -17.76 15.13
C ALA B 54 -32.12 -17.51 16.25
N GLY B 55 -30.87 -17.26 15.86
CA GLY B 55 -29.80 -17.03 16.81
C GLY B 55 -29.60 -15.55 17.09
N TYR B 56 -28.52 -15.26 17.83
CA TYR B 56 -28.23 -13.89 18.21
C TYR B 56 -26.75 -13.51 18.20
N CYS B 57 -25.84 -14.38 17.79
CA CYS B 57 -24.42 -14.17 18.02
C CYS B 57 -23.57 -14.47 16.80
N SER B 58 -23.93 -13.91 15.65
CA SER B 58 -23.00 -13.77 14.54
C SER B 58 -22.34 -15.10 14.17
N TYR B 59 -23.18 -16.01 13.69
CA TYR B 59 -22.74 -17.37 13.39
C TYR B 59 -22.01 -17.40 12.05
N LEU B 60 -21.11 -18.36 11.92
CA LEU B 60 -20.26 -18.46 10.74
C LEU B 60 -21.04 -19.11 9.61
N LEU B 61 -21.29 -18.35 8.54
CA LEU B 61 -22.02 -18.90 7.41
C LEU B 61 -21.14 -19.78 6.54
N ALA B 62 -19.88 -19.40 6.34
CA ALA B 62 -18.99 -20.14 5.46
C ALA B 62 -17.55 -19.84 5.87
N GLY B 63 -16.61 -20.26 5.03
CA GLY B 63 -15.20 -20.10 5.32
C GLY B 63 -14.49 -21.44 5.42
N GLY B 64 -13.18 -21.44 5.22
CA GLY B 64 -12.44 -22.70 5.25
C GLY B 64 -12.50 -23.35 6.62
N CYS B 65 -12.51 -24.69 6.62
CA CYS B 65 -12.58 -25.42 7.87
C CYS B 65 -11.22 -25.44 8.58
N GLN B 66 -10.13 -25.52 7.83
CA GLN B 66 -8.79 -25.58 8.41
C GLN B 66 -8.01 -24.30 8.15
N LYS B 67 -7.85 -23.90 6.89
CA LYS B 67 -7.22 -22.64 6.53
C LYS B 67 -8.33 -21.62 6.35
N ARG B 68 -8.56 -20.81 7.38
CA ARG B 68 -9.75 -19.96 7.39
C ARG B 68 -9.74 -19.00 6.21
N SER B 69 -8.60 -18.35 5.97
CA SER B 69 -8.47 -17.44 4.84
C SER B 69 -9.45 -16.28 4.96
N PHE B 70 -10.73 -16.57 4.86
CA PHE B 70 -11.78 -15.58 5.04
C PHE B 70 -12.94 -16.23 5.79
N SER B 71 -13.95 -15.42 6.11
CA SER B 71 -15.11 -15.92 6.85
C SER B 71 -16.27 -14.98 6.63
N ILE B 72 -17.35 -15.49 6.06
CA ILE B 72 -18.60 -14.75 5.99
C ILE B 72 -19.40 -15.06 7.23
N ILE B 73 -19.91 -14.03 7.89
CA ILE B 73 -20.55 -14.14 9.19
C ILE B 73 -21.93 -13.50 9.11
N GLY B 74 -22.94 -14.20 9.62
CA GLY B 74 -24.29 -13.68 9.63
C GLY B 74 -24.70 -13.21 11.01
N ASP B 75 -24.75 -11.90 11.21
CA ASP B 75 -25.13 -11.34 12.49
C ASP B 75 -26.63 -11.39 12.68
N PHE B 76 -27.06 -11.75 13.88
CA PHE B 76 -28.47 -11.80 14.24
C PHE B 76 -28.73 -10.88 15.42
N GLN B 77 -30.01 -10.61 15.66
CA GLN B 77 -30.42 -9.82 16.82
C GLN B 77 -31.89 -10.10 17.08
N ASN B 78 -32.19 -10.66 18.26
CA ASN B 78 -33.55 -11.06 18.60
C ASN B 78 -34.08 -12.09 17.61
N GLY B 79 -33.17 -12.87 17.02
CA GLY B 79 -33.54 -13.91 16.09
C GLY B 79 -33.70 -13.45 14.65
N LYS B 80 -33.64 -12.15 14.39
CA LYS B 80 -33.83 -11.62 13.05
C LYS B 80 -32.48 -11.25 12.46
N ARG B 81 -32.25 -11.66 11.21
CA ARG B 81 -31.03 -11.28 10.51
C ARG B 81 -30.89 -9.77 10.52
N VAL B 82 -29.70 -9.29 10.86
CA VAL B 82 -29.47 -7.86 10.98
C VAL B 82 -28.26 -7.38 10.21
N SER B 83 -27.32 -8.25 9.82
CA SER B 83 -26.14 -7.79 9.11
C SER B 83 -25.37 -8.99 8.60
N LEU B 84 -24.80 -8.85 7.41
CA LEU B 84 -23.84 -9.81 6.86
C LEU B 84 -22.47 -9.15 6.85
N SER B 85 -21.49 -9.82 7.45
CA SER B 85 -20.15 -9.28 7.58
C SER B 85 -19.14 -10.32 7.12
N VAL B 86 -18.03 -9.83 6.57
CA VAL B 86 -16.96 -10.68 6.05
C VAL B 86 -15.68 -10.30 6.77
N TYR B 87 -14.96 -11.29 7.27
CA TYR B 87 -13.66 -11.11 7.90
C TYR B 87 -12.62 -11.77 7.02
N LEU B 88 -11.75 -10.95 6.43
CA LEU B 88 -10.63 -11.47 5.65
C LEU B 88 -9.47 -11.76 6.60
N GLY B 89 -8.95 -12.97 6.56
CA GLY B 89 -7.96 -13.38 7.53
C GLY B 89 -8.43 -13.05 8.92
N GLU B 90 -7.69 -12.18 9.62
CA GLU B 90 -8.15 -11.62 10.88
C GLU B 90 -7.78 -10.15 10.98
N PHE B 91 -7.61 -9.49 9.85
CA PHE B 91 -7.18 -8.10 9.79
C PHE B 91 -8.21 -7.17 9.18
N PHE B 92 -8.84 -7.56 8.08
CA PHE B 92 -9.81 -6.74 7.40
C PHE B 92 -11.20 -7.30 7.65
N ASP B 93 -12.11 -6.43 8.09
CA ASP B 93 -13.50 -6.78 8.31
C ASP B 93 -14.38 -5.78 7.58
N ILE B 94 -15.60 -6.20 7.29
CA ILE B 94 -16.58 -5.32 6.66
C ILE B 94 -17.98 -5.83 7.01
N HIS B 95 -18.84 -4.93 7.46
CA HIS B 95 -20.20 -5.28 7.85
C HIS B 95 -21.17 -4.64 6.88
N LEU B 96 -22.01 -5.47 6.26
CA LEU B 96 -23.02 -5.02 5.31
C LEU B 96 -24.38 -5.18 5.98
N PHE B 97 -24.82 -4.16 6.70
CA PHE B 97 -26.09 -4.23 7.39
C PHE B 97 -27.23 -4.35 6.39
N VAL B 98 -28.33 -4.96 6.84
CA VAL B 98 -29.45 -5.23 5.94
C VAL B 98 -30.02 -3.93 5.38
N ASN B 99 -30.05 -2.88 6.18
CA ASN B 99 -30.63 -1.61 5.76
C ASN B 99 -29.68 -0.80 4.86
N GLY B 100 -28.63 -1.41 4.33
CA GLY B 100 -27.77 -0.77 3.37
C GLY B 100 -26.60 0.00 3.94
N THR B 101 -26.50 0.13 5.25
CA THR B 101 -25.41 0.86 5.86
C THR B 101 -24.20 -0.05 6.02
N VAL B 102 -23.02 0.46 5.69
CA VAL B 102 -21.78 -0.28 5.75
C VAL B 102 -20.88 0.35 6.80
N THR B 103 -19.92 -0.42 7.28
CA THR B 103 -18.92 0.08 8.22
C THR B 103 -17.66 -0.75 8.08
N GLN B 104 -16.52 -0.08 7.90
CA GLN B 104 -15.29 -0.80 7.63
C GLN B 104 -14.93 -1.71 8.80
N GLY B 105 -14.48 -1.14 9.91
CA GLY B 105 -14.36 -1.91 11.14
C GLY B 105 -15.32 -1.42 12.20
N ASP B 106 -15.40 -0.10 12.32
CA ASP B 106 -16.36 0.51 13.23
C ASP B 106 -16.93 1.81 12.70
N GLN B 107 -16.58 2.24 11.49
CA GLN B 107 -16.97 3.55 10.97
C GLN B 107 -17.59 3.38 9.60
N ARG B 108 -18.59 4.22 9.32
CA ARG B 108 -19.36 4.08 8.09
C ARG B 108 -18.50 4.41 6.88
N VAL B 109 -18.91 3.87 5.73
CA VAL B 109 -18.22 4.08 4.48
C VAL B 109 -19.24 4.24 3.36
N SER B 110 -18.76 4.77 2.23
CA SER B 110 -19.62 4.96 1.07
C SER B 110 -20.09 3.61 0.55
N MET B 111 -21.02 3.65 -0.41
CA MET B 111 -21.63 2.40 -0.89
C MET B 111 -20.66 1.61 -1.75
N PRO B 112 -20.09 2.17 -2.83
CA PRO B 112 -19.23 1.35 -3.69
C PRO B 112 -18.06 0.74 -2.96
N TYR B 113 -17.18 1.56 -2.40
CA TYR B 113 -16.11 1.12 -1.50
C TYR B 113 -15.39 -0.12 -2.04
N ALA B 114 -14.67 0.08 -3.14
CA ALA B 114 -13.70 -0.91 -3.55
C ALA B 114 -12.56 -0.94 -2.55
N SER B 115 -12.09 -2.14 -2.22
CA SER B 115 -11.11 -2.32 -1.16
C SER B 115 -10.26 -3.53 -1.48
N LYS B 116 -9.62 -4.11 -0.46
CA LYS B 116 -8.59 -5.12 -0.65
C LYS B 116 -9.24 -6.38 -1.20
N GLY B 117 -9.53 -6.36 -2.50
CA GLY B 117 -10.16 -7.46 -3.17
C GLY B 117 -11.65 -7.56 -2.98
N LEU B 118 -12.24 -6.73 -2.12
CA LEU B 118 -13.66 -6.74 -1.85
C LEU B 118 -14.30 -5.52 -2.48
N TYR B 119 -15.38 -5.74 -3.22
CA TYR B 119 -16.12 -4.66 -3.86
C TYR B 119 -17.55 -4.69 -3.37
N LEU B 120 -18.02 -3.55 -2.88
CA LEU B 120 -19.42 -3.35 -2.56
C LEU B 120 -20.08 -2.56 -3.67
N GLU B 121 -21.33 -2.89 -3.99
CA GLU B 121 -22.02 -2.24 -5.08
C GLU B 121 -23.51 -2.30 -4.81
N THR B 122 -24.29 -1.96 -5.83
CA THR B 122 -25.74 -2.18 -5.85
C THR B 122 -26.01 -2.82 -7.20
N GLU B 123 -25.91 -4.14 -7.26
CA GLU B 123 -25.98 -4.85 -8.54
C GLU B 123 -27.29 -4.56 -9.24
N ALA B 124 -28.40 -4.96 -8.64
CA ALA B 124 -29.74 -4.75 -9.20
C ALA B 124 -30.67 -4.25 -8.12
N GLY B 125 -30.20 -3.25 -7.38
CA GLY B 125 -30.91 -2.79 -6.20
C GLY B 125 -30.63 -3.61 -4.96
N TYR B 126 -29.82 -4.65 -5.07
CA TYR B 126 -29.43 -5.48 -3.94
C TYR B 126 -27.98 -5.19 -3.60
N TYR B 127 -27.72 -4.92 -2.32
CA TYR B 127 -26.35 -4.64 -1.88
C TYR B 127 -25.49 -5.88 -2.10
N LYS B 128 -24.56 -5.81 -3.06
CA LYS B 128 -23.70 -6.93 -3.40
C LYS B 128 -22.34 -6.75 -2.75
N LEU B 129 -21.95 -7.69 -1.90
CA LEU B 129 -20.60 -7.73 -1.34
C LEU B 129 -19.82 -8.75 -2.17
N SER B 130 -18.99 -8.25 -3.07
CA SER B 130 -18.31 -9.08 -4.03
C SER B 130 -16.96 -9.52 -3.47
N GLY B 131 -16.10 -10.06 -4.32
CA GLY B 131 -14.81 -10.57 -3.92
C GLY B 131 -14.52 -11.83 -4.71
N GLU B 132 -13.41 -11.81 -5.46
CA GLU B 132 -13.12 -12.89 -6.40
C GLU B 132 -11.73 -13.48 -6.24
N ALA B 133 -10.77 -12.74 -5.68
CA ALA B 133 -9.52 -13.39 -5.31
C ALA B 133 -9.76 -14.53 -4.34
N TYR B 134 -10.88 -14.46 -3.60
CA TYR B 134 -11.29 -15.52 -2.69
C TYR B 134 -12.41 -16.39 -3.23
N GLY B 135 -13.09 -15.95 -4.28
CA GLY B 135 -14.14 -16.74 -4.89
C GLY B 135 -15.41 -16.80 -4.07
N PHE B 136 -16.03 -15.63 -3.85
CA PHE B 136 -17.28 -15.58 -3.14
C PHE B 136 -17.97 -14.23 -3.34
N VAL B 137 -19.26 -14.24 -3.62
CA VAL B 137 -20.04 -13.03 -3.77
C VAL B 137 -21.28 -13.15 -2.89
N ALA B 138 -21.63 -12.07 -2.21
CA ALA B 138 -22.76 -12.06 -1.29
C ALA B 138 -23.67 -10.89 -1.63
N ARG B 139 -24.96 -11.08 -1.39
CA ARG B 139 -25.95 -10.05 -1.65
C ARG B 139 -26.96 -10.01 -0.52
N ILE B 140 -27.63 -8.88 -0.39
CA ILE B 140 -28.73 -8.70 0.55
C ILE B 140 -29.89 -8.08 -0.20
N ASP B 141 -31.05 -8.73 -0.15
CA ASP B 141 -32.24 -8.21 -0.80
C ASP B 141 -32.87 -7.11 0.04
N GLY B 142 -33.80 -6.38 -0.58
CA GLY B 142 -34.59 -5.43 0.19
C GLY B 142 -35.35 -6.10 1.31
N SER B 143 -35.67 -7.38 1.16
CA SER B 143 -36.33 -8.12 2.23
C SER B 143 -35.36 -8.46 3.35
N GLY B 144 -34.07 -8.59 3.04
CA GLY B 144 -33.08 -8.95 4.04
C GLY B 144 -32.68 -10.40 3.95
N ASN B 145 -32.47 -10.88 2.73
CA ASN B 145 -32.09 -12.26 2.48
C ASN B 145 -30.64 -12.33 2.03
N PHE B 146 -29.81 -12.99 2.82
CA PHE B 146 -28.42 -13.19 2.45
C PHE B 146 -28.31 -14.29 1.41
N GLN B 147 -27.47 -14.08 0.41
CA GLN B 147 -27.39 -14.97 -0.74
C GLN B 147 -25.94 -15.26 -1.10
N VAL B 148 -25.13 -15.63 -0.12
CA VAL B 148 -23.71 -15.82 -0.37
C VAL B 148 -23.51 -16.94 -1.36
N LEU B 149 -22.70 -16.68 -2.39
CA LEU B 149 -22.25 -17.69 -3.33
C LEU B 149 -20.79 -18.02 -3.04
N LEU B 150 -20.42 -19.26 -3.34
CA LEU B 150 -19.08 -19.73 -3.05
C LEU B 150 -18.57 -20.56 -4.23
N SER B 151 -17.35 -20.30 -4.65
CA SER B 151 -16.77 -21.01 -5.77
C SER B 151 -16.57 -22.48 -5.43
N ASP B 152 -16.51 -23.31 -6.47
CA ASP B 152 -16.24 -24.73 -6.28
C ASP B 152 -14.85 -24.98 -5.72
N ARG B 153 -13.98 -23.97 -5.73
CA ARG B 153 -12.68 -24.10 -5.10
C ARG B 153 -12.82 -24.63 -3.67
N TYR B 154 -13.83 -24.13 -2.96
CA TYR B 154 -14.12 -24.60 -1.61
C TYR B 154 -15.14 -25.73 -1.62
N PHE B 155 -14.88 -26.73 -2.45
CA PHE B 155 -15.72 -27.92 -2.50
C PHE B 155 -15.26 -28.88 -1.42
N ASN B 156 -16.20 -29.32 -0.58
CA ASN B 156 -15.88 -30.22 0.51
C ASN B 156 -14.89 -29.59 1.49
N LYS B 157 -14.86 -28.26 1.53
CA LYS B 157 -13.92 -27.53 2.37
C LYS B 157 -14.55 -26.44 3.21
N THR B 158 -15.77 -26.00 2.93
CA THR B 158 -16.36 -24.92 3.69
C THR B 158 -16.92 -25.45 5.00
N CYS B 159 -17.19 -24.51 5.91
CA CYS B 159 -17.71 -24.83 7.23
C CYS B 159 -18.55 -23.66 7.70
N GLY B 160 -19.65 -23.95 8.39
CA GLY B 160 -20.51 -22.93 8.93
C GLY B 160 -21.96 -23.31 8.77
N LEU B 161 -22.83 -22.34 9.03
CA LEU B 161 -24.27 -22.59 8.96
C LEU B 161 -24.66 -23.19 7.61
N CYS B 162 -24.02 -22.73 6.54
CA CYS B 162 -24.31 -23.26 5.21
C CYS B 162 -23.74 -24.65 4.99
N GLY B 163 -23.19 -25.28 6.02
CA GLY B 163 -22.74 -26.65 5.92
C GLY B 163 -21.61 -26.82 4.94
N ASN B 164 -20.95 -27.98 4.97
CA ASN B 164 -19.89 -28.26 4.02
C ASN B 164 -20.45 -28.20 2.59
N PHE B 165 -19.55 -28.19 1.63
CA PHE B 165 -19.89 -28.03 0.23
C PHE B 165 -19.59 -29.30 -0.56
N ASN B 166 -19.97 -30.45 0.00
CA ASN B 166 -20.04 -31.67 -0.79
C ASN B 166 -21.38 -31.67 -1.51
N ILE B 167 -21.73 -32.78 -2.14
CA ILE B 167 -23.03 -32.87 -2.80
C ILE B 167 -24.10 -33.43 -1.87
N PHE B 168 -23.72 -34.24 -0.89
CA PHE B 168 -24.69 -34.84 0.02
C PHE B 168 -25.29 -33.78 0.92
N ALA B 169 -26.62 -33.74 0.97
CA ALA B 169 -27.34 -32.76 1.76
C ALA B 169 -27.72 -33.27 3.15
N GLU B 170 -27.30 -34.48 3.51
CA GLU B 170 -27.62 -35.02 4.82
C GLU B 170 -26.53 -34.77 5.85
N ASP B 171 -25.26 -34.73 5.43
CA ASP B 171 -24.15 -34.47 6.32
C ASP B 171 -23.88 -32.97 6.49
N ASP B 172 -24.81 -32.12 6.08
CA ASP B 172 -24.61 -30.68 6.12
C ASP B 172 -24.87 -30.07 7.50
N PHE B 173 -24.93 -30.89 8.54
CA PHE B 173 -25.09 -30.40 9.91
C PHE B 173 -23.82 -30.62 10.73
N MET B 174 -22.68 -30.65 10.06
CA MET B 174 -21.40 -30.81 10.74
C MET B 174 -21.26 -29.77 11.84
N THR B 175 -21.02 -30.23 13.06
CA THR B 175 -20.78 -29.31 14.17
C THR B 175 -19.35 -28.79 14.11
N GLN B 176 -19.09 -27.71 14.86
CA GLN B 176 -17.74 -27.19 14.93
C GLN B 176 -16.78 -28.18 15.59
N GLU B 177 -17.29 -29.12 16.36
CA GLU B 177 -16.48 -30.14 17.00
C GLU B 177 -16.22 -31.33 16.10
N GLY B 178 -16.75 -31.33 14.88
CA GLY B 178 -16.59 -32.45 13.99
C GLY B 178 -17.59 -33.57 14.17
N THR B 179 -18.62 -33.37 15.00
CA THR B 179 -19.66 -34.36 15.22
C THR B 179 -20.90 -33.94 14.45
N LEU B 180 -21.50 -34.88 13.73
CA LEU B 180 -22.66 -34.60 12.87
C LEU B 180 -23.92 -34.77 13.70
N THR B 181 -24.42 -33.67 14.25
CA THR B 181 -25.65 -33.71 15.02
C THR B 181 -26.85 -33.71 14.07
N SER B 182 -28.03 -33.91 14.66
CA SER B 182 -29.28 -33.90 13.91
C SER B 182 -30.20 -32.75 14.28
N ASP B 183 -30.06 -32.19 15.47
CA ASP B 183 -30.84 -31.02 15.85
C ASP B 183 -30.25 -29.78 15.22
N PRO B 184 -30.97 -29.07 14.36
CA PRO B 184 -30.37 -27.88 13.73
C PRO B 184 -29.92 -26.83 14.72
N TYR B 185 -30.64 -26.66 15.83
CA TYR B 185 -30.38 -25.54 16.71
C TYR B 185 -29.03 -25.68 17.39
N ASP B 186 -28.74 -26.84 17.98
CA ASP B 186 -27.44 -27.01 18.64
C ASP B 186 -26.32 -26.99 17.63
N PHE B 187 -26.53 -27.59 16.45
CA PHE B 187 -25.52 -27.55 15.41
C PHE B 187 -25.15 -26.12 15.07
N ALA B 188 -26.15 -25.27 14.82
CA ALA B 188 -25.89 -23.89 14.50
C ALA B 188 -25.25 -23.17 15.68
N ASN B 189 -25.75 -23.41 16.90
CA ASN B 189 -25.19 -22.77 18.08
C ASN B 189 -23.72 -23.11 18.23
N SER B 190 -23.30 -24.27 17.73
CA SER B 190 -21.89 -24.63 17.77
C SER B 190 -21.03 -23.74 16.89
N TRP B 191 -21.64 -22.93 16.02
CA TRP B 191 -20.90 -22.05 15.13
C TRP B 191 -20.97 -20.59 15.55
N ALA B 192 -21.49 -20.30 16.73
CA ALA B 192 -21.55 -18.92 17.19
C ALA B 192 -20.15 -18.36 17.40
N LEU B 193 -19.97 -17.09 17.08
CA LEU B 193 -18.68 -16.42 17.19
C LEU B 193 -18.85 -15.21 18.10
N SER B 194 -18.58 -15.41 19.39
CA SER B 194 -18.69 -14.32 20.35
C SER B 194 -17.63 -13.27 20.09
N SER B 195 -18.00 -12.00 20.28
CA SER B 195 -17.09 -10.87 20.16
C SER B 195 -16.87 -10.26 21.54
N GLY B 196 -16.04 -9.23 21.58
CA GLY B 196 -15.73 -8.60 22.85
C GLY B 196 -16.94 -7.99 23.51
N GLU B 197 -17.73 -7.24 22.74
CA GLU B 197 -18.92 -6.58 23.28
C GLU B 197 -20.16 -7.45 23.22
N GLN B 198 -20.14 -8.54 22.44
CA GLN B 198 -21.28 -9.41 22.28
C GLN B 198 -20.87 -10.83 22.64
N TRP B 199 -21.66 -11.49 23.49
CA TRP B 199 -21.35 -12.81 23.99
C TRP B 199 -22.48 -13.77 23.65
N CYS B 200 -22.15 -14.90 23.06
CA CYS B 200 -23.16 -15.82 22.56
C CYS B 200 -23.90 -16.50 23.70
N GLU B 201 -25.21 -16.66 23.52
CA GLU B 201 -26.05 -17.45 24.40
C GLU B 201 -26.71 -18.53 23.57
N ARG B 202 -26.80 -19.74 24.12
CA ARG B 202 -27.41 -20.85 23.40
C ARG B 202 -28.81 -20.45 22.94
N ALA B 203 -29.00 -20.34 21.64
CA ALA B 203 -30.32 -20.05 21.08
C ALA B 203 -31.15 -21.32 21.08
N SER B 204 -32.42 -21.19 21.45
CA SER B 204 -33.34 -22.31 21.53
C SER B 204 -34.52 -22.07 20.62
N PRO B 205 -35.22 -23.12 20.20
CA PRO B 205 -36.34 -22.96 19.27
C PRO B 205 -37.38 -22.02 19.85
N PRO B 206 -38.02 -21.19 19.03
CA PRO B 206 -39.00 -20.24 19.57
C PRO B 206 -40.12 -20.97 20.29
N SER B 207 -40.56 -20.39 21.40
CA SER B 207 -41.62 -20.98 22.22
C SER B 207 -42.96 -20.38 21.77
N SER B 208 -43.51 -20.96 20.72
CA SER B 208 -44.78 -20.50 20.18
C SER B 208 -45.48 -21.65 19.49
N SER B 209 -46.79 -21.50 19.32
CA SER B 209 -47.63 -22.49 18.64
C SER B 209 -48.16 -21.89 17.35
N CYS B 210 -48.05 -22.65 16.27
CA CYS B 210 -48.48 -22.19 14.96
C CYS B 210 -49.99 -22.11 14.88
N LEU B 221 -57.60 -21.14 6.06
CA LEU B 221 -56.38 -21.79 5.60
C LEU B 221 -55.89 -21.17 4.30
N TRP B 222 -54.74 -20.48 4.38
CA TRP B 222 -54.18 -19.85 3.19
C TRP B 222 -53.84 -20.88 2.13
N GLU B 223 -52.90 -21.77 2.43
CA GLU B 223 -52.56 -22.90 1.56
C GLU B 223 -52.14 -22.45 0.17
N GLN B 224 -51.72 -21.20 0.00
CA GLN B 224 -51.15 -20.77 -1.27
C GLN B 224 -49.80 -21.44 -1.55
N CYS B 225 -49.21 -22.09 -0.55
CA CYS B 225 -47.97 -22.82 -0.77
C CYS B 225 -48.12 -23.88 -1.85
N GLN B 226 -49.36 -24.35 -2.08
CA GLN B 226 -49.58 -25.34 -3.12
C GLN B 226 -49.15 -24.84 -4.48
N LEU B 227 -49.03 -23.52 -4.66
CA LEU B 227 -48.63 -22.98 -5.96
C LEU B 227 -47.33 -23.57 -6.43
N LEU B 228 -46.44 -23.95 -5.50
CA LEU B 228 -45.16 -24.54 -5.89
C LEU B 228 -45.34 -25.84 -6.66
N LYS B 229 -46.49 -26.49 -6.53
CA LYS B 229 -46.75 -27.77 -7.17
C LYS B 229 -47.98 -27.75 -8.07
N SER B 230 -48.74 -26.67 -8.08
CA SER B 230 -49.95 -26.57 -8.88
C SER B 230 -49.81 -25.61 -10.06
N THR B 231 -49.22 -24.45 -9.85
CA THR B 231 -49.05 -23.50 -10.95
C THR B 231 -48.13 -24.09 -12.01
N SER B 232 -48.45 -23.81 -13.27
CA SER B 232 -47.66 -24.37 -14.37
C SER B 232 -46.23 -23.87 -14.34
N VAL B 233 -46.04 -22.57 -14.08
CA VAL B 233 -44.71 -21.98 -14.14
C VAL B 233 -43.79 -22.65 -13.12
N PHE B 234 -44.25 -22.77 -11.88
CA PHE B 234 -43.41 -23.35 -10.84
C PHE B 234 -43.05 -24.80 -11.14
N ALA B 235 -44.01 -25.56 -11.65
CA ALA B 235 -43.81 -26.99 -11.82
C ALA B 235 -42.70 -27.31 -12.81
N ARG B 236 -42.28 -26.34 -13.62
CA ARG B 236 -41.16 -26.58 -14.52
C ARG B 236 -39.91 -27.01 -13.76
N CYS B 237 -39.82 -26.62 -12.48
CA CYS B 237 -38.64 -26.91 -11.69
C CYS B 237 -38.66 -28.31 -11.07
N HIS B 238 -39.81 -28.96 -11.02
CA HIS B 238 -39.89 -30.26 -10.37
C HIS B 238 -38.84 -31.24 -10.87
N PRO B 239 -38.53 -31.32 -12.16
CA PRO B 239 -37.42 -32.19 -12.58
C PRO B 239 -36.10 -31.85 -11.90
N LEU B 240 -35.86 -30.58 -11.60
CA LEU B 240 -34.58 -30.15 -11.04
C LEU B 240 -34.57 -30.24 -9.51
N VAL B 241 -35.48 -29.52 -8.85
CA VAL B 241 -35.50 -29.39 -7.40
C VAL B 241 -36.85 -29.83 -6.88
N ASP B 242 -36.85 -30.70 -5.88
CA ASP B 242 -38.09 -31.15 -5.26
C ASP B 242 -38.71 -30.01 -4.46
N PRO B 243 -39.99 -29.70 -4.67
CA PRO B 243 -40.62 -28.61 -3.92
C PRO B 243 -41.16 -28.99 -2.54
N GLU B 244 -41.09 -30.26 -2.16
CA GLU B 244 -41.69 -30.68 -0.89
C GLU B 244 -41.10 -29.95 0.30
N PRO B 245 -39.77 -29.84 0.45
CA PRO B 245 -39.26 -29.08 1.61
C PRO B 245 -39.74 -27.64 1.62
N PHE B 246 -39.76 -26.99 0.47
CA PHE B 246 -40.18 -25.60 0.41
C PHE B 246 -41.63 -25.46 0.82
N VAL B 247 -42.50 -26.34 0.32
CA VAL B 247 -43.91 -26.23 0.70
C VAL B 247 -44.08 -26.52 2.18
N ALA B 248 -43.30 -27.45 2.73
CA ALA B 248 -43.38 -27.72 4.16
C ALA B 248 -43.00 -26.50 4.99
N LEU B 249 -41.90 -25.85 4.62
CA LEU B 249 -41.52 -24.62 5.30
C LEU B 249 -42.60 -23.57 5.17
N CYS B 250 -43.23 -23.49 3.99
CA CYS B 250 -44.29 -22.52 3.79
C CYS B 250 -45.48 -22.82 4.70
N GLU B 251 -45.83 -24.11 4.85
CA GLU B 251 -46.91 -24.45 5.77
C GLU B 251 -46.57 -24.01 7.19
N LYS B 252 -45.32 -24.27 7.61
CA LYS B 252 -44.92 -23.83 8.93
C LYS B 252 -45.11 -22.33 9.08
N THR B 253 -44.57 -21.55 8.14
CA THR B 253 -44.66 -20.10 8.22
C THR B 253 -46.12 -19.66 8.27
N LEU B 254 -46.95 -20.20 7.38
CA LEU B 254 -48.36 -19.79 7.33
C LEU B 254 -49.05 -20.09 8.64
N CYS B 255 -48.86 -21.29 9.18
CA CYS B 255 -49.52 -21.66 10.43
C CYS B 255 -49.08 -20.74 11.55
N GLU B 256 -47.79 -20.39 11.60
CA GLU B 256 -47.33 -19.45 12.61
C GLU B 256 -47.52 -18.00 12.21
N CYS B 257 -47.60 -17.71 10.91
CA CYS B 257 -47.69 -16.33 10.46
C CYS B 257 -49.00 -15.69 10.89
N ALA B 258 -48.93 -14.41 11.26
CA ALA B 258 -50.15 -13.65 11.53
C ALA B 258 -50.72 -13.04 10.25
N GLY B 259 -49.88 -12.78 9.24
CA GLY B 259 -50.33 -12.18 8.02
C GLY B 259 -51.03 -13.17 7.09
N GLY B 260 -51.43 -12.66 5.94
CA GLY B 260 -52.21 -13.44 5.00
C GLY B 260 -51.39 -14.10 3.91
N LEU B 261 -51.78 -13.88 2.65
CA LEU B 261 -51.15 -14.59 1.54
C LEU B 261 -49.68 -14.25 1.42
N GLU B 262 -49.31 -13.00 1.71
CA GLU B 262 -47.94 -12.56 1.51
C GLU B 262 -46.93 -13.45 2.26
N CYS B 263 -47.35 -14.03 3.38
CA CYS B 263 -46.41 -14.80 4.20
C CYS B 263 -45.83 -15.99 3.46
N ALA B 264 -46.52 -16.50 2.43
CA ALA B 264 -45.96 -17.57 1.62
C ALA B 264 -44.91 -17.07 0.64
N CYS B 265 -44.86 -15.76 0.41
CA CYS B 265 -43.95 -15.20 -0.58
C CYS B 265 -42.49 -15.59 -0.38
N PRO B 266 -41.91 -15.53 0.82
CA PRO B 266 -40.48 -15.84 0.95
C PRO B 266 -40.12 -17.23 0.47
N ALA B 267 -40.94 -18.23 0.76
CA ALA B 267 -40.62 -19.59 0.32
C ALA B 267 -40.65 -19.70 -1.19
N LEU B 268 -41.65 -19.10 -1.83
CA LEU B 268 -41.71 -19.13 -3.29
C LEU B 268 -40.52 -18.42 -3.90
N LEU B 269 -40.14 -17.27 -3.34
CA LEU B 269 -38.99 -16.54 -3.84
C LEU B 269 -37.73 -17.36 -3.71
N GLU B 270 -37.55 -18.03 -2.56
CA GLU B 270 -36.38 -18.88 -2.38
C GLU B 270 -36.38 -20.02 -3.39
N TYR B 271 -37.53 -20.63 -3.64
CA TYR B 271 -37.59 -21.70 -4.62
C TYR B 271 -37.20 -21.20 -6.00
N ALA B 272 -37.71 -20.02 -6.39
CA ALA B 272 -37.36 -19.47 -7.68
C ALA B 272 -35.87 -19.19 -7.78
N ARG B 273 -35.28 -18.65 -6.71
CA ARG B 273 -33.85 -18.37 -6.73
C ARG B 273 -33.04 -19.65 -6.84
N THR B 274 -33.45 -20.70 -6.12
CA THR B 274 -32.77 -21.99 -6.25
C THR B 274 -32.86 -22.50 -7.67
N CYS B 275 -34.04 -22.42 -8.27
CA CYS B 275 -34.21 -22.82 -9.67
C CYS B 275 -33.23 -22.06 -10.55
N ALA B 276 -33.16 -20.74 -10.39
CA ALA B 276 -32.23 -19.94 -11.17
C ALA B 276 -30.80 -20.43 -10.97
N GLN B 277 -30.44 -20.73 -9.72
CA GLN B 277 -29.13 -21.29 -9.45
C GLN B 277 -28.90 -22.58 -10.23
N GLU B 278 -29.94 -23.37 -10.45
CA GLU B 278 -29.85 -24.53 -11.32
C GLU B 278 -29.92 -24.17 -12.79
N GLY B 279 -29.82 -22.90 -13.14
CA GLY B 279 -29.86 -22.48 -14.52
C GLY B 279 -31.18 -22.77 -15.21
N MET B 280 -32.29 -22.62 -14.49
CA MET B 280 -33.61 -22.88 -15.04
C MET B 280 -34.56 -21.74 -14.65
N VAL B 281 -34.12 -20.50 -14.89
CA VAL B 281 -34.87 -19.32 -14.47
C VAL B 281 -36.35 -19.52 -14.75
N LEU B 282 -37.18 -19.18 -13.78
CA LEU B 282 -38.63 -19.34 -13.89
C LEU B 282 -39.22 -18.04 -14.44
N TYR B 283 -39.05 -17.85 -15.74
CA TYR B 283 -39.59 -16.66 -16.37
C TYR B 283 -41.09 -16.57 -16.16
N GLY B 284 -41.56 -15.38 -15.81
CA GLY B 284 -42.97 -15.13 -15.62
C GLY B 284 -43.51 -15.53 -14.26
N TRP B 285 -42.71 -16.19 -13.42
CA TRP B 285 -43.19 -16.50 -12.08
C TRP B 285 -43.43 -15.19 -11.34
N THR B 286 -44.37 -15.22 -10.40
CA THR B 286 -44.87 -14.09 -9.64
C THR B 286 -45.84 -13.26 -10.46
N ASP B 287 -46.01 -13.54 -11.76
CA ASP B 287 -47.06 -12.86 -12.51
C ASP B 287 -48.42 -13.11 -11.88
N HIS B 288 -48.64 -14.33 -11.39
CA HIS B 288 -49.80 -14.65 -10.56
C HIS B 288 -49.27 -15.33 -9.30
N SER B 289 -48.75 -14.53 -8.38
CA SER B 289 -48.46 -14.99 -7.03
C SER B 289 -48.73 -13.98 -5.94
N ALA B 290 -48.87 -12.69 -6.27
CA ALA B 290 -48.91 -11.62 -5.28
C ALA B 290 -47.69 -11.64 -4.36
N CYS B 291 -46.63 -12.33 -4.76
CA CYS B 291 -45.41 -12.35 -3.95
C CYS B 291 -44.77 -10.96 -3.92
N SER B 292 -44.58 -10.35 -5.09
CA SER B 292 -44.09 -8.98 -5.19
C SER B 292 -42.84 -8.78 -4.37
N PRO B 293 -41.70 -9.30 -4.81
CA PRO B 293 -40.45 -9.08 -4.06
C PRO B 293 -40.18 -7.61 -3.88
N VAL B 294 -39.69 -7.25 -2.68
CA VAL B 294 -39.44 -5.85 -2.37
C VAL B 294 -38.37 -5.30 -3.30
N CYS B 295 -38.61 -4.11 -3.82
CA CYS B 295 -37.68 -3.43 -4.72
C CYS B 295 -37.67 -1.95 -4.38
N PRO B 296 -36.59 -1.26 -4.71
CA PRO B 296 -36.54 0.19 -4.47
C PRO B 296 -37.49 0.93 -5.39
N ALA B 297 -37.86 2.13 -4.95
CA ALA B 297 -38.85 2.92 -5.68
C ALA B 297 -38.48 3.00 -7.16
N GLY B 298 -39.52 3.04 -8.00
CA GLY B 298 -39.31 3.14 -9.43
C GLY B 298 -38.55 1.97 -10.02
N MET B 299 -38.79 0.76 -9.52
CA MET B 299 -38.16 -0.43 -10.05
C MET B 299 -39.14 -1.60 -9.98
N GLU B 300 -38.87 -2.61 -10.81
CA GLU B 300 -39.67 -3.82 -10.86
C GLU B 300 -38.76 -5.02 -10.66
N TYR B 301 -39.32 -6.10 -10.11
CA TYR B 301 -38.50 -7.25 -9.75
C TYR B 301 -37.66 -7.72 -10.93
N ARG B 302 -38.29 -7.87 -12.10
CA ARG B 302 -37.57 -8.03 -13.36
C ARG B 302 -36.54 -9.16 -13.27
N GLN B 303 -37.05 -10.37 -13.11
CA GLN B 303 -36.18 -11.54 -13.10
C GLN B 303 -35.22 -11.51 -14.28
N CYS B 304 -34.03 -12.04 -14.07
CA CYS B 304 -33.01 -12.16 -15.11
C CYS B 304 -32.76 -10.81 -15.78
N VAL B 305 -32.26 -9.88 -14.97
CA VAL B 305 -31.82 -8.58 -15.45
C VAL B 305 -30.31 -8.62 -15.64
N SER B 306 -29.84 -7.93 -16.67
CA SER B 306 -28.41 -7.92 -16.94
C SER B 306 -27.66 -7.31 -15.75
N PRO B 307 -26.54 -7.91 -15.33
CA PRO B 307 -25.86 -7.40 -14.14
C PRO B 307 -25.37 -5.96 -14.30
N CYS B 308 -24.98 -5.56 -15.51
CA CYS B 308 -24.40 -4.24 -15.68
C CYS B 308 -25.43 -3.15 -15.56
N ALA B 309 -26.60 -3.34 -16.15
CA ALA B 309 -27.70 -2.36 -16.06
C ALA B 309 -27.23 -0.99 -16.56
N ARG B 310 -27.03 -0.92 -17.87
CA ARG B 310 -26.50 0.29 -18.53
C ARG B 310 -27.09 1.57 -17.93
N THR B 311 -26.20 2.49 -17.56
CA THR B 311 -26.58 3.83 -17.13
C THR B 311 -26.18 4.83 -18.20
N CYS B 312 -26.78 6.01 -18.14
CA CYS B 312 -26.39 7.05 -19.08
C CYS B 312 -24.94 7.43 -18.91
N GLN B 313 -24.41 7.28 -17.69
CA GLN B 313 -23.02 7.59 -17.41
C GLN B 313 -22.08 6.45 -17.79
N SER B 314 -22.62 5.31 -18.19
CA SER B 314 -21.78 4.19 -18.58
C SER B 314 -20.99 4.51 -19.84
N LEU B 315 -19.85 3.86 -19.97
CA LEU B 315 -18.97 4.06 -21.11
C LEU B 315 -19.46 3.38 -22.38
N HIS B 316 -20.66 2.77 -22.34
CA HIS B 316 -21.20 2.05 -23.49
C HIS B 316 -20.23 0.96 -23.93
N ILE B 317 -19.60 0.30 -22.96
CA ILE B 317 -18.62 -0.75 -23.24
C ILE B 317 -19.41 -2.05 -23.35
N ASN B 318 -19.91 -2.33 -24.55
CA ASN B 318 -20.64 -3.56 -24.80
C ASN B 318 -19.66 -4.73 -24.84
N GLU B 319 -20.21 -5.94 -24.97
CA GLU B 319 -19.47 -7.19 -25.06
C GLU B 319 -18.83 -7.58 -23.74
N MET B 320 -18.96 -6.76 -22.70
CA MET B 320 -18.42 -7.08 -21.39
C MET B 320 -19.48 -7.64 -20.44
N CYS B 321 -20.76 -7.45 -20.75
CA CYS B 321 -21.84 -7.89 -19.87
C CYS B 321 -22.20 -9.35 -20.17
N GLN B 322 -21.20 -10.21 -20.01
CA GLN B 322 -21.32 -11.60 -20.44
C GLN B 322 -21.11 -12.56 -19.27
N GLU B 323 -21.76 -12.31 -18.13
CA GLU B 323 -21.58 -13.15 -16.96
C GLU B 323 -22.80 -14.00 -16.66
N ARG B 324 -23.95 -13.39 -16.37
CA ARG B 324 -25.17 -14.15 -16.13
C ARG B 324 -26.30 -13.17 -15.82
N CYS B 325 -27.53 -13.67 -15.92
CA CYS B 325 -28.67 -12.98 -15.34
C CYS B 325 -28.68 -13.12 -13.83
N VAL B 326 -29.28 -12.13 -13.18
CA VAL B 326 -29.54 -12.16 -11.74
C VAL B 326 -30.92 -11.58 -11.52
N ASP B 327 -31.72 -12.24 -10.68
CA ASP B 327 -33.10 -11.82 -10.44
C ASP B 327 -33.09 -10.66 -9.45
N GLY B 328 -32.99 -9.45 -9.98
CA GLY B 328 -33.00 -8.26 -9.15
C GLY B 328 -33.74 -7.13 -9.85
N CYS B 329 -33.98 -6.07 -9.08
CA CYS B 329 -34.78 -4.95 -9.55
C CYS B 329 -34.09 -4.25 -10.73
N SER B 330 -34.76 -3.27 -11.32
CA SER B 330 -34.25 -2.63 -12.53
C SER B 330 -35.13 -1.43 -12.86
N CYS B 331 -34.68 -0.64 -13.84
CA CYS B 331 -35.47 0.47 -14.32
C CYS B 331 -36.61 -0.05 -15.19
N PRO B 332 -37.75 0.66 -15.23
CA PRO B 332 -38.97 0.04 -15.77
C PRO B 332 -38.83 -0.46 -17.20
N GLU B 333 -38.61 0.44 -18.17
CA GLU B 333 -38.30 -0.02 -19.52
C GLU B 333 -37.17 0.77 -20.16
N GLY B 334 -37.18 2.09 -19.97
CA GLY B 334 -36.29 2.96 -20.72
C GLY B 334 -35.44 3.85 -19.86
N GLN B 335 -35.90 4.13 -18.64
CA GLN B 335 -35.12 4.97 -17.74
C GLN B 335 -33.75 4.35 -17.53
N LEU B 336 -32.72 5.18 -17.68
CA LEU B 336 -31.35 4.74 -17.42
C LEU B 336 -31.05 4.94 -15.95
N LEU B 337 -30.56 3.89 -15.30
CA LEU B 337 -30.29 3.96 -13.87
C LEU B 337 -29.27 5.05 -13.59
N ASP B 338 -29.68 6.12 -12.93
CA ASP B 338 -28.75 7.16 -12.51
C ASP B 338 -28.00 6.68 -11.28
N GLU B 339 -27.32 7.59 -10.59
CA GLU B 339 -26.50 7.19 -9.44
C GLU B 339 -27.32 6.35 -8.47
N GLY B 340 -28.56 6.73 -8.20
CA GLY B 340 -29.42 5.97 -7.33
C GLY B 340 -30.87 5.98 -7.74
N LEU B 341 -31.17 6.55 -8.91
CA LEU B 341 -32.53 6.69 -9.39
C LEU B 341 -32.62 6.25 -10.84
N CYS B 342 -33.80 5.79 -11.23
CA CYS B 342 -34.06 5.39 -12.62
C CYS B 342 -34.66 6.58 -13.36
N VAL B 343 -33.81 7.57 -13.62
CA VAL B 343 -34.22 8.80 -14.27
C VAL B 343 -34.42 8.53 -15.76
N GLU B 344 -35.07 9.47 -16.45
CA GLU B 344 -35.32 9.32 -17.86
C GLU B 344 -34.01 9.35 -18.65
N SER B 345 -34.04 8.74 -19.83
CA SER B 345 -32.83 8.65 -20.65
C SER B 345 -32.28 10.03 -20.98
N THR B 346 -33.15 10.96 -21.38
CA THR B 346 -32.67 12.28 -21.79
C THR B 346 -32.21 13.10 -20.60
N GLU B 347 -32.82 12.90 -19.43
CA GLU B 347 -32.55 13.74 -18.27
C GLU B 347 -31.21 13.43 -17.61
N CYS B 348 -30.50 12.42 -18.05
CA CYS B 348 -29.22 12.08 -17.44
C CYS B 348 -28.26 13.26 -17.56
N PRO B 349 -27.65 13.71 -16.47
CA PRO B 349 -26.75 14.87 -16.54
C PRO B 349 -25.32 14.48 -16.89
N CYS B 350 -24.60 15.46 -17.43
CA CYS B 350 -23.17 15.29 -17.63
C CYS B 350 -22.43 15.51 -16.32
N VAL B 351 -21.24 14.95 -16.24
CA VAL B 351 -20.43 14.99 -15.02
C VAL B 351 -19.12 15.71 -15.34
N HIS B 352 -18.75 16.66 -14.47
CA HIS B 352 -17.47 17.34 -14.58
C HIS B 352 -16.97 17.64 -13.17
N SER B 353 -15.75 17.23 -12.88
CA SER B 353 -15.15 17.45 -11.56
C SER B 353 -16.06 16.91 -10.47
N GLY B 354 -16.65 15.75 -10.71
CA GLY B 354 -17.52 15.14 -9.71
C GLY B 354 -18.75 15.97 -9.41
N LYS B 355 -19.34 16.59 -10.42
CA LYS B 355 -20.55 17.38 -10.27
C LYS B 355 -21.54 17.01 -11.35
N ARG B 356 -22.82 16.95 -11.00
CA ARG B 356 -23.88 16.59 -11.92
C ARG B 356 -24.56 17.86 -12.40
N TYR B 357 -24.66 18.01 -13.73
CA TYR B 357 -25.23 19.21 -14.33
C TYR B 357 -26.34 18.80 -15.28
N PRO B 358 -27.54 19.37 -15.16
CA PRO B 358 -28.61 18.97 -16.05
C PRO B 358 -28.26 19.29 -17.49
N PRO B 359 -28.82 18.55 -18.45
CA PRO B 359 -28.52 18.84 -19.85
C PRO B 359 -28.88 20.28 -20.20
N GLY B 360 -28.06 20.88 -21.07
CA GLY B 360 -28.18 22.28 -21.40
C GLY B 360 -27.37 23.20 -20.52
N THR B 361 -26.74 22.69 -19.47
CA THR B 361 -25.90 23.52 -18.63
C THR B 361 -24.78 24.15 -19.47
N SER B 362 -24.31 25.31 -19.03
CA SER B 362 -23.35 26.08 -19.82
C SER B 362 -22.05 26.29 -19.04
N LEU B 363 -21.51 25.22 -18.47
CA LEU B 363 -20.25 25.31 -17.76
C LEU B 363 -19.19 25.92 -18.66
N SER B 364 -18.43 26.88 -18.11
CA SER B 364 -17.53 27.70 -18.91
C SER B 364 -16.09 27.58 -18.38
N ARG B 365 -15.16 27.47 -19.31
CA ARG B 365 -13.73 27.52 -19.01
C ARG B 365 -13.24 28.96 -19.14
N ASP B 366 -11.92 29.15 -19.17
CA ASP B 366 -11.36 30.49 -19.16
C ASP B 366 -11.99 31.37 -20.25
N CYS B 367 -11.80 30.99 -21.51
CA CYS B 367 -12.38 31.71 -22.63
C CYS B 367 -13.33 30.87 -23.46
N ASN B 368 -13.26 29.55 -23.37
CA ASN B 368 -14.16 28.65 -24.08
C ASN B 368 -15.27 28.20 -23.15
N THR B 369 -16.45 28.00 -23.72
CA THR B 369 -17.62 27.56 -22.97
C THR B 369 -18.04 26.18 -23.46
N CYS B 370 -18.33 25.30 -22.51
CA CYS B 370 -18.83 23.97 -22.79
C CYS B 370 -20.30 23.88 -22.40
N ILE B 371 -21.06 23.09 -23.15
CA ILE B 371 -22.48 22.89 -22.89
C ILE B 371 -22.74 21.40 -22.73
N CYS B 372 -23.42 21.04 -21.66
CA CYS B 372 -23.71 19.64 -21.33
C CYS B 372 -24.85 19.16 -22.23
N ARG B 373 -24.49 18.56 -23.36
CA ARG B 373 -25.46 17.87 -24.20
C ARG B 373 -25.72 16.51 -23.59
N ASN B 374 -26.39 15.62 -24.31
CA ASN B 374 -26.74 14.31 -23.75
C ASN B 374 -25.47 13.57 -23.36
N SER B 375 -25.16 13.56 -22.06
CA SER B 375 -24.04 12.83 -21.48
C SER B 375 -22.70 13.26 -22.04
N GLN B 376 -22.62 14.39 -22.74
CA GLN B 376 -21.38 14.86 -23.32
C GLN B 376 -21.28 16.37 -23.14
N TRP B 377 -20.06 16.88 -23.18
CA TRP B 377 -19.79 18.31 -23.13
C TRP B 377 -19.32 18.75 -24.50
N ILE B 378 -20.07 19.66 -25.12
CA ILE B 378 -19.67 20.27 -26.39
C ILE B 378 -18.86 21.52 -26.05
N CYS B 379 -17.55 21.46 -26.27
CA CYS B 379 -16.63 22.47 -25.75
C CYS B 379 -16.10 23.33 -26.89
N SER B 380 -16.22 24.65 -26.71
CA SER B 380 -15.60 25.59 -27.63
C SER B 380 -14.08 25.41 -27.63
N ASN B 381 -13.47 25.60 -28.79
CA ASN B 381 -12.04 25.39 -28.96
C ASN B 381 -11.34 26.66 -29.44
N GLU B 382 -11.68 27.80 -28.85
CA GLU B 382 -10.97 29.03 -29.14
C GLU B 382 -9.58 28.99 -28.50
N GLU B 383 -8.84 30.08 -28.67
CA GLU B 383 -7.54 30.27 -28.03
C GLU B 383 -7.68 31.28 -26.91
N CYS B 384 -7.30 30.88 -25.71
CA CYS B 384 -7.34 31.78 -24.57
C CYS B 384 -6.07 32.63 -24.53
N PRO B 385 -6.14 33.81 -23.91
CA PRO B 385 -4.93 34.63 -23.78
C PRO B 385 -3.85 33.91 -22.99
N GLY B 386 -2.60 34.12 -23.41
CA GLY B 386 -1.48 33.46 -22.77
C GLY B 386 -1.05 34.15 -21.49
N GLU B 387 -0.14 33.50 -20.78
CA GLU B 387 0.42 34.04 -19.56
C GLU B 387 1.78 33.40 -19.32
N CYS B 388 2.77 34.22 -18.97
CA CYS B 388 4.13 33.76 -18.75
C CYS B 388 4.62 34.20 -17.37
N LEU B 389 3.83 33.90 -16.36
CA LEU B 389 4.17 34.28 -15.00
C LEU B 389 5.56 33.77 -14.62
N VAL B 390 6.36 34.64 -14.00
CA VAL B 390 7.72 34.30 -13.60
C VAL B 390 7.91 34.51 -12.10
N THR B 391 6.86 34.31 -11.32
CA THR B 391 6.90 34.56 -9.89
C THR B 391 8.07 33.84 -9.21
N GLY B 392 8.40 34.27 -8.00
CA GLY B 392 9.28 33.50 -7.14
C GLY B 392 10.69 33.36 -7.67
N GLN B 393 11.40 32.42 -7.06
CA GLN B 393 12.81 32.15 -7.37
C GLN B 393 12.88 31.27 -8.60
N SER B 394 12.74 31.90 -9.77
CA SER B 394 12.82 31.20 -11.05
C SER B 394 11.76 30.10 -11.13
N HIS B 395 10.51 30.53 -11.20
CA HIS B 395 9.35 29.65 -11.23
C HIS B 395 8.48 29.97 -12.44
N PHE B 396 9.12 30.03 -13.61
CA PHE B 396 8.45 30.34 -14.86
C PHE B 396 7.21 29.49 -15.07
N LYS B 397 6.30 29.97 -15.93
CA LYS B 397 5.17 29.17 -16.41
C LYS B 397 4.87 29.63 -17.83
N SER B 398 5.33 28.85 -18.81
CA SER B 398 5.18 29.22 -20.20
C SER B 398 3.72 29.52 -20.55
N PHE B 399 3.50 30.20 -21.67
CA PHE B 399 2.13 30.45 -22.10
C PHE B 399 1.32 29.16 -22.13
N ASP B 400 1.89 28.13 -22.75
CA ASP B 400 1.34 26.79 -22.64
C ASP B 400 1.78 26.24 -21.29
N ASN B 401 0.83 26.04 -20.38
CA ASN B 401 1.17 25.83 -18.98
C ASN B 401 2.28 24.79 -18.84
N ARG B 402 3.45 25.23 -18.43
CA ARG B 402 4.66 24.42 -18.44
C ARG B 402 5.49 24.68 -17.19
N TYR B 403 4.85 24.71 -16.04
CA TYR B 403 5.51 25.08 -14.80
C TYR B 403 6.88 24.44 -14.69
N PHE B 404 7.92 25.27 -14.63
CA PHE B 404 9.29 24.77 -14.52
C PHE B 404 10.14 25.85 -13.88
N THR B 405 11.30 25.43 -13.36
CA THR B 405 12.21 26.30 -12.65
C THR B 405 13.58 26.28 -13.33
N PHE B 406 14.18 27.45 -13.48
CA PHE B 406 15.51 27.55 -14.09
C PHE B 406 16.25 28.68 -13.39
N SER B 407 17.16 28.32 -12.48
CA SER B 407 17.90 29.29 -11.68
C SER B 407 19.24 29.56 -12.37
N GLY B 408 19.22 30.47 -13.32
CA GLY B 408 20.42 30.94 -13.98
C GLY B 408 20.56 32.44 -13.79
N ILE B 409 21.79 32.90 -13.60
CA ILE B 409 22.03 34.31 -13.31
C ILE B 409 22.61 34.98 -14.56
N CYS B 410 21.75 35.56 -15.37
CA CYS B 410 22.15 36.32 -16.54
C CYS B 410 20.90 36.99 -17.10
N GLN B 411 21.06 37.69 -18.22
CA GLN B 411 19.93 38.29 -18.91
C GLN B 411 19.37 37.26 -19.88
N TYR B 412 18.06 37.00 -19.78
CA TYR B 412 17.41 35.99 -20.59
C TYR B 412 16.26 36.61 -21.35
N LEU B 413 15.98 36.04 -22.52
CA LEU B 413 14.86 36.50 -23.35
C LEU B 413 13.60 35.81 -22.86
N LEU B 414 12.77 36.53 -22.11
CA LEU B 414 11.52 35.95 -21.62
C LEU B 414 10.60 35.59 -22.77
N ALA B 415 10.35 36.55 -23.67
CA ALA B 415 9.47 36.31 -24.79
C ALA B 415 9.72 37.37 -25.86
N ARG B 416 9.74 36.95 -27.12
CA ARG B 416 9.90 37.86 -28.24
C ARG B 416 9.07 37.34 -29.40
N ASP B 417 8.44 38.26 -30.13
CA ASP B 417 7.68 37.93 -31.32
C ASP B 417 8.68 37.71 -32.45
N CYS B 418 9.10 36.46 -32.62
CA CYS B 418 10.11 36.15 -33.64
C CYS B 418 9.60 36.45 -35.03
N GLN B 419 8.34 36.13 -35.32
CA GLN B 419 7.82 36.31 -36.66
C GLN B 419 7.78 37.78 -37.04
N ASP B 420 7.02 38.58 -36.30
CA ASP B 420 6.90 40.02 -36.54
C ASP B 420 7.40 40.74 -35.30
N HIS B 421 8.66 41.17 -35.32
CA HIS B 421 9.26 41.78 -34.14
C HIS B 421 8.43 42.95 -33.66
N SER B 422 7.79 42.80 -32.51
CA SER B 422 7.01 43.87 -31.91
C SER B 422 7.23 43.99 -30.41
N PHE B 423 8.04 43.13 -29.81
CA PHE B 423 8.40 43.24 -28.41
C PHE B 423 9.47 42.21 -28.11
N SER B 424 10.38 42.55 -27.21
CA SER B 424 11.53 41.71 -26.90
C SER B 424 11.75 41.66 -25.40
N ILE B 425 10.69 41.34 -24.65
CA ILE B 425 10.78 41.33 -23.19
C ILE B 425 11.99 40.51 -22.77
N VAL B 426 12.80 41.07 -21.89
CA VAL B 426 14.02 40.45 -21.39
C VAL B 426 14.04 40.61 -19.87
N ILE B 427 14.52 39.58 -19.17
CA ILE B 427 14.60 39.58 -17.72
C ILE B 427 16.06 39.57 -17.31
N GLU B 428 16.39 40.39 -16.30
CA GLU B 428 17.70 40.39 -15.67
C GLU B 428 17.59 39.62 -14.37
N THR B 429 18.35 38.54 -14.24
CA THR B 429 18.26 37.66 -13.09
C THR B 429 19.55 37.74 -12.27
N VAL B 430 19.40 37.71 -10.95
CA VAL B 430 20.52 37.78 -10.03
C VAL B 430 20.18 36.98 -8.79
N GLN B 431 21.21 36.47 -8.12
CA GLN B 431 20.99 35.76 -6.88
C GLN B 431 20.36 36.67 -5.85
N CYS B 432 19.17 36.31 -5.37
CA CYS B 432 18.38 37.16 -4.49
C CYS B 432 18.47 36.76 -3.03
N ALA B 433 19.46 35.95 -2.67
CA ALA B 433 19.63 35.52 -1.29
C ALA B 433 20.98 34.84 -1.17
N ASP B 434 21.27 34.32 0.02
CA ASP B 434 22.54 33.65 0.24
C ASP B 434 22.56 32.26 -0.37
N ASP B 435 21.44 31.54 -0.30
CA ASP B 435 21.40 30.18 -0.83
C ASP B 435 21.66 30.19 -2.33
N ARG B 436 22.53 29.29 -2.77
CA ARG B 436 22.87 29.24 -4.20
C ARG B 436 21.63 28.98 -5.06
N ASP B 437 20.64 28.27 -4.52
CA ASP B 437 19.39 28.02 -5.24
C ASP B 437 18.35 29.10 -4.96
N ALA B 438 18.75 30.37 -5.15
CA ALA B 438 17.85 31.50 -4.92
C ALA B 438 18.16 32.54 -5.99
N VAL B 439 17.43 32.47 -7.11
CA VAL B 439 17.61 33.39 -8.22
C VAL B 439 16.25 33.92 -8.62
N CYS B 440 16.13 35.24 -8.70
CA CYS B 440 14.90 35.88 -9.15
C CYS B 440 15.26 37.05 -10.04
N THR B 441 14.36 37.34 -10.98
CA THR B 441 14.51 38.52 -11.81
C THR B 441 14.33 39.78 -10.98
N ARG B 442 15.17 40.78 -11.22
CA ARG B 442 15.05 42.06 -10.56
C ARG B 442 14.68 43.19 -11.52
N SER B 443 14.70 42.95 -12.82
CA SER B 443 14.43 44.00 -13.79
C SER B 443 13.97 43.38 -15.10
N VAL B 444 13.34 44.20 -15.94
CA VAL B 444 12.91 43.78 -17.26
C VAL B 444 13.26 44.89 -18.25
N THR B 445 13.26 44.52 -19.53
CA THR B 445 13.74 45.41 -20.58
C THR B 445 12.80 45.40 -21.79
N VAL B 446 11.50 45.62 -21.54
CA VAL B 446 10.55 45.71 -22.63
C VAL B 446 11.14 46.60 -23.73
N ARG B 447 11.15 46.09 -24.96
CA ARG B 447 11.82 46.72 -26.08
C ARG B 447 10.88 46.91 -27.25
N LEU B 448 9.71 47.48 -26.97
CA LEU B 448 8.73 47.74 -28.02
C LEU B 448 9.37 48.51 -29.16
N PRO B 449 9.55 47.91 -30.34
CA PRO B 449 10.11 48.65 -31.47
C PRO B 449 9.08 49.42 -32.28
N GLY B 450 7.79 49.21 -32.04
CA GLY B 450 6.79 50.00 -32.74
C GLY B 450 6.87 51.47 -32.39
N LEU B 451 6.99 51.77 -31.10
CA LEU B 451 7.14 53.15 -30.63
C LEU B 451 8.62 53.47 -30.66
N HIS B 452 9.08 54.02 -31.78
CA HIS B 452 10.50 54.19 -32.06
C HIS B 452 11.26 52.96 -31.54
N ASN B 453 12.15 53.15 -30.55
CA ASN B 453 12.92 52.04 -29.99
C ASN B 453 13.00 52.16 -28.48
N SER B 454 11.90 52.58 -27.85
CA SER B 454 11.91 52.75 -26.40
C SER B 454 12.25 51.44 -25.71
N LEU B 455 13.12 51.54 -24.71
CA LEU B 455 13.53 50.40 -23.88
C LEU B 455 13.01 50.64 -22.48
N VAL B 456 11.77 50.23 -22.23
CA VAL B 456 11.21 50.38 -20.90
C VAL B 456 11.94 49.45 -19.94
N LYS B 457 12.09 49.91 -18.69
CA LYS B 457 13.03 49.33 -17.74
C LYS B 457 12.36 49.14 -16.38
N LEU B 458 11.29 48.36 -16.34
CA LEU B 458 10.49 48.30 -15.12
C LEU B 458 11.35 47.68 -14.02
N LYS B 459 12.11 48.52 -13.33
CA LYS B 459 13.23 48.10 -12.50
C LYS B 459 12.75 47.49 -11.19
N HIS B 460 13.72 47.04 -10.40
CA HIS B 460 13.44 46.55 -9.06
C HIS B 460 12.72 47.63 -8.26
N GLY B 461 11.69 47.23 -7.52
CA GLY B 461 10.90 48.18 -6.77
C GLY B 461 9.89 48.93 -7.59
N ALA B 462 9.47 48.39 -8.73
CA ALA B 462 8.44 49.01 -9.56
C ALA B 462 8.88 50.39 -10.02
N GLY B 463 10.11 50.48 -10.51
CA GLY B 463 10.64 51.73 -11.02
C GLY B 463 10.69 51.77 -12.53
N VAL B 464 9.78 52.51 -13.15
CA VAL B 464 9.74 52.62 -14.59
C VAL B 464 10.84 53.56 -15.05
N ALA B 465 11.41 53.28 -16.23
CA ALA B 465 12.46 54.12 -16.79
C ALA B 465 12.48 53.93 -18.29
N MET B 466 12.10 54.98 -19.03
CA MET B 466 12.08 54.93 -20.48
C MET B 466 13.39 55.49 -21.02
N ASP B 467 14.12 54.67 -21.77
CA ASP B 467 15.38 55.10 -22.38
C ASP B 467 16.32 55.69 -21.34
N GLY B 468 16.42 55.03 -20.19
CA GLY B 468 17.23 55.56 -19.10
C GLY B 468 16.53 56.64 -18.31
N GLN B 469 15.95 57.62 -18.99
CA GLN B 469 15.18 58.65 -18.31
C GLN B 469 14.06 58.03 -17.50
N ASP B 470 13.94 58.43 -16.24
CA ASP B 470 12.83 57.97 -15.44
C ASP B 470 11.53 58.59 -15.93
N VAL B 471 10.42 57.95 -15.55
CA VAL B 471 9.10 58.38 -15.98
C VAL B 471 8.19 58.43 -14.77
N GLN B 472 7.41 59.50 -14.65
CA GLN B 472 6.46 59.66 -13.55
C GLN B 472 5.12 59.09 -14.01
N LEU B 473 4.72 57.97 -13.42
CA LEU B 473 3.48 57.33 -13.79
C LEU B 473 2.28 58.15 -13.31
N PRO B 474 1.12 57.99 -13.96
CA PRO B 474 0.86 57.16 -15.13
C PRO B 474 1.42 57.76 -16.41
N LEU B 475 1.86 56.92 -17.34
CA LEU B 475 2.33 57.35 -18.66
C LEU B 475 1.30 56.93 -19.69
N LEU B 476 0.92 57.86 -20.56
CA LEU B 476 -0.10 57.63 -21.57
C LEU B 476 0.42 57.98 -22.96
N LYS B 477 1.57 57.42 -23.31
CA LYS B 477 2.16 57.66 -24.61
C LYS B 477 1.32 56.95 -25.67
N GLY B 478 1.78 57.01 -26.92
CA GLY B 478 1.04 56.49 -28.06
C GLY B 478 0.24 55.22 -27.79
N ASP B 479 0.91 54.17 -27.34
CA ASP B 479 0.23 52.91 -27.05
C ASP B 479 0.52 52.45 -25.63
N LEU B 480 1.69 52.78 -25.11
CA LEU B 480 2.02 52.43 -23.74
C LEU B 480 1.02 53.06 -22.78
N ARG B 481 0.71 52.33 -21.71
CA ARG B 481 -0.19 52.82 -20.69
C ARG B 481 0.33 52.46 -19.31
N ILE B 482 1.63 52.66 -19.09
CA ILE B 482 2.27 52.21 -17.86
C ILE B 482 1.68 53.00 -16.70
N GLN B 483 0.88 52.32 -15.88
CA GLN B 483 0.20 52.98 -14.77
C GLN B 483 0.19 52.05 -13.56
N HIS B 484 0.31 52.65 -12.38
CA HIS B 484 0.25 51.87 -11.15
C HIS B 484 -1.06 51.09 -11.08
N THR B 485 -0.97 49.82 -10.72
CA THR B 485 -2.16 49.02 -10.47
C THR B 485 -2.63 49.30 -9.04
N VAL B 486 -3.62 48.55 -8.58
CA VAL B 486 -4.18 48.80 -7.25
C VAL B 486 -3.11 48.63 -6.19
N THR B 487 -2.32 47.57 -6.29
CA THR B 487 -1.32 47.24 -5.27
C THR B 487 0.07 47.37 -5.88
N ALA B 488 0.59 48.59 -5.86
CA ALA B 488 2.00 48.89 -6.12
C ALA B 488 2.61 47.93 -7.15
N SER B 489 2.03 47.94 -8.35
CA SER B 489 2.58 47.16 -9.45
C SER B 489 2.24 47.86 -10.74
N VAL B 490 3.28 48.28 -11.48
CA VAL B 490 3.06 49.01 -12.72
C VAL B 490 2.56 48.03 -13.78
N ARG B 491 1.48 48.41 -14.46
CA ARG B 491 0.85 47.58 -15.47
C ARG B 491 1.18 48.18 -16.84
N LEU B 492 2.26 47.68 -17.44
CA LEU B 492 2.64 48.14 -18.77
C LEU B 492 1.69 47.58 -19.82
N SER B 493 0.64 48.32 -20.14
CA SER B 493 -0.25 47.91 -21.21
C SER B 493 0.34 48.29 -22.56
N TYR B 494 -0.36 47.87 -23.61
CA TYR B 494 0.02 48.19 -24.98
C TYR B 494 -1.26 48.23 -25.81
N GLY B 495 -1.13 48.06 -27.12
CA GLY B 495 -2.29 48.10 -27.98
C GLY B 495 -3.16 46.86 -27.77
N GLU B 496 -3.78 46.78 -26.59
CA GLU B 496 -4.61 45.66 -26.18
C GLU B 496 -4.01 44.33 -26.63
N ASP B 497 -2.70 44.20 -26.51
CA ASP B 497 -2.01 42.96 -26.82
C ASP B 497 -0.97 42.56 -25.79
N LEU B 498 -0.43 43.48 -24.99
CA LEU B 498 0.46 43.16 -23.88
C LEU B 498 -0.09 43.78 -22.62
N GLN B 499 -0.01 43.07 -21.51
CA GLN B 499 -0.47 43.59 -20.23
C GLN B 499 0.51 43.20 -19.13
N MET B 500 1.80 43.38 -19.41
CA MET B 500 2.82 43.08 -18.40
C MET B 500 2.46 43.70 -17.07
N ASP B 501 2.59 42.91 -16.00
CA ASP B 501 2.43 43.39 -14.65
C ASP B 501 3.69 43.07 -13.87
N TRP B 502 4.25 44.07 -13.20
CA TRP B 502 5.55 43.94 -12.57
C TRP B 502 5.52 44.69 -11.24
N ASP B 503 5.58 43.94 -10.14
CA ASP B 503 5.50 44.52 -8.81
C ASP B 503 6.86 44.92 -8.25
N GLY B 504 7.92 44.76 -9.02
CA GLY B 504 9.25 45.14 -8.58
C GLY B 504 10.01 44.06 -7.83
N ARG B 505 9.35 42.95 -7.49
CA ARG B 505 10.01 41.84 -6.78
C ARG B 505 9.38 40.55 -7.32
N GLY B 506 10.01 39.97 -8.35
CA GLY B 506 9.53 38.71 -8.87
C GLY B 506 8.48 38.84 -9.96
N ARG B 507 7.20 38.83 -9.56
CA ARG B 507 6.07 38.71 -10.47
C ARG B 507 6.27 39.49 -11.76
N LEU B 508 6.10 38.82 -12.90
CA LEU B 508 6.17 39.47 -14.21
C LEU B 508 5.11 38.88 -15.12
N LEU B 509 3.89 38.74 -14.60
CA LEU B 509 2.80 38.19 -15.40
C LEU B 509 2.68 38.91 -16.73
N VAL B 510 2.86 38.18 -17.82
CA VAL B 510 2.77 38.74 -19.16
C VAL B 510 1.54 38.22 -19.86
N LYS B 511 0.43 38.96 -19.75
CA LYS B 511 -0.73 38.65 -20.58
C LYS B 511 -0.40 38.96 -22.03
N LEU B 512 -1.02 38.22 -22.94
CA LEU B 512 -0.67 38.33 -24.35
C LEU B 512 -1.79 37.73 -25.17
N SER B 513 -2.36 38.53 -26.07
CA SER B 513 -3.58 38.16 -26.76
C SER B 513 -3.33 37.04 -27.77
N PRO B 514 -4.39 36.35 -28.19
CA PRO B 514 -4.21 35.19 -29.07
C PRO B 514 -3.54 35.51 -30.40
N VAL B 515 -3.49 36.78 -30.79
CA VAL B 515 -2.88 37.13 -32.08
C VAL B 515 -1.45 36.64 -32.16
N TYR B 516 -0.82 36.33 -31.03
CA TYR B 516 0.56 35.86 -31.00
C TYR B 516 0.67 34.35 -30.84
N ALA B 517 -0.42 33.62 -31.04
CA ALA B 517 -0.37 32.16 -30.91
C ALA B 517 0.71 31.59 -31.81
N GLY B 518 1.60 30.79 -31.22
CA GLY B 518 2.65 30.16 -31.99
C GLY B 518 3.53 31.14 -32.73
N LYS B 519 3.85 32.28 -32.11
CA LYS B 519 4.70 33.28 -32.74
C LYS B 519 5.77 33.84 -31.82
N THR B 520 5.83 33.41 -30.57
CA THR B 520 6.81 33.92 -29.62
C THR B 520 7.97 32.94 -29.47
N CYS B 521 8.99 33.38 -28.74
CA CYS B 521 10.18 32.59 -28.49
C CYS B 521 10.63 32.84 -27.06
N GLY B 522 11.85 32.46 -26.74
CA GLY B 522 12.39 32.73 -25.43
C GLY B 522 11.90 31.74 -24.40
N LEU B 523 12.15 32.11 -23.13
CA LEU B 523 11.82 31.23 -22.02
C LEU B 523 10.35 30.83 -22.04
N CYS B 524 9.47 31.77 -22.38
CA CYS B 524 8.05 31.45 -22.46
C CYS B 524 7.74 30.46 -23.57
N GLY B 525 8.68 30.22 -24.48
CA GLY B 525 8.46 29.26 -25.52
C GLY B 525 7.34 29.69 -26.46
N ASN B 526 6.87 28.72 -27.23
CA ASN B 526 5.78 28.97 -28.15
C ASN B 526 4.51 29.32 -27.38
N TYR B 527 3.47 29.68 -28.13
CA TYR B 527 2.16 29.95 -27.58
C TYR B 527 1.09 29.12 -28.30
N ASN B 528 1.51 28.09 -29.04
CA ASN B 528 0.55 27.30 -29.80
C ASN B 528 -0.45 26.60 -28.88
N GLY B 529 0.04 25.96 -27.82
CA GLY B 529 -0.83 25.28 -26.90
C GLY B 529 -0.37 23.88 -26.55
N ASN B 530 0.86 23.54 -26.92
CA ASN B 530 1.43 22.23 -26.63
C ASN B 530 2.64 22.42 -25.73
N GLN B 531 2.65 21.74 -24.58
CA GLN B 531 3.76 21.87 -23.64
C GLN B 531 5.03 21.27 -24.20
N GLY B 532 4.93 20.21 -24.97
CA GLY B 532 6.14 19.51 -25.42
C GLY B 532 7.10 20.42 -26.13
N ASP B 533 6.59 21.29 -27.00
CA ASP B 533 7.44 22.19 -27.77
C ASP B 533 7.99 23.34 -26.94
N ASP B 534 7.50 23.54 -25.72
CA ASP B 534 7.84 24.74 -24.97
C ASP B 534 9.30 24.79 -24.54
N PHE B 535 10.05 23.70 -24.68
CA PHE B 535 11.48 23.68 -24.40
C PHE B 535 12.30 23.84 -25.67
N LEU B 536 11.80 24.63 -26.62
CA LEU B 536 12.46 24.82 -27.89
C LEU B 536 13.54 25.88 -27.78
N THR B 537 14.77 25.53 -28.16
CA THR B 537 15.84 26.50 -28.27
C THR B 537 15.72 27.25 -29.59
N PRO B 538 16.42 28.37 -29.75
CA PRO B 538 16.43 29.04 -31.06
C PRO B 538 17.04 28.18 -32.15
N SER B 539 17.69 27.07 -31.78
CA SER B 539 18.33 26.18 -32.74
C SER B 539 17.43 25.05 -33.21
N GLY B 540 16.15 25.07 -32.86
CA GLY B 540 15.25 24.01 -33.28
C GLY B 540 14.99 22.99 -32.19
N LEU B 541 15.79 21.92 -32.17
CA LEU B 541 15.60 20.81 -31.24
C LEU B 541 15.21 21.27 -29.85
N ALA B 542 14.16 20.67 -29.29
CA ALA B 542 13.80 20.94 -27.91
C ALA B 542 14.77 20.26 -26.96
N GLU B 543 14.96 20.85 -25.80
CA GLU B 543 15.92 20.34 -24.84
C GLU B 543 15.25 19.37 -23.87
N PRO B 544 15.83 18.20 -23.62
CA PRO B 544 15.28 17.36 -22.54
C PRO B 544 15.39 18.01 -21.17
N ARG B 545 16.57 18.48 -20.80
CA ARG B 545 16.79 19.09 -19.51
C ARG B 545 16.48 20.58 -19.55
N VAL B 546 16.01 21.10 -18.41
CA VAL B 546 15.69 22.53 -18.33
C VAL B 546 16.95 23.37 -18.43
N GLU B 547 18.07 22.87 -17.92
CA GLU B 547 19.30 23.68 -17.89
C GLU B 547 19.71 24.08 -19.30
N ASP B 548 19.71 23.14 -20.23
CA ASP B 548 20.09 23.46 -21.61
C ASP B 548 19.11 24.44 -22.22
N PHE B 549 17.81 24.24 -21.97
CA PHE B 549 16.80 25.14 -22.52
C PHE B 549 17.03 26.56 -22.05
N GLY B 550 17.23 26.74 -20.74
CA GLY B 550 17.47 28.07 -20.22
C GLY B 550 18.76 28.69 -20.73
N ASN B 551 19.83 27.89 -20.77
CA ASN B 551 21.10 28.41 -21.26
C ASN B 551 20.98 28.89 -22.71
N ALA B 552 20.22 28.16 -23.52
CA ALA B 552 20.11 28.53 -24.92
C ALA B 552 19.55 29.93 -25.10
N TRP B 553 18.75 30.41 -24.14
CA TRP B 553 18.11 31.72 -24.23
C TRP B 553 18.87 32.78 -23.43
N LYS B 554 20.19 32.67 -23.40
CA LYS B 554 21.04 33.56 -22.62
C LYS B 554 21.56 34.69 -23.47
N LEU B 555 21.55 35.91 -22.93
CA LEU B 555 21.99 37.07 -23.70
C LEU B 555 23.51 37.21 -23.68
N HIS B 556 24.13 37.28 -22.50
CA HIS B 556 25.57 37.39 -22.42
C HIS B 556 26.24 36.12 -22.94
N GLY B 557 27.43 36.29 -23.51
CA GLY B 557 28.30 35.18 -23.82
C GLY B 557 29.24 34.81 -22.70
N ASP B 558 29.08 35.39 -21.51
CA ASP B 558 30.03 35.22 -20.43
C ASP B 558 29.43 34.63 -19.16
N CYS B 559 28.13 34.80 -18.91
CA CYS B 559 27.54 34.24 -17.70
C CYS B 559 27.69 32.72 -17.70
N GLN B 560 27.90 32.17 -16.51
CA GLN B 560 28.06 30.72 -16.38
C GLN B 560 26.81 30.01 -16.91
N ASP B 561 27.02 28.95 -17.67
CA ASP B 561 25.93 28.11 -18.11
C ASP B 561 25.48 27.24 -16.95
N LEU B 562 24.21 27.36 -16.57
CA LEU B 562 23.71 26.64 -15.41
C LEU B 562 23.89 25.14 -15.60
N GLN B 563 24.33 24.48 -14.54
CA GLN B 563 24.52 23.03 -14.53
C GLN B 563 23.80 22.44 -13.32
N LYS B 564 23.11 21.33 -13.54
CA LYS B 564 22.45 20.61 -12.45
C LYS B 564 21.55 21.57 -11.65
N GLN B 565 20.49 22.02 -12.32
CA GLN B 565 19.50 22.84 -11.65
C GLN B 565 18.98 22.10 -10.43
N HIS B 566 19.30 22.59 -9.24
CA HIS B 566 18.97 21.89 -8.01
C HIS B 566 17.46 21.95 -7.76
N SER B 567 16.95 20.89 -7.14
CA SER B 567 15.52 20.76 -6.92
C SER B 567 15.11 20.78 -5.46
N ASP B 568 16.05 20.55 -4.53
CA ASP B 568 15.75 20.49 -3.10
C ASP B 568 16.68 21.45 -2.37
N PRO B 569 16.40 22.76 -2.41
CA PRO B 569 17.23 23.70 -1.66
C PRO B 569 17.15 23.48 -0.17
N CYS B 570 16.11 22.82 0.31
CA CYS B 570 15.92 22.62 1.74
C CYS B 570 16.99 21.72 2.33
N ALA B 571 17.67 20.92 1.50
CA ALA B 571 18.76 20.10 2.02
C ALA B 571 19.89 20.97 2.55
N LEU B 572 20.20 22.05 1.85
CA LEU B 572 21.27 22.95 2.29
C LEU B 572 20.92 23.67 3.58
N ASN B 573 19.63 23.76 3.92
CA ASN B 573 19.17 24.41 5.15
C ASN B 573 18.21 23.48 5.86
N PRO B 574 18.73 22.42 6.49
CA PRO B 574 17.85 21.45 7.13
C PRO B 574 16.95 22.05 8.20
N ARG B 575 17.36 23.16 8.82
CA ARG B 575 16.56 23.74 9.90
C ARG B 575 15.20 24.20 9.41
N MET B 576 15.06 24.49 8.13
CA MET B 576 13.82 25.05 7.59
C MET B 576 12.85 23.99 7.11
N THR B 577 13.19 22.72 7.19
CA THR B 577 12.35 21.68 6.62
C THR B 577 11.00 21.64 7.32
N ARG B 578 10.98 21.69 8.66
CA ARG B 578 9.72 21.61 9.37
C ARG B 578 8.79 22.73 8.94
N PHE B 579 9.30 23.96 8.94
CA PHE B 579 8.46 25.09 8.58
C PHE B 579 8.01 25.01 7.13
N SER B 580 8.91 24.61 6.23
CA SER B 580 8.55 24.55 4.81
C SER B 580 7.45 23.53 4.57
N GLU B 581 7.59 22.33 5.15
CA GLU B 581 6.55 21.32 5.00
C GLU B 581 5.24 21.77 5.63
N GLU B 582 5.27 22.29 6.85
CA GLU B 582 4.01 22.60 7.53
C GLU B 582 3.39 23.92 7.06
N ALA B 583 4.11 24.73 6.29
CA ALA B 583 3.61 26.02 5.84
C ALA B 583 3.05 25.97 4.43
N CYS B 584 3.79 25.42 3.48
CA CYS B 584 3.28 25.26 2.12
C CYS B 584 2.41 24.00 2.05
N ALA B 585 1.45 23.90 2.97
CA ALA B 585 0.48 22.83 2.98
C ALA B 585 -0.94 23.34 2.99
N VAL B 586 -1.16 24.62 3.27
CA VAL B 586 -2.50 25.18 3.14
C VAL B 586 -2.97 25.08 1.71
N LEU B 587 -2.05 25.07 0.75
CA LEU B 587 -2.43 24.89 -0.65
C LEU B 587 -3.26 23.62 -0.82
N THR B 588 -2.88 22.56 -0.12
CA THR B 588 -3.64 21.31 -0.15
C THR B 588 -4.73 21.26 0.91
N SER B 589 -4.77 22.21 1.83
CA SER B 589 -5.75 22.19 2.89
C SER B 589 -7.13 22.55 2.35
N PRO B 590 -8.19 22.26 3.11
CA PRO B 590 -9.55 22.53 2.60
C PRO B 590 -9.77 23.99 2.24
N THR B 591 -8.99 24.92 2.80
CA THR B 591 -9.18 26.32 2.46
C THR B 591 -9.11 26.53 0.96
N PHE B 592 -8.28 25.76 0.27
CA PHE B 592 -8.10 25.88 -1.17
C PHE B 592 -8.72 24.74 -1.94
N GLU B 593 -9.50 23.87 -1.27
CA GLU B 593 -10.18 22.80 -1.98
C GLU B 593 -11.12 23.36 -3.04
N ALA B 594 -11.64 24.57 -2.83
CA ALA B 594 -12.50 25.19 -3.83
C ALA B 594 -11.75 25.39 -5.14
N CYS B 595 -10.47 25.75 -5.06
CA CYS B 595 -9.68 26.00 -6.26
C CYS B 595 -9.02 24.74 -6.79
N HIS B 596 -8.77 23.75 -5.94
CA HIS B 596 -8.08 22.53 -6.37
C HIS B 596 -8.56 22.07 -7.73
N ARG B 597 -9.88 21.96 -7.91
CA ARG B 597 -10.40 21.55 -9.21
C ARG B 597 -10.08 22.58 -10.28
N ALA B 598 -10.15 23.87 -9.94
CA ALA B 598 -9.83 24.90 -10.92
C ALA B 598 -8.38 24.81 -11.36
N VAL B 599 -7.46 24.60 -10.42
CA VAL B 599 -6.04 24.48 -10.72
C VAL B 599 -5.42 23.48 -9.75
N SER B 600 -4.60 22.58 -10.26
CA SER B 600 -3.94 21.60 -9.43
C SER B 600 -2.77 22.26 -8.70
N PRO B 601 -2.72 22.24 -7.37
CA PRO B 601 -1.61 22.89 -6.67
C PRO B 601 -0.38 22.01 -6.55
N LEU B 602 -0.06 21.25 -7.58
CA LEU B 602 1.18 20.47 -7.54
C LEU B 602 2.36 21.36 -7.88
N PRO B 603 2.35 22.05 -9.03
CA PRO B 603 3.47 22.97 -9.30
C PRO B 603 3.57 24.08 -8.29
N TYR B 604 2.44 24.57 -7.78
CA TYR B 604 2.48 25.69 -6.85
C TYR B 604 2.98 25.26 -5.48
N LEU B 605 2.59 24.05 -5.03
CA LEU B 605 3.12 23.55 -3.77
C LEU B 605 4.63 23.33 -3.87
N ARG B 606 5.08 22.75 -4.98
CA ARG B 606 6.52 22.56 -5.18
C ARG B 606 7.25 23.90 -5.20
N ASN B 607 6.68 24.88 -5.89
CA ASN B 607 7.30 26.21 -5.93
C ASN B 607 7.35 26.83 -4.54
N CYS B 608 6.28 26.70 -3.77
CA CYS B 608 6.27 27.26 -2.43
C CYS B 608 7.32 26.61 -1.55
N ARG B 609 7.44 25.29 -1.62
CA ARG B 609 8.46 24.61 -0.83
C ARG B 609 9.86 25.04 -1.25
N TYR B 610 10.10 25.15 -2.56
CA TYR B 610 11.40 25.57 -3.03
C TYR B 610 11.71 27.01 -2.65
N ASP B 611 10.68 27.83 -2.52
CA ASP B 611 10.89 29.24 -2.18
C ASP B 611 11.16 29.42 -0.70
N VAL B 612 10.27 28.90 0.15
CA VAL B 612 10.38 29.14 1.58
C VAL B 612 11.72 28.65 2.10
N CYS B 613 12.17 27.49 1.64
CA CYS B 613 13.39 26.88 2.13
C CYS B 613 14.61 27.27 1.30
N SER B 614 14.54 28.38 0.55
CA SER B 614 15.68 28.80 -0.26
C SER B 614 15.95 30.29 -0.25
N CYS B 615 15.14 31.10 0.43
CA CYS B 615 15.24 32.55 0.33
C CYS B 615 15.55 33.16 1.69
N SER B 616 15.88 34.45 1.66
CA SER B 616 16.35 35.12 2.87
C SER B 616 15.26 35.13 3.94
N ASP B 617 14.07 35.59 3.60
CA ASP B 617 12.96 35.70 4.55
C ASP B 617 11.94 34.61 4.23
N GLY B 618 11.86 33.60 5.10
CA GLY B 618 10.96 32.49 4.83
C GLY B 618 9.50 32.92 4.73
N ARG B 619 9.05 33.73 5.68
CA ARG B 619 7.63 34.08 5.73
C ARG B 619 7.23 34.92 4.52
N GLU B 620 8.10 35.83 4.08
CA GLU B 620 7.78 36.66 2.91
C GLU B 620 7.65 35.81 1.66
N CYS B 621 8.57 34.85 1.48
CA CYS B 621 8.48 33.98 0.31
C CYS B 621 7.29 33.04 0.40
N LEU B 622 6.91 32.62 1.60
CA LEU B 622 5.68 31.86 1.77
C LEU B 622 4.49 32.69 1.31
N CYS B 623 4.46 33.96 1.72
CA CYS B 623 3.43 34.87 1.23
C CYS B 623 3.42 34.92 -0.28
N GLY B 624 4.61 35.09 -0.88
CA GLY B 624 4.68 35.20 -2.33
C GLY B 624 4.12 33.99 -3.02
N ALA B 625 4.51 32.80 -2.57
CA ALA B 625 4.08 31.57 -3.24
C ALA B 625 2.59 31.34 -3.06
N LEU B 626 2.09 31.46 -1.83
CA LEU B 626 0.68 31.24 -1.59
C LEU B 626 -0.17 32.26 -2.34
N ALA B 627 0.28 33.52 -2.38
CA ALA B 627 -0.43 34.52 -3.15
C ALA B 627 -0.37 34.22 -4.64
N SER B 628 0.74 33.67 -5.13
CA SER B 628 0.81 33.29 -6.53
C SER B 628 -0.23 32.24 -6.87
N TYR B 629 -0.37 31.23 -6.01
CA TYR B 629 -1.40 30.23 -6.27
C TYR B 629 -2.79 30.82 -6.17
N ALA B 630 -3.00 31.72 -5.21
CA ALA B 630 -4.31 32.36 -5.10
C ALA B 630 -4.64 33.16 -6.34
N ALA B 631 -3.65 33.87 -6.89
CA ALA B 631 -3.87 34.62 -8.13
C ALA B 631 -4.16 33.68 -9.27
N ALA B 632 -3.45 32.54 -9.35
CA ALA B 632 -3.75 31.56 -10.38
C ALA B 632 -5.20 31.11 -10.30
N CYS B 633 -5.67 30.82 -9.08
CA CYS B 633 -7.07 30.44 -8.91
C CYS B 633 -8.00 31.55 -9.34
N ALA B 634 -7.72 32.79 -8.91
CA ALA B 634 -8.62 33.90 -9.18
C ALA B 634 -8.74 34.15 -10.68
N GLY B 635 -7.63 34.03 -11.40
CA GLY B 635 -7.67 34.23 -12.84
C GLY B 635 -8.58 33.26 -13.56
N ARG B 636 -8.98 32.17 -12.90
CA ARG B 636 -9.89 31.19 -13.46
C ARG B 636 -11.14 31.05 -12.59
N GLY B 637 -11.70 32.18 -12.16
CA GLY B 637 -12.94 32.13 -11.41
C GLY B 637 -12.74 32.11 -9.91
N VAL B 638 -12.78 30.90 -9.33
CA VAL B 638 -12.81 30.74 -7.89
C VAL B 638 -11.90 31.74 -7.21
N ARG B 639 -12.39 32.32 -6.11
CA ARG B 639 -11.70 33.38 -5.38
C ARG B 639 -11.66 32.97 -3.91
N VAL B 640 -10.50 32.45 -3.48
CA VAL B 640 -10.38 31.95 -2.10
C VAL B 640 -10.03 33.11 -1.17
N ALA B 641 -10.21 32.86 0.13
CA ALA B 641 -10.00 33.91 1.12
C ALA B 641 -8.51 34.16 1.36
N TRP B 642 -7.81 33.17 1.92
CA TRP B 642 -6.36 33.27 2.06
C TRP B 642 -5.92 34.67 2.48
N ARG B 643 -6.35 35.13 3.65
CA ARG B 643 -5.78 36.36 4.17
C ARG B 643 -6.07 36.50 5.67
N GLU B 644 -5.08 36.22 6.51
CA GLU B 644 -5.29 36.35 7.96
C GLU B 644 -4.00 36.15 8.73
N PRO B 645 -3.91 36.61 9.98
CA PRO B 645 -2.70 36.38 10.77
C PRO B 645 -2.43 34.90 10.95
N GLY B 646 -1.20 34.50 10.65
CA GLY B 646 -0.85 33.09 10.52
C GLY B 646 -0.70 32.77 9.04
N ARG B 647 -1.63 33.28 8.25
CA ARG B 647 -1.40 33.52 6.84
C ARG B 647 -0.72 34.88 6.74
N CYS B 648 -0.67 35.47 5.55
CA CYS B 648 -0.17 36.81 5.37
C CYS B 648 -1.34 37.78 5.26
N GLU B 649 -1.05 39.07 5.44
CA GLU B 649 -2.07 40.10 5.39
C GLU B 649 -1.56 41.29 4.59
N LEU B 650 -2.48 41.98 3.92
CA LEU B 650 -2.12 43.13 3.10
C LEU B 650 -1.80 44.34 3.96
N ASN B 651 -2.41 44.47 5.13
CA ASN B 651 -2.19 45.58 6.05
C ASN B 651 -2.14 46.91 5.29
N CYS B 652 -3.26 47.24 4.67
CA CYS B 652 -3.34 48.44 3.85
C CYS B 652 -3.03 49.68 4.69
N PRO B 653 -2.43 50.70 4.11
CA PRO B 653 -2.08 51.89 4.88
C PRO B 653 -3.32 52.66 5.33
N LYS B 654 -3.13 53.49 6.35
CA LYS B 654 -4.21 54.28 6.93
C LYS B 654 -5.04 54.94 5.84
N GLY B 655 -6.35 54.87 5.98
CA GLY B 655 -7.27 55.36 4.96
C GLY B 655 -7.64 54.28 3.99
N GLN B 656 -6.64 53.63 3.41
CA GLN B 656 -6.90 52.48 2.55
C GLN B 656 -7.48 51.34 3.37
N VAL B 657 -8.29 50.52 2.71
CA VAL B 657 -8.88 49.34 3.34
C VAL B 657 -8.69 48.16 2.40
N TYR B 658 -8.84 46.96 2.97
CA TYR B 658 -8.55 45.73 2.21
C TYR B 658 -9.65 45.45 1.19
N LEU B 659 -10.87 45.22 1.67
CA LEU B 659 -12.04 45.01 0.83
C LEU B 659 -11.72 44.07 -0.35
N GLN B 660 -11.48 42.82 0.00
CA GLN B 660 -11.27 41.76 -0.99
C GLN B 660 -12.24 41.93 -2.16
N CYS B 661 -11.73 41.90 -3.39
CA CYS B 661 -12.54 42.01 -4.60
C CYS B 661 -13.29 43.35 -4.63
N GLY B 662 -12.50 44.43 -4.72
CA GLY B 662 -13.03 45.74 -4.96
C GLY B 662 -13.00 46.11 -6.44
N THR B 663 -13.19 47.40 -6.71
CA THR B 663 -13.19 47.91 -8.07
C THR B 663 -12.13 49.00 -8.22
N PRO B 664 -11.38 49.01 -9.34
CA PRO B 664 -10.29 49.97 -9.48
C PRO B 664 -10.70 51.32 -10.04
N CYS B 665 -11.77 51.35 -10.84
CA CYS B 665 -12.05 52.54 -11.64
C CYS B 665 -12.50 53.72 -10.76
N ASN B 666 -13.44 53.49 -9.86
CA ASN B 666 -14.11 54.59 -9.18
C ASN B 666 -13.24 55.31 -8.16
N LEU B 667 -11.95 55.01 -8.07
CA LEU B 667 -11.01 55.73 -7.22
C LEU B 667 -9.98 56.38 -8.14
N THR B 668 -8.89 56.90 -7.56
CA THR B 668 -7.84 57.54 -8.35
C THR B 668 -8.42 58.77 -9.08
N CYS B 669 -8.65 59.81 -8.28
CA CYS B 669 -9.41 60.99 -8.71
C CYS B 669 -9.06 61.40 -10.14
N ARG B 670 -7.84 61.08 -10.59
CA ARG B 670 -7.52 61.16 -12.01
C ARG B 670 -8.70 60.65 -12.83
N SER B 671 -9.32 59.56 -12.37
CA SER B 671 -10.52 59.04 -13.03
C SER B 671 -11.65 60.06 -12.99
N LEU B 672 -11.87 60.71 -11.84
CA LEU B 672 -12.92 61.72 -11.76
C LEU B 672 -12.69 62.84 -12.76
N SER B 673 -11.43 63.27 -12.91
CA SER B 673 -11.11 64.30 -13.88
C SER B 673 -11.44 63.84 -15.30
N TYR B 674 -11.19 62.57 -15.59
CA TYR B 674 -11.45 62.02 -16.91
C TYR B 674 -12.59 61.00 -16.83
N PRO B 675 -13.84 61.45 -16.63
CA PRO B 675 -14.95 60.49 -16.59
C PRO B 675 -15.17 59.78 -17.90
N ASP B 676 -14.66 60.32 -19.01
CA ASP B 676 -14.83 59.67 -20.31
C ASP B 676 -14.20 58.29 -20.36
N GLU B 677 -13.28 57.99 -19.44
CA GLU B 677 -12.61 56.69 -19.46
C GLU B 677 -13.61 55.58 -19.13
N GLU B 678 -13.28 54.37 -19.57
CA GLU B 678 -14.11 53.21 -19.35
C GLU B 678 -13.62 52.44 -18.13
N CYS B 679 -14.39 51.41 -17.75
CA CYS B 679 -14.16 50.64 -16.53
C CYS B 679 -14.25 49.14 -16.83
N ASN B 680 -13.55 48.68 -17.86
CA ASN B 680 -13.57 47.26 -18.22
C ASN B 680 -12.46 46.53 -17.46
N GLU B 681 -12.58 46.52 -16.14
CA GLU B 681 -11.63 45.86 -15.27
C GLU B 681 -12.38 45.10 -14.19
N ALA B 682 -11.84 43.96 -13.79
CA ALA B 682 -12.46 43.09 -12.82
C ALA B 682 -11.92 43.37 -11.43
N CYS B 683 -12.27 42.51 -10.46
CA CYS B 683 -11.81 42.68 -9.10
C CYS B 683 -10.29 42.52 -9.03
N LEU B 684 -9.69 43.20 -8.05
CA LEU B 684 -8.24 43.19 -7.88
C LEU B 684 -7.78 42.75 -6.49
N GLU B 685 -8.64 42.80 -5.48
CA GLU B 685 -8.26 42.42 -4.13
C GLU B 685 -7.04 43.21 -3.67
N GLY B 686 -7.23 44.52 -3.56
CA GLY B 686 -6.14 45.42 -3.22
C GLY B 686 -6.42 46.28 -2.01
N CYS B 687 -6.03 47.55 -2.10
CA CYS B 687 -6.14 48.48 -0.99
C CYS B 687 -7.01 49.67 -1.36
N PHE B 688 -8.17 49.40 -1.95
CA PHE B 688 -9.05 50.48 -2.40
C PHE B 688 -9.45 51.36 -1.22
N CYS B 689 -10.00 52.52 -1.56
CA CYS B 689 -10.48 53.46 -0.56
C CYS B 689 -11.90 53.09 -0.13
N PRO B 690 -12.33 53.56 1.04
CA PRO B 690 -13.69 53.27 1.50
C PRO B 690 -14.71 53.96 0.61
N PRO B 691 -15.98 53.56 0.68
CA PRO B 691 -16.99 54.16 -0.19
C PRO B 691 -17.10 55.66 0.04
N GLY B 692 -17.33 56.40 -1.05
CA GLY B 692 -17.44 57.84 -0.99
C GLY B 692 -16.11 58.57 -0.92
N LEU B 693 -14.99 57.85 -0.93
CA LEU B 693 -13.66 58.44 -0.87
C LEU B 693 -12.88 58.06 -2.11
N TYR B 694 -11.82 58.81 -2.38
CA TYR B 694 -11.05 58.63 -3.59
C TYR B 694 -9.56 58.69 -3.28
N MET B 695 -8.77 58.09 -4.17
CA MET B 695 -7.32 58.09 -4.04
C MET B 695 -6.78 59.49 -4.31
N ASP B 696 -6.29 60.16 -3.27
CA ASP B 696 -5.68 61.46 -3.45
C ASP B 696 -4.47 61.35 -4.38
N GLU B 697 -4.02 62.51 -4.89
CA GLU B 697 -2.82 62.52 -5.72
C GLU B 697 -1.68 61.80 -5.02
N ARG B 698 -1.44 62.13 -3.75
CA ARG B 698 -0.55 61.32 -2.94
C ARG B 698 -1.08 59.90 -2.82
N GLY B 699 -2.37 59.77 -2.54
CA GLY B 699 -2.99 58.47 -2.39
C GLY B 699 -3.88 58.36 -1.17
N ASP B 700 -3.95 59.43 -0.38
CA ASP B 700 -4.85 59.44 0.76
C ASP B 700 -6.30 59.31 0.30
N CYS B 701 -7.08 58.59 1.09
CA CYS B 701 -8.51 58.43 0.80
C CYS B 701 -9.33 59.65 1.20
N VAL B 702 -8.74 60.61 1.90
CA VAL B 702 -9.51 61.72 2.46
C VAL B 702 -10.39 62.38 1.40
N PRO B 703 -9.90 62.68 0.19
CA PRO B 703 -10.77 63.34 -0.81
C PRO B 703 -12.14 62.71 -0.93
N LYS B 704 -13.17 63.46 -0.58
CA LYS B 704 -14.56 63.03 -0.74
C LYS B 704 -15.19 63.69 -1.96
N ALA B 705 -15.20 65.02 -1.99
CA ALA B 705 -15.72 65.77 -3.12
C ALA B 705 -14.86 66.99 -3.41
N GLN B 706 -13.56 66.91 -3.10
CA GLN B 706 -12.64 68.01 -3.37
C GLN B 706 -11.31 67.50 -3.91
N CYS B 707 -11.33 66.40 -4.65
CA CYS B 707 -10.10 65.90 -5.25
C CYS B 707 -9.47 66.99 -6.09
N PRO B 708 -8.15 67.20 -5.99
CA PRO B 708 -7.51 68.18 -6.89
C PRO B 708 -7.75 67.82 -8.35
N CYS B 709 -8.52 68.65 -9.05
CA CYS B 709 -8.83 68.37 -10.44
C CYS B 709 -7.56 68.43 -11.28
N TYR B 710 -7.45 67.52 -12.24
CA TYR B 710 -6.31 67.44 -13.13
C TYR B 710 -6.71 67.87 -14.53
N TYR B 711 -5.78 68.54 -15.22
CA TYR B 711 -6.01 68.95 -16.60
C TYR B 711 -4.69 69.29 -17.24
N ASP B 712 -4.40 68.66 -18.38
CA ASP B 712 -3.20 68.97 -19.17
C ASP B 712 -1.95 68.90 -18.31
N GLY B 713 -1.85 67.85 -17.51
CA GLY B 713 -0.68 67.64 -16.68
C GLY B 713 -0.51 68.66 -15.58
N GLU B 714 -1.59 69.02 -14.90
CA GLU B 714 -1.52 69.92 -13.76
C GLU B 714 -2.48 69.43 -12.68
N ILE B 715 -2.29 69.92 -11.46
CA ILE B 715 -3.01 69.43 -10.29
C ILE B 715 -3.82 70.57 -9.69
N PHE B 716 -4.36 71.44 -10.54
CA PHE B 716 -5.14 72.60 -10.11
C PHE B 716 -6.04 72.25 -8.93
N GLN B 717 -5.94 73.05 -7.87
CA GLN B 717 -6.66 72.80 -6.63
C GLN B 717 -8.11 73.26 -6.75
N PRO B 718 -8.96 72.85 -5.82
CA PRO B 718 -10.37 73.26 -5.89
C PRO B 718 -10.53 74.77 -5.87
N GLU B 719 -11.47 75.27 -6.66
CA GLU B 719 -11.83 76.69 -6.69
C GLU B 719 -10.61 77.55 -7.01
N ASP B 720 -10.06 77.36 -8.20
CA ASP B 720 -8.93 78.15 -8.69
C ASP B 720 -9.17 78.60 -10.12
N ILE B 721 -10.35 79.17 -10.38
CA ILE B 721 -10.67 79.67 -11.71
C ILE B 721 -9.49 80.45 -12.26
N PHE B 722 -9.06 80.09 -13.47
CA PHE B 722 -7.86 80.63 -14.10
C PHE B 722 -8.14 81.02 -15.53
N SER B 723 -9.21 81.78 -15.73
CA SER B 723 -9.61 82.22 -17.07
C SER B 723 -8.40 82.68 -17.88
N ASP B 724 -8.38 82.27 -19.15
CA ASP B 724 -7.26 82.57 -20.03
C ASP B 724 -7.75 83.25 -21.30
N HIS B 725 -6.86 83.41 -22.29
CA HIS B 725 -7.19 84.17 -23.49
C HIS B 725 -8.29 83.52 -24.32
N HIS B 726 -8.56 82.22 -24.13
CA HIS B 726 -9.52 81.52 -24.97
C HIS B 726 -10.43 80.56 -24.22
N THR B 727 -10.36 80.49 -22.90
CA THR B 727 -11.27 79.63 -22.14
C THR B 727 -11.08 79.90 -20.66
N MET B 728 -12.10 79.54 -19.89
CA MET B 728 -12.07 79.66 -18.44
C MET B 728 -12.59 78.37 -17.82
N CYS B 729 -11.92 77.93 -16.76
CA CYS B 729 -12.32 76.70 -16.07
C CYS B 729 -12.04 76.84 -14.58
N TYR B 730 -13.01 76.43 -13.76
CA TYR B 730 -12.82 76.33 -12.32
C TYR B 730 -12.54 74.87 -11.97
N CYS B 731 -12.44 74.59 -10.68
CA CYS B 731 -12.00 73.29 -10.18
C CYS B 731 -13.00 72.72 -9.19
N GLU B 732 -14.28 72.75 -9.55
CA GLU B 732 -15.30 72.14 -8.69
C GLU B 732 -15.06 70.64 -8.57
N ASP B 733 -15.18 70.13 -7.34
CA ASP B 733 -14.96 68.72 -7.06
C ASP B 733 -13.61 68.27 -7.64
N GLY B 734 -13.63 67.31 -8.55
CA GLY B 734 -12.41 66.81 -9.15
C GLY B 734 -12.36 67.03 -10.65
N PHE B 735 -13.45 67.54 -11.21
CA PHE B 735 -13.53 67.84 -12.64
C PHE B 735 -13.58 69.34 -12.83
N MET B 736 -12.73 69.85 -13.71
CA MET B 736 -12.65 71.28 -13.99
C MET B 736 -13.51 71.56 -15.22
N HIS B 737 -14.70 72.09 -15.00
CA HIS B 737 -15.58 72.43 -16.11
C HIS B 737 -14.98 73.55 -16.95
N CYS B 738 -15.00 73.38 -18.26
CA CYS B 738 -14.43 74.34 -19.20
C CYS B 738 -15.50 74.80 -20.18
N THR B 739 -15.50 76.09 -20.47
CA THR B 739 -16.45 76.68 -21.41
C THR B 739 -15.70 77.62 -22.35
N MET B 740 -16.27 77.83 -23.52
CA MET B 740 -15.68 78.69 -24.54
C MET B 740 -14.30 78.18 -24.95
N CYS B 767 43.77 48.28 -32.40
CA CYS B 767 44.43 47.74 -31.23
C CYS B 767 45.01 46.36 -31.52
N ARG B 768 44.14 45.40 -31.84
CA ARG B 768 44.55 44.04 -32.12
C ARG B 768 44.34 43.74 -33.61
N PRO B 769 45.39 43.43 -34.37
CA PRO B 769 45.20 43.10 -35.79
C PRO B 769 44.53 41.75 -35.94
N PRO B 770 44.19 41.34 -37.18
CA PRO B 770 44.34 42.05 -38.45
C PRO B 770 43.13 42.89 -38.82
N MET B 771 42.11 42.93 -37.96
CA MET B 771 40.87 43.63 -38.24
C MET B 771 40.84 44.96 -37.49
N VAL B 772 40.16 45.94 -38.10
CA VAL B 772 40.09 47.26 -37.51
C VAL B 772 39.33 47.21 -36.19
N LYS B 773 39.50 48.27 -35.39
CA LYS B 773 38.86 48.38 -34.09
C LYS B 773 38.06 49.67 -34.02
N LEU B 774 36.85 49.57 -33.47
CA LEU B 774 35.98 50.71 -33.29
C LEU B 774 35.39 50.65 -31.89
N VAL B 775 34.95 51.80 -31.39
CA VAL B 775 34.47 51.90 -30.01
C VAL B 775 33.01 52.32 -29.98
N CYS B 776 32.71 53.52 -30.43
CA CYS B 776 31.37 54.09 -30.31
C CYS B 776 31.31 55.35 -31.16
N PRO B 777 30.10 55.78 -31.55
CA PRO B 777 29.95 57.12 -32.13
C PRO B 777 29.79 58.21 -31.09
N ALA B 778 29.50 57.85 -29.84
CA ALA B 778 29.41 58.82 -28.74
C ALA B 778 28.37 59.90 -29.03
N ASP B 779 27.26 59.50 -29.66
CA ASP B 779 26.18 60.45 -29.93
C ASP B 779 25.11 60.39 -28.84
N ASN B 780 24.49 59.23 -28.64
CA ASN B 780 23.56 59.02 -27.55
C ASN B 780 23.66 57.60 -26.99
N LEU B 781 24.84 56.99 -27.10
CA LEU B 781 25.08 55.64 -26.59
C LEU B 781 24.13 54.63 -27.26
N ARG B 782 24.26 54.52 -28.57
CA ARG B 782 23.43 53.63 -29.37
C ARG B 782 24.19 52.44 -29.94
N ALA B 783 25.45 52.62 -30.33
CA ALA B 783 26.18 51.55 -30.99
C ALA B 783 26.47 50.41 -30.01
N GLU B 784 26.83 49.26 -30.58
CA GLU B 784 27.08 48.04 -29.81
C GLU B 784 28.60 47.91 -29.63
N GLY B 785 29.06 48.06 -28.40
CA GLY B 785 30.47 47.94 -28.07
C GLY B 785 30.86 46.52 -27.71
N LEU B 786 31.85 46.41 -26.83
CA LEU B 786 32.32 45.10 -26.41
C LEU B 786 31.25 44.32 -25.64
N GLU B 787 30.25 45.01 -25.10
CA GLU B 787 29.24 44.31 -24.30
C GLU B 787 28.40 43.38 -25.18
N CYS B 788 27.99 43.85 -26.35
CA CYS B 788 27.12 43.06 -27.23
C CYS B 788 27.95 42.37 -28.31
N THR B 789 28.69 41.35 -27.88
CA THR B 789 29.44 40.51 -28.79
C THR B 789 28.53 39.41 -29.34
N LYS B 790 28.45 39.33 -30.67
CA LYS B 790 27.49 38.45 -31.33
C LYS B 790 28.14 37.08 -31.53
N THR B 791 27.97 36.20 -30.55
CA THR B 791 28.26 34.80 -30.72
C THR B 791 27.07 34.11 -31.36
N CYS B 792 27.34 33.09 -32.18
CA CYS B 792 26.26 32.48 -32.97
C CYS B 792 25.09 32.08 -32.10
N GLN B 793 25.37 31.48 -30.93
CA GLN B 793 24.27 31.17 -30.01
C GLN B 793 23.51 32.41 -29.61
N ASN B 794 24.17 33.57 -29.62
CA ASN B 794 23.54 34.84 -29.29
C ASN B 794 23.27 35.72 -30.51
N TYR B 795 23.88 35.43 -31.66
CA TYR B 795 23.71 36.28 -32.82
C TYR B 795 22.24 36.34 -33.24
N ASP B 796 21.58 35.18 -33.30
CA ASP B 796 20.16 35.17 -33.61
C ASP B 796 19.38 35.90 -32.52
N LEU B 797 19.75 35.69 -31.26
CA LEU B 797 19.09 36.38 -30.16
C LEU B 797 19.31 37.88 -30.28
N GLU B 798 18.34 38.65 -29.79
CA GLU B 798 18.43 40.10 -29.85
C GLU B 798 19.57 40.60 -28.98
N CYS B 799 20.07 41.79 -29.31
CA CYS B 799 21.25 42.32 -28.65
C CYS B 799 20.97 42.57 -27.17
N MET B 800 22.02 43.02 -26.48
CA MET B 800 21.99 43.18 -25.03
C MET B 800 21.16 44.43 -24.69
N SER B 801 21.13 44.77 -23.41
CA SER B 801 20.55 46.02 -22.93
C SER B 801 21.57 46.66 -21.99
N MET B 802 22.50 47.41 -22.56
CA MET B 802 23.52 48.13 -21.82
C MET B 802 23.84 49.41 -22.56
N GLY B 803 24.87 50.13 -22.10
CA GLY B 803 25.32 51.32 -22.77
C GLY B 803 26.51 51.06 -23.66
N CYS B 804 26.78 52.00 -24.56
CA CYS B 804 27.92 51.89 -25.46
C CYS B 804 29.21 51.85 -24.64
N VAL B 805 29.88 50.70 -24.62
CA VAL B 805 31.01 50.50 -23.73
C VAL B 805 32.32 50.85 -24.44
N SER B 806 32.22 51.35 -25.66
CA SER B 806 33.39 51.76 -26.43
C SER B 806 34.39 50.60 -26.53
N GLY B 807 33.93 49.51 -27.14
CA GLY B 807 34.73 48.31 -27.26
C GLY B 807 34.74 47.80 -28.70
N CYS B 808 35.67 46.89 -28.95
CA CYS B 808 35.85 46.31 -30.27
C CYS B 808 34.85 45.18 -30.51
N LEU B 809 34.78 44.75 -31.77
CA LEU B 809 33.85 43.70 -32.16
C LEU B 809 34.31 43.09 -33.48
N CYS B 810 33.78 41.92 -33.78
CA CYS B 810 34.09 41.26 -35.04
C CYS B 810 33.44 42.00 -36.21
N PRO B 811 33.91 41.77 -37.43
CA PRO B 811 33.32 42.44 -38.59
C PRO B 811 31.81 42.26 -38.62
N PRO B 812 31.11 43.05 -39.45
CA PRO B 812 29.64 43.02 -39.43
C PRO B 812 29.06 41.62 -39.63
N GLY B 813 29.42 40.97 -40.74
CA GLY B 813 28.95 39.63 -41.01
C GLY B 813 29.82 38.58 -40.36
N MET B 814 30.31 38.85 -39.15
CA MET B 814 31.26 37.99 -38.47
C MET B 814 30.82 37.86 -37.02
N VAL B 815 31.00 36.67 -36.45
CA VAL B 815 30.58 36.38 -35.09
C VAL B 815 31.78 35.91 -34.29
N ARG B 816 31.89 36.41 -33.05
CA ARG B 816 33.02 36.09 -32.18
C ARG B 816 32.69 34.86 -31.33
N HIS B 817 32.66 33.70 -32.01
CA HIS B 817 32.47 32.45 -31.30
C HIS B 817 33.80 31.96 -30.73
N GLU B 818 33.72 30.99 -29.82
CA GLU B 818 34.86 30.45 -29.10
C GLU B 818 35.92 31.52 -28.86
N ASN B 819 37.16 31.30 -29.31
CA ASN B 819 38.24 32.23 -29.01
C ASN B 819 37.96 33.61 -29.60
N ARG B 820 37.66 33.67 -30.89
CA ARG B 820 37.55 34.95 -31.59
C ARG B 820 36.67 34.75 -32.82
N CYS B 821 36.70 35.72 -33.74
CA CYS B 821 35.84 35.70 -34.92
C CYS B 821 35.79 34.31 -35.55
N VAL B 822 34.62 33.94 -36.04
CA VAL B 822 34.39 32.65 -36.68
C VAL B 822 33.28 32.81 -37.69
N ALA B 823 33.36 32.04 -38.78
CA ALA B 823 32.44 32.21 -39.90
C ALA B 823 31.00 32.13 -39.42
N LEU B 824 30.20 33.11 -39.86
CA LEU B 824 28.81 33.19 -39.41
C LEU B 824 28.03 31.95 -39.83
N GLU B 825 28.18 31.53 -41.08
CA GLU B 825 27.44 30.38 -41.59
C GLU B 825 28.07 29.05 -41.17
N ARG B 826 29.22 29.07 -40.51
CA ARG B 826 29.91 27.85 -40.12
C ARG B 826 29.95 27.67 -38.61
N CYS B 827 29.08 28.37 -37.87
CA CYS B 827 29.14 28.26 -36.42
C CYS B 827 28.34 27.04 -35.97
N PRO B 828 28.89 26.18 -35.10
CA PRO B 828 28.23 24.91 -34.79
C PRO B 828 26.90 25.10 -34.08
N CYS B 829 26.00 24.14 -34.29
CA CYS B 829 24.76 24.05 -33.55
C CYS B 829 24.97 23.22 -32.29
N PHE B 830 24.00 23.31 -31.37
CA PHE B 830 24.03 22.56 -30.13
C PHE B 830 22.70 21.88 -29.91
N HIS B 831 22.72 20.62 -29.48
CA HIS B 831 21.50 19.93 -29.08
C HIS B 831 21.49 19.61 -27.59
N GLN B 832 22.44 18.82 -27.10
CA GLN B 832 22.62 18.61 -25.67
C GLN B 832 23.83 19.41 -25.18
N GLY B 833 23.77 20.73 -25.33
CA GLY B 833 24.91 21.55 -24.96
C GLY B 833 26.07 21.38 -25.92
N LYS B 834 26.51 20.13 -26.10
CA LYS B 834 27.60 19.82 -27.01
C LYS B 834 27.40 20.53 -28.34
N GLU B 835 28.51 20.88 -28.98
CA GLU B 835 28.51 21.64 -30.22
C GLU B 835 28.69 20.71 -31.41
N TYR B 836 27.81 20.84 -32.40
CA TYR B 836 27.89 20.07 -33.64
C TYR B 836 28.28 21.03 -34.76
N ALA B 837 29.36 20.70 -35.46
CA ALA B 837 29.80 21.53 -36.56
C ALA B 837 28.81 21.45 -37.72
N PRO B 838 28.82 22.43 -38.61
CA PRO B 838 27.90 22.38 -39.75
C PRO B 838 28.09 21.08 -40.53
N GLY B 839 26.96 20.49 -40.95
CA GLY B 839 26.97 19.22 -41.63
C GLY B 839 26.80 18.02 -40.72
N GLU B 840 27.05 18.17 -39.42
CA GLU B 840 26.79 17.08 -38.50
C GLU B 840 25.30 16.76 -38.49
N THR B 841 24.95 15.65 -37.84
CA THR B 841 23.56 15.23 -37.76
C THR B 841 23.34 14.50 -36.45
N VAL B 842 22.07 14.49 -36.02
CA VAL B 842 21.67 13.81 -34.79
C VAL B 842 20.48 12.93 -35.09
N LYS B 843 20.27 11.94 -34.25
CA LYS B 843 19.19 10.97 -34.39
C LYS B 843 18.26 11.12 -33.19
N ILE B 844 17.30 12.03 -33.30
CA ILE B 844 16.29 12.24 -32.27
C ILE B 844 15.07 11.43 -32.67
N GLY B 845 14.69 10.48 -31.83
CA GLY B 845 13.59 9.60 -32.18
C GLY B 845 13.86 8.90 -33.49
N CYS B 846 12.84 8.82 -34.33
CA CYS B 846 12.96 8.23 -35.65
C CYS B 846 13.31 9.24 -36.73
N ASN B 847 13.42 10.52 -36.39
CA ASN B 847 13.75 11.56 -37.34
C ASN B 847 15.25 11.80 -37.36
N THR B 848 15.68 12.74 -38.20
CA THR B 848 17.09 13.10 -38.30
C THR B 848 17.19 14.58 -38.65
N CYS B 849 18.21 15.23 -38.11
CA CYS B 849 18.41 16.65 -38.31
C CYS B 849 19.88 16.91 -38.62
N VAL B 850 20.14 18.02 -39.32
CA VAL B 850 21.48 18.41 -39.72
C VAL B 850 21.72 19.86 -39.29
N CYS B 851 22.91 20.13 -38.79
CA CYS B 851 23.27 21.48 -38.35
C CYS B 851 23.54 22.33 -39.59
N ARG B 852 22.57 23.17 -39.94
CA ARG B 852 22.68 24.06 -41.09
C ARG B 852 22.39 25.49 -40.65
N ASP B 853 23.33 26.39 -40.92
CA ASP B 853 23.16 27.81 -40.62
C ASP B 853 22.77 28.01 -39.16
N ARG B 854 23.49 27.33 -38.27
CA ARG B 854 23.20 27.39 -36.84
C ARG B 854 21.76 26.97 -36.55
N LYS B 855 21.29 25.97 -37.29
CA LYS B 855 19.92 25.51 -37.16
C LYS B 855 19.87 24.02 -37.44
N TRP B 856 18.84 23.37 -36.90
CA TRP B 856 18.62 21.94 -37.09
C TRP B 856 17.53 21.77 -38.13
N ASN B 857 17.88 21.18 -39.27
CA ASN B 857 16.92 20.89 -40.34
C ASN B 857 16.44 19.46 -40.15
N CYS B 858 15.41 19.29 -39.33
CA CYS B 858 14.93 17.97 -38.96
C CYS B 858 14.01 17.41 -40.03
N THR B 859 13.95 16.08 -40.09
CA THR B 859 12.97 15.39 -40.91
C THR B 859 11.60 15.51 -40.23
N ASP B 860 10.60 14.86 -40.78
CA ASP B 860 9.26 14.89 -40.19
C ASP B 860 8.60 13.54 -40.45
N HIS B 861 8.69 12.64 -39.48
CA HIS B 861 7.98 11.37 -39.50
C HIS B 861 7.51 11.10 -38.08
N VAL B 862 6.23 11.36 -37.81
CA VAL B 862 5.72 11.12 -36.47
C VAL B 862 5.95 9.65 -36.12
N CYS B 863 6.78 9.42 -35.11
CA CYS B 863 7.19 8.06 -34.78
C CYS B 863 6.12 7.38 -33.94
N ASP B 864 6.39 6.15 -33.55
CA ASP B 864 5.46 5.40 -32.72
C ASP B 864 5.31 6.06 -31.36
N ALA B 865 4.11 5.93 -30.79
CA ALA B 865 3.81 6.49 -29.48
C ALA B 865 3.55 5.36 -28.50
N THR B 866 4.13 5.47 -27.31
CA THR B 866 4.03 4.45 -26.28
C THR B 866 3.31 5.03 -25.07
N CYS B 867 2.31 4.32 -24.57
CA CYS B 867 1.61 4.70 -23.35
C CYS B 867 1.88 3.61 -22.31
N SER B 868 2.91 3.83 -21.50
CA SER B 868 3.25 2.86 -20.46
C SER B 868 2.39 3.08 -19.23
N THR B 869 2.14 2.00 -18.50
CA THR B 869 1.51 2.07 -17.19
C THR B 869 2.62 1.90 -16.16
N ILE B 870 3.29 3.00 -15.86
CA ILE B 870 4.45 2.96 -14.99
C ILE B 870 4.01 2.68 -13.57
N GLY B 871 4.66 1.72 -12.92
CA GLY B 871 4.34 1.44 -11.54
C GLY B 871 2.95 0.84 -11.40
N MET B 872 2.33 1.09 -10.24
CA MET B 872 1.04 0.51 -9.92
C MET B 872 -0.09 1.53 -9.95
N ALA B 873 0.20 2.82 -9.96
CA ALA B 873 -0.84 3.84 -9.99
C ALA B 873 -0.52 5.03 -10.89
N HIS B 874 0.57 4.99 -11.65
CA HIS B 874 0.95 6.08 -12.53
C HIS B 874 0.81 5.65 -13.99
N TYR B 875 0.46 6.61 -14.84
CA TYR B 875 0.31 6.38 -16.27
C TYR B 875 1.11 7.41 -17.04
N LEU B 876 1.49 7.04 -18.27
CA LEU B 876 2.15 7.94 -19.20
C LEU B 876 1.38 7.92 -20.50
N THR B 877 0.90 9.08 -20.94
CA THR B 877 0.08 9.15 -22.13
C THR B 877 0.95 9.16 -23.39
N PHE B 878 0.31 8.99 -24.54
CA PHE B 878 1.03 8.94 -25.79
C PHE B 878 1.77 10.25 -26.04
N ASP B 879 1.10 11.38 -25.83
CA ASP B 879 1.72 12.66 -26.12
C ASP B 879 2.87 12.96 -25.17
N GLY B 880 2.86 12.40 -23.97
CA GLY B 880 3.96 12.57 -23.05
C GLY B 880 3.55 12.79 -21.61
N LEU B 881 2.31 13.25 -21.41
CA LEU B 881 1.85 13.56 -20.06
C LEU B 881 1.93 12.33 -19.17
N LYS B 882 2.41 12.54 -17.94
CA LYS B 882 2.40 11.53 -16.89
C LYS B 882 1.56 12.04 -15.74
N TYR B 883 0.73 11.17 -15.17
CA TYR B 883 -0.13 11.55 -14.07
C TYR B 883 -0.35 10.37 -13.15
N LEU B 884 -0.98 10.64 -12.02
CA LEU B 884 -1.21 9.66 -10.97
C LEU B 884 -2.70 9.36 -10.91
N PHE B 885 -3.06 8.08 -10.95
CA PHE B 885 -4.46 7.67 -10.89
C PHE B 885 -4.55 6.31 -10.20
N PRO B 886 -4.68 6.30 -8.88
CA PRO B 886 -4.88 5.03 -8.17
C PRO B 886 -6.32 4.56 -8.31
N GLY B 887 -6.50 3.41 -8.95
CA GLY B 887 -7.83 2.90 -9.21
C GLY B 887 -7.93 1.44 -8.86
N GLU B 888 -9.15 1.03 -8.50
CA GLU B 888 -9.46 -0.36 -8.20
C GLU B 888 -10.36 -1.02 -9.24
N CYS B 889 -11.05 -0.24 -10.05
CA CYS B 889 -11.99 -0.77 -11.02
C CYS B 889 -11.29 -1.05 -12.34
N GLN B 890 -12.06 -1.32 -13.38
CA GLN B 890 -11.54 -1.60 -14.71
C GLN B 890 -11.69 -0.36 -15.57
N TYR B 891 -10.62 0.02 -16.24
CA TYR B 891 -10.55 1.25 -17.01
C TYR B 891 -10.20 0.94 -18.46
N VAL B 892 -10.19 1.99 -19.28
CA VAL B 892 -9.84 1.89 -20.69
C VAL B 892 -8.46 2.51 -20.87
N LEU B 893 -7.49 1.69 -21.28
CA LEU B 893 -6.14 2.18 -21.50
C LEU B 893 -6.04 2.90 -22.85
N VAL B 894 -6.30 2.18 -23.93
CA VAL B 894 -6.37 2.75 -25.26
C VAL B 894 -7.63 2.23 -25.93
N GLN B 895 -8.11 2.96 -26.92
CA GLN B 895 -9.39 2.67 -27.52
C GLN B 895 -9.48 3.34 -28.87
N ASP B 896 -10.38 2.83 -29.71
CA ASP B 896 -10.72 3.47 -30.97
C ASP B 896 -12.18 3.87 -31.06
N TYR B 897 -13.03 3.39 -30.16
CA TYR B 897 -14.44 3.76 -30.12
C TYR B 897 -14.59 5.14 -29.47
N CYS B 898 -13.88 6.11 -30.05
CA CYS B 898 -13.84 7.45 -29.47
C CYS B 898 -15.05 8.26 -29.87
N GLY B 899 -15.23 8.49 -31.18
CA GLY B 899 -16.33 9.27 -31.67
C GLY B 899 -16.96 8.67 -32.91
N SER B 900 -17.07 9.48 -33.96
CA SER B 900 -17.68 8.99 -35.20
C SER B 900 -16.86 7.87 -35.80
N ASN B 901 -15.54 7.94 -35.70
CA ASN B 901 -14.68 6.94 -36.31
C ASN B 901 -15.06 5.56 -35.77
N PRO B 902 -15.34 4.58 -36.63
CA PRO B 902 -15.68 3.25 -36.12
C PRO B 902 -14.54 2.63 -35.34
N GLY B 903 -14.88 1.95 -34.26
CA GLY B 903 -13.86 1.32 -33.44
C GLY B 903 -13.26 0.11 -34.13
N THR B 904 -11.99 -0.16 -33.80
CA THR B 904 -11.29 -1.30 -34.36
C THR B 904 -10.68 -2.14 -33.26
N PHE B 905 -10.37 -1.53 -32.12
CA PHE B 905 -9.76 -2.26 -31.02
C PHE B 905 -10.03 -1.49 -29.73
N ARG B 906 -9.74 -2.14 -28.61
CA ARG B 906 -9.99 -1.55 -27.30
C ARG B 906 -9.23 -2.34 -26.24
N ILE B 907 -8.43 -1.65 -25.44
CA ILE B 907 -7.60 -2.28 -24.42
C ILE B 907 -8.08 -1.80 -23.06
N LEU B 908 -8.37 -2.76 -22.18
CA LEU B 908 -8.75 -2.48 -20.80
C LEU B 908 -7.63 -2.95 -19.88
N VAL B 909 -7.33 -2.14 -18.86
CA VAL B 909 -6.19 -2.40 -18.00
C VAL B 909 -6.69 -2.68 -16.58
N GLY B 910 -7.86 -3.30 -16.48
CA GLY B 910 -8.45 -3.56 -15.19
C GLY B 910 -7.48 -4.13 -14.17
N ASN B 911 -7.28 -3.39 -13.08
CA ASN B 911 -6.41 -3.83 -12.01
C ASN B 911 -7.20 -4.68 -11.03
N LYS B 912 -6.57 -5.08 -9.93
CA LYS B 912 -7.23 -5.90 -8.93
C LYS B 912 -6.50 -5.71 -7.61
N GLY B 913 -7.18 -5.15 -6.62
CA GLY B 913 -6.56 -4.90 -5.33
C GLY B 913 -5.37 -3.97 -5.44
N CYS B 914 -5.54 -2.87 -6.18
CA CYS B 914 -4.48 -1.90 -6.41
C CYS B 914 -4.97 -0.49 -6.14
N SER B 915 -5.79 -0.32 -5.09
CA SER B 915 -6.18 1.03 -4.67
C SER B 915 -4.94 1.88 -4.41
N HIS B 916 -4.15 1.47 -3.46
CA HIS B 916 -2.82 2.00 -3.28
C HIS B 916 -1.79 0.98 -3.74
N PRO B 917 -0.61 1.43 -4.20
CA PRO B 917 0.41 0.47 -4.62
C PRO B 917 0.71 -0.53 -3.52
N SER B 918 0.39 -1.79 -3.75
CA SER B 918 0.50 -2.83 -2.72
C SER B 918 1.12 -4.08 -3.31
N VAL B 919 1.75 -4.88 -2.45
CA VAL B 919 2.38 -6.11 -2.91
C VAL B 919 1.35 -7.03 -3.54
N LYS B 920 0.17 -7.14 -2.93
CA LYS B 920 -0.88 -8.00 -3.46
C LYS B 920 -1.65 -7.29 -4.56
N CYS B 921 -0.93 -6.74 -5.54
CA CYS B 921 -1.53 -6.00 -6.65
C CYS B 921 -1.17 -6.70 -7.95
N LYS B 922 -2.17 -7.12 -8.70
CA LYS B 922 -2.00 -7.71 -10.01
C LYS B 922 -2.92 -7.00 -10.98
N LYS B 923 -2.40 -6.71 -12.18
CA LYS B 923 -3.15 -6.01 -13.21
C LYS B 923 -3.65 -7.02 -14.24
N ARG B 924 -4.92 -6.93 -14.58
CA ARG B 924 -5.56 -7.85 -15.53
C ARG B 924 -5.88 -7.06 -16.79
N VAL B 925 -5.00 -7.17 -17.77
CA VAL B 925 -5.22 -6.52 -19.06
C VAL B 925 -6.24 -7.32 -19.85
N THR B 926 -7.12 -6.63 -20.57
CA THR B 926 -8.13 -7.25 -21.42
C THR B 926 -8.11 -6.54 -22.75
N ILE B 927 -7.72 -7.25 -23.80
CA ILE B 927 -7.50 -6.68 -25.12
C ILE B 927 -8.67 -7.08 -26.01
N LEU B 928 -9.52 -6.12 -26.35
CA LEU B 928 -10.68 -6.37 -27.21
C LEU B 928 -10.36 -5.98 -28.64
N VAL B 929 -9.43 -6.72 -29.24
CA VAL B 929 -9.07 -6.52 -30.64
C VAL B 929 -10.24 -7.00 -31.49
N GLU B 930 -10.18 -6.73 -32.79
CA GLU B 930 -11.31 -6.92 -33.69
C GLU B 930 -12.20 -8.10 -33.30
N GLY B 931 -11.62 -9.28 -33.14
CA GLY B 931 -12.41 -10.47 -32.97
C GLY B 931 -12.71 -10.86 -31.53
N GLY B 932 -11.66 -11.01 -30.71
CA GLY B 932 -11.85 -11.61 -29.41
C GLY B 932 -10.85 -11.14 -28.38
N GLU B 933 -11.18 -11.45 -27.13
CA GLU B 933 -10.36 -11.01 -26.00
C GLU B 933 -9.05 -11.79 -25.95
N ILE B 934 -7.99 -11.10 -25.51
CA ILE B 934 -6.67 -11.70 -25.39
C ILE B 934 -6.16 -11.50 -23.97
N GLU B 935 -7.06 -11.65 -22.99
CA GLU B 935 -6.76 -11.29 -21.61
C GLU B 935 -5.36 -11.70 -21.18
N LEU B 936 -4.67 -10.80 -20.49
CA LEU B 936 -3.26 -10.96 -20.12
C LEU B 936 -3.12 -11.05 -18.60
N PHE B 937 -4.01 -11.78 -17.95
CA PHE B 937 -4.02 -11.83 -16.50
C PHE B 937 -2.77 -12.53 -15.96
N ASP B 938 -2.39 -12.15 -14.75
CA ASP B 938 -1.32 -12.83 -14.03
C ASP B 938 0.01 -12.59 -14.72
N GLY B 939 0.71 -13.66 -15.13
CA GLY B 939 1.96 -13.53 -15.83
C GLY B 939 1.94 -14.32 -17.13
N GLU B 940 0.75 -14.64 -17.61
CA GLU B 940 0.58 -15.45 -18.80
C GLU B 940 -0.39 -14.77 -19.75
N VAL B 941 -0.52 -15.33 -20.95
CA VAL B 941 -1.42 -14.83 -21.98
C VAL B 941 -2.51 -15.87 -22.19
N ASN B 942 -3.78 -15.44 -22.07
CA ASN B 942 -4.93 -16.28 -22.31
C ASN B 942 -5.78 -15.65 -23.39
N VAL B 943 -6.11 -16.42 -24.42
CA VAL B 943 -6.92 -15.95 -25.54
C VAL B 943 -8.33 -16.48 -25.31
N LYS B 944 -9.17 -15.66 -24.68
CA LYS B 944 -10.53 -16.10 -24.40
C LYS B 944 -11.29 -16.40 -25.69
N ARG B 945 -11.15 -15.54 -26.69
CA ARG B 945 -11.71 -15.79 -28.00
C ARG B 945 -10.65 -15.50 -29.05
N PRO B 946 -10.68 -16.20 -30.19
CA PRO B 946 -9.66 -15.96 -31.21
C PRO B 946 -10.07 -14.87 -32.18
N MET B 947 -9.20 -13.89 -32.39
CA MET B 947 -9.49 -12.85 -33.36
C MET B 947 -9.69 -13.48 -34.74
N LYS B 948 -10.73 -13.02 -35.44
CA LYS B 948 -11.10 -13.67 -36.69
C LYS B 948 -9.94 -13.66 -37.68
N ASP B 949 -9.20 -12.56 -37.76
CA ASP B 949 -8.05 -12.44 -38.65
C ASP B 949 -6.81 -12.83 -37.87
N GLU B 950 -6.51 -14.13 -37.86
CA GLU B 950 -5.35 -14.65 -37.16
C GLU B 950 -4.06 -14.48 -37.95
N THR B 951 -4.11 -13.85 -39.12
CA THR B 951 -2.90 -13.72 -39.94
C THR B 951 -1.85 -12.87 -39.22
N HIS B 952 -2.27 -11.80 -38.56
CA HIS B 952 -1.36 -10.91 -37.84
C HIS B 952 -1.69 -10.97 -36.36
N PHE B 953 -1.10 -11.96 -35.68
CA PHE B 953 -1.24 -12.07 -34.23
C PHE B 953 -0.10 -12.94 -33.73
N GLU B 954 0.92 -12.32 -33.16
CA GLU B 954 2.10 -13.00 -32.68
C GLU B 954 2.30 -12.71 -31.20
N VAL B 955 2.68 -13.73 -30.45
CA VAL B 955 2.97 -13.61 -29.02
C VAL B 955 4.45 -13.93 -28.86
N VAL B 956 5.29 -12.90 -28.92
CA VAL B 956 6.73 -13.07 -28.80
C VAL B 956 7.11 -12.97 -27.33
N GLU B 957 7.71 -14.03 -26.81
CA GLU B 957 8.12 -14.09 -25.40
C GLU B 957 9.63 -13.96 -25.36
N SER B 958 10.12 -12.77 -25.04
CA SER B 958 11.55 -12.50 -25.01
C SER B 958 11.91 -11.72 -23.76
N GLY B 959 13.10 -11.98 -23.24
CA GLY B 959 13.54 -11.29 -22.04
C GLY B 959 12.55 -11.51 -20.92
N ARG B 960 12.13 -10.42 -20.29
CA ARG B 960 11.15 -10.45 -19.22
C ARG B 960 9.76 -10.03 -19.70
N TYR B 961 9.52 -10.08 -21.01
CA TYR B 961 8.32 -9.50 -21.59
C TYR B 961 7.63 -10.52 -22.50
N ILE B 962 6.38 -10.20 -22.83
CA ILE B 962 5.52 -11.05 -23.65
C ILE B 962 5.08 -10.26 -24.88
N ILE B 963 6.02 -9.50 -25.45
CA ILE B 963 5.72 -8.58 -26.55
C ILE B 963 4.72 -9.20 -27.51
N LEU B 964 3.65 -8.48 -27.81
CA LEU B 964 2.63 -8.89 -28.75
C LEU B 964 2.72 -8.06 -30.02
N LEU B 965 1.99 -8.52 -31.04
CA LEU B 965 1.90 -7.85 -32.33
C LEU B 965 0.45 -7.82 -32.79
N LEU B 966 -0.42 -7.33 -31.92
CA LEU B 966 -1.87 -7.41 -32.09
C LEU B 966 -2.30 -7.19 -33.53
N GLY B 967 -1.76 -6.17 -34.18
CA GLY B 967 -2.16 -5.87 -35.54
C GLY B 967 -1.01 -5.32 -36.37
N LYS B 968 -1.36 -4.66 -37.48
CA LYS B 968 -0.32 -4.09 -38.33
C LYS B 968 0.43 -2.98 -37.60
N ALA B 969 -0.29 -2.16 -36.84
CA ALA B 969 0.29 -1.00 -36.17
C ALA B 969 0.34 -1.17 -34.65
N LEU B 970 -0.80 -1.42 -34.01
CA LEU B 970 -0.82 -1.47 -32.56
C LEU B 970 -0.04 -2.68 -32.05
N SER B 971 0.60 -2.49 -30.89
CA SER B 971 1.37 -3.55 -30.26
C SER B 971 1.46 -3.26 -28.78
N VAL B 972 1.28 -4.28 -27.96
CA VAL B 972 1.32 -4.15 -26.51
C VAL B 972 2.51 -4.94 -25.99
N VAL B 973 3.39 -4.28 -25.24
CA VAL B 973 4.56 -4.90 -24.64
C VAL B 973 4.32 -4.96 -23.14
N TRP B 974 4.47 -6.15 -22.57
CA TRP B 974 4.09 -6.42 -21.19
C TRP B 974 5.31 -6.86 -20.40
N ASP B 975 5.49 -6.27 -19.22
CA ASP B 975 6.55 -6.66 -18.31
C ASP B 975 6.27 -7.98 -17.61
N ARG B 976 5.08 -8.53 -17.78
CA ARG B 976 4.58 -9.77 -17.17
C ARG B 976 4.16 -9.54 -15.72
N HIS B 977 4.44 -8.40 -15.11
CA HIS B 977 3.96 -8.13 -13.75
C HIS B 977 3.02 -6.94 -13.69
N LEU B 978 3.50 -5.72 -13.97
CA LEU B 978 2.65 -4.55 -13.80
C LEU B 978 2.88 -3.41 -14.80
N SER B 979 3.76 -3.52 -15.78
CA SER B 979 3.97 -2.44 -16.72
C SER B 979 3.47 -2.88 -18.10
N ILE B 980 2.54 -2.11 -18.65
CA ILE B 980 1.90 -2.44 -19.92
C ILE B 980 2.06 -1.23 -20.83
N SER B 981 2.79 -1.40 -21.93
CA SER B 981 3.02 -0.35 -22.89
C SER B 981 2.33 -0.69 -24.20
N VAL B 982 1.65 0.30 -24.78
CA VAL B 982 0.93 0.13 -26.03
C VAL B 982 1.57 1.02 -27.06
N VAL B 983 2.04 0.43 -28.15
CA VAL B 983 2.76 1.14 -29.21
C VAL B 983 1.84 1.24 -30.41
N LEU B 984 1.71 2.46 -30.94
CA LEU B 984 0.89 2.72 -32.12
C LEU B 984 1.79 3.25 -33.24
N LYS B 985 1.15 3.67 -34.33
CA LYS B 985 1.87 4.22 -35.48
C LYS B 985 1.08 5.41 -35.99
N GLN B 986 1.50 5.95 -37.14
CA GLN B 986 0.86 7.13 -37.68
C GLN B 986 -0.64 6.92 -37.86
N THR B 987 -1.06 5.69 -38.11
CA THR B 987 -2.46 5.41 -38.41
C THR B 987 -3.37 5.93 -37.29
N TYR B 988 -3.02 5.66 -36.04
CA TYR B 988 -3.90 5.92 -34.92
C TYR B 988 -3.78 7.34 -34.38
N GLN B 989 -2.98 8.19 -35.01
CA GLN B 989 -2.84 9.56 -34.55
C GLN B 989 -4.21 10.23 -34.47
N GLU B 990 -4.49 10.87 -33.34
CA GLU B 990 -5.73 11.61 -33.14
C GLU B 990 -6.96 10.70 -33.18
N LYS B 991 -6.75 9.38 -33.27
CA LYS B 991 -7.85 8.44 -33.42
C LYS B 991 -7.95 7.48 -32.24
N VAL B 992 -7.40 7.85 -31.08
CA VAL B 992 -7.44 7.02 -29.89
C VAL B 992 -7.98 7.85 -28.73
N CYS B 993 -8.34 7.16 -27.67
CA CYS B 993 -8.86 7.80 -26.46
C CYS B 993 -8.64 6.83 -25.30
N GLY B 994 -8.95 7.30 -24.10
CA GLY B 994 -8.78 6.50 -22.91
C GLY B 994 -7.81 7.16 -21.94
N LEU B 995 -7.20 6.33 -21.10
CA LEU B 995 -6.23 6.82 -20.14
C LEU B 995 -4.91 7.21 -20.79
N CYS B 996 -4.73 6.92 -22.08
CA CYS B 996 -3.50 7.25 -22.79
C CYS B 996 -3.65 8.47 -23.69
N GLY B 997 -4.74 9.21 -23.56
CA GLY B 997 -4.88 10.41 -24.36
C GLY B 997 -5.21 10.11 -25.80
N ASN B 998 -5.22 11.18 -26.59
CA ASN B 998 -5.66 11.11 -27.98
C ASN B 998 -4.52 10.96 -28.97
N PHE B 999 -3.28 10.89 -28.51
CA PHE B 999 -2.13 10.73 -29.40
C PHE B 999 -2.20 11.73 -30.55
N ASP B 1000 -2.45 12.98 -30.19
CA ASP B 1000 -2.53 14.07 -31.17
C ASP B 1000 -1.27 14.90 -31.22
N GLY B 1001 -0.24 14.55 -30.47
CA GLY B 1001 0.96 15.38 -30.34
C GLY B 1001 0.81 16.44 -29.28
N ILE B 1002 -0.34 17.12 -29.25
CA ILE B 1002 -0.60 18.10 -28.21
C ILE B 1002 -0.72 17.39 -26.88
N GLN B 1003 -0.04 17.91 -25.87
CA GLN B 1003 0.04 17.27 -24.57
C GLN B 1003 -0.99 17.79 -23.58
N ASN B 1004 -1.47 19.03 -23.75
CA ASN B 1004 -2.39 19.60 -22.77
C ASN B 1004 -3.74 18.92 -22.79
N ASN B 1005 -4.22 18.48 -23.95
CA ASN B 1005 -5.56 17.93 -24.09
C ASN B 1005 -5.59 16.43 -23.88
N ASP B 1006 -4.67 15.89 -23.09
CA ASP B 1006 -4.63 14.45 -22.84
C ASP B 1006 -5.40 14.05 -21.58
N LEU B 1007 -6.05 14.99 -20.90
CA LEU B 1007 -6.90 14.70 -19.77
C LEU B 1007 -8.37 14.95 -20.11
N THR B 1008 -8.75 14.64 -21.35
CA THR B 1008 -10.14 14.76 -21.77
C THR B 1008 -10.92 13.56 -21.25
N SER B 1009 -11.94 13.80 -20.45
CA SER B 1009 -12.73 12.73 -19.88
C SER B 1009 -13.48 11.98 -20.97
N SER B 1010 -14.15 10.90 -20.58
CA SER B 1010 -15.00 10.18 -21.52
C SER B 1010 -16.02 11.10 -22.14
N ASN B 1011 -16.77 11.82 -21.31
CA ASN B 1011 -17.55 12.96 -21.78
C ASN B 1011 -16.59 14.09 -22.08
N LEU B 1012 -16.48 14.48 -23.35
CA LEU B 1012 -15.34 15.24 -23.81
C LEU B 1012 -15.17 16.52 -23.01
N GLN B 1013 -14.15 16.57 -22.16
CA GLN B 1013 -13.84 17.75 -21.38
C GLN B 1013 -12.49 17.57 -20.68
N VAL B 1014 -11.61 18.56 -20.80
CA VAL B 1014 -10.30 18.46 -20.17
C VAL B 1014 -10.45 18.61 -18.67
N GLU B 1015 -10.35 17.49 -17.94
CA GLU B 1015 -10.45 17.52 -16.50
C GLU B 1015 -9.14 17.98 -15.89
N GLU B 1016 -9.23 18.89 -14.91
CA GLU B 1016 -8.03 19.47 -14.34
C GLU B 1016 -7.25 18.45 -13.52
N ASP B 1017 -7.93 17.71 -12.65
CA ASP B 1017 -7.22 16.74 -11.83
C ASP B 1017 -7.25 15.36 -12.48
N PRO B 1018 -6.15 14.61 -12.41
CA PRO B 1018 -6.13 13.31 -13.09
C PRO B 1018 -7.16 12.33 -12.56
N VAL B 1019 -7.54 12.43 -11.29
CA VAL B 1019 -8.45 11.45 -10.70
C VAL B 1019 -9.82 11.54 -11.38
N ASP B 1020 -10.34 12.74 -11.55
CA ASP B 1020 -11.65 12.89 -12.17
C ASP B 1020 -11.60 12.57 -13.65
N PHE B 1021 -10.42 12.72 -14.27
CA PHE B 1021 -10.28 12.30 -15.65
C PHE B 1021 -10.32 10.78 -15.76
N GLY B 1022 -9.56 10.09 -14.91
CA GLY B 1022 -9.54 8.64 -14.96
C GLY B 1022 -10.88 8.02 -14.62
N ASN B 1023 -11.57 8.57 -13.61
CA ASN B 1023 -12.86 8.01 -13.22
C ASN B 1023 -13.83 7.98 -14.38
N SER B 1024 -13.66 8.90 -15.34
CA SER B 1024 -14.56 8.93 -16.49
C SER B 1024 -14.45 7.66 -17.32
N TRP B 1025 -13.27 7.05 -17.36
CA TRP B 1025 -13.04 5.87 -18.18
C TRP B 1025 -13.35 4.57 -17.45
N LYS B 1026 -13.81 4.65 -16.20
CA LYS B 1026 -14.25 3.46 -15.49
C LYS B 1026 -15.32 2.74 -16.29
N VAL B 1027 -15.03 1.52 -16.72
CA VAL B 1027 -15.98 0.80 -17.58
C VAL B 1027 -17.26 0.49 -16.83
N SER B 1028 -17.16 0.05 -15.58
CA SER B 1028 -18.32 -0.31 -14.79
C SER B 1028 -18.80 0.92 -14.04
N SER B 1029 -19.96 1.44 -14.42
CA SER B 1029 -20.48 2.65 -13.81
C SER B 1029 -20.76 2.47 -12.32
N GLN B 1030 -20.87 1.23 -11.85
CA GLN B 1030 -21.27 0.97 -10.48
C GLN B 1030 -20.11 0.57 -9.58
N CYS B 1031 -18.92 0.33 -10.12
CA CYS B 1031 -17.86 -0.27 -9.32
C CYS B 1031 -17.43 0.61 -8.15
N ALA B 1032 -16.79 1.74 -8.45
CA ALA B 1032 -16.30 2.63 -7.39
C ALA B 1032 -15.64 3.86 -7.98
N ASP B 1033 -15.70 4.98 -7.28
CA ASP B 1033 -15.04 6.21 -7.68
C ASP B 1033 -13.87 6.45 -6.72
N THR B 1034 -12.65 6.37 -7.25
CA THR B 1034 -11.48 6.60 -6.41
C THR B 1034 -11.55 7.98 -5.79
N ARG B 1035 -11.30 8.05 -4.49
CA ARG B 1035 -11.46 9.29 -3.76
C ARG B 1035 -10.31 10.24 -4.03
N LYS B 1036 -10.64 11.53 -4.04
CA LYS B 1036 -9.63 12.57 -4.24
C LYS B 1036 -8.80 12.74 -2.99
N VAL B 1037 -7.67 12.04 -2.92
CA VAL B 1037 -6.81 12.14 -1.74
C VAL B 1037 -6.24 13.55 -1.65
N PRO B 1038 -6.30 14.21 -0.48
CA PRO B 1038 -5.77 15.58 -0.41
C PRO B 1038 -4.25 15.63 -0.46
N LEU B 1039 -3.58 14.68 0.20
CA LEU B 1039 -2.13 14.71 0.24
C LEU B 1039 -1.54 14.61 -1.15
N ASP B 1040 -0.41 15.28 -1.35
CA ASP B 1040 0.24 15.33 -2.66
C ASP B 1040 1.23 14.19 -2.86
N SER B 1041 2.19 14.05 -1.94
CA SER B 1041 3.23 13.03 -2.05
C SER B 1041 3.46 12.42 -0.68
N SER B 1042 4.48 11.60 -0.56
CA SER B 1042 4.81 10.89 0.67
C SER B 1042 3.55 10.20 1.22
N PRO B 1043 2.93 9.33 0.44
CA PRO B 1043 1.66 8.72 0.85
C PRO B 1043 1.88 7.62 1.89
N ALA B 1044 0.75 7.18 2.47
CA ALA B 1044 0.74 6.05 3.39
C ALA B 1044 1.84 6.17 4.44
N THR B 1045 2.79 5.24 4.44
CA THR B 1045 3.84 5.25 5.46
C THR B 1045 4.66 6.54 5.38
N CYS B 1046 5.01 6.96 4.16
CA CYS B 1046 5.76 8.19 4.00
C CYS B 1046 4.95 9.37 4.53
N HIS B 1047 5.67 10.41 4.97
CA HIS B 1047 5.15 11.59 5.64
C HIS B 1047 4.79 11.29 7.09
N ASN B 1048 4.85 10.03 7.52
CA ASN B 1048 4.56 9.68 8.91
C ASN B 1048 5.57 8.67 9.45
N ASN B 1049 6.70 8.48 8.79
CA ASN B 1049 7.62 7.43 9.17
C ASN B 1049 9.06 7.95 9.30
N ILE B 1050 9.40 9.01 8.57
CA ILE B 1050 10.74 9.58 8.62
C ILE B 1050 11.73 8.50 8.19
N MET B 1051 11.83 7.45 9.00
CA MET B 1051 12.53 6.23 8.61
C MET B 1051 12.26 5.88 7.15
N LYS B 1052 10.99 5.59 6.85
CA LYS B 1052 10.62 5.09 5.53
C LYS B 1052 10.89 6.12 4.45
N GLN B 1053 10.47 7.36 4.67
CA GLN B 1053 10.64 8.37 3.62
C GLN B 1053 12.11 8.61 3.34
N THR B 1054 12.93 8.67 4.39
CA THR B 1054 14.35 8.89 4.21
C THR B 1054 14.99 7.78 3.40
N MET B 1055 14.78 6.53 3.81
CA MET B 1055 15.42 5.44 3.06
C MET B 1055 14.79 5.25 1.68
N VAL B 1056 13.53 5.64 1.49
CA VAL B 1056 12.92 5.56 0.17
C VAL B 1056 13.58 6.55 -0.77
N ASP B 1057 13.71 7.81 -0.34
CA ASP B 1057 14.33 8.80 -1.20
C ASP B 1057 15.79 8.47 -1.46
N SER B 1058 16.50 7.97 -0.45
CA SER B 1058 17.89 7.60 -0.66
C SER B 1058 18.00 6.42 -1.63
N SER B 1059 17.14 5.41 -1.47
CA SER B 1059 17.20 4.24 -2.33
C SER B 1059 16.66 4.55 -3.72
N CYS B 1060 15.56 5.30 -3.80
CA CYS B 1060 15.02 5.70 -5.09
C CYS B 1060 15.81 6.88 -5.63
N ARG B 1061 17.13 6.74 -5.68
CA ARG B 1061 18.00 7.74 -6.25
C ARG B 1061 19.04 7.14 -7.18
N ILE B 1062 19.06 5.81 -7.33
CA ILE B 1062 19.91 5.18 -8.32
C ILE B 1062 19.59 5.74 -9.70
N LEU B 1063 18.37 6.25 -9.89
CA LEU B 1063 18.01 6.83 -11.17
C LEU B 1063 18.97 7.94 -11.57
N THR B 1064 19.54 8.64 -10.59
CA THR B 1064 20.53 9.67 -10.83
C THR B 1064 21.96 9.17 -10.64
N SER B 1065 22.14 7.87 -10.44
CA SER B 1065 23.45 7.32 -10.19
C SER B 1065 24.31 7.40 -11.46
N ASP B 1066 25.56 6.98 -11.33
CA ASP B 1066 26.51 7.10 -12.44
C ASP B 1066 26.06 6.29 -13.65
N VAL B 1067 25.53 5.10 -13.42
CA VAL B 1067 25.15 4.25 -14.55
C VAL B 1067 24.08 4.94 -15.39
N PHE B 1068 23.15 5.64 -14.74
CA PHE B 1068 22.10 6.36 -15.44
C PHE B 1068 22.52 7.78 -15.83
N GLN B 1069 23.72 8.22 -15.45
CA GLN B 1069 24.12 9.58 -15.75
C GLN B 1069 24.06 9.85 -17.26
N ASP B 1070 24.56 8.92 -18.06
CA ASP B 1070 24.56 9.12 -19.50
C ASP B 1070 23.15 9.27 -20.04
N CYS B 1071 22.21 8.46 -19.54
CA CYS B 1071 20.83 8.53 -20.00
C CYS B 1071 20.03 9.62 -19.29
N ASN B 1072 20.50 10.12 -18.14
CA ASN B 1072 19.73 11.12 -17.42
C ASN B 1072 19.47 12.34 -18.28
N LYS B 1073 20.33 12.60 -19.27
CA LYS B 1073 20.14 13.77 -20.12
C LYS B 1073 19.17 13.48 -21.26
N LEU B 1074 19.25 12.30 -21.87
CA LEU B 1074 18.32 11.97 -22.94
C LEU B 1074 16.89 11.92 -22.44
N VAL B 1075 16.67 11.33 -21.27
CA VAL B 1075 15.35 11.20 -20.68
C VAL B 1075 15.39 11.76 -19.27
N ASP B 1076 14.44 12.63 -18.96
CA ASP B 1076 14.37 13.21 -17.63
C ASP B 1076 13.90 12.16 -16.63
N PRO B 1077 14.65 11.87 -15.57
CA PRO B 1077 14.23 10.85 -14.62
C PRO B 1077 13.24 11.33 -13.56
N GLU B 1078 12.89 12.62 -13.56
CA GLU B 1078 12.03 13.15 -12.50
C GLU B 1078 10.71 12.39 -12.40
N PRO B 1079 9.97 12.15 -13.49
CA PRO B 1079 8.73 11.38 -13.35
C PRO B 1079 8.97 10.00 -12.77
N TYR B 1080 10.06 9.35 -13.17
CA TYR B 1080 10.36 8.03 -12.62
C TYR B 1080 10.85 8.14 -11.18
N LEU B 1081 11.50 9.24 -10.82
CA LEU B 1081 11.81 9.48 -9.42
C LEU B 1081 10.54 9.55 -8.59
N ASP B 1082 9.54 10.28 -9.07
CA ASP B 1082 8.27 10.36 -8.36
C ASP B 1082 7.60 9.00 -8.29
N VAL B 1083 7.65 8.24 -9.38
CA VAL B 1083 7.02 6.93 -9.39
C VAL B 1083 7.71 6.00 -8.40
N CYS B 1084 9.03 6.14 -8.25
CA CYS B 1084 9.75 5.31 -7.30
C CYS B 1084 9.46 5.73 -5.87
N ILE B 1085 9.38 7.03 -5.60
CA ILE B 1085 8.98 7.50 -4.27
C ILE B 1085 7.60 6.96 -3.93
N TYR B 1086 6.60 7.32 -4.74
CA TYR B 1086 5.36 6.58 -4.73
C TYR B 1086 5.66 5.11 -5.05
N ASP B 1087 4.68 4.25 -4.81
CA ASP B 1087 4.79 2.82 -5.07
C ASP B 1087 5.80 2.13 -4.17
N THR B 1088 6.50 2.87 -3.33
CA THR B 1088 7.46 2.30 -2.38
C THR B 1088 7.11 2.64 -0.95
N CYS B 1089 6.62 3.86 -0.71
CA CYS B 1089 6.07 4.17 0.61
C CYS B 1089 4.81 3.38 0.88
N SER B 1090 3.88 3.37 -0.08
CA SER B 1090 2.64 2.63 0.11
C SER B 1090 2.85 1.13 0.02
N CYS B 1091 3.61 0.68 -0.98
CA CYS B 1091 3.86 -0.75 -1.18
C CYS B 1091 4.81 -1.24 -0.09
N GLU B 1092 4.26 -1.92 0.91
CA GLU B 1092 5.08 -2.53 1.95
C GLU B 1092 5.82 -3.71 1.34
N SER B 1093 7.12 -3.52 1.09
CA SER B 1093 7.93 -4.52 0.40
C SER B 1093 8.51 -5.50 1.41
N ILE B 1094 8.18 -6.79 1.23
CA ILE B 1094 8.69 -7.85 2.07
C ILE B 1094 9.04 -9.03 1.17
N GLY B 1095 10.33 -9.30 1.02
CA GLY B 1095 10.77 -10.44 0.24
C GLY B 1095 10.62 -10.23 -1.25
N ASP B 1096 9.36 -10.08 -1.71
CA ASP B 1096 9.09 -9.76 -3.11
C ASP B 1096 9.28 -8.26 -3.31
N CYS B 1097 10.52 -7.83 -3.08
CA CYS B 1097 10.87 -6.41 -3.11
C CYS B 1097 10.94 -5.96 -4.57
N ALA B 1098 9.78 -5.96 -5.21
CA ALA B 1098 9.65 -5.67 -6.63
C ALA B 1098 8.95 -4.36 -6.92
N CYS B 1099 8.24 -3.78 -5.95
CA CYS B 1099 7.57 -2.50 -6.20
C CYS B 1099 8.57 -1.40 -6.54
N PHE B 1100 9.84 -1.58 -6.21
CA PHE B 1100 10.90 -0.64 -6.49
C PHE B 1100 11.74 -1.05 -7.70
N CYS B 1101 12.13 -2.32 -7.74
CA CYS B 1101 12.87 -2.83 -8.89
C CYS B 1101 12.07 -2.68 -10.17
N ASP B 1102 10.74 -2.80 -10.09
CA ASP B 1102 9.93 -2.64 -11.29
C ASP B 1102 10.01 -1.22 -11.83
N THR B 1103 9.95 -0.21 -10.95
CA THR B 1103 10.07 1.16 -11.40
C THR B 1103 11.45 1.42 -12.00
N ILE B 1104 12.49 0.94 -11.34
CA ILE B 1104 13.84 1.15 -11.87
C ILE B 1104 13.99 0.47 -13.22
N ALA B 1105 13.42 -0.74 -13.36
CA ALA B 1105 13.50 -1.45 -14.63
C ALA B 1105 12.71 -0.74 -15.71
N ALA B 1106 11.58 -0.12 -15.34
CA ALA B 1106 10.81 0.65 -16.31
C ALA B 1106 11.63 1.81 -16.83
N TYR B 1107 12.30 2.53 -15.92
CA TYR B 1107 13.15 3.62 -16.38
C TYR B 1107 14.29 3.10 -17.25
N ALA B 1108 14.88 1.96 -16.87
CA ALA B 1108 15.96 1.40 -17.66
C ALA B 1108 15.48 1.04 -19.06
N HIS B 1109 14.27 0.47 -19.16
CA HIS B 1109 13.71 0.14 -20.47
C HIS B 1109 13.49 1.39 -21.31
N VAL B 1110 12.90 2.43 -20.71
CA VAL B 1110 12.70 3.67 -21.44
C VAL B 1110 14.04 4.22 -21.92
N CYS B 1111 15.07 4.14 -21.08
CA CYS B 1111 16.40 4.56 -21.50
C CYS B 1111 16.89 3.73 -22.67
N ALA B 1112 16.70 2.41 -22.60
CA ALA B 1112 17.18 1.54 -23.67
C ALA B 1112 16.52 1.88 -24.99
N GLN B 1113 15.24 2.26 -24.96
CA GLN B 1113 14.57 2.63 -26.20
C GLN B 1113 15.33 3.72 -26.93
N HIS B 1114 16.04 4.58 -26.20
CA HIS B 1114 16.88 5.60 -26.80
C HIS B 1114 18.30 5.10 -27.05
N GLY B 1115 18.50 3.79 -27.08
CA GLY B 1115 19.81 3.24 -27.39
C GLY B 1115 20.86 3.56 -26.36
N LYS B 1116 20.48 3.60 -25.08
CA LYS B 1116 21.39 3.89 -23.97
C LYS B 1116 21.28 2.80 -22.92
N VAL B 1117 21.37 1.54 -23.36
CA VAL B 1117 21.23 0.41 -22.44
C VAL B 1117 22.11 0.62 -21.23
N VAL B 1118 21.56 0.33 -20.06
CA VAL B 1118 22.24 0.53 -18.77
C VAL B 1118 22.16 -0.76 -17.97
N THR B 1119 23.28 -1.14 -17.37
CA THR B 1119 23.35 -2.30 -16.49
C THR B 1119 23.33 -1.79 -15.05
N TRP B 1120 22.26 -2.12 -14.32
CA TRP B 1120 22.08 -1.64 -12.96
C TRP B 1120 21.91 -2.76 -11.94
N ARG B 1121 21.27 -3.85 -12.30
CA ARG B 1121 21.07 -4.94 -11.35
C ARG B 1121 22.41 -5.49 -10.88
N THR B 1122 22.49 -5.77 -9.58
CA THR B 1122 23.71 -6.32 -8.99
C THR B 1122 23.39 -7.53 -8.13
N ALA B 1123 24.38 -8.04 -7.42
CA ALA B 1123 24.14 -9.14 -6.50
C ALA B 1123 23.32 -8.72 -5.30
N THR B 1124 23.25 -7.42 -5.01
CA THR B 1124 22.51 -6.89 -3.87
C THR B 1124 21.31 -6.05 -4.29
N LEU B 1125 21.53 -5.05 -5.13
CA LEU B 1125 20.45 -4.15 -5.55
C LEU B 1125 19.64 -4.82 -6.64
N CYS B 1126 18.40 -5.20 -6.32
CA CYS B 1126 17.49 -5.82 -7.27
C CYS B 1126 18.16 -6.98 -8.01
N PRO B 1127 18.55 -8.04 -7.30
CA PRO B 1127 19.15 -9.18 -7.98
C PRO B 1127 18.14 -9.85 -8.90
N GLN B 1128 18.66 -10.52 -9.94
CA GLN B 1128 17.81 -11.23 -10.88
C GLN B 1128 18.64 -12.32 -11.53
N SER B 1129 18.32 -13.57 -11.24
CA SER B 1129 19.09 -14.73 -11.68
C SER B 1129 18.34 -15.49 -12.76
N CYS B 1130 19.10 -16.10 -13.66
CA CYS B 1130 18.54 -16.91 -14.73
C CYS B 1130 19.01 -18.36 -14.68
N GLU B 1131 19.70 -18.76 -13.61
CA GLU B 1131 20.25 -20.12 -13.55
C GLU B 1131 19.14 -21.16 -13.52
N GLU B 1132 17.97 -20.83 -12.99
CA GLU B 1132 16.90 -21.82 -12.90
C GLU B 1132 16.58 -22.43 -14.25
N ARG B 1133 16.60 -21.62 -15.30
CA ARG B 1133 16.30 -22.10 -16.65
C ARG B 1133 17.53 -22.66 -17.36
N ASN B 1134 18.72 -22.49 -16.79
CA ASN B 1134 19.95 -22.98 -17.41
C ASN B 1134 20.03 -24.49 -17.20
N LEU B 1135 19.28 -25.23 -18.01
CA LEU B 1135 19.34 -26.68 -18.06
C LEU B 1135 19.45 -27.31 -16.67
N ARG B 1136 18.75 -26.75 -15.69
CA ARG B 1136 18.82 -27.28 -14.34
C ARG B 1136 18.35 -28.74 -14.26
N GLU B 1137 17.78 -29.28 -15.34
CA GLU B 1137 17.41 -30.69 -15.34
C GLU B 1137 18.63 -31.58 -15.14
N ASN B 1138 19.73 -31.26 -15.83
CA ASN B 1138 20.98 -32.01 -15.65
C ASN B 1138 22.14 -31.28 -16.30
N GLY B 1139 23.23 -31.10 -15.56
CA GLY B 1139 24.41 -30.43 -16.09
C GLY B 1139 24.33 -28.92 -15.99
N TYR B 1140 23.13 -28.38 -16.16
CA TYR B 1140 22.88 -26.94 -16.08
C TYR B 1140 23.92 -26.14 -16.87
N GLU B 1141 24.16 -26.58 -18.10
CA GLU B 1141 25.04 -25.84 -18.98
C GLU B 1141 24.44 -24.49 -19.32
N CYS B 1142 25.32 -23.53 -19.66
CA CYS B 1142 24.91 -22.14 -19.83
C CYS B 1142 24.13 -21.99 -21.13
N GLU B 1143 22.85 -22.39 -21.07
CA GLU B 1143 21.93 -22.16 -22.17
C GLU B 1143 21.24 -20.81 -22.08
N TRP B 1144 21.18 -20.23 -20.89
CA TRP B 1144 20.47 -18.97 -20.65
C TRP B 1144 21.38 -18.00 -19.91
N ARG B 1145 21.16 -16.72 -20.16
CA ARG B 1145 21.94 -15.68 -19.52
C ARG B 1145 21.04 -14.48 -19.28
N TYR B 1146 21.42 -13.65 -18.30
CA TYR B 1146 20.79 -12.36 -18.12
C TYR B 1146 21.54 -11.33 -18.95
N ASN B 1147 20.80 -10.52 -19.71
CA ASN B 1147 21.40 -9.52 -20.57
C ASN B 1147 20.58 -8.24 -20.46
N SER B 1148 21.24 -7.13 -20.16
CA SER B 1148 20.54 -5.86 -20.06
C SER B 1148 19.85 -5.51 -21.36
N CYS B 1149 20.54 -5.72 -22.49
CA CYS B 1149 19.93 -5.43 -23.78
C CYS B 1149 19.02 -6.56 -24.25
N ALA B 1150 19.60 -7.72 -24.56
CA ALA B 1150 18.82 -8.87 -24.99
C ALA B 1150 17.83 -8.53 -26.10
N PRO B 1151 18.28 -8.40 -27.37
CA PRO B 1151 17.32 -8.13 -28.47
C PRO B 1151 16.02 -8.90 -28.32
N ALA B 1152 14.90 -8.19 -28.44
CA ALA B 1152 13.61 -8.77 -28.05
C ALA B 1152 13.12 -9.80 -29.06
N CYS B 1153 12.82 -9.36 -30.28
CA CYS B 1153 12.25 -10.24 -31.29
C CYS B 1153 13.38 -10.92 -32.03
N GLN B 1154 13.57 -12.21 -31.77
CA GLN B 1154 14.66 -12.99 -32.32
C GLN B 1154 14.10 -14.18 -33.09
N VAL B 1155 14.74 -14.52 -34.21
CA VAL B 1155 14.32 -15.67 -34.98
C VAL B 1155 14.44 -16.92 -34.12
N THR B 1156 13.39 -17.74 -34.14
CA THR B 1156 13.34 -18.95 -33.31
C THR B 1156 12.47 -19.97 -34.02
N CYS B 1157 12.36 -21.15 -33.41
CA CYS B 1157 11.54 -22.21 -33.99
C CYS B 1157 10.10 -21.75 -34.16
N GLN B 1158 9.55 -21.10 -33.13
CA GLN B 1158 8.16 -20.64 -33.21
C GLN B 1158 8.00 -19.52 -34.25
N HIS B 1159 8.96 -18.61 -34.31
CA HIS B 1159 8.89 -17.43 -35.18
C HIS B 1159 10.16 -17.37 -36.01
N PRO B 1160 10.35 -18.31 -36.94
CA PRO B 1160 11.58 -18.28 -37.76
C PRO B 1160 11.72 -17.00 -38.55
N GLU B 1161 10.61 -16.45 -39.06
CA GLU B 1161 10.67 -15.25 -39.87
C GLU B 1161 11.04 -14.04 -39.00
N PRO B 1162 11.67 -13.01 -39.58
CA PRO B 1162 12.00 -11.80 -38.81
C PRO B 1162 10.81 -10.84 -38.72
N LEU B 1163 9.83 -11.22 -37.91
CA LEU B 1163 8.63 -10.41 -37.75
C LEU B 1163 8.97 -9.07 -37.11
N ALA B 1164 8.28 -8.02 -37.54
CA ALA B 1164 8.52 -6.69 -37.01
C ALA B 1164 8.18 -6.64 -35.52
N CYS B 1165 8.93 -5.83 -34.79
CA CYS B 1165 8.78 -5.74 -33.34
C CYS B 1165 8.63 -4.28 -32.93
N PRO B 1166 7.83 -3.98 -31.91
CA PRO B 1166 7.67 -2.58 -31.49
C PRO B 1166 8.84 -2.05 -30.68
N VAL B 1167 9.62 -2.92 -30.04
CA VAL B 1167 10.79 -2.52 -29.30
C VAL B 1167 12.02 -2.96 -30.07
N GLN B 1168 13.18 -2.47 -29.65
CA GLN B 1168 14.44 -2.85 -30.27
C GLN B 1168 15.24 -3.85 -29.46
N CYS B 1169 15.34 -3.70 -28.15
CA CYS B 1169 16.21 -4.61 -27.40
C CYS B 1169 15.80 -4.50 -25.93
N VAL B 1170 15.31 -5.60 -25.35
CA VAL B 1170 14.63 -5.61 -24.06
C VAL B 1170 15.35 -6.54 -23.11
N GLU B 1171 15.55 -6.10 -21.86
CA GLU B 1171 16.30 -6.87 -20.89
C GLU B 1171 15.54 -8.14 -20.49
N GLY B 1172 16.22 -8.98 -19.71
CA GLY B 1172 15.68 -10.21 -19.19
C GLY B 1172 16.57 -11.38 -19.55
N CYS B 1173 16.05 -12.59 -19.34
CA CYS B 1173 16.77 -13.78 -19.73
C CYS B 1173 16.88 -13.89 -21.24
N HIS B 1174 18.06 -14.23 -21.72
CA HIS B 1174 18.31 -14.34 -23.16
C HIS B 1174 19.15 -15.58 -23.42
N ALA B 1175 18.66 -16.46 -24.29
CA ALA B 1175 19.36 -17.69 -24.65
C ALA B 1175 20.31 -17.38 -25.79
N HIS B 1176 21.54 -17.03 -25.46
CA HIS B 1176 22.56 -16.78 -26.47
C HIS B 1176 23.04 -18.11 -27.04
N CYS B 1177 22.79 -18.34 -28.33
CA CYS B 1177 23.15 -19.57 -28.99
C CYS B 1177 23.87 -19.26 -30.30
N PRO B 1178 24.85 -20.04 -30.69
CA PRO B 1178 25.55 -19.79 -31.97
C PRO B 1178 24.60 -19.96 -33.14
N PRO B 1179 25.06 -19.67 -34.36
CA PRO B 1179 24.16 -19.79 -35.52
C PRO B 1179 23.52 -21.16 -35.64
N GLY B 1180 24.29 -22.21 -35.36
CA GLY B 1180 23.71 -23.54 -35.35
C GLY B 1180 22.83 -23.77 -34.13
N LYS B 1181 21.83 -24.63 -34.28
CA LYS B 1181 20.93 -24.99 -33.20
C LYS B 1181 20.20 -23.74 -32.67
N ILE B 1182 19.37 -23.15 -33.53
CA ILE B 1182 18.68 -21.93 -33.15
C ILE B 1182 17.79 -22.18 -31.95
N LEU B 1183 17.40 -21.09 -31.28
CA LEU B 1183 16.59 -21.18 -30.08
C LEU B 1183 15.28 -21.91 -30.38
N ASP B 1184 14.94 -22.89 -29.55
CA ASP B 1184 13.67 -23.57 -29.65
C ASP B 1184 12.63 -22.83 -28.81
N GLU B 1185 11.43 -23.39 -28.71
CA GLU B 1185 10.29 -22.70 -28.11
C GLU B 1185 9.79 -23.41 -26.85
N LEU B 1186 9.45 -24.69 -26.94
CA LEU B 1186 8.82 -25.36 -25.80
C LEU B 1186 9.84 -25.69 -24.72
N LEU B 1187 10.85 -26.50 -25.06
CA LEU B 1187 11.82 -26.95 -24.08
C LEU B 1187 12.74 -25.83 -23.59
N GLN B 1188 12.62 -24.63 -24.13
CA GLN B 1188 13.44 -23.50 -23.70
C GLN B 1188 14.93 -23.81 -23.84
N THR B 1189 15.28 -24.52 -24.91
CA THR B 1189 16.67 -24.84 -25.21
C THR B 1189 16.90 -24.69 -26.70
N CYS B 1190 18.06 -24.16 -27.07
CA CYS B 1190 18.39 -23.94 -28.47
C CYS B 1190 18.95 -25.24 -29.04
N VAL B 1191 18.22 -25.82 -30.00
CA VAL B 1191 18.57 -27.12 -30.57
C VAL B 1191 18.57 -27.00 -32.09
N ASP B 1192 19.06 -28.06 -32.74
CA ASP B 1192 19.22 -28.14 -34.19
C ASP B 1192 18.04 -27.52 -34.91
N PRO B 1193 18.27 -26.70 -35.95
CA PRO B 1193 17.14 -26.07 -36.63
C PRO B 1193 16.09 -27.05 -37.14
N GLU B 1194 16.53 -28.22 -37.61
CA GLU B 1194 15.57 -29.19 -38.12
C GLU B 1194 14.60 -29.66 -37.04
N ASP B 1195 14.93 -29.48 -35.77
CA ASP B 1195 14.08 -29.94 -34.69
C ASP B 1195 12.81 -29.11 -34.53
N CYS B 1196 12.74 -27.93 -35.13
CA CYS B 1196 11.51 -27.14 -35.08
C CYS B 1196 10.44 -27.80 -35.93
N PRO B 1197 9.16 -27.46 -35.69
CA PRO B 1197 8.06 -28.04 -36.49
C PRO B 1197 8.22 -27.76 -37.98
N PRO C 1 -16.27 17.61 -60.22
CA PRO C 1 -17.47 16.86 -60.64
C PRO C 1 -18.72 17.30 -59.88
N PRO C 2 -19.50 18.22 -60.46
CA PRO C 2 -20.73 18.64 -59.77
C PRO C 2 -21.63 17.45 -59.48
N LEU C 3 -22.16 17.39 -58.26
CA LEU C 3 -22.99 16.26 -57.87
C LEU C 3 -24.31 16.26 -58.62
N HIS C 4 -25.01 17.41 -58.63
CA HIS C 4 -26.29 17.50 -59.33
C HIS C 4 -26.24 18.49 -60.49
N ASP C 5 -25.98 19.78 -60.23
CA ASP C 5 -25.95 20.76 -61.31
C ASP C 5 -24.84 21.79 -61.21
N PHE C 6 -24.28 22.06 -60.03
CA PHE C 6 -23.48 23.26 -59.80
C PHE C 6 -22.08 22.91 -59.31
N TYR C 7 -21.11 23.72 -59.73
CA TYR C 7 -19.74 23.59 -59.24
C TYR C 7 -19.08 24.96 -59.40
N CYS C 8 -18.93 25.67 -58.28
CA CYS C 8 -18.40 27.04 -58.30
C CYS C 8 -16.88 26.97 -58.19
N SER C 9 -16.28 26.30 -59.17
CA SER C 9 -14.84 25.99 -59.14
C SER C 9 -14.06 27.28 -59.43
N ARG C 10 -13.88 28.08 -58.37
CA ARG C 10 -13.14 29.31 -58.47
C ARG C 10 -12.45 29.57 -57.12
N LEU C 11 -11.41 30.39 -57.17
CA LEU C 11 -10.70 30.76 -55.94
C LEU C 11 -11.68 31.39 -54.97
N LEU C 12 -11.81 30.81 -53.78
CA LEU C 12 -12.78 31.30 -52.81
C LEU C 12 -12.38 30.84 -51.41
N ASP C 13 -12.69 31.66 -50.42
CA ASP C 13 -12.51 31.33 -49.01
C ASP C 13 -13.85 31.53 -48.31
N LEU C 14 -14.39 30.46 -47.76
CA LEU C 14 -15.74 30.46 -47.20
C LEU C 14 -15.73 29.90 -45.79
N VAL C 15 -16.49 30.55 -44.91
CA VAL C 15 -16.64 30.12 -43.53
C VAL C 15 -18.12 30.13 -43.17
N PHE C 16 -18.58 29.07 -42.51
CA PHE C 16 -19.94 28.96 -42.05
C PHE C 16 -20.01 29.22 -40.55
N LEU C 17 -21.17 29.69 -40.10
CA LEU C 17 -21.40 30.09 -38.71
C LEU C 17 -22.69 29.49 -38.18
N LEU C 18 -22.82 28.18 -38.34
CA LEU C 18 -24.00 27.47 -37.83
C LEU C 18 -24.31 27.89 -36.40
N ASP C 19 -25.50 28.44 -36.21
CA ASP C 19 -25.90 28.88 -34.88
C ASP C 19 -26.09 27.69 -33.95
N GLY C 20 -25.73 27.89 -32.68
CA GLY C 20 -25.86 26.87 -31.66
C GLY C 20 -26.87 27.16 -30.58
N SER C 21 -27.70 28.19 -30.73
CA SER C 21 -28.66 28.55 -29.70
C SER C 21 -29.80 27.53 -29.65
N SER C 22 -30.51 27.55 -28.52
CA SER C 22 -31.64 26.64 -28.33
C SER C 22 -32.81 26.99 -29.23
N ARG C 23 -32.84 28.18 -29.83
CA ARG C 23 -33.96 28.55 -30.69
C ARG C 23 -34.12 27.56 -31.82
N LEU C 24 -33.02 27.13 -32.43
CA LEU C 24 -33.05 26.08 -33.45
C LEU C 24 -33.12 24.73 -32.74
N SER C 25 -34.27 24.06 -32.85
CA SER C 25 -34.46 22.78 -32.20
C SER C 25 -33.50 21.75 -32.76
N GLU C 26 -33.49 20.55 -32.18
CA GLU C 26 -32.60 19.49 -32.66
C GLU C 26 -32.86 19.20 -34.13
N ALA C 27 -34.14 19.06 -34.50
CA ALA C 27 -34.48 18.82 -35.90
C ALA C 27 -34.11 20.03 -36.76
N GLU C 28 -34.35 21.23 -36.26
CA GLU C 28 -33.98 22.42 -37.02
C GLU C 28 -32.47 22.52 -37.21
N PHE C 29 -31.71 22.19 -36.17
CA PHE C 29 -30.26 22.19 -36.30
C PHE C 29 -29.80 21.12 -37.29
N GLU C 30 -30.47 19.97 -37.29
CA GLU C 30 -30.14 18.93 -38.27
C GLU C 30 -30.43 19.42 -39.68
N VAL C 31 -31.53 20.16 -39.86
CA VAL C 31 -31.83 20.74 -41.16
C VAL C 31 -30.75 21.73 -41.57
N LEU C 32 -30.26 22.51 -40.62
CA LEU C 32 -29.17 23.44 -40.91
C LEU C 32 -27.91 22.71 -41.33
N LYS C 33 -27.61 21.59 -40.66
CA LYS C 33 -26.46 20.78 -41.05
C LYS C 33 -26.64 20.22 -42.44
N ALA C 34 -27.85 19.77 -42.76
CA ALA C 34 -28.14 19.31 -44.11
C ALA C 34 -27.93 20.44 -45.11
N PHE C 35 -28.36 21.65 -44.76
CA PHE C 35 -28.13 22.81 -45.60
C PHE C 35 -26.65 23.00 -45.88
N VAL C 36 -25.84 23.01 -44.83
CA VAL C 36 -24.41 23.31 -45.03
C VAL C 36 -23.75 22.19 -45.83
N VAL C 37 -24.12 20.94 -45.58
CA VAL C 37 -23.51 19.83 -46.33
C VAL C 37 -23.90 19.92 -47.80
N ASP C 38 -25.20 20.05 -48.08
CA ASP C 38 -25.65 20.16 -49.46
C ASP C 38 -25.11 21.40 -50.13
N MET C 39 -24.78 22.43 -49.35
CA MET C 39 -24.16 23.63 -49.90
C MET C 39 -22.74 23.33 -50.36
N MET C 40 -21.88 22.89 -49.43
CA MET C 40 -20.50 22.63 -49.78
C MET C 40 -20.38 21.51 -50.81
N GLU C 41 -21.41 20.67 -50.95
CA GLU C 41 -21.35 19.59 -51.93
C GLU C 41 -21.23 20.14 -53.35
N ARG C 42 -21.73 21.33 -53.61
CA ARG C 42 -21.73 21.92 -54.94
C ARG C 42 -20.59 22.93 -55.14
N LEU C 43 -19.53 22.82 -54.33
CA LEU C 43 -18.38 23.70 -54.44
C LEU C 43 -17.12 22.86 -54.63
N ARG C 44 -16.14 23.45 -55.32
CA ARG C 44 -14.85 22.79 -55.59
C ARG C 44 -14.04 22.82 -54.29
N ILE C 45 -14.34 21.86 -53.41
CA ILE C 45 -13.75 21.85 -52.08
C ILE C 45 -12.29 21.45 -52.18
N SER C 46 -11.40 22.44 -52.09
CA SER C 46 -9.96 22.22 -52.08
C SER C 46 -9.28 23.54 -51.81
N GLN C 47 -8.15 23.49 -51.11
CA GLN C 47 -7.43 24.71 -50.78
C GLN C 47 -7.01 25.47 -52.02
N LYS C 48 -6.93 24.81 -53.17
CA LYS C 48 -6.59 25.50 -54.41
C LYS C 48 -7.72 26.42 -54.86
N TRP C 49 -8.97 25.98 -54.73
CA TRP C 49 -10.12 26.70 -55.25
C TRP C 49 -11.04 27.22 -54.15
N VAL C 50 -11.56 26.35 -53.30
CA VAL C 50 -12.55 26.72 -52.29
C VAL C 50 -12.09 26.23 -50.93
N ARG C 51 -12.09 27.13 -49.95
CA ARG C 51 -11.76 26.81 -48.57
C ARG C 51 -13.03 26.93 -47.74
N VAL C 52 -13.38 25.87 -47.03
CA VAL C 52 -14.62 25.80 -46.28
C VAL C 52 -14.29 25.57 -44.80
N ALA C 53 -15.01 26.26 -43.93
CA ALA C 53 -14.83 26.12 -42.50
C ALA C 53 -16.17 26.31 -41.82
N VAL C 54 -16.52 25.39 -40.92
CA VAL C 54 -17.76 25.44 -40.16
C VAL C 54 -17.42 25.82 -38.73
N VAL C 55 -18.08 26.84 -38.20
CA VAL C 55 -17.77 27.39 -36.88
C VAL C 55 -19.10 27.51 -36.13
N GLU C 56 -19.42 26.51 -35.32
CA GLU C 56 -20.59 26.59 -34.46
C GLU C 56 -20.26 27.44 -33.23
N TYR C 57 -21.10 28.44 -32.96
CA TYR C 57 -20.92 29.32 -31.82
C TYR C 57 -22.10 29.14 -30.88
N HIS C 58 -21.81 28.78 -29.63
CA HIS C 58 -22.81 28.63 -28.58
C HIS C 58 -22.37 29.46 -27.38
N ASP C 59 -22.01 30.72 -27.65
CA ASP C 59 -21.28 31.57 -26.72
C ASP C 59 -19.83 31.10 -26.61
N GLY C 60 -19.21 30.98 -27.77
CA GLY C 60 -17.86 30.47 -27.90
C GLY C 60 -17.72 29.65 -29.17
N SER C 61 -16.71 29.94 -29.98
CA SER C 61 -16.58 29.28 -31.26
C SER C 61 -16.17 27.83 -31.10
N HIS C 62 -16.71 26.97 -31.95
CA HIS C 62 -16.50 25.53 -31.89
C HIS C 62 -16.09 25.00 -33.26
N ALA C 63 -15.12 25.67 -33.88
CA ALA C 63 -14.70 25.32 -35.23
C ALA C 63 -14.40 23.84 -35.35
N TYR C 64 -15.17 23.15 -36.20
CA TYR C 64 -14.93 21.74 -36.48
C TYR C 64 -14.01 21.57 -37.69
N ILE C 65 -14.17 22.40 -38.71
CA ILE C 65 -13.34 22.37 -39.91
C ILE C 65 -12.74 23.75 -40.10
N GLY C 66 -11.42 23.81 -40.24
CA GLY C 66 -10.73 25.06 -40.47
C GLY C 66 -10.44 25.28 -41.95
N LEU C 67 -10.45 26.54 -42.35
CA LEU C 67 -10.21 26.88 -43.75
C LEU C 67 -8.81 26.44 -44.20
N LYS C 68 -7.89 26.22 -43.26
CA LYS C 68 -6.56 25.74 -43.58
C LYS C 68 -6.49 24.23 -43.71
N ASP C 69 -7.51 23.51 -43.27
CA ASP C 69 -7.48 22.05 -43.34
C ASP C 69 -7.45 21.58 -44.79
N ARG C 70 -6.78 20.45 -45.00
CA ARG C 70 -6.65 19.85 -46.33
C ARG C 70 -6.96 18.36 -46.20
N LYS C 71 -8.19 17.98 -46.52
CA LYS C 71 -8.64 16.60 -46.45
C LYS C 71 -9.59 16.32 -47.59
N ARG C 72 -9.96 15.05 -47.73
CA ARG C 72 -10.88 14.66 -48.80
C ARG C 72 -12.22 15.35 -48.60
N PRO C 73 -12.84 15.88 -49.66
CA PRO C 73 -14.15 16.52 -49.48
C PRO C 73 -15.19 15.61 -48.84
N SER C 74 -15.09 14.29 -49.04
CA SER C 74 -15.98 13.37 -48.36
C SER C 74 -15.79 13.44 -46.85
N GLU C 75 -14.53 13.54 -46.40
CA GLU C 75 -14.27 13.68 -44.97
C GLU C 75 -14.86 14.97 -44.43
N LEU C 76 -14.75 16.06 -45.21
CA LEU C 76 -15.34 17.31 -44.78
C LEU C 76 -16.86 17.20 -44.70
N ARG C 77 -17.47 16.51 -45.67
CA ARG C 77 -18.91 16.25 -45.60
C ARG C 77 -19.25 15.52 -44.31
N ARG C 78 -18.49 14.48 -43.98
CA ARG C 78 -18.75 13.70 -42.79
C ARG C 78 -18.64 14.56 -41.53
N ILE C 79 -17.60 15.39 -41.46
CA ILE C 79 -17.41 16.25 -40.29
C ILE C 79 -18.57 17.24 -40.18
N ALA C 80 -18.96 17.85 -41.30
CA ALA C 80 -20.06 18.81 -41.27
C ALA C 80 -21.34 18.15 -40.80
N SER C 81 -21.63 16.93 -41.29
CA SER C 81 -22.79 16.20 -40.82
C SER C 81 -22.68 15.81 -39.36
N GLN C 82 -21.47 15.82 -38.80
CA GLN C 82 -21.23 15.37 -37.43
C GLN C 82 -21.21 16.51 -36.42
N VAL C 83 -21.44 17.75 -36.86
CA VAL C 83 -21.44 18.88 -35.94
C VAL C 83 -22.51 18.62 -34.87
N LYS C 84 -22.09 18.62 -33.61
CA LYS C 84 -23.00 18.33 -32.52
C LYS C 84 -23.96 19.48 -32.29
N TYR C 85 -25.11 19.17 -31.69
CA TYR C 85 -26.13 20.16 -31.37
C TYR C 85 -25.83 20.73 -29.99
N ALA C 86 -25.29 21.94 -29.95
CA ALA C 86 -24.96 22.56 -28.68
C ALA C 86 -26.21 22.80 -27.83
N GLY C 87 -27.22 23.44 -28.42
CA GLY C 87 -28.43 23.76 -27.69
C GLY C 87 -28.20 24.74 -26.54
N SER C 88 -27.42 25.79 -26.78
CA SER C 88 -27.16 26.78 -25.75
C SER C 88 -28.33 27.73 -25.61
N GLN C 89 -28.48 28.29 -24.41
CA GLN C 89 -29.58 29.21 -24.15
C GLN C 89 -29.38 30.56 -24.83
N VAL C 90 -28.15 30.92 -25.15
CA VAL C 90 -27.86 32.21 -25.78
C VAL C 90 -26.63 32.05 -26.66
N ALA C 91 -26.76 32.45 -27.93
CA ALA C 91 -25.63 32.53 -28.82
C ALA C 91 -25.02 33.92 -28.77
N SER C 92 -23.98 34.15 -29.55
CA SER C 92 -23.32 35.46 -29.56
C SER C 92 -22.80 35.72 -30.98
N THR C 93 -23.53 36.54 -31.73
CA THR C 93 -23.05 36.92 -33.05
C THR C 93 -21.75 37.71 -32.95
N SER C 94 -21.65 38.60 -31.97
CA SER C 94 -20.45 39.40 -31.82
C SER C 94 -19.25 38.52 -31.51
N GLU C 95 -19.42 37.52 -30.64
CA GLU C 95 -18.30 36.65 -30.28
C GLU C 95 -17.78 35.88 -31.49
N VAL C 96 -18.69 35.30 -32.28
CA VAL C 96 -18.26 34.56 -33.45
C VAL C 96 -17.63 35.49 -34.48
N LEU C 97 -18.17 36.70 -34.61
CA LEU C 97 -17.56 37.68 -35.52
C LEU C 97 -16.14 38.00 -35.10
N LYS C 98 -15.92 38.22 -33.80
CA LYS C 98 -14.57 38.46 -33.31
C LYS C 98 -13.68 37.26 -33.58
N TYR C 99 -14.20 36.04 -33.35
CA TYR C 99 -13.41 34.84 -33.57
C TYR C 99 -12.95 34.77 -35.01
N THR C 100 -13.87 34.97 -35.96
CA THR C 100 -13.49 34.89 -37.37
C THR C 100 -12.55 36.02 -37.74
N LEU C 101 -12.74 37.20 -37.15
CA LEU C 101 -11.92 38.36 -37.54
C LEU C 101 -10.49 38.22 -37.04
N PHE C 102 -10.29 37.64 -35.86
CA PHE C 102 -8.98 37.63 -35.23
C PHE C 102 -8.25 36.29 -35.35
N GLN C 103 -8.96 35.17 -35.24
CA GLN C 103 -8.31 33.87 -35.19
C GLN C 103 -8.50 33.03 -36.45
N ILE C 104 -9.49 33.34 -37.28
CA ILE C 104 -9.71 32.63 -38.53
C ILE C 104 -9.23 33.45 -39.72
N PHE C 105 -9.62 34.72 -39.80
CA PHE C 105 -9.21 35.61 -40.88
C PHE C 105 -8.48 36.80 -40.26
N SER C 106 -7.21 36.59 -39.93
CA SER C 106 -6.34 37.66 -39.49
C SER C 106 -4.93 37.54 -40.05
N LYS C 107 -4.67 36.56 -40.91
CA LYS C 107 -3.33 36.23 -41.39
C LYS C 107 -3.35 35.99 -42.90
N ILE C 108 -3.87 36.97 -43.64
CA ILE C 108 -4.11 36.83 -45.07
C ILE C 108 -2.92 36.18 -45.75
N ASP C 109 -3.18 35.10 -46.50
CA ASP C 109 -2.13 34.37 -47.20
C ASP C 109 -2.57 33.93 -48.58
N ARG C 110 -3.71 34.40 -49.08
CA ARG C 110 -4.23 33.97 -50.36
C ARG C 110 -5.19 35.02 -50.90
N PRO C 111 -4.68 36.18 -51.31
CA PRO C 111 -5.57 37.25 -51.81
C PRO C 111 -6.33 36.87 -53.07
N GLU C 112 -5.91 35.82 -53.77
CA GLU C 112 -6.59 35.42 -54.99
C GLU C 112 -8.08 35.20 -54.74
N ALA C 113 -8.43 34.62 -53.60
CA ALA C 113 -9.81 34.37 -53.24
C ALA C 113 -10.35 35.52 -52.39
N SER C 114 -11.65 35.44 -52.08
CA SER C 114 -12.33 36.44 -51.25
C SER C 114 -12.77 35.81 -49.93
N ARG C 115 -13.15 36.68 -49.00
CA ARG C 115 -13.58 36.27 -47.67
C ARG C 115 -15.10 36.47 -47.57
N ILE C 116 -15.81 35.40 -47.26
CA ILE C 116 -17.26 35.44 -47.13
C ILE C 116 -17.65 34.68 -45.87
N THR C 117 -18.49 35.30 -45.04
CA THR C 117 -18.97 34.71 -43.80
C THR C 117 -20.49 34.60 -43.84
N LEU C 118 -21.00 33.39 -43.58
CA LEU C 118 -22.44 33.13 -43.62
C LEU C 118 -22.94 33.06 -42.18
N LEU C 119 -23.41 34.20 -41.67
CA LEU C 119 -23.94 34.27 -40.32
C LEU C 119 -25.39 33.81 -40.35
N LEU C 120 -25.64 32.60 -39.87
CA LEU C 120 -26.99 32.04 -39.84
C LEU C 120 -27.60 32.24 -38.47
N MET C 121 -27.96 33.49 -38.19
CA MET C 121 -28.53 33.83 -36.89
C MET C 121 -29.91 33.22 -36.74
N ALA C 122 -30.21 32.74 -35.53
CA ALA C 122 -31.54 32.23 -35.22
C ALA C 122 -32.01 32.66 -33.84
N SER C 123 -31.32 33.61 -33.20
CA SER C 123 -31.70 34.07 -31.87
C SER C 123 -31.20 35.49 -31.68
N GLN C 124 -31.74 36.17 -30.69
CA GLN C 124 -31.42 37.57 -30.41
C GLN C 124 -30.32 37.61 -29.36
N GLU C 125 -29.13 38.07 -29.76
CA GLU C 125 -28.05 38.26 -28.81
C GLU C 125 -28.42 39.37 -27.83
N PRO C 126 -28.19 39.19 -26.53
CA PRO C 126 -28.54 40.26 -25.58
C PRO C 126 -27.80 41.55 -25.90
N GLN C 127 -28.47 42.68 -25.66
CA GLN C 127 -27.89 43.97 -26.01
C GLN C 127 -26.56 44.19 -25.31
N ARG C 128 -26.43 43.71 -24.07
CA ARG C 128 -25.19 43.90 -23.34
C ARG C 128 -24.00 43.30 -24.07
N MET C 129 -24.25 42.30 -24.92
CA MET C 129 -23.18 41.64 -25.67
C MET C 129 -22.97 42.26 -27.05
N SER C 130 -23.71 43.32 -27.40
CA SER C 130 -23.62 43.94 -28.71
C SER C 130 -22.78 45.21 -28.70
N ARG C 131 -21.88 45.34 -27.73
CA ARG C 131 -21.09 46.56 -27.61
C ARG C 131 -20.20 46.78 -28.83
N ASN C 132 -19.58 45.72 -29.33
CA ASN C 132 -18.56 45.81 -30.38
C ASN C 132 -19.04 45.25 -31.72
N PHE C 133 -20.35 45.03 -31.87
CA PHE C 133 -20.85 44.41 -33.10
C PHE C 133 -20.47 45.23 -34.32
N VAL C 134 -20.80 46.53 -34.31
CA VAL C 134 -20.50 47.37 -35.46
C VAL C 134 -18.99 47.46 -35.67
N ARG C 135 -18.23 47.50 -34.58
CA ARG C 135 -16.78 47.57 -34.70
C ARG C 135 -16.23 46.35 -35.43
N TYR C 136 -16.70 45.16 -35.06
CA TYR C 136 -16.21 43.95 -35.71
C TYR C 136 -16.69 43.86 -37.15
N VAL C 137 -17.92 44.30 -37.42
CA VAL C 137 -18.40 44.31 -38.80
C VAL C 137 -17.51 45.21 -39.65
N GLN C 138 -17.20 46.40 -39.15
CA GLN C 138 -16.34 47.31 -39.89
C GLN C 138 -14.95 46.72 -40.07
N GLY C 139 -14.41 46.09 -39.02
CA GLY C 139 -13.10 45.49 -39.14
C GLY C 139 -13.05 44.40 -40.19
N LEU C 140 -14.09 43.56 -40.24
CA LEU C 140 -14.19 42.57 -41.31
C LEU C 140 -14.28 43.27 -42.67
N LYS C 141 -14.99 44.39 -42.74
CA LYS C 141 -15.06 45.14 -43.98
C LYS C 141 -13.68 45.58 -44.44
N LYS C 142 -12.84 46.04 -43.50
CA LYS C 142 -11.49 46.43 -43.85
C LYS C 142 -10.70 45.25 -44.41
N LYS C 143 -10.90 44.06 -43.83
CA LYS C 143 -10.17 42.87 -44.23
C LYS C 143 -10.70 42.27 -45.53
N LYS C 144 -11.54 42.98 -46.27
CA LYS C 144 -12.09 42.48 -47.53
C LYS C 144 -12.95 41.25 -47.28
N VAL C 145 -13.90 41.37 -46.37
CA VAL C 145 -14.80 40.29 -45.98
C VAL C 145 -16.23 40.72 -46.25
N ILE C 146 -17.02 39.82 -46.81
CA ILE C 146 -18.42 40.05 -47.09
C ILE C 146 -19.23 39.12 -46.19
N VAL C 147 -20.08 39.72 -45.34
CA VAL C 147 -20.91 38.97 -44.41
C VAL C 147 -22.31 38.84 -45.00
N ILE C 148 -22.78 37.61 -45.12
CA ILE C 148 -24.09 37.32 -45.72
C ILE C 148 -25.04 36.88 -44.62
N PRO C 149 -25.62 37.80 -43.86
CA PRO C 149 -26.53 37.40 -42.77
C PRO C 149 -27.72 36.61 -43.29
N VAL C 150 -28.14 35.62 -42.51
CA VAL C 150 -29.29 34.79 -42.83
C VAL C 150 -30.17 34.73 -41.59
N GLY C 151 -31.31 35.41 -41.64
CA GLY C 151 -32.25 35.41 -40.53
C GLY C 151 -33.13 34.19 -40.53
N ILE C 152 -32.57 33.06 -40.09
CA ILE C 152 -33.24 31.76 -40.23
C ILE C 152 -34.63 31.80 -39.63
N GLY C 153 -34.72 32.00 -38.32
CA GLY C 153 -35.96 31.85 -37.61
C GLY C 153 -36.67 33.17 -37.37
N PRO C 154 -37.95 33.09 -36.97
CA PRO C 154 -38.67 34.33 -36.64
C PRO C 154 -38.03 35.10 -35.51
N HIS C 155 -37.36 34.42 -34.58
CA HIS C 155 -36.65 35.07 -33.49
C HIS C 155 -35.29 35.61 -33.90
N ALA C 156 -34.83 35.28 -35.11
CA ALA C 156 -33.54 35.78 -35.57
C ALA C 156 -33.51 37.30 -35.50
N ASN C 157 -32.55 37.84 -34.76
CA ASN C 157 -32.42 39.28 -34.61
C ASN C 157 -32.33 39.94 -35.99
N LEU C 158 -33.33 40.73 -36.33
CA LEU C 158 -33.36 41.39 -37.63
C LEU C 158 -32.75 42.78 -37.61
N LYS C 159 -32.63 43.41 -36.43
CA LYS C 159 -31.98 44.71 -36.37
C LYS C 159 -30.53 44.62 -36.79
N GLN C 160 -29.81 43.60 -36.31
CA GLN C 160 -28.46 43.35 -36.78
C GLN C 160 -28.47 43.05 -38.28
N ILE C 161 -29.51 42.38 -38.75
CA ILE C 161 -29.68 42.15 -40.18
C ILE C 161 -30.08 43.45 -40.85
N ARG C 162 -29.53 43.69 -42.04
CA ARG C 162 -29.71 44.95 -42.76
C ARG C 162 -28.87 46.05 -42.13
N LEU C 163 -28.35 45.82 -40.92
CA LEU C 163 -27.34 46.67 -40.33
C LEU C 163 -25.95 46.21 -40.73
N ILE C 164 -25.78 44.89 -40.84
CA ILE C 164 -24.60 44.35 -41.51
C ILE C 164 -24.59 44.78 -42.96
N GLU C 165 -25.75 44.74 -43.62
CA GLU C 165 -25.85 45.21 -45.00
C GLU C 165 -25.56 46.71 -45.08
N LYS C 166 -26.07 47.49 -44.13
CA LYS C 166 -25.88 48.93 -44.19
C LYS C 166 -24.39 49.29 -44.21
N GLN C 167 -23.59 48.62 -43.38
CA GLN C 167 -22.15 48.89 -43.32
C GLN C 167 -21.37 48.00 -44.27
N ALA C 168 -21.76 47.95 -45.54
CA ALA C 168 -21.05 47.20 -46.57
C ALA C 168 -21.79 47.30 -47.89
N PRO C 169 -21.09 47.24 -49.03
CA PRO C 169 -21.78 47.30 -50.32
C PRO C 169 -22.38 45.97 -50.75
N GLU C 170 -21.70 44.87 -50.43
CA GLU C 170 -22.09 43.55 -50.92
C GLU C 170 -22.79 42.70 -49.86
N ASN C 171 -22.81 43.13 -48.60
CA ASN C 171 -23.44 42.34 -47.55
C ASN C 171 -24.94 42.20 -47.84
N LYS C 172 -25.37 40.99 -48.18
CA LYS C 172 -26.75 40.71 -48.53
C LYS C 172 -27.39 39.84 -47.46
N ALA C 173 -28.62 40.18 -47.10
CA ALA C 173 -29.36 39.46 -46.07
C ALA C 173 -30.38 38.55 -46.71
N PHE C 174 -30.45 37.31 -46.22
CA PHE C 174 -31.43 36.32 -46.66
C PHE C 174 -32.30 36.01 -45.44
N VAL C 175 -33.33 36.81 -45.24
CA VAL C 175 -34.20 36.67 -44.08
C VAL C 175 -35.25 35.62 -44.38
N LEU C 176 -35.23 34.53 -43.62
CA LEU C 176 -36.14 33.41 -43.79
C LEU C 176 -37.05 33.28 -42.58
N SER C 177 -38.17 32.59 -42.77
CA SER C 177 -39.10 32.34 -41.68
C SER C 177 -38.91 30.98 -41.02
N SER C 178 -38.28 30.03 -41.73
CA SER C 178 -38.04 28.71 -41.18
C SER C 178 -36.90 28.07 -41.95
N VAL C 179 -36.31 27.03 -41.35
CA VAL C 179 -35.20 26.34 -41.98
C VAL C 179 -35.63 25.71 -43.30
N ASP C 180 -36.93 25.42 -43.45
CA ASP C 180 -37.40 24.81 -44.69
C ASP C 180 -37.09 25.68 -45.90
N GLU C 181 -37.16 27.01 -45.72
CA GLU C 181 -36.86 27.91 -46.82
C GLU C 181 -35.41 27.81 -47.27
N LEU C 182 -34.54 27.21 -46.45
CA LEU C 182 -33.14 27.04 -46.85
C LEU C 182 -33.03 26.16 -48.08
N GLU C 183 -33.79 25.07 -48.12
CA GLU C 183 -33.75 24.20 -49.29
C GLU C 183 -34.28 24.94 -50.52
N GLN C 184 -35.31 25.77 -50.34
CA GLN C 184 -35.86 26.53 -51.46
C GLN C 184 -34.84 27.52 -52.01
N GLN C 185 -34.11 28.20 -51.12
CA GLN C 185 -33.22 29.28 -51.52
C GLN C 185 -31.77 28.84 -51.64
N ARG C 186 -31.50 27.53 -51.56
CA ARG C 186 -30.13 27.05 -51.69
C ARG C 186 -29.51 27.49 -53.02
N ASP C 187 -30.23 27.25 -54.12
CA ASP C 187 -29.69 27.63 -55.43
C ASP C 187 -29.48 29.13 -55.53
N GLU C 188 -30.43 29.92 -55.04
CA GLU C 188 -30.29 31.36 -55.07
C GLU C 188 -29.07 31.81 -54.28
N ILE C 189 -28.86 31.21 -53.10
CA ILE C 189 -27.74 31.61 -52.25
C ILE C 189 -26.42 31.28 -52.92
N VAL C 190 -26.29 30.07 -53.45
CA VAL C 190 -25.05 29.69 -54.10
C VAL C 190 -24.80 30.58 -55.32
N SER C 191 -25.86 30.88 -56.07
CA SER C 191 -25.71 31.79 -57.19
C SER C 191 -25.18 33.14 -56.74
N TYR C 192 -25.80 33.72 -55.70
CA TYR C 192 -25.37 35.03 -55.23
C TYR C 192 -23.91 34.99 -54.80
N LEU C 193 -23.52 33.95 -54.06
CA LEU C 193 -22.12 33.86 -53.65
C LEU C 193 -21.20 33.78 -54.85
N CYS C 194 -21.62 33.09 -55.91
CA CYS C 194 -20.77 32.97 -57.09
C CYS C 194 -20.78 34.23 -57.96
N ASP C 195 -21.75 35.12 -57.77
CA ASP C 195 -21.67 36.43 -58.43
C ASP C 195 -20.45 37.20 -57.95
N LEU C 196 -20.18 37.18 -56.64
CA LEU C 196 -18.96 37.78 -56.11
C LEU C 196 -17.81 36.78 -56.26
N ALA C 197 -17.62 36.28 -57.47
CA ALA C 197 -16.63 35.25 -57.73
C ALA C 197 -15.23 35.87 -57.80
N PRO C 198 -14.27 35.43 -56.99
CA PRO C 198 -12.88 35.88 -57.17
C PRO C 198 -12.19 35.26 -58.38
N GLU C 199 -12.82 34.28 -59.03
CA GLU C 199 -12.20 33.60 -60.18
C GLU C 199 -10.85 33.01 -59.80
N PRO D 1 -34.49 -38.79 -46.24
CA PRO D 1 -33.33 -38.02 -45.78
C PRO D 1 -33.51 -37.47 -44.37
N PRO D 2 -33.02 -38.17 -43.35
CA PRO D 2 -33.15 -37.65 -41.97
C PRO D 2 -32.53 -36.27 -41.86
N LEU D 3 -33.25 -35.36 -41.21
CA LEU D 3 -32.77 -33.99 -41.09
C LEU D 3 -31.55 -33.92 -40.19
N HIS D 4 -31.63 -34.52 -38.99
CA HIS D 4 -30.51 -34.50 -38.07
C HIS D 4 -29.95 -35.89 -37.79
N ASP D 5 -30.76 -36.81 -37.23
CA ASP D 5 -30.27 -38.15 -36.93
C ASP D 5 -31.24 -39.27 -37.23
N PHE D 6 -32.55 -39.03 -37.29
CA PHE D 6 -33.53 -40.10 -37.21
C PHE D 6 -34.46 -40.08 -38.42
N TYR D 7 -34.87 -41.27 -38.84
CA TYR D 7 -35.86 -41.43 -39.91
C TYR D 7 -36.53 -42.78 -39.70
N CYS D 8 -37.77 -42.75 -39.19
CA CYS D 8 -38.49 -43.98 -38.86
C CYS D 8 -39.27 -44.42 -40.10
N SER D 9 -38.52 -44.69 -41.17
CA SER D 9 -39.09 -44.99 -42.47
C SER D 9 -39.69 -46.38 -42.45
N ARG D 10 -40.91 -46.46 -41.93
CA ARG D 10 -41.65 -47.72 -41.86
C ARG D 10 -43.14 -47.43 -41.98
N LEU D 11 -43.89 -48.44 -42.38
CA LEU D 11 -45.34 -48.30 -42.47
C LEU D 11 -45.90 -47.88 -41.13
N LEU D 12 -46.59 -46.73 -41.09
CA LEU D 12 -47.09 -46.19 -39.84
C LEU D 12 -48.24 -45.24 -40.13
N ASP D 13 -49.20 -45.19 -39.21
CA ASP D 13 -50.29 -44.23 -39.24
C ASP D 13 -50.31 -43.50 -37.91
N LEU D 14 -50.11 -42.18 -37.95
CA LEU D 14 -49.92 -41.38 -36.75
C LEU D 14 -50.87 -40.19 -36.77
N VAL D 15 -51.45 -39.90 -35.61
CA VAL D 15 -52.34 -38.75 -35.44
C VAL D 15 -51.94 -38.02 -34.17
N PHE D 16 -51.88 -36.70 -34.26
CA PHE D 16 -51.58 -35.86 -33.12
C PHE D 16 -52.85 -35.19 -32.60
N LEU D 17 -52.84 -34.85 -31.32
CA LEU D 17 -54.00 -34.32 -30.62
C LEU D 17 -53.61 -33.08 -29.80
N LEU D 18 -52.95 -32.14 -30.46
CA LEU D 18 -52.54 -30.90 -29.80
C LEU D 18 -53.70 -30.31 -29.01
N ASP D 19 -53.51 -30.17 -27.71
CA ASP D 19 -54.56 -29.62 -26.86
C ASP D 19 -54.79 -28.15 -27.18
N GLY D 20 -56.05 -27.72 -27.09
CA GLY D 20 -56.43 -26.35 -27.34
C GLY D 20 -56.94 -25.60 -26.14
N SER D 21 -56.81 -26.14 -24.93
CA SER D 21 -57.33 -25.48 -23.74
C SER D 21 -56.47 -24.27 -23.37
N SER D 22 -57.05 -23.39 -22.57
CA SER D 22 -56.34 -22.19 -22.12
C SER D 22 -55.20 -22.51 -21.17
N ARG D 23 -55.15 -23.72 -20.61
CA ARG D 23 -54.06 -24.05 -19.69
C ARG D 23 -52.71 -23.88 -20.36
N LEU D 24 -52.58 -24.30 -21.61
CA LEU D 24 -51.36 -24.07 -22.38
C LEU D 24 -51.40 -22.64 -22.92
N SER D 25 -50.53 -21.79 -22.40
CA SER D 25 -50.51 -20.40 -22.82
C SER D 25 -50.12 -20.29 -24.30
N GLU D 26 -50.16 -19.08 -24.84
CA GLU D 26 -49.80 -18.90 -26.24
C GLU D 26 -48.37 -19.39 -26.51
N ALA D 27 -47.44 -19.01 -25.64
CA ALA D 27 -46.06 -19.49 -25.79
C ALA D 27 -45.99 -21.00 -25.61
N GLU D 28 -46.72 -21.54 -24.62
CA GLU D 28 -46.72 -22.98 -24.42
C GLU D 28 -47.29 -23.71 -25.63
N PHE D 29 -48.37 -23.18 -26.20
CA PHE D 29 -48.94 -23.79 -27.40
C PHE D 29 -47.97 -23.71 -28.57
N GLU D 30 -47.24 -22.60 -28.67
CA GLU D 30 -46.22 -22.49 -29.72
C GLU D 30 -45.12 -23.53 -29.51
N VAL D 31 -44.74 -23.76 -28.26
CA VAL D 31 -43.75 -24.81 -27.96
C VAL D 31 -44.29 -26.17 -28.37
N LEU D 32 -45.58 -26.41 -28.13
CA LEU D 32 -46.18 -27.68 -28.53
C LEU D 32 -46.17 -27.82 -30.05
N LYS D 33 -46.45 -26.74 -30.78
CA LYS D 33 -46.37 -26.78 -32.23
C LYS D 33 -44.95 -27.06 -32.69
N ALA D 34 -43.96 -26.44 -32.04
CA ALA D 34 -42.58 -26.75 -32.35
C ALA D 34 -42.28 -28.22 -32.10
N PHE D 35 -42.82 -28.77 -31.00
CA PHE D 35 -42.65 -30.18 -30.72
C PHE D 35 -43.19 -31.03 -31.86
N VAL D 36 -44.42 -30.76 -32.30
CA VAL D 36 -45.04 -31.61 -33.31
C VAL D 36 -44.29 -31.48 -34.63
N VAL D 37 -43.86 -30.27 -34.99
CA VAL D 37 -43.13 -30.08 -36.25
C VAL D 37 -41.79 -30.81 -36.20
N ASP D 38 -41.01 -30.58 -35.13
CA ASP D 38 -39.73 -31.26 -35.00
C ASP D 38 -39.89 -32.77 -34.90
N MET D 39 -41.06 -33.22 -34.42
CA MET D 39 -41.34 -34.64 -34.36
C MET D 39 -41.53 -35.20 -35.77
N MET D 40 -42.50 -34.68 -36.50
CA MET D 40 -42.77 -35.20 -37.84
C MET D 40 -41.59 -34.98 -38.77
N GLU D 41 -40.70 -34.05 -38.45
CA GLU D 41 -39.53 -33.81 -39.29
C GLU D 41 -38.64 -35.03 -39.40
N ARG D 42 -38.64 -35.88 -38.37
CA ARG D 42 -37.79 -37.07 -38.33
C ARG D 42 -38.53 -38.34 -38.73
N LEU D 43 -39.63 -38.21 -39.46
CA LEU D 43 -40.40 -39.35 -39.93
C LEU D 43 -40.52 -39.31 -41.44
N ARG D 44 -40.64 -40.49 -42.05
CA ARG D 44 -40.78 -40.62 -43.49
C ARG D 44 -42.21 -40.24 -43.87
N ILE D 45 -42.44 -38.92 -43.97
CA ILE D 45 -43.78 -38.40 -44.17
C ILE D 45 -44.23 -38.69 -45.59
N SER D 46 -45.08 -39.71 -45.73
CA SER D 46 -45.67 -40.07 -47.01
C SER D 46 -46.69 -41.17 -46.76
N GLN D 47 -47.77 -41.16 -47.55
CA GLN D 47 -48.81 -42.15 -47.38
C GLN D 47 -48.29 -43.58 -47.54
N LYS D 48 -47.15 -43.74 -48.23
CA LYS D 48 -46.57 -45.07 -48.39
C LYS D 48 -46.02 -45.58 -47.06
N TRP D 49 -45.37 -44.71 -46.28
CA TRP D 49 -44.69 -45.12 -45.05
C TRP D 49 -45.34 -44.55 -43.80
N VAL D 50 -45.46 -43.24 -43.69
CA VAL D 50 -45.95 -42.60 -42.47
C VAL D 50 -47.08 -41.64 -42.83
N ARG D 51 -48.20 -41.78 -42.12
CA ARG D 51 -49.35 -40.90 -42.27
C ARG D 51 -49.47 -40.06 -41.01
N VAL D 52 -49.49 -38.74 -41.17
CA VAL D 52 -49.50 -37.81 -40.05
C VAL D 52 -50.75 -36.95 -40.13
N ALA D 53 -51.37 -36.72 -38.98
CA ALA D 53 -52.56 -35.88 -38.90
C ALA D 53 -52.56 -35.14 -37.57
N VAL D 54 -52.78 -33.83 -37.63
CA VAL D 54 -52.83 -32.99 -36.43
C VAL D 54 -54.29 -32.61 -36.20
N VAL D 55 -54.77 -32.83 -34.99
CA VAL D 55 -56.18 -32.63 -34.65
C VAL D 55 -56.21 -31.81 -33.35
N GLU D 56 -56.36 -30.50 -33.48
CA GLU D 56 -56.53 -29.65 -32.31
C GLU D 56 -57.98 -29.73 -31.85
N TYR D 57 -58.17 -30.01 -30.56
CA TYR D 57 -59.50 -30.09 -29.97
C TYR D 57 -59.65 -29.01 -28.92
N HIS D 58 -60.66 -28.16 -29.10
CA HIS D 58 -60.98 -27.10 -28.16
C HIS D 58 -62.46 -27.21 -27.79
N ASP D 59 -62.87 -28.43 -27.43
CA ASP D 59 -64.27 -28.83 -27.35
C ASP D 59 -64.86 -28.95 -28.75
N GLY D 60 -64.17 -29.75 -29.57
CA GLY D 60 -64.50 -29.93 -30.96
C GLY D 60 -63.25 -30.07 -31.79
N SER D 61 -63.18 -31.11 -32.62
CA SER D 61 -61.95 -31.38 -33.36
C SER D 61 -61.75 -30.35 -34.46
N HIS D 62 -60.50 -29.99 -34.68
CA HIS D 62 -60.12 -28.96 -35.66
C HIS D 62 -59.02 -29.48 -36.56
N ALA D 63 -59.21 -30.68 -37.10
CA ALA D 63 -58.19 -31.33 -37.91
C ALA D 63 -57.69 -30.39 -39.01
N TYR D 64 -56.40 -30.06 -38.96
CA TYR D 64 -55.77 -29.26 -40.00
C TYR D 64 -55.15 -30.13 -41.08
N ILE D 65 -54.56 -31.26 -40.70
CA ILE D 65 -53.98 -32.21 -41.65
C ILE D 65 -54.60 -33.57 -41.40
N GLY D 66 -55.13 -34.18 -42.45
CA GLY D 66 -55.72 -35.50 -42.37
C GLY D 66 -54.74 -36.58 -42.78
N LEU D 67 -54.87 -37.75 -42.15
CA LEU D 67 -53.98 -38.86 -42.46
C LEU D 67 -54.11 -39.30 -43.91
N LYS D 68 -55.22 -38.96 -44.58
CA LYS D 68 -55.41 -39.28 -45.98
C LYS D 68 -54.77 -38.24 -46.91
N ASP D 69 -54.39 -37.08 -46.39
CA ASP D 69 -53.81 -36.05 -47.24
C ASP D 69 -52.49 -36.50 -47.84
N ARG D 70 -52.22 -36.03 -49.06
CA ARG D 70 -50.99 -36.37 -49.78
C ARG D 70 -50.42 -35.06 -50.33
N LYS D 71 -49.43 -34.51 -49.62
CA LYS D 71 -48.78 -33.27 -50.02
C LYS D 71 -47.31 -33.34 -49.64
N ARG D 72 -46.56 -32.33 -50.08
CA ARG D 72 -45.15 -32.29 -49.80
C ARG D 72 -44.93 -32.20 -48.29
N PRO D 73 -43.97 -32.93 -47.73
CA PRO D 73 -43.75 -32.83 -46.27
C PRO D 73 -43.44 -31.42 -45.82
N SER D 74 -42.85 -30.59 -46.68
CA SER D 74 -42.64 -29.18 -46.32
C SER D 74 -43.98 -28.48 -46.11
N GLU D 75 -44.95 -28.77 -46.98
CA GLU D 75 -46.28 -28.18 -46.82
C GLU D 75 -46.91 -28.63 -45.50
N LEU D 76 -46.75 -29.90 -45.15
CA LEU D 76 -47.27 -30.39 -43.88
C LEU D 76 -46.58 -29.69 -42.71
N ARG D 77 -45.27 -29.48 -42.80
CA ARG D 77 -44.56 -28.72 -41.79
C ARG D 77 -45.18 -27.33 -41.64
N ARG D 78 -45.41 -26.66 -42.77
CA ARG D 78 -45.97 -25.31 -42.73
C ARG D 78 -47.35 -25.31 -42.08
N ILE D 79 -48.19 -26.27 -42.44
CA ILE D 79 -49.53 -26.34 -41.86
C ILE D 79 -49.44 -26.58 -40.36
N ALA D 80 -48.58 -27.51 -39.94
CA ALA D 80 -48.45 -27.81 -38.51
C ALA D 80 -47.98 -26.57 -37.75
N SER D 81 -47.02 -25.84 -38.31
CA SER D 81 -46.59 -24.60 -37.68
C SER D 81 -47.68 -23.54 -37.68
N GLN D 82 -48.68 -23.69 -38.53
CA GLN D 82 -49.74 -22.69 -38.68
C GLN D 82 -50.97 -22.99 -37.85
N VAL D 83 -50.97 -24.06 -37.07
CA VAL D 83 -52.13 -24.39 -36.24
C VAL D 83 -52.40 -23.22 -35.30
N LYS D 84 -53.60 -22.68 -35.37
CA LYS D 84 -53.95 -21.51 -34.57
C LYS D 84 -54.12 -21.90 -33.10
N TYR D 85 -53.95 -20.90 -32.24
CA TYR D 85 -54.10 -21.08 -30.80
C TYR D 85 -55.55 -20.85 -30.43
N ALA D 86 -56.28 -21.94 -30.18
CA ALA D 86 -57.69 -21.82 -29.82
C ALA D 86 -57.87 -21.06 -28.51
N GLY D 87 -57.17 -21.49 -27.47
CA GLY D 87 -57.32 -20.88 -26.16
C GLY D 87 -58.69 -21.06 -25.56
N SER D 88 -59.25 -22.26 -25.66
CA SER D 88 -60.57 -22.53 -25.09
C SER D 88 -60.48 -22.73 -23.59
N GLN D 89 -61.58 -22.43 -22.91
CA GLN D 89 -61.62 -22.56 -21.46
C GLN D 89 -61.65 -24.01 -21.01
N VAL D 90 -62.10 -24.92 -21.86
CA VAL D 90 -62.19 -26.34 -21.52
C VAL D 90 -61.99 -27.17 -22.77
N ALA D 91 -61.07 -28.11 -22.72
CA ALA D 91 -60.89 -29.08 -23.78
C ALA D 91 -61.73 -30.32 -23.46
N SER D 92 -61.67 -31.32 -24.34
CA SER D 92 -62.45 -32.55 -24.14
C SER D 92 -61.65 -33.71 -24.72
N THR D 93 -60.99 -34.46 -23.83
CA THR D 93 -60.29 -35.66 -24.28
C THR D 93 -61.26 -36.67 -24.88
N SER D 94 -62.43 -36.84 -24.24
CA SER D 94 -63.41 -37.80 -24.73
C SER D 94 -63.90 -37.42 -26.12
N GLU D 95 -64.15 -36.12 -26.36
CA GLU D 95 -64.64 -35.69 -27.66
C GLU D 95 -63.62 -35.98 -28.76
N VAL D 96 -62.35 -35.65 -28.53
CA VAL D 96 -61.33 -35.90 -29.54
C VAL D 96 -61.14 -37.40 -29.74
N LEU D 97 -61.23 -38.18 -28.65
CA LEU D 97 -61.13 -39.62 -28.80
C LEU D 97 -62.25 -40.16 -29.67
N LYS D 98 -63.48 -39.70 -29.45
CA LYS D 98 -64.59 -40.11 -30.30
C LYS D 98 -64.36 -39.69 -31.74
N TYR D 99 -63.86 -38.46 -31.94
CA TYR D 99 -63.60 -37.98 -33.29
C TYR D 99 -62.63 -38.90 -34.01
N THR D 100 -61.51 -39.23 -33.37
CA THR D 100 -60.52 -40.08 -34.02
C THR D 100 -61.07 -41.49 -34.22
N LEU D 101 -61.89 -41.98 -33.29
CA LEU D 101 -62.38 -43.34 -33.37
C LEU D 101 -63.40 -43.50 -34.50
N PHE D 102 -64.23 -42.50 -34.72
CA PHE D 102 -65.35 -42.62 -35.65
C PHE D 102 -65.10 -41.96 -37.01
N GLN D 103 -64.45 -40.81 -37.04
CA GLN D 103 -64.31 -40.04 -38.28
C GLN D 103 -62.91 -40.04 -38.86
N ILE D 104 -61.89 -40.37 -38.06
CA ILE D 104 -60.52 -40.45 -38.55
C ILE D 104 -60.08 -41.91 -38.73
N PHE D 105 -60.30 -42.73 -37.72
CA PHE D 105 -59.94 -44.16 -37.78
C PHE D 105 -61.22 -44.97 -37.58
N SER D 106 -62.00 -45.11 -38.65
CA SER D 106 -63.15 -45.99 -38.66
C SER D 106 -63.31 -46.73 -39.97
N LYS D 107 -62.38 -46.57 -40.91
CA LYS D 107 -62.49 -47.09 -42.27
C LYS D 107 -61.19 -47.73 -42.70
N ILE D 108 -60.71 -48.68 -41.90
CA ILE D 108 -59.38 -49.28 -42.08
C ILE D 108 -59.16 -49.60 -43.55
N ASP D 109 -58.04 -49.12 -44.10
CA ASP D 109 -57.70 -49.36 -45.49
C ASP D 109 -56.22 -49.63 -45.68
N ARG D 110 -55.47 -49.83 -44.61
CA ARG D 110 -54.01 -50.02 -44.70
C ARG D 110 -53.52 -50.76 -43.46
N PRO D 111 -53.86 -52.04 -43.31
CA PRO D 111 -53.43 -52.77 -42.11
C PRO D 111 -51.92 -52.91 -41.98
N GLU D 112 -51.16 -52.66 -43.05
CA GLU D 112 -49.72 -52.79 -42.97
C GLU D 112 -49.14 -51.93 -41.85
N ALA D 113 -49.70 -50.74 -41.65
CA ALA D 113 -49.26 -49.84 -40.61
C ALA D 113 -50.10 -50.02 -39.35
N SER D 114 -49.72 -49.31 -38.29
CA SER D 114 -50.44 -49.34 -37.02
C SER D 114 -51.06 -47.99 -36.73
N ARG D 115 -51.96 -47.98 -35.75
CA ARG D 115 -52.68 -46.77 -35.34
C ARG D 115 -52.13 -46.31 -34.00
N ILE D 116 -51.65 -45.07 -33.95
CA ILE D 116 -51.10 -44.49 -32.73
C ILE D 116 -51.65 -43.08 -32.57
N THR D 117 -52.16 -42.77 -31.38
CA THR D 117 -52.72 -41.46 -31.07
C THR D 117 -51.93 -40.84 -29.92
N LEU D 118 -51.48 -39.61 -30.12
CA LEU D 118 -50.67 -38.89 -29.13
C LEU D 118 -51.57 -37.86 -28.46
N LEU D 119 -52.18 -38.26 -27.33
CA LEU D 119 -53.06 -37.36 -26.58
C LEU D 119 -52.19 -36.50 -25.67
N LEU D 120 -52.00 -35.24 -26.05
CA LEU D 120 -51.19 -34.30 -25.28
C LEU D 120 -52.10 -33.46 -24.38
N MET D 121 -52.61 -34.11 -23.34
CA MET D 121 -53.52 -33.44 -22.42
C MET D 121 -52.77 -32.38 -21.62
N ALA D 122 -53.44 -31.25 -21.39
CA ALA D 122 -52.88 -30.20 -20.54
C ALA D 122 -53.93 -29.59 -19.63
N SER D 123 -55.11 -30.19 -19.51
CA SER D 123 -56.17 -29.66 -18.67
C SER D 123 -57.07 -30.81 -18.25
N GLN D 124 -57.88 -30.56 -17.22
CA GLN D 124 -58.76 -31.57 -16.65
C GLN D 124 -60.14 -31.43 -17.29
N GLU D 125 -60.53 -32.43 -18.06
CA GLU D 125 -61.88 -32.45 -18.63
C GLU D 125 -62.90 -32.60 -17.51
N PRO D 126 -63.99 -31.84 -17.52
CA PRO D 126 -64.98 -31.98 -16.44
C PRO D 126 -65.53 -33.39 -16.39
N GLN D 127 -65.83 -33.85 -15.16
CA GLN D 127 -66.29 -35.22 -14.98
C GLN D 127 -67.55 -35.49 -15.77
N ARG D 128 -68.43 -34.49 -15.89
CA ARG D 128 -69.68 -34.70 -16.62
C ARG D 128 -69.42 -35.10 -18.07
N MET D 129 -68.26 -34.73 -18.62
CA MET D 129 -67.91 -35.06 -19.99
C MET D 129 -67.11 -36.35 -20.11
N SER D 130 -66.88 -37.06 -19.00
CA SER D 130 -66.09 -38.28 -18.99
C SER D 130 -66.95 -39.54 -18.96
N ARG D 131 -68.20 -39.44 -19.41
CA ARG D 131 -69.11 -40.57 -19.34
C ARG D 131 -68.63 -41.73 -20.19
N ASN D 132 -68.13 -41.45 -21.39
CA ASN D 132 -67.79 -42.48 -22.37
C ASN D 132 -66.28 -42.61 -22.58
N PHE D 133 -65.47 -42.06 -21.69
CA PHE D 133 -64.03 -42.09 -21.89
C PHE D 133 -63.51 -43.52 -21.99
N VAL D 134 -63.84 -44.35 -21.01
CA VAL D 134 -63.36 -45.73 -21.02
C VAL D 134 -63.92 -46.47 -22.23
N ARG D 135 -65.17 -46.19 -22.59
CA ARG D 135 -65.78 -46.84 -23.74
C ARG D 135 -64.99 -46.55 -25.01
N TYR D 136 -64.64 -45.27 -25.22
CA TYR D 136 -63.91 -44.91 -26.42
C TYR D 136 -62.48 -45.47 -26.39
N VAL D 137 -61.86 -45.49 -25.21
CA VAL D 137 -60.53 -46.08 -25.11
C VAL D 137 -60.57 -47.55 -25.50
N GLN D 138 -61.56 -48.27 -24.99
CA GLN D 138 -61.69 -49.69 -25.34
C GLN D 138 -61.99 -49.87 -26.82
N GLY D 139 -62.86 -49.01 -27.37
CA GLY D 139 -63.15 -49.11 -28.79
C GLY D 139 -61.93 -48.90 -29.66
N LEU D 140 -61.10 -47.92 -29.30
CA LEU D 140 -59.82 -47.74 -30.00
C LEU D 140 -58.94 -48.97 -29.83
N LYS D 141 -58.97 -49.57 -28.64
CA LYS D 141 -58.21 -50.80 -28.43
C LYS D 141 -58.65 -51.89 -29.40
N LYS D 142 -59.96 -52.03 -29.61
CA LYS D 142 -60.44 -53.02 -30.56
C LYS D 142 -59.93 -52.74 -31.97
N LYS D 143 -59.87 -51.47 -32.34
CA LYS D 143 -59.45 -51.07 -33.68
C LYS D 143 -57.94 -51.14 -33.87
N LYS D 144 -57.20 -51.77 -32.94
CA LYS D 144 -55.76 -51.89 -33.04
C LYS D 144 -55.10 -50.51 -33.00
N VAL D 145 -55.45 -49.74 -31.96
CA VAL D 145 -54.94 -48.39 -31.77
C VAL D 145 -54.23 -48.32 -30.43
N ILE D 146 -53.06 -47.67 -30.43
CA ILE D 146 -52.27 -47.47 -29.23
C ILE D 146 -52.29 -45.98 -28.89
N VAL D 147 -52.78 -45.64 -27.71
CA VAL D 147 -52.89 -44.26 -27.26
C VAL D 147 -51.71 -43.97 -26.35
N ILE D 148 -50.94 -42.94 -26.67
CA ILE D 148 -49.75 -42.58 -25.91
C ILE D 148 -50.03 -41.28 -25.15
N PRO D 149 -50.71 -41.33 -24.01
CA PRO D 149 -51.02 -40.09 -23.29
C PRO D 149 -49.76 -39.36 -22.87
N VAL D 150 -49.83 -38.03 -22.92
CA VAL D 150 -48.73 -37.15 -22.54
C VAL D 150 -49.29 -36.10 -21.60
N GLY D 151 -48.98 -36.20 -20.30
CA GLY D 151 -49.43 -35.25 -19.32
C GLY D 151 -48.57 -34.01 -19.30
N ILE D 152 -48.79 -33.12 -20.28
CA ILE D 152 -47.88 -31.99 -20.50
C ILE D 152 -47.73 -31.16 -19.23
N GLY D 153 -48.82 -30.56 -18.77
CA GLY D 153 -48.75 -29.60 -17.70
C GLY D 153 -49.10 -30.19 -16.35
N PRO D 154 -48.81 -29.43 -15.29
CA PRO D 154 -49.18 -29.89 -13.95
C PRO D 154 -50.68 -30.09 -13.79
N HIS D 155 -51.48 -29.31 -14.52
CA HIS D 155 -52.93 -29.46 -14.48
C HIS D 155 -53.43 -30.59 -15.38
N ALA D 156 -52.55 -31.19 -16.18
CA ALA D 156 -52.96 -32.30 -17.03
C ALA D 156 -53.58 -33.40 -16.19
N ASN D 157 -54.83 -33.75 -16.50
CA ASN D 157 -55.53 -34.79 -15.77
C ASN D 157 -54.72 -36.08 -15.77
N LEU D 158 -54.25 -36.50 -14.59
CA LEU D 158 -53.43 -37.69 -14.48
C LEU D 158 -54.25 -38.95 -14.18
N LYS D 159 -55.47 -38.80 -13.69
CA LYS D 159 -56.31 -39.97 -13.47
C LYS D 159 -56.61 -40.68 -14.79
N GLN D 160 -56.96 -39.92 -15.83
CA GLN D 160 -57.11 -40.50 -17.15
C GLN D 160 -55.79 -41.10 -17.63
N ILE D 161 -54.68 -40.48 -17.26
CA ILE D 161 -53.37 -41.04 -17.56
C ILE D 161 -53.12 -42.23 -16.65
N ARG D 162 -52.51 -43.27 -17.21
CA ARG D 162 -52.30 -44.54 -16.52
C ARG D 162 -53.60 -45.32 -16.43
N LEU D 163 -54.73 -44.67 -16.73
CA LEU D 163 -55.99 -45.36 -16.95
C LEU D 163 -56.14 -45.75 -18.41
N ILE D 164 -55.65 -44.89 -19.30
CA ILE D 164 -55.46 -45.29 -20.69
C ILE D 164 -54.46 -46.43 -20.77
N GLU D 165 -53.37 -46.33 -20.00
CA GLU D 165 -52.39 -47.40 -19.95
C GLU D 165 -52.99 -48.67 -19.36
N LYS D 166 -53.81 -48.54 -18.32
CA LYS D 166 -54.39 -49.72 -17.68
C LYS D 166 -55.19 -50.55 -18.68
N GLN D 167 -55.99 -49.89 -19.51
CA GLN D 167 -56.80 -50.59 -20.51
C GLN D 167 -56.07 -50.75 -21.83
N ALA D 168 -54.84 -51.26 -21.82
CA ALA D 168 -54.08 -51.54 -23.03
C ALA D 168 -52.70 -52.07 -22.65
N PRO D 169 -52.09 -52.91 -23.49
CA PRO D 169 -50.75 -53.41 -23.17
C PRO D 169 -49.63 -52.44 -23.52
N GLU D 170 -49.81 -51.69 -24.61
CA GLU D 170 -48.76 -50.83 -25.14
C GLU D 170 -48.98 -49.36 -24.83
N ASN D 171 -50.14 -48.97 -24.32
CA ASN D 171 -50.40 -47.57 -24.02
C ASN D 171 -49.42 -47.07 -22.96
N LYS D 172 -48.51 -46.20 -23.36
CA LYS D 172 -47.47 -45.67 -22.48
C LYS D 172 -47.73 -44.19 -22.22
N ALA D 173 -47.58 -43.78 -20.97
CA ALA D 173 -47.79 -42.40 -20.56
C ALA D 173 -46.46 -41.69 -20.38
N PHE D 174 -46.37 -40.47 -20.91
CA PHE D 174 -45.21 -39.61 -20.78
C PHE D 174 -45.66 -38.39 -19.99
N VAL D 175 -45.63 -38.50 -18.66
CA VAL D 175 -46.12 -37.42 -17.80
C VAL D 175 -45.00 -36.41 -17.61
N LEU D 176 -45.22 -35.19 -18.07
CA LEU D 176 -44.25 -34.11 -17.99
C LEU D 176 -44.77 -33.00 -17.08
N SER D 177 -43.84 -32.17 -16.61
CA SER D 177 -44.20 -31.04 -15.77
C SER D 177 -44.31 -29.74 -16.55
N SER D 178 -43.69 -29.65 -17.72
CA SER D 178 -43.76 -28.45 -18.54
C SER D 178 -43.43 -28.82 -19.98
N VAL D 179 -43.82 -27.93 -20.89
CA VAL D 179 -43.57 -28.18 -22.31
C VAL D 179 -42.08 -28.29 -22.60
N ASP D 180 -41.25 -27.67 -21.75
CA ASP D 180 -39.81 -27.72 -21.97
C ASP D 180 -39.30 -29.16 -21.99
N GLU D 181 -39.90 -30.02 -21.17
CA GLU D 181 -39.48 -31.41 -21.13
C GLU D 181 -39.75 -32.12 -22.45
N LEU D 182 -40.60 -31.55 -23.30
CA LEU D 182 -40.86 -32.17 -24.60
C LEU D 182 -39.60 -32.23 -25.44
N GLU D 183 -38.82 -31.15 -25.46
CA GLU D 183 -37.57 -31.17 -26.21
C GLU D 183 -36.60 -32.19 -25.64
N GLN D 184 -36.58 -32.33 -24.31
CA GLN D 184 -35.69 -33.31 -23.69
C GLN D 184 -36.09 -34.73 -24.07
N GLN D 185 -37.39 -35.03 -24.08
CA GLN D 185 -37.89 -36.38 -24.28
C GLN D 185 -38.30 -36.65 -25.72
N ARG D 186 -38.02 -35.74 -26.65
CA ARG D 186 -38.37 -35.97 -28.04
C ARG D 186 -37.74 -37.26 -28.57
N ASP D 187 -36.44 -37.43 -28.35
CA ASP D 187 -35.76 -38.62 -28.86
C ASP D 187 -36.33 -39.87 -28.21
N GLU D 188 -36.57 -39.83 -26.90
CA GLU D 188 -37.14 -40.99 -26.22
C GLU D 188 -38.51 -41.34 -26.79
N ILE D 189 -39.34 -40.33 -27.03
CA ILE D 189 -40.69 -40.57 -27.53
C ILE D 189 -40.65 -41.18 -28.92
N VAL D 190 -39.83 -40.61 -29.81
CA VAL D 190 -39.75 -41.16 -31.17
C VAL D 190 -39.21 -42.58 -31.12
N SER D 191 -38.22 -42.83 -30.26
CA SER D 191 -37.71 -44.18 -30.11
C SER D 191 -38.83 -45.13 -29.69
N TYR D 192 -39.58 -44.76 -28.65
CA TYR D 192 -40.64 -45.63 -28.16
C TYR D 192 -41.66 -45.92 -29.26
N LEU D 193 -42.06 -44.88 -30.01
CA LEU D 193 -43.00 -45.09 -31.09
C LEU D 193 -42.43 -46.05 -32.14
N CYS D 194 -41.13 -45.97 -32.40
CA CYS D 194 -40.53 -46.84 -33.40
C CYS D 194 -40.29 -48.25 -32.87
N ASP D 195 -40.31 -48.46 -31.55
CA ASP D 195 -40.31 -49.83 -31.03
C ASP D 195 -41.54 -50.60 -31.48
N LEU D 196 -42.71 -49.96 -31.43
CA LEU D 196 -43.92 -50.57 -31.97
C LEU D 196 -43.97 -50.33 -33.48
N ALA D 197 -42.89 -50.70 -34.17
CA ALA D 197 -42.78 -50.44 -35.60
C ALA D 197 -43.59 -51.46 -36.38
N PRO D 198 -44.54 -51.04 -37.23
CA PRO D 198 -45.20 -51.99 -38.13
C PRO D 198 -44.33 -52.45 -39.29
N GLU D 199 -43.15 -51.86 -39.47
CA GLU D 199 -42.26 -52.21 -40.57
C GLU D 199 -42.98 -52.06 -41.91
#